data_9CL6
#
_entry.id   9CL6
#
_cell.length_a   1.00
_cell.length_b   1.00
_cell.length_c   1.00
_cell.angle_alpha   90.00
_cell.angle_beta   90.00
_cell.angle_gamma   90.00
#
_symmetry.space_group_name_H-M   'P 1'
#
loop_
_entity.id
_entity.type
_entity.pdbx_description
1 polymer 'Ammonia monooxygenase subunit C'
2 polymer 'Ammonia monooxygenase beta subunit'
3 polymer 'Ammonia monooxygenase alpha subunit'
4 polymer 'ammonia monooxygenase supernumerary helix'
5 non-polymer 'COPPER (II) ION'
6 water water
#
loop_
_entity_poly.entity_id
_entity_poly.type
_entity_poly.pdbx_seq_one_letter_code
_entity_poly.pdbx_strand_id
1 'polypeptide(L)'
;YDMSLWYDSKFYKFGMITMLLVAIFWVWYQRYFAYSHGMDSMEPEFDRVWMGLWRVHMAIMPLFALVTWGWILKTRDTKE
QLDNLDPKLEIKRYFYYMMWLGVYIFGVYWGGSFFTEQDASWHQVIIRDTSFTPSHVVMFYGSFPMYIVCGVATYLYAMT
RLPLFSRGISFPLVMAIAGPLMILPNVGLNEWGHAFWFMEELFSAPLHWGFVVLGWAGLFQGGVAAQIITRYSNLTDVVW
NNQSKEILNNRIVA
;
C,J,G
2 'polypeptide(L)'
;HGERSQEPFLRMRTVQWYDIKWGPEVTKVNENAKITGKFHLAEDWPRAAAQPDFSFFNVGSPSPVFVRLSTKINGHPWFI
SGPLQIGRDYEFEVNLRARIPGRHHMHAMLNVKDAGPIAGPGAWMNITGSWDDFTNPLKLLTGETIDSETFNLSNGIFWH
VVWMSIGIFWIGVFTARPMFLPRSRVLLAYGDDLLMDPMDKKITWVLAILTLALVWGGYRYTENKHPYTVPIQAGQSKVA
ALPVAPNPVSIVITDANYDVPGRALRVTMEVTNNGDIPVTFGEFTTAGIRFINSTGRKYLDPQYPRELIAVGLNFDDESA
IQPGQTKELKMEAKDALWEIQRLMALLGDPESRFGGLLMSWDAEGNRHINSIAGPVIPVFTKL
;
A,H,E
3 'polypeptide(L)'
;IFRTEEILKAAKMPPEAVHMSRLIDAVYFPILIILLVGTYHMHFMLLAGDWDFWMDWKDRQWWPVVTPIVGITYCSAIMY
YLWVNYRQPFGATLCVVCLLIGEWLTRYWGFYWWSHYPINFVTPGIMLPGALMLDFTLYLTRNWLVTALVGGGFFGLLFY
PGNWPIFGPTHLPIVVEGTLLSMADYMGHLYVRTGTPEYVRHIEQGSLRTFGGHTTVIAAFFSAFVSMLMFTVWWYLGKV
YCTAFFYVKGKRGRIVHRNDVTAFGEEGFPEGIK
;
B,I,F
4 'polypeptide(L)' DAATTQREIEKNSGAWKVILVSTAAFIVIGAIIWFGGIG Da,Db,Dc
#
loop_
_chem_comp.id
_chem_comp.type
_chem_comp.name
_chem_comp.formula
CU non-polymer 'COPPER (II) ION' 'Cu 2'
#
# COMPACT_ATOMS: atom_id res chain seq x y z
N TYR A 1 -49.79 -33.53 22.62
CA TYR A 1 -48.97 -34.12 21.57
C TYR A 1 -47.65 -34.63 22.14
N ASP A 2 -46.90 -35.37 21.31
CA ASP A 2 -45.66 -36.02 21.76
C ASP A 2 -44.47 -35.15 21.38
N MET A 3 -43.85 -34.54 22.39
CA MET A 3 -42.66 -33.73 22.14
C MET A 3 -41.47 -34.60 21.73
N SER A 4 -41.31 -35.77 22.36
CA SER A 4 -40.10 -36.56 22.24
C SER A 4 -39.86 -37.11 20.83
N LEU A 5 -40.90 -37.15 19.99
CA LEU A 5 -40.73 -37.72 18.66
C LEU A 5 -39.93 -36.83 17.71
N TRP A 6 -39.87 -35.53 17.98
CA TRP A 6 -39.15 -34.60 17.12
C TRP A 6 -38.24 -33.64 17.88
N TYR A 7 -37.92 -33.91 19.14
CA TYR A 7 -37.07 -33.02 19.91
C TYR A 7 -36.34 -33.78 21.01
N ASP A 8 -35.05 -33.52 21.15
CA ASP A 8 -34.24 -34.03 22.25
C ASP A 8 -33.06 -33.09 22.45
N SER A 9 -32.70 -32.86 23.71
CA SER A 9 -31.69 -31.86 24.04
C SER A 9 -30.67 -32.31 25.07
N LYS A 10 -30.60 -33.60 25.40
CA LYS A 10 -29.67 -34.06 26.44
C LYS A 10 -28.22 -33.86 26.01
N PHE A 11 -27.91 -34.25 24.76
CA PHE A 11 -26.54 -34.13 24.27
C PHE A 11 -26.11 -32.67 24.20
N TYR A 12 -27.00 -31.79 23.77
CA TYR A 12 -26.69 -30.36 23.71
C TYR A 12 -26.36 -29.82 25.09
N LYS A 13 -27.19 -30.13 26.09
CA LYS A 13 -26.93 -29.66 27.44
C LYS A 13 -25.62 -30.21 27.98
N PHE A 14 -25.36 -31.50 27.76
CA PHE A 14 -24.11 -32.09 28.24
C PHE A 14 -22.92 -31.40 27.62
N GLY A 15 -22.95 -31.19 26.29
CA GLY A 15 -21.84 -30.52 25.64
C GLY A 15 -21.64 -29.10 26.13
N MET A 16 -22.74 -28.38 26.36
CA MET A 16 -22.64 -27.00 26.84
C MET A 16 -21.99 -26.96 28.23
N ILE A 17 -22.48 -27.79 29.15
CA ILE A 17 -21.94 -27.78 30.51
C ILE A 17 -20.49 -28.26 30.51
N THR A 18 -20.17 -29.26 29.69
CA THR A 18 -18.79 -29.75 29.63
C THR A 18 -17.85 -28.67 29.10
N MET A 19 -18.24 -27.96 28.05
CA MET A 19 -17.41 -26.88 27.52
C MET A 19 -17.24 -25.77 28.55
N LEU A 20 -18.32 -25.42 29.25
CA LEU A 20 -18.22 -24.39 30.29
C LEU A 20 -17.27 -24.83 31.40
N LEU A 21 -17.36 -26.09 31.83
CA LEU A 21 -16.47 -26.59 32.88
C LEU A 21 -15.01 -26.61 32.42
N VAL A 22 -14.77 -26.99 31.16
CA VAL A 22 -13.42 -26.98 30.63
C VAL A 22 -12.86 -25.56 30.61
N ALA A 23 -13.67 -24.59 30.19
CA ALA A 23 -13.24 -23.20 30.19
C ALA A 23 -12.96 -22.70 31.61
N ILE A 24 -13.79 -23.09 32.57
CA ILE A 24 -13.58 -22.69 33.96
C ILE A 24 -12.28 -23.30 34.50
N PHE A 25 -12.01 -24.56 34.14
CA PHE A 25 -10.76 -25.19 34.54
C PHE A 25 -9.56 -24.48 33.94
N TRP A 26 -9.66 -24.09 32.66
CA TRP A 26 -8.59 -23.32 32.03
C TRP A 26 -8.37 -22.00 32.75
N VAL A 27 -9.44 -21.32 33.13
CA VAL A 27 -9.33 -20.05 33.83
C VAL A 27 -8.64 -20.25 35.18
N TRP A 28 -9.02 -21.30 35.91
CA TRP A 28 -8.42 -21.57 37.21
C TRP A 28 -6.94 -21.91 37.06
N TYR A 29 -6.59 -22.72 36.05
CA TYR A 29 -5.19 -23.04 35.81
C TYR A 29 -4.38 -21.79 35.49
N GLN A 30 -4.93 -20.89 34.67
CA GLN A 30 -4.25 -19.64 34.38
C GLN A 30 -4.05 -18.81 35.63
N ARG A 31 -5.09 -18.68 36.45
CA ARG A 31 -5.00 -17.85 37.64
C ARG A 31 -4.15 -18.47 38.74
N TYR A 32 -3.88 -19.78 38.67
CA TYR A 32 -3.06 -20.44 39.68
C TYR A 32 -1.61 -20.68 39.26
N PHE A 33 -1.30 -20.76 37.96
CA PHE A 33 0.03 -21.15 37.52
C PHE A 33 0.73 -20.12 36.63
N ALA A 34 0.17 -18.92 36.45
CA ALA A 34 0.77 -17.99 35.51
C ALA A 34 1.79 -17.07 36.15
N TYR A 35 1.46 -16.49 37.31
CA TYR A 35 2.40 -15.57 37.95
C TYR A 35 3.54 -16.29 38.65
N SER A 36 3.33 -17.53 39.07
CA SER A 36 4.35 -18.24 39.84
C SER A 36 5.24 -19.09 38.95
N HIS A 37 4.71 -19.64 37.86
CA HIS A 37 5.48 -20.52 36.98
C HIS A 37 5.44 -20.12 35.51
N GLY A 38 4.78 -19.02 35.16
CA GLY A 38 4.66 -18.66 33.76
C GLY A 38 5.38 -17.39 33.38
N MET A 39 6.08 -16.77 34.34
CA MET A 39 6.76 -15.52 34.06
C MET A 39 8.02 -15.73 33.21
N ASP A 40 8.83 -16.73 33.56
CA ASP A 40 10.06 -17.02 32.83
C ASP A 40 9.88 -18.29 32.01
N SER A 41 10.21 -18.22 30.72
CA SER A 41 10.06 -19.36 29.83
C SER A 41 11.23 -20.34 29.90
N MET A 42 12.35 -19.94 30.52
CA MET A 42 13.52 -20.79 30.62
C MET A 42 13.60 -21.57 31.92
N GLU A 43 12.69 -21.35 32.86
CA GLU A 43 12.75 -22.04 34.14
C GLU A 43 12.24 -23.46 33.99
N PRO A 44 12.81 -24.42 34.73
CA PRO A 44 12.27 -25.79 34.67
C PRO A 44 10.83 -25.91 35.13
N GLU A 45 10.41 -25.10 36.10
CA GLU A 45 9.03 -25.14 36.55
C GLU A 45 8.08 -24.69 35.45
N PHE A 46 8.51 -23.72 34.65
CA PHE A 46 7.71 -23.31 33.49
C PHE A 46 7.47 -24.48 32.57
N ASP A 47 8.53 -25.24 32.27
CA ASP A 47 8.35 -26.48 31.51
C ASP A 47 7.32 -27.37 32.18
N ARG A 48 7.65 -27.81 33.40
CA ARG A 48 6.84 -28.82 34.09
C ARG A 48 5.37 -28.45 34.18
N VAL A 49 5.05 -27.16 34.28
CA VAL A 49 3.68 -26.71 34.41
C VAL A 49 3.06 -26.41 33.05
N TRP A 50 3.56 -25.39 32.35
CA TRP A 50 2.88 -24.92 31.15
C TRP A 50 3.17 -25.79 29.93
N MET A 51 4.40 -26.27 29.76
CA MET A 51 4.63 -27.20 28.66
C MET A 51 4.01 -28.56 28.95
N GLY A 52 3.85 -28.92 30.23
CA GLY A 52 3.07 -30.09 30.56
C GLY A 52 1.62 -29.95 30.17
N LEU A 53 1.03 -28.79 30.44
CA LEU A 53 -0.34 -28.54 30.00
C LEU A 53 -0.43 -28.54 28.47
N TRP A 54 0.58 -27.97 27.80
CA TRP A 54 0.61 -27.99 26.34
C TRP A 54 0.65 -29.42 25.80
N ARG A 55 1.47 -30.27 26.42
CA ARG A 55 1.55 -31.67 26.02
C ARG A 55 0.22 -32.39 26.28
N VAL A 56 -0.44 -32.06 27.39
CA VAL A 56 -1.75 -32.65 27.69
C VAL A 56 -2.74 -32.26 26.60
N HIS A 57 -2.72 -30.99 26.18
CA HIS A 57 -3.61 -30.56 25.11
C HIS A 57 -3.28 -31.27 23.80
N MET A 58 -2.00 -31.35 23.46
CA MET A 58 -1.54 -32.00 22.24
C MET A 58 -1.84 -33.49 22.20
N ALA A 59 -1.99 -34.13 23.36
CA ALA A 59 -2.37 -35.54 23.41
C ALA A 59 -3.88 -35.76 23.52
N ILE A 60 -4.61 -34.84 24.13
CA ILE A 60 -6.04 -35.02 24.35
C ILE A 60 -6.87 -34.57 23.14
N MET A 61 -6.55 -33.40 22.57
CA MET A 61 -7.36 -32.88 21.48
C MET A 61 -7.37 -33.79 20.25
N PRO A 62 -6.24 -34.34 19.78
CA PRO A 62 -6.33 -35.35 18.72
C PRO A 62 -7.16 -36.56 19.11
N LEU A 63 -7.09 -36.98 20.38
CA LEU A 63 -7.94 -38.07 20.83
C LEU A 63 -9.41 -37.68 20.79
N PHE A 64 -9.73 -36.44 21.18
CA PHE A 64 -11.09 -35.93 21.07
C PHE A 64 -11.58 -35.99 19.62
N ALA A 65 -10.76 -35.49 18.70
CA ALA A 65 -11.11 -35.50 17.28
C ALA A 65 -11.35 -36.93 16.80
N LEU A 66 -10.41 -37.83 17.12
CA LEU A 66 -10.52 -39.21 16.68
C LEU A 66 -11.81 -39.84 17.18
N VAL A 67 -12.08 -39.72 18.49
CA VAL A 67 -13.24 -40.37 19.07
C VAL A 67 -14.52 -39.80 18.46
N THR A 68 -14.66 -38.47 18.43
CA THR A 68 -15.89 -37.87 17.95
C THR A 68 -16.14 -38.20 16.48
N TRP A 69 -15.12 -37.96 15.63
CA TRP A 69 -15.28 -38.19 14.20
C TRP A 69 -15.52 -39.66 13.90
N GLY A 70 -14.80 -40.56 14.60
CA GLY A 70 -14.99 -41.98 14.36
C GLY A 70 -16.37 -42.46 14.78
N TRP A 71 -16.87 -41.96 15.92
CA TRP A 71 -18.23 -42.35 16.32
C TRP A 71 -19.26 -41.83 15.33
N ILE A 72 -19.10 -40.59 14.87
CA ILE A 72 -20.07 -40.02 13.93
C ILE A 72 -20.05 -40.80 12.61
N LEU A 73 -18.86 -41.09 12.10
CA LEU A 73 -18.74 -41.79 10.82
C LEU A 73 -19.08 -43.27 10.92
N LYS A 74 -18.99 -43.86 12.11
CA LYS A 74 -19.21 -45.29 12.29
C LYS A 74 -20.68 -45.65 12.37
N THR A 75 -21.48 -44.85 13.08
CA THR A 75 -22.92 -45.07 13.17
C THR A 75 -23.65 -44.30 12.08
N ARG A 76 -23.23 -44.52 10.83
CA ARG A 76 -23.76 -43.76 9.71
C ARG A 76 -25.04 -44.39 9.17
N ASP A 77 -25.84 -43.56 8.51
CA ASP A 77 -27.05 -44.00 7.85
C ASP A 77 -26.76 -44.29 6.38
N THR A 78 -27.18 -45.47 5.95
CA THR A 78 -27.02 -45.84 4.55
C THR A 78 -27.95 -45.03 3.67
N LYS A 79 -27.68 -45.04 2.36
CA LYS A 79 -28.50 -44.28 1.42
C LYS A 79 -29.94 -44.75 1.45
N GLU A 80 -30.16 -46.03 1.74
CA GLU A 80 -31.52 -46.55 1.87
C GLU A 80 -32.24 -45.91 3.06
N GLN A 81 -31.55 -45.79 4.19
CA GLN A 81 -32.20 -45.23 5.38
C GLN A 81 -32.38 -43.73 5.25
N LEU A 82 -31.53 -43.06 4.46
CA LEU A 82 -31.66 -41.63 4.26
C LEU A 82 -32.68 -41.28 3.19
N ASP A 83 -33.19 -42.25 2.44
CA ASP A 83 -34.23 -42.02 1.45
C ASP A 83 -35.64 -42.25 1.96
N ASN A 84 -35.81 -43.11 2.96
CA ASN A 84 -37.11 -43.32 3.57
C ASN A 84 -37.10 -42.84 5.02
N LEU A 85 -36.43 -41.72 5.27
CA LEU A 85 -36.33 -41.16 6.61
C LEU A 85 -37.69 -40.63 7.05
N ASP A 86 -38.07 -40.93 8.29
CA ASP A 86 -39.28 -40.41 8.88
C ASP A 86 -39.15 -38.90 9.08
N PRO A 87 -40.04 -38.08 8.51
CA PRO A 87 -39.88 -36.63 8.61
C PRO A 87 -39.87 -36.11 10.04
N LYS A 88 -40.56 -36.77 10.98
CA LYS A 88 -40.43 -36.39 12.38
C LYS A 88 -39.01 -36.63 12.88
N LEU A 89 -38.44 -37.78 12.52
CA LEU A 89 -37.04 -38.03 12.83
C LEU A 89 -36.13 -37.04 12.11
N GLU A 90 -36.54 -36.55 10.94
CA GLU A 90 -35.75 -35.54 10.24
C GLU A 90 -35.79 -34.21 11.01
N ILE A 91 -36.94 -33.85 11.58
CA ILE A 91 -37.02 -32.67 12.41
C ILE A 91 -36.12 -32.81 13.63
N LYS A 92 -36.16 -33.99 14.26
CA LYS A 92 -35.30 -34.24 15.41
C LYS A 92 -33.83 -34.15 15.03
N ARG A 93 -33.46 -34.68 13.87
CA ARG A 93 -32.08 -34.64 13.41
C ARG A 93 -31.64 -33.23 13.06
N TYR A 94 -32.54 -32.41 12.54
CA TYR A 94 -32.20 -31.01 12.29
C TYR A 94 -32.03 -30.24 13.59
N PHE A 95 -32.84 -30.57 14.61
CA PHE A 95 -32.60 -30.00 15.93
C PHE A 95 -31.22 -30.40 16.46
N TYR A 96 -30.86 -31.68 16.27
CA TYR A 96 -29.53 -32.14 16.67
C TYR A 96 -28.43 -31.40 15.92
N TYR A 97 -28.63 -31.16 14.63
CA TYR A 97 -27.64 -30.43 13.83
C TYR A 97 -27.50 -28.99 14.32
N MET A 98 -28.62 -28.35 14.66
CA MET A 98 -28.55 -27.01 15.23
C MET A 98 -27.82 -27.02 16.57
N MET A 99 -28.00 -28.08 17.36
CA MET A 99 -27.31 -28.16 18.64
C MET A 99 -25.81 -28.38 18.46
N TRP A 100 -25.43 -29.18 17.46
CA TRP A 100 -24.01 -29.31 17.12
C TRP A 100 -23.43 -27.97 16.70
N LEU A 101 -24.19 -27.21 15.88
CA LEU A 101 -23.77 -25.86 15.53
C LEU A 101 -23.62 -24.99 16.78
N GLY A 102 -24.53 -25.12 17.73
CA GLY A 102 -24.44 -24.33 18.95
C GLY A 102 -23.20 -24.66 19.77
N VAL A 103 -22.86 -25.94 19.86
CA VAL A 103 -21.63 -26.34 20.57
C VAL A 103 -20.41 -25.78 19.84
N TYR A 104 -20.39 -25.87 18.51
CA TYR A 104 -19.29 -25.33 17.74
C TYR A 104 -19.15 -23.82 17.96
N ILE A 105 -20.26 -23.11 17.97
CA ILE A 105 -20.24 -21.66 18.17
C ILE A 105 -19.86 -21.30 19.59
N PHE A 106 -20.23 -22.12 20.58
CA PHE A 106 -19.73 -21.89 21.93
C PHE A 106 -18.21 -22.05 21.99
N GLY A 107 -17.68 -23.05 21.29
CA GLY A 107 -16.23 -23.17 21.20
C GLY A 107 -15.57 -21.97 20.54
N VAL A 108 -16.20 -21.48 19.46
CA VAL A 108 -15.67 -20.29 18.80
C VAL A 108 -15.71 -19.07 19.72
N TYR A 109 -16.77 -18.94 20.51
CA TYR A 109 -16.85 -17.84 21.47
C TYR A 109 -15.73 -17.93 22.49
N TRP A 110 -15.50 -19.13 23.02
CA TRP A 110 -14.42 -19.31 24.00
C TRP A 110 -13.07 -18.98 23.39
N GLY A 111 -12.84 -19.41 22.14
CA GLY A 111 -11.53 -19.21 21.53
C GLY A 111 -11.29 -17.76 21.13
N GLY A 112 -12.25 -17.15 20.44
CA GLY A 112 -11.99 -15.88 19.77
C GLY A 112 -12.32 -14.66 20.60
N SER A 113 -13.20 -14.82 21.58
CA SER A 113 -13.65 -13.63 22.36
C SER A 113 -13.05 -13.64 23.77
N PHE A 114 -13.48 -14.58 24.62
CA PHE A 114 -13.02 -14.60 26.03
C PHE A 114 -11.52 -14.79 26.12
N PHE A 115 -10.98 -15.90 25.60
CA PHE A 115 -9.53 -16.19 25.75
C PHE A 115 -8.71 -15.41 24.73
N THR A 116 -9.14 -14.20 24.36
CA THR A 116 -8.36 -13.36 23.43
C THR A 116 -8.14 -12.02 24.08
N GLU A 117 -9.17 -11.44 24.71
CA GLU A 117 -8.97 -10.18 25.47
C GLU A 117 -8.19 -10.55 26.73
N GLN A 118 -8.38 -11.78 27.22
CA GLN A 118 -7.59 -12.27 28.38
C GLN A 118 -6.12 -12.32 27.95
N ASP A 119 -5.87 -12.55 26.66
CA ASP A 119 -4.48 -12.57 26.13
C ASP A 119 -3.96 -11.14 26.06
N ALA A 120 -4.73 -10.22 25.48
CA ALA A 120 -4.31 -8.79 25.48
C ALA A 120 -4.00 -8.39 26.92
N SER A 121 -4.85 -8.84 27.85
CA SER A 121 -4.62 -8.56 29.30
C SER A 121 -3.27 -9.12 29.73
N TRP A 122 -2.90 -10.30 29.23
CA TRP A 122 -1.59 -10.90 29.58
C TRP A 122 -0.46 -10.18 28.83
N HIS A 123 -0.75 -9.65 27.65
CA HIS A 123 0.30 -8.98 26.83
C HIS A 123 0.78 -7.70 27.52
N GLN A 124 0.05 -7.22 28.52
CA GLN A 124 0.40 -5.91 29.14
C GLN A 124 1.07 -6.10 30.50
N VAL A 125 1.03 -7.31 31.05
CA VAL A 125 1.69 -7.58 32.37
C VAL A 125 3.01 -8.32 32.11
N ILE A 126 3.32 -8.62 30.84
CA ILE A 126 4.61 -9.29 30.49
C ILE A 126 5.48 -8.34 29.68
N ILE A 127 6.79 -8.58 29.64
CA ILE A 127 7.71 -7.73 28.83
C ILE A 127 7.29 -7.83 27.36
N ARG A 128 7.34 -9.04 26.80
CA ARG A 128 6.99 -9.23 25.37
C ARG A 128 6.25 -10.56 25.21
N ASP A 129 5.52 -10.72 24.10
CA ASP A 129 4.78 -11.98 23.84
C ASP A 129 5.77 -13.13 23.60
N THR A 130 5.48 -14.30 24.15
CA THR A 130 6.36 -15.48 23.92
C THR A 130 5.74 -16.36 22.86
N SER A 131 5.60 -17.65 23.13
CA SER A 131 4.97 -18.59 22.16
C SER A 131 4.10 -19.60 22.92
N PHE A 132 4.52 -19.94 24.15
CA PHE A 132 3.71 -20.88 24.99
C PHE A 132 3.34 -20.15 26.28
N THR A 133 3.03 -18.86 26.16
CA THR A 133 2.64 -18.06 27.34
C THR A 133 1.40 -18.66 27.95
N PRO A 134 1.22 -18.64 29.29
CA PRO A 134 0.00 -19.12 29.91
C PRO A 134 -1.22 -19.00 29.01
N SER A 135 -1.49 -17.78 28.53
CA SER A 135 -2.65 -17.55 27.63
C SER A 135 -2.63 -18.52 26.45
N HIS A 136 -1.58 -18.47 25.62
CA HIS A 136 -1.49 -19.33 24.41
C HIS A 136 -1.94 -20.76 24.74
N VAL A 137 -1.25 -21.42 25.67
CA VAL A 137 -1.56 -22.84 26.01
C VAL A 137 -3.07 -23.06 26.05
N VAL A 138 -3.78 -22.26 26.85
CA VAL A 138 -5.25 -22.47 27.04
C VAL A 138 -6.02 -22.27 25.72
N MET A 139 -5.65 -21.29 24.90
CA MET A 139 -6.46 -21.03 23.67
C MET A 139 -5.75 -21.58 22.43
N PHE A 140 -4.62 -20.97 22.03
CA PHE A 140 -3.91 -21.40 20.79
C PHE A 140 -3.84 -22.92 20.71
N TYR A 141 -3.50 -23.58 21.83
CA TYR A 141 -3.31 -25.05 21.80
C TYR A 141 -4.52 -25.77 22.41
N GLY A 142 -5.44 -25.01 23.01
CA GLY A 142 -6.60 -25.64 23.67
C GLY A 142 -7.90 -25.22 23.02
N SER A 143 -8.32 -23.96 23.23
CA SER A 143 -9.63 -23.49 22.69
C SER A 143 -9.66 -23.61 21.16
N PHE A 144 -8.58 -23.21 20.48
CA PHE A 144 -8.56 -23.22 19.00
C PHE A 144 -8.93 -24.63 18.49
N PRO A 145 -8.12 -25.69 18.72
CA PRO A 145 -8.45 -27.01 18.19
C PRO A 145 -9.80 -27.48 18.69
N MET A 146 -10.16 -27.12 19.93
CA MET A 146 -11.45 -27.55 20.52
C MET A 146 -12.60 -27.20 19.56
N TYR A 147 -12.78 -25.91 19.23
CA TYR A 147 -13.94 -25.53 18.38
C TYR A 147 -13.79 -26.20 17.00
N ILE A 148 -12.55 -26.33 16.51
CA ILE A 148 -12.32 -26.95 15.18
C ILE A 148 -12.92 -28.36 15.18
N VAL A 149 -12.57 -29.17 16.19
CA VAL A 149 -13.15 -30.54 16.31
C VAL A 149 -14.69 -30.43 16.22
N CYS A 150 -15.29 -29.62 17.10
CA CYS A 150 -16.76 -29.45 17.10
C CYS A 150 -17.26 -29.08 15.70
N GLY A 151 -16.60 -28.12 15.04
CA GLY A 151 -17.00 -27.70 13.69
C GLY A 151 -17.05 -28.89 12.74
N VAL A 152 -15.93 -29.61 12.61
CA VAL A 152 -15.91 -30.82 11.75
C VAL A 152 -17.05 -31.75 12.19
N ALA A 153 -17.10 -32.10 13.47
CA ALA A 153 -18.14 -33.01 13.99
C ALA A 153 -19.54 -32.51 13.58
N THR A 154 -19.78 -31.20 13.71
CA THR A 154 -21.09 -30.62 13.32
C THR A 154 -21.38 -30.99 11.89
N TYR A 155 -20.54 -30.54 10.95
CA TYR A 155 -20.72 -30.88 9.52
C TYR A 155 -20.85 -32.39 9.39
N LEU A 156 -19.87 -33.14 9.91
CA LEU A 156 -19.91 -34.61 9.85
C LEU A 156 -21.34 -35.09 10.15
N TYR A 157 -21.84 -34.83 11.36
CA TYR A 157 -23.21 -35.26 11.74
C TYR A 157 -24.18 -34.93 10.61
N ALA A 158 -24.25 -33.64 10.25
CA ALA A 158 -25.21 -33.20 9.20
C ALA A 158 -25.07 -34.07 7.95
N MET A 159 -23.89 -34.09 7.33
CA MET A 159 -23.73 -34.83 6.05
C MET A 159 -23.73 -36.36 6.28
N THR A 160 -24.07 -36.80 7.49
CA THR A 160 -24.16 -38.25 7.76
C THR A 160 -25.58 -38.61 8.16
N ARG A 161 -26.26 -37.70 8.87
CA ARG A 161 -27.63 -38.01 9.38
C ARG A 161 -28.68 -37.19 8.60
N LEU A 162 -28.30 -36.03 8.07
CA LEU A 162 -29.25 -35.21 7.27
C LEU A 162 -29.09 -35.58 5.78
N PRO A 163 -30.14 -36.14 5.13
CA PRO A 163 -30.03 -36.56 3.75
C PRO A 163 -29.60 -35.38 2.87
N LEU A 164 -30.23 -34.23 3.03
CA LEU A 164 -29.90 -33.04 2.22
C LEU A 164 -28.39 -32.76 2.27
N PHE A 165 -27.79 -32.85 3.47
CA PHE A 165 -26.35 -32.54 3.62
C PHE A 165 -25.55 -33.70 3.06
N SER A 166 -26.11 -34.91 3.07
CA SER A 166 -25.43 -36.06 2.44
C SER A 166 -25.59 -35.95 0.92
N ARG A 167 -26.65 -35.28 0.46
CA ARG A 167 -26.88 -35.09 -0.99
C ARG A 167 -25.92 -34.00 -1.50
N GLY A 168 -26.32 -32.72 -1.36
CA GLY A 168 -25.48 -31.62 -1.85
C GLY A 168 -24.53 -31.13 -0.77
N ILE A 169 -23.62 -30.22 -1.13
CA ILE A 169 -22.60 -29.72 -0.15
C ILE A 169 -23.05 -28.34 0.35
N SER A 170 -23.46 -28.25 1.63
CA SER A 170 -23.94 -26.96 2.19
C SER A 170 -22.85 -25.89 2.10
N PHE A 171 -22.81 -25.15 0.99
CA PHE A 171 -21.79 -24.09 0.79
C PHE A 171 -21.65 -23.23 2.06
N PRO A 172 -22.71 -22.57 2.59
CA PRO A 172 -22.53 -21.70 3.74
C PRO A 172 -21.88 -22.41 4.91
N LEU A 173 -22.36 -23.62 5.24
CA LEU A 173 -21.80 -24.39 6.38
C LEU A 173 -20.28 -24.56 6.17
N VAL A 174 -19.87 -24.96 4.97
CA VAL A 174 -18.42 -25.12 4.66
C VAL A 174 -17.67 -23.90 5.21
N MET A 175 -17.99 -22.70 4.68
CA MET A 175 -17.27 -21.47 5.11
C MET A 175 -17.44 -21.26 6.62
N ALA A 176 -18.68 -21.34 7.11
CA ALA A 176 -18.96 -21.12 8.56
C ALA A 176 -17.94 -21.88 9.41
N ILE A 177 -17.59 -23.11 9.00
CA ILE A 177 -16.64 -23.95 9.80
C ILE A 177 -15.21 -23.64 9.36
N ALA A 178 -14.94 -23.67 8.05
CA ALA A 178 -13.56 -23.46 7.54
C ALA A 178 -12.94 -22.19 8.12
N GLY A 179 -13.75 -21.15 8.35
CA GLY A 179 -13.23 -19.86 8.86
C GLY A 179 -12.46 -20.03 10.15
N PRO A 180 -13.13 -20.20 11.31
CA PRO A 180 -12.43 -20.45 12.57
C PRO A 180 -11.43 -21.59 12.46
N LEU A 181 -11.70 -22.56 11.60
CA LEU A 181 -10.72 -23.65 11.37
C LEU A 181 -9.40 -23.04 10.87
N MET A 182 -9.46 -22.27 9.77
CA MET A 182 -8.24 -21.67 9.18
C MET A 182 -7.65 -20.62 10.13
N ILE A 183 -8.41 -20.21 11.15
CA ILE A 183 -7.87 -19.26 12.12
C ILE A 183 -6.68 -19.86 12.87
N LEU A 184 -6.72 -21.17 13.16
CA LEU A 184 -5.61 -21.79 13.88
C LEU A 184 -4.29 -21.73 13.12
N PRO A 185 -4.23 -22.06 11.81
CA PRO A 185 -2.96 -21.87 11.09
C PRO A 185 -2.48 -20.43 11.05
N ASN A 186 -3.35 -19.45 11.30
CA ASN A 186 -2.93 -18.06 11.29
C ASN A 186 -2.04 -17.74 12.49
N VAL A 187 -1.92 -18.66 13.45
CA VAL A 187 -0.96 -18.49 14.53
C VAL A 187 0.45 -18.40 13.98
N GLY A 188 0.71 -19.06 12.84
CA GLY A 188 2.00 -18.91 12.19
C GLY A 188 2.26 -17.48 11.75
N LEU A 189 1.25 -16.85 11.13
CA LEU A 189 1.37 -15.44 10.77
C LEU A 189 1.54 -14.57 12.00
N ASN A 190 0.78 -14.86 13.06
CA ASN A 190 0.89 -14.11 14.30
C ASN A 190 2.31 -14.14 14.85
N GLU A 191 2.88 -15.35 14.96
CA GLU A 191 4.24 -15.50 15.49
C GLU A 191 5.27 -14.85 14.57
N TRP A 192 5.11 -15.02 13.26
CA TRP A 192 6.08 -14.46 12.32
C TRP A 192 6.06 -12.94 12.36
N GLY A 193 4.87 -12.35 12.48
CA GLY A 193 4.76 -10.91 12.64
C GLY A 193 5.32 -10.40 13.95
N HIS A 194 5.03 -11.09 15.06
CA HIS A 194 5.54 -10.69 16.36
C HIS A 194 7.06 -10.75 16.41
N ALA A 195 7.65 -11.83 15.89
CA ALA A 195 9.09 -12.04 15.99
C ALA A 195 9.87 -11.15 15.03
N PHE A 196 9.24 -10.62 13.99
CA PHE A 196 9.98 -9.85 13.00
C PHE A 196 9.34 -8.50 12.75
N TRP A 197 9.78 -7.77 11.73
CA TRP A 197 9.37 -6.38 11.53
C TRP A 197 7.93 -6.34 11.00
N PHE A 198 7.01 -6.77 11.86
CA PHE A 198 5.62 -6.40 11.72
C PHE A 198 5.12 -5.79 13.03
N MET A 199 6.01 -5.62 14.02
CA MET A 199 5.76 -4.95 15.29
C MET A 199 4.83 -5.78 16.17
N GLU A 200 4.81 -5.49 17.48
CA GLU A 200 4.15 -6.36 18.45
C GLU A 200 3.37 -5.53 19.48
N GLU A 201 3.65 -4.23 19.54
CA GLU A 201 3.12 -3.41 20.63
C GLU A 201 1.60 -3.37 20.64
N LEU A 202 0.99 -3.16 19.48
CA LEU A 202 -0.46 -3.07 19.41
C LEU A 202 -1.10 -4.45 19.37
N PHE A 203 -2.27 -4.57 19.99
CA PHE A 203 -3.06 -5.79 19.83
C PHE A 203 -3.92 -5.73 18.58
N SER A 204 -4.39 -4.55 18.21
CA SER A 204 -5.09 -4.34 16.94
C SER A 204 -4.12 -3.96 15.83
N ALA A 205 -3.11 -4.79 15.64
CA ALA A 205 -2.05 -4.61 14.66
C ALA A 205 -2.42 -5.30 13.34
N PRO A 206 -1.84 -4.86 12.22
CA PRO A 206 -2.19 -5.47 10.94
C PRO A 206 -1.95 -6.97 10.86
N LEU A 207 -1.00 -7.51 11.62
CA LEU A 207 -0.78 -8.94 11.63
C LEU A 207 -1.91 -9.68 12.36
N HIS A 208 -2.70 -8.99 13.16
CA HIS A 208 -3.85 -9.56 13.84
C HIS A 208 -5.11 -9.48 12.99
N TRP A 209 -5.01 -9.01 11.76
CA TRP A 209 -6.15 -8.86 10.87
C TRP A 209 -6.42 -10.09 10.03
N GLY A 210 -5.60 -11.13 10.17
CA GLY A 210 -5.89 -12.39 9.53
C GLY A 210 -7.04 -13.08 10.22
N PHE A 211 -7.06 -12.98 11.55
CA PHE A 211 -8.15 -13.55 12.32
C PHE A 211 -9.51 -12.94 11.99
N VAL A 212 -9.58 -11.63 11.78
CA VAL A 212 -10.88 -11.01 11.47
C VAL A 212 -11.36 -11.44 10.08
N VAL A 213 -10.46 -11.52 9.11
CA VAL A 213 -10.86 -11.92 7.76
C VAL A 213 -11.29 -13.38 7.76
N LEU A 214 -10.60 -14.23 8.51
CA LEU A 214 -10.97 -15.64 8.58
C LEU A 214 -12.24 -15.86 9.40
N GLY A 215 -12.51 -15.01 10.40
CA GLY A 215 -13.73 -15.11 11.18
C GLY A 215 -14.94 -14.47 10.55
N TRP A 216 -14.73 -13.64 9.52
CA TRP A 216 -15.86 -13.17 8.73
C TRP A 216 -16.62 -14.32 8.09
N ALA A 217 -15.96 -15.47 7.92
CA ALA A 217 -16.65 -16.64 7.37
C ALA A 217 -17.72 -17.17 8.33
N GLY A 218 -17.64 -16.79 9.61
CA GLY A 218 -18.67 -17.16 10.56
C GLY A 218 -20.00 -16.47 10.32
N LEU A 219 -20.03 -15.50 9.40
CA LEU A 219 -21.27 -14.81 9.07
C LEU A 219 -22.08 -15.55 8.01
N PHE A 220 -21.57 -16.66 7.48
CA PHE A 220 -22.35 -17.52 6.58
C PHE A 220 -23.44 -18.28 7.33
N GLN A 221 -23.60 -17.99 8.62
CA GLN A 221 -24.72 -18.49 9.41
C GLN A 221 -26.02 -18.06 8.75
N GLY A 222 -26.01 -16.97 8.00
CA GLY A 222 -27.20 -16.58 7.26
C GLY A 222 -27.63 -17.65 6.27
N GLY A 223 -26.70 -18.14 5.45
CA GLY A 223 -27.02 -19.20 4.53
C GLY A 223 -27.34 -20.51 5.24
N VAL A 224 -26.57 -20.82 6.29
CA VAL A 224 -26.84 -22.03 7.07
C VAL A 224 -28.27 -22.01 7.60
N ALA A 225 -28.67 -20.90 8.22
CA ALA A 225 -30.00 -20.79 8.80
C ALA A 225 -31.07 -20.72 7.72
N ALA A 226 -30.75 -20.14 6.57
CA ALA A 226 -31.71 -20.14 5.47
C ALA A 226 -32.02 -21.57 5.03
N GLN A 227 -30.99 -22.40 4.88
CA GLN A 227 -31.21 -23.81 4.55
C GLN A 227 -32.01 -24.51 5.63
N ILE A 228 -31.64 -24.27 6.90
CA ILE A 228 -32.33 -24.93 8.01
C ILE A 228 -33.81 -24.54 8.03
N ILE A 229 -34.11 -23.24 7.86
CA ILE A 229 -35.48 -22.77 7.93
C ILE A 229 -36.28 -23.27 6.73
N THR A 230 -35.68 -23.31 5.54
CA THR A 230 -36.38 -23.83 4.38
C THR A 230 -36.75 -25.30 4.59
N ARG A 231 -35.80 -26.10 5.07
CA ARG A 231 -36.10 -27.50 5.35
C ARG A 231 -37.13 -27.65 6.46
N TYR A 232 -37.07 -26.79 7.48
CA TYR A 232 -38.04 -26.86 8.57
C TYR A 232 -39.43 -26.54 8.08
N SER A 233 -39.57 -25.54 7.21
CA SER A 233 -40.88 -25.22 6.63
C SER A 233 -41.39 -26.36 5.78
N ASN A 234 -40.51 -26.98 4.96
CA ASN A 234 -40.95 -28.12 4.17
C ASN A 234 -41.39 -29.29 5.05
N LEU A 235 -40.65 -29.57 6.12
CA LEU A 235 -41.04 -30.64 7.04
C LEU A 235 -42.35 -30.32 7.74
N THR A 236 -42.56 -29.05 8.11
CA THR A 236 -43.83 -28.67 8.72
C THR A 236 -44.99 -28.87 7.75
N ASP A 237 -44.79 -28.50 6.48
CA ASP A 237 -45.82 -28.72 5.47
C ASP A 237 -46.10 -30.21 5.28
N VAL A 238 -45.06 -31.04 5.26
CA VAL A 238 -45.25 -32.47 5.01
C VAL A 238 -45.93 -33.15 6.18
N VAL A 239 -45.48 -32.86 7.41
CA VAL A 239 -45.91 -33.63 8.57
C VAL A 239 -47.31 -33.20 9.01
N TRP A 240 -47.54 -31.90 9.14
CA TRP A 240 -48.75 -31.42 9.80
C TRP A 240 -49.81 -30.93 8.83
N ASN A 241 -49.41 -30.45 7.65
CA ASN A 241 -50.35 -29.94 6.67
C ASN A 241 -50.75 -30.98 5.64
N ASN A 242 -50.30 -32.23 5.82
CA ASN A 242 -50.68 -33.36 4.98
C ASN A 242 -50.33 -33.12 3.51
N GLN A 243 -49.24 -32.41 3.26
CA GLN A 243 -48.79 -32.16 1.90
C GLN A 243 -47.91 -33.30 1.42
N SER A 244 -47.65 -33.32 0.11
CA SER A 244 -46.90 -34.39 -0.51
C SER A 244 -45.43 -34.33 -0.11
N LYS A 245 -44.82 -35.51 0.02
CA LYS A 245 -43.41 -35.61 0.35
C LYS A 245 -42.49 -35.17 -0.78
N GLU A 246 -43.04 -34.99 -2.00
CA GLU A 246 -42.22 -34.65 -3.15
C GLU A 246 -41.49 -33.33 -3.00
N ILE A 247 -41.96 -32.44 -2.10
CA ILE A 247 -41.27 -31.17 -1.89
C ILE A 247 -39.95 -31.38 -1.16
N LEU A 248 -39.75 -32.54 -0.54
CA LEU A 248 -38.51 -32.81 0.16
C LEU A 248 -37.42 -33.37 -0.75
N ASN A 249 -37.78 -33.88 -1.92
CA ASN A 249 -36.82 -34.54 -2.80
C ASN A 249 -36.79 -33.96 -4.21
N ASN A 250 -37.24 -32.73 -4.41
CA ASN A 250 -37.41 -32.20 -5.75
C ASN A 250 -36.30 -31.24 -6.16
N ARG A 251 -35.78 -30.44 -5.23
CA ARG A 251 -34.92 -29.33 -5.61
C ARG A 251 -33.43 -29.58 -5.42
N ILE A 252 -33.04 -30.70 -4.82
CA ILE A 252 -31.63 -30.96 -4.58
C ILE A 252 -31.23 -32.21 -5.36
N VAL A 253 -31.85 -32.40 -6.53
CA VAL A 253 -31.49 -33.49 -7.42
C VAL A 253 -30.56 -32.95 -8.50
N ALA A 254 -29.91 -33.85 -9.25
CA ALA A 254 -28.99 -33.46 -10.30
C ALA A 254 -29.70 -32.72 -11.42
N HIS B 1 12.62 -11.92 33.73
CA HIS B 1 11.68 -12.98 33.27
C HIS B 1 11.45 -12.84 31.76
N GLY B 2 12.43 -13.25 30.95
CA GLY B 2 12.31 -13.15 29.49
C GLY B 2 13.52 -12.46 28.89
N GLU B 3 14.30 -11.76 29.71
CA GLU B 3 15.47 -10.99 29.21
C GLU B 3 16.51 -11.97 28.63
N ARG B 4 16.61 -13.18 29.20
CA ARG B 4 17.62 -14.16 28.74
C ARG B 4 17.25 -14.61 27.32
N SER B 5 15.95 -14.72 27.03
CA SER B 5 15.51 -15.08 25.65
C SER B 5 16.03 -14.03 24.66
N GLN B 6 15.96 -12.75 25.03
CA GLN B 6 16.46 -11.65 24.14
C GLN B 6 17.90 -11.98 23.71
N GLU B 7 18.18 -11.89 22.41
CA GLU B 7 19.53 -12.24 21.90
C GLU B 7 20.61 -11.43 22.64
N PRO B 8 21.71 -12.07 23.10
CA PRO B 8 22.74 -11.39 23.88
C PRO B 8 23.28 -10.17 23.14
N PHE B 9 23.86 -10.38 21.95
CA PHE B 9 24.50 -9.27 21.20
C PHE B 9 23.64 -7.99 21.30
N LEU B 10 22.32 -8.13 21.12
CA LEU B 10 21.41 -6.96 21.17
C LEU B 10 21.52 -6.28 22.53
N ARG B 11 20.98 -6.92 23.58
CA ARG B 11 20.99 -6.30 24.94
C ARG B 11 22.41 -5.86 25.30
N MET B 12 23.40 -6.75 25.12
CA MET B 12 24.80 -6.45 25.51
C MET B 12 25.26 -5.11 24.92
N ARG B 13 24.80 -4.75 23.71
CA ARG B 13 25.32 -3.52 23.06
C ARG B 13 24.25 -2.43 22.93
N THR B 14 23.14 -2.54 23.68
CA THR B 14 22.13 -1.46 23.66
C THR B 14 22.25 -0.62 24.90
N VAL B 15 21.40 -0.88 25.90
CA VAL B 15 21.40 -0.05 27.15
C VAL B 15 22.28 -0.73 28.20
N GLN B 16 23.31 -0.02 28.68
CA GLN B 16 24.21 -0.59 29.72
C GLN B 16 23.83 0.02 31.09
N TRP B 17 22.96 -0.67 31.84
CA TRP B 17 22.51 -0.16 33.16
C TRP B 17 23.64 -0.27 34.19
N TYR B 18 23.62 0.60 35.19
CA TYR B 18 24.66 0.56 36.27
C TYR B 18 24.17 1.35 37.50
N ASP B 19 24.66 1.00 38.68
CA ASP B 19 24.28 1.70 39.94
C ASP B 19 22.76 1.68 40.13
N ILE B 20 22.15 0.48 40.18
CA ILE B 20 20.67 0.40 40.30
C ILE B 20 20.28 0.07 41.75
N LYS B 21 19.49 0.93 42.39
CA LYS B 21 19.05 0.73 43.78
C LYS B 21 17.55 0.55 43.85
N TRP B 22 17.06 -0.53 44.43
CA TRP B 22 15.65 -0.77 44.73
C TRP B 22 15.43 -0.62 46.22
N GLY B 23 14.38 0.11 46.61
CA GLY B 23 14.10 0.21 48.03
C GLY B 23 12.84 0.96 48.38
N PRO B 24 12.27 0.67 49.56
CA PRO B 24 12.73 -0.30 50.56
C PRO B 24 12.45 -1.75 50.13
N GLU B 25 13.17 -2.71 50.71
CA GLU B 25 12.96 -4.11 50.34
C GLU B 25 11.56 -4.58 50.70
N VAL B 26 11.09 -4.24 51.90
CA VAL B 26 9.77 -4.61 52.37
C VAL B 26 9.03 -3.32 52.69
N THR B 27 7.88 -3.12 52.04
CA THR B 27 7.07 -1.93 52.24
C THR B 27 5.60 -2.34 52.44
N LYS B 28 4.88 -1.56 53.23
CA LYS B 28 3.46 -1.82 53.43
C LYS B 28 2.65 -1.15 52.32
N VAL B 29 1.39 -1.59 52.19
CA VAL B 29 0.49 -1.00 51.21
C VAL B 29 0.29 0.47 51.55
N ASN B 30 0.23 1.31 50.51
CA ASN B 30 0.07 2.76 50.56
C ASN B 30 1.34 3.48 51.01
N GLU B 31 2.49 2.82 50.96
CA GLU B 31 3.77 3.43 51.27
C GLU B 31 4.57 3.64 49.98
N ASN B 32 5.56 4.53 50.07
CA ASN B 32 6.34 4.93 48.92
C ASN B 32 7.55 4.02 48.71
N ALA B 33 7.94 3.86 47.45
CA ALA B 33 9.08 3.07 47.06
C ALA B 33 9.79 3.76 45.90
N LYS B 34 11.04 3.37 45.66
CA LYS B 34 11.88 4.03 44.68
C LYS B 34 12.80 3.02 44.01
N ILE B 35 12.93 3.17 42.70
CA ILE B 35 13.91 2.45 41.89
C ILE B 35 14.76 3.50 41.20
N THR B 36 16.04 3.55 41.52
CA THR B 36 16.95 4.54 40.96
C THR B 36 18.08 3.82 40.21
N GLY B 37 18.67 4.52 39.24
CA GLY B 37 19.79 3.92 38.54
C GLY B 37 20.33 4.84 37.48
N LYS B 38 21.34 4.34 36.75
CA LYS B 38 21.85 5.05 35.59
C LYS B 38 22.04 4.05 34.46
N PHE B 39 22.05 4.56 33.23
CA PHE B 39 22.27 3.70 32.09
C PHE B 39 23.05 4.45 31.02
N HIS B 40 23.93 3.72 30.34
CA HIS B 40 24.71 4.24 29.22
C HIS B 40 24.19 3.61 27.94
N LEU B 41 23.97 4.44 26.93
CA LEU B 41 23.60 3.95 25.61
C LEU B 41 24.87 3.65 24.84
N ALA B 42 25.11 2.37 24.55
CA ALA B 42 26.39 1.95 23.99
C ALA B 42 26.58 2.52 22.59
N GLU B 43 27.83 2.92 22.31
CA GLU B 43 28.18 3.44 21.00
C GLU B 43 28.02 2.36 19.93
N ASP B 44 28.30 1.11 20.29
CA ASP B 44 28.09 -0.02 19.40
C ASP B 44 26.63 -0.46 19.41
N TRP B 45 25.72 0.47 19.14
CA TRP B 45 24.30 0.15 19.11
C TRP B 45 24.04 -0.78 17.94
N PRO B 46 23.46 -1.95 18.18
CA PRO B 46 23.27 -2.93 17.09
C PRO B 46 22.34 -2.41 16.02
N ARG B 47 22.58 -2.86 14.79
CA ARG B 47 21.74 -2.45 13.66
C ARG B 47 20.32 -2.96 13.81
N ALA B 48 20.17 -4.13 14.44
CA ALA B 48 18.85 -4.72 14.62
C ALA B 48 17.96 -3.84 15.50
N ALA B 49 18.54 -3.26 16.54
CA ALA B 49 17.80 -2.34 17.41
C ALA B 49 17.81 -0.94 16.82
N ALA B 50 16.64 -0.35 16.68
CA ALA B 50 16.54 0.98 16.10
C ALA B 50 17.08 2.03 17.08
N GLN B 51 17.39 3.20 16.54
CA GLN B 51 17.93 4.27 17.35
C GLN B 51 16.89 4.75 18.36
N PRO B 52 17.31 5.05 19.59
CA PRO B 52 16.35 5.46 20.62
C PRO B 52 15.83 6.88 20.43
N ASP B 53 15.17 7.13 19.30
CA ASP B 53 14.57 8.43 19.05
C ASP B 53 13.23 8.63 19.75
N PHE B 54 12.63 7.55 20.26
CA PHE B 54 11.41 7.61 21.06
C PHE B 54 11.56 6.57 22.16
N SER B 55 12.08 6.99 23.31
CA SER B 55 12.39 6.10 24.42
C SER B 55 11.47 6.40 25.59
N PHE B 56 10.84 5.35 26.10
CA PHE B 56 9.99 5.45 27.29
C PHE B 56 10.58 4.55 28.37
N PHE B 57 10.79 5.10 29.56
CA PHE B 57 11.32 4.31 30.65
C PHE B 57 10.16 3.61 31.36
N ASN B 58 10.14 2.29 31.32
CA ASN B 58 9.04 1.48 31.83
C ASN B 58 9.51 0.64 33.01
N VAL B 59 8.55 0.07 33.72
CA VAL B 59 8.80 -0.79 34.87
C VAL B 59 8.32 -2.19 34.53
N GLY B 60 9.21 -3.18 34.70
CA GLY B 60 8.87 -4.56 34.45
C GLY B 60 8.29 -5.26 35.67
N SER B 61 7.07 -4.91 36.03
CA SER B 61 6.41 -5.50 37.19
C SER B 61 5.57 -6.70 36.75
N PRO B 62 5.35 -7.68 37.64
CA PRO B 62 4.48 -8.81 37.30
C PRO B 62 3.08 -8.36 36.92
N SER B 63 2.59 -7.35 37.63
CA SER B 63 1.31 -6.70 37.38
C SER B 63 1.39 -5.32 38.01
N PRO B 64 0.38 -4.46 37.88
CA PRO B 64 0.44 -3.18 38.60
C PRO B 64 0.36 -3.34 40.11
N VAL B 65 1.33 -4.07 40.68
CA VAL B 65 1.42 -4.17 42.13
C VAL B 65 1.95 -2.88 42.72
N PHE B 66 2.53 -2.02 41.89
CA PHE B 66 2.98 -0.69 42.27
C PHE B 66 2.33 0.31 41.33
N VAL B 67 1.88 1.43 41.86
CA VAL B 67 1.36 2.52 41.04
C VAL B 67 2.49 3.51 40.80
N ARG B 68 2.81 3.74 39.53
CA ARG B 68 3.95 4.57 39.16
C ARG B 68 3.60 6.03 39.42
N LEU B 69 3.98 6.52 40.60
CA LEU B 69 3.70 7.91 40.94
C LEU B 69 4.44 8.86 40.02
N SER B 70 5.69 8.55 39.70
CA SER B 70 6.45 9.41 38.80
C SER B 70 7.62 8.64 38.21
N THR B 71 8.07 9.11 37.05
CA THR B 71 9.30 8.64 36.42
C THR B 71 10.06 9.86 35.92
N LYS B 72 11.35 9.94 36.26
CA LYS B 72 12.16 11.10 35.91
C LYS B 72 13.50 10.61 35.35
N ILE B 73 13.77 10.95 34.10
CA ILE B 73 15.08 10.70 33.50
C ILE B 73 15.93 11.94 33.72
N ASN B 74 17.12 11.76 34.27
CA ASN B 74 17.95 12.87 34.76
C ASN B 74 17.15 13.64 35.81
N GLY B 75 16.48 14.71 35.40
CA GLY B 75 15.61 15.44 36.29
C GLY B 75 14.31 15.87 35.62
N HIS B 76 14.09 15.39 34.41
CA HIS B 76 12.94 15.80 33.62
C HIS B 76 11.83 14.76 33.76
N PRO B 77 10.61 15.17 34.16
CA PRO B 77 9.50 14.21 34.24
C PRO B 77 9.24 13.48 32.93
N TRP B 78 9.46 12.17 32.92
CA TRP B 78 9.32 11.38 31.69
C TRP B 78 7.97 10.68 31.64
N PHE B 79 6.91 11.49 31.58
CA PHE B 79 5.58 10.98 31.29
C PHE B 79 5.38 10.68 29.82
N ILE B 80 6.00 11.48 28.94
CA ILE B 80 5.91 11.32 27.49
C ILE B 80 7.26 10.84 26.98
N SER B 81 7.24 9.88 26.07
CA SER B 81 8.48 9.33 25.53
C SER B 81 9.24 10.41 24.75
N GLY B 82 10.56 10.25 24.67
CA GLY B 82 11.39 11.22 24.00
C GLY B 82 12.69 10.61 23.50
N PRO B 83 13.49 11.41 22.80
CA PRO B 83 14.73 10.88 22.21
C PRO B 83 15.88 10.86 23.21
N LEU B 84 16.74 9.86 23.06
CA LEU B 84 17.95 9.73 23.85
C LEU B 84 19.14 9.56 22.91
N GLN B 85 20.31 9.98 23.39
CA GLN B 85 21.51 10.02 22.58
C GLN B 85 22.39 8.80 22.86
N ILE B 86 22.92 8.20 21.80
CA ILE B 86 23.81 7.06 21.88
C ILE B 86 25.20 7.54 22.26
N GLY B 87 25.86 6.80 23.15
CA GLY B 87 27.15 7.22 23.68
C GLY B 87 27.07 8.17 24.84
N ARG B 88 25.88 8.37 25.40
CA ARG B 88 25.66 9.31 26.50
C ARG B 88 25.04 8.58 27.67
N ASP B 89 25.28 9.09 28.87
CA ASP B 89 24.80 8.49 30.10
C ASP B 89 23.60 9.26 30.64
N TYR B 90 22.67 8.53 31.24
CA TYR B 90 21.45 9.11 31.79
C TYR B 90 21.20 8.52 33.17
N GLU B 91 20.49 9.28 34.00
CA GLU B 91 20.08 8.85 35.32
C GLU B 91 18.56 8.78 35.37
N PHE B 92 18.03 7.77 36.05
CA PHE B 92 16.59 7.60 36.16
C PHE B 92 16.20 7.37 37.62
N GLU B 93 14.99 7.85 37.94
CA GLU B 93 14.39 7.66 39.26
C GLU B 93 12.90 7.41 39.06
N VAL B 94 12.41 6.30 39.60
CA VAL B 94 11.00 5.93 39.51
C VAL B 94 10.45 5.89 40.93
N ASN B 95 9.43 6.71 41.18
CA ASN B 95 8.74 6.78 42.46
C ASN B 95 7.42 6.04 42.34
N LEU B 96 7.20 5.06 43.21
CA LEU B 96 6.07 4.15 43.15
C LEU B 96 5.39 4.10 44.51
N ARG B 97 4.20 3.49 44.53
CA ARG B 97 3.43 3.32 45.75
C ARG B 97 2.86 1.90 45.78
N ALA B 98 2.93 1.27 46.95
CA ALA B 98 2.60 -0.14 47.08
C ALA B 98 1.09 -0.36 46.95
N ARG B 99 0.71 -1.32 46.11
CA ARG B 99 -0.70 -1.59 45.83
C ARG B 99 -1.10 -3.01 46.22
N ILE B 100 -0.38 -4.03 45.76
CA ILE B 100 -0.79 -5.43 45.89
C ILE B 100 0.28 -6.16 46.71
N PRO B 101 -0.10 -6.82 47.80
CA PRO B 101 0.91 -7.55 48.60
C PRO B 101 1.47 -8.76 47.85
N GLY B 102 2.68 -9.14 48.22
CA GLY B 102 3.33 -10.30 47.64
C GLY B 102 4.80 -10.04 47.44
N ARG B 103 5.46 -11.02 46.84
CA ARG B 103 6.87 -10.93 46.47
C ARG B 103 6.95 -10.82 44.95
N HIS B 104 7.66 -9.76 44.49
CA HIS B 104 7.63 -9.44 43.07
C HIS B 104 8.96 -8.98 42.59
N HIS B 105 9.39 -9.43 41.41
CA HIS B 105 10.69 -9.10 40.80
C HIS B 105 10.46 -7.86 40.00
N MET B 106 11.21 -6.83 40.27
CA MET B 106 10.92 -5.48 39.78
C MET B 106 12.03 -4.95 38.97
N HIS B 107 11.81 -4.74 37.70
CA HIS B 107 12.85 -4.43 36.74
C HIS B 107 12.84 -3.02 36.21
N ALA B 108 13.87 -2.68 35.47
CA ALA B 108 14.03 -1.40 34.78
C ALA B 108 13.89 -1.68 33.32
N MET B 109 13.13 -0.96 32.57
CA MET B 109 13.21 -1.24 31.14
C MET B 109 13.23 0.07 30.38
N LEU B 110 13.79 0.03 29.17
CA LEU B 110 13.77 1.16 28.24
C LEU B 110 13.12 0.67 26.95
N ASN B 111 11.88 1.09 26.72
CA ASN B 111 11.16 0.74 25.51
C ASN B 111 11.53 1.72 24.40
N VAL B 112 12.09 1.20 23.32
CA VAL B 112 12.47 1.99 22.16
C VAL B 112 11.42 1.80 21.07
N LYS B 113 11.16 2.86 20.32
CA LYS B 113 10.08 2.93 19.34
C LYS B 113 9.99 1.69 18.46
N ASP B 114 11.05 1.39 17.71
CA ASP B 114 11.02 0.26 16.78
C ASP B 114 11.84 -0.92 17.26
N ALA B 115 12.81 -0.72 18.14
CA ALA B 115 13.62 -1.83 18.62
C ALA B 115 12.79 -2.76 19.50
N GLY B 116 12.05 -2.20 20.44
CA GLY B 116 11.27 -2.98 21.37
C GLY B 116 11.72 -2.77 22.80
N PRO B 117 11.38 -3.71 23.69
CA PRO B 117 11.77 -3.58 25.10
C PRO B 117 13.21 -3.99 25.32
N ILE B 118 13.90 -3.24 26.17
CA ILE B 118 15.24 -3.58 26.63
C ILE B 118 15.17 -3.71 28.14
N ALA B 119 14.95 -4.93 28.62
CA ALA B 119 14.79 -5.17 30.05
C ALA B 119 16.14 -5.05 30.76
N GLY B 120 16.10 -4.79 32.07
CA GLY B 120 17.31 -4.62 32.84
C GLY B 120 17.37 -5.56 34.03
N PRO B 121 18.19 -5.21 35.01
CA PRO B 121 18.33 -6.07 36.21
C PRO B 121 17.05 -6.13 37.04
N GLY B 122 16.92 -7.17 37.85
CA GLY B 122 15.74 -7.31 38.68
C GLY B 122 16.05 -7.71 40.11
N ALA B 123 15.23 -7.24 41.04
CA ALA B 123 15.37 -7.57 42.46
C ALA B 123 13.98 -7.86 43.04
N TRP B 124 13.96 -8.67 44.10
CA TRP B 124 12.71 -9.09 44.71
C TRP B 124 12.30 -8.07 45.77
N MET B 125 11.10 -7.51 45.62
CA MET B 125 10.54 -6.56 46.58
C MET B 125 9.26 -7.15 47.16
N ASN B 126 9.04 -6.90 48.45
CA ASN B 126 7.93 -7.47 49.20
C ASN B 126 6.96 -6.38 49.63
N ILE B 127 5.67 -6.66 49.44
CA ILE B 127 4.59 -5.79 49.89
C ILE B 127 3.75 -6.54 50.90
N THR B 128 3.53 -5.94 52.06
CA THR B 128 2.77 -6.55 53.14
C THR B 128 1.55 -5.69 53.44
N GLY B 129 0.37 -6.31 53.43
CA GLY B 129 -0.86 -5.60 53.70
C GLY B 129 -2.07 -6.23 53.04
N SER B 130 -2.97 -5.40 52.52
CA SER B 130 -4.15 -5.88 51.82
C SER B 130 -4.46 -4.95 50.65
N TRP B 131 -4.79 -5.57 49.51
CA TRP B 131 -5.15 -4.80 48.33
C TRP B 131 -6.43 -3.99 48.52
N ASP B 132 -7.29 -4.39 49.44
CA ASP B 132 -8.52 -3.65 49.73
C ASP B 132 -8.27 -2.48 50.67
N ASP B 133 -7.07 -2.32 51.21
CA ASP B 133 -6.68 -1.14 51.97
C ASP B 133 -5.97 -0.10 51.11
N PHE B 134 -5.85 -0.32 49.81
CA PHE B 134 -5.12 0.59 48.94
C PHE B 134 -5.96 1.82 48.63
N THR B 135 -5.38 3.00 48.86
CA THR B 135 -6.00 4.27 48.50
C THR B 135 -4.94 5.14 47.85
N ASN B 136 -5.30 5.82 46.77
CA ASN B 136 -4.37 6.72 46.10
C ASN B 136 -5.00 8.09 45.97
N PRO B 137 -4.97 8.92 47.02
CA PRO B 137 -5.64 10.22 46.97
C PRO B 137 -4.89 11.26 46.15
N LEU B 138 -5.52 11.72 45.07
CA LEU B 138 -4.96 12.74 44.21
C LEU B 138 -5.82 14.00 44.26
N LYS B 139 -5.22 15.12 43.87
CA LYS B 139 -5.89 16.41 43.83
C LYS B 139 -5.81 16.96 42.42
N LEU B 140 -6.96 17.37 41.87
CA LEU B 140 -7.04 17.84 40.50
C LEU B 140 -6.83 19.35 40.44
N LEU B 141 -6.52 19.83 39.23
CA LEU B 141 -6.29 21.26 39.04
C LEU B 141 -7.57 22.06 39.28
N THR B 142 -8.73 21.46 39.03
CA THR B 142 -9.99 22.17 39.24
C THR B 142 -10.35 22.26 40.72
N GLY B 143 -9.67 21.52 41.59
CA GLY B 143 -9.89 21.64 43.02
C GLY B 143 -10.74 20.55 43.63
N GLU B 144 -10.61 19.32 43.15
CA GLU B 144 -11.35 18.18 43.69
C GLU B 144 -10.38 17.08 44.07
N THR B 145 -10.66 16.40 45.18
CA THR B 145 -9.87 15.26 45.62
C THR B 145 -10.54 13.98 45.14
N ILE B 146 -9.75 13.06 44.60
CA ILE B 146 -10.23 11.81 44.04
C ILE B 146 -9.34 10.67 44.51
N ASP B 147 -9.77 9.45 44.24
CA ASP B 147 -8.99 8.25 44.47
C ASP B 147 -8.81 7.55 43.13
N SER B 148 -7.56 7.29 42.76
CA SER B 148 -7.29 6.73 41.43
C SER B 148 -7.87 5.33 41.29
N GLU B 149 -7.93 4.56 42.38
CA GLU B 149 -8.49 3.22 42.31
C GLU B 149 -9.99 3.26 42.02
N THR B 150 -10.71 4.19 42.64
CA THR B 150 -12.15 4.36 42.45
C THR B 150 -12.39 5.78 41.95
N PHE B 151 -12.31 5.97 40.63
CA PHE B 151 -12.54 7.26 40.00
C PHE B 151 -13.29 7.03 38.69
N ASN B 152 -14.42 7.71 38.53
CA ASN B 152 -15.27 7.59 37.34
C ASN B 152 -15.71 6.14 37.15
N LEU B 153 -15.92 5.44 38.26
CA LEU B 153 -16.33 4.04 38.25
C LEU B 153 -17.85 3.90 38.21
N SER B 154 -18.55 4.62 39.10
CA SER B 154 -20.01 4.58 39.11
C SER B 154 -20.60 5.26 37.88
N ASN B 155 -19.93 6.29 37.37
CA ASN B 155 -20.44 7.02 36.20
C ASN B 155 -20.49 6.12 34.97
N GLY B 156 -19.37 5.47 34.66
CA GLY B 156 -19.32 4.62 33.48
C GLY B 156 -20.26 3.43 33.59
N ILE B 157 -20.28 2.79 34.75
CA ILE B 157 -21.17 1.66 34.97
C ILE B 157 -22.63 2.09 34.87
N PHE B 158 -22.95 3.28 35.40
CA PHE B 158 -24.32 3.78 35.34
C PHE B 158 -24.76 4.01 33.90
N TRP B 159 -23.92 4.70 33.11
CA TRP B 159 -24.30 4.97 31.74
C TRP B 159 -24.37 3.68 30.92
N HIS B 160 -23.44 2.75 31.17
CA HIS B 160 -23.50 1.45 30.53
C HIS B 160 -24.79 0.72 30.85
N VAL B 161 -25.19 0.73 32.13
CA VAL B 161 -26.41 0.03 32.53
C VAL B 161 -27.63 0.66 31.87
N VAL B 162 -27.68 1.99 31.82
CA VAL B 162 -28.83 2.67 31.23
C VAL B 162 -28.94 2.32 29.74
N TRP B 163 -27.84 2.46 29.00
CA TRP B 163 -27.91 2.21 27.57
C TRP B 163 -28.14 0.73 27.28
N MET B 164 -27.55 -0.16 28.09
CA MET B 164 -27.75 -1.59 27.89
C MET B 164 -29.18 -2.00 28.21
N SER B 165 -29.81 -1.35 29.19
CA SER B 165 -31.21 -1.61 29.47
C SER B 165 -32.09 -1.17 28.30
N ILE B 166 -31.80 0.00 27.73
CA ILE B 166 -32.56 0.45 26.57
C ILE B 166 -32.40 -0.53 25.41
N GLY B 167 -31.16 -0.95 25.16
CA GLY B 167 -30.92 -1.90 24.07
C GLY B 167 -31.58 -3.24 24.31
N ILE B 168 -31.55 -3.72 25.56
CA ILE B 168 -32.18 -5.00 25.89
C ILE B 168 -33.69 -4.91 25.72
N PHE B 169 -34.29 -3.79 26.11
CA PHE B 169 -35.72 -3.60 25.88
C PHE B 169 -36.05 -3.63 24.39
N TRP B 170 -35.23 -2.92 23.60
CA TRP B 170 -35.46 -2.88 22.16
C TRP B 170 -35.35 -4.26 21.53
N ILE B 171 -34.35 -5.04 21.97
CA ILE B 171 -34.19 -6.39 21.43
C ILE B 171 -35.35 -7.29 21.87
N GLY B 172 -35.69 -7.25 23.15
CA GLY B 172 -36.66 -8.18 23.71
C GLY B 172 -38.10 -7.86 23.41
N VAL B 173 -38.39 -6.65 22.91
CA VAL B 173 -39.76 -6.37 22.49
C VAL B 173 -40.13 -7.21 21.27
N PHE B 174 -39.14 -7.73 20.54
CA PHE B 174 -39.38 -8.59 19.39
C PHE B 174 -39.15 -10.06 19.70
N THR B 175 -38.28 -10.38 20.65
CA THR B 175 -38.09 -11.77 21.05
C THR B 175 -39.12 -12.17 22.10
N ALA B 176 -40.40 -11.92 21.81
CA ALA B 176 -41.49 -12.35 22.66
C ALA B 176 -42.64 -12.94 21.85
N ARG B 177 -42.40 -13.27 20.58
CA ARG B 177 -43.44 -13.72 19.66
C ARG B 177 -42.78 -14.54 18.57
N PRO B 178 -43.56 -15.35 17.82
CA PRO B 178 -42.99 -16.08 16.67
C PRO B 178 -42.12 -15.19 15.79
N MET B 179 -40.84 -15.55 15.67
CA MET B 179 -39.84 -14.63 15.15
C MET B 179 -39.03 -15.12 13.96
N PHE B 180 -38.91 -16.43 13.74
CA PHE B 180 -38.07 -16.93 12.65
C PHE B 180 -38.86 -17.65 11.57
N LEU B 181 -39.57 -18.72 11.90
CA LEU B 181 -40.20 -19.54 10.87
C LEU B 181 -41.52 -18.96 10.37
N PRO B 182 -42.50 -18.62 11.23
CA PRO B 182 -43.75 -18.07 10.70
C PRO B 182 -43.55 -16.77 9.95
N ARG B 183 -42.64 -15.92 10.40
CA ARG B 183 -42.34 -14.70 9.67
C ARG B 183 -41.75 -15.00 8.30
N SER B 184 -40.85 -15.99 8.23
CA SER B 184 -40.28 -16.37 6.95
C SER B 184 -41.34 -16.88 5.98
N ARG B 185 -42.24 -17.75 6.48
CA ARG B 185 -43.30 -18.28 5.61
C ARG B 185 -44.23 -17.17 5.14
N VAL B 186 -44.65 -16.29 6.05
CA VAL B 186 -45.57 -15.22 5.68
C VAL B 186 -44.92 -14.27 4.66
N LEU B 187 -43.65 -13.90 4.89
CA LEU B 187 -42.94 -13.04 3.96
C LEU B 187 -42.71 -13.68 2.61
N LEU B 188 -42.40 -14.99 2.57
CA LEU B 188 -42.15 -15.68 1.31
C LEU B 188 -43.43 -16.06 0.57
N ALA B 189 -44.59 -16.02 1.24
CA ALA B 189 -45.83 -16.38 0.58
C ALA B 189 -46.78 -15.20 0.40
N TYR B 190 -46.67 -14.16 1.22
CA TYR B 190 -47.66 -13.10 1.23
C TYR B 190 -47.08 -11.69 1.24
N GLY B 191 -45.77 -11.53 1.26
CA GLY B 191 -45.15 -10.23 1.37
C GLY B 191 -45.04 -9.77 2.81
N ASP B 192 -44.67 -8.49 2.97
CA ASP B 192 -44.42 -7.90 4.27
C ASP B 192 -45.63 -7.13 4.82
N ASP B 193 -46.78 -7.20 4.16
CA ASP B 193 -47.93 -6.41 4.58
C ASP B 193 -48.38 -6.79 5.98
N LEU B 194 -48.45 -8.09 6.27
CA LEU B 194 -48.84 -8.56 7.60
C LEU B 194 -47.68 -8.54 8.59
N LEU B 195 -46.45 -8.29 8.13
CA LEU B 195 -45.28 -8.29 8.99
C LEU B 195 -44.97 -6.93 9.60
N MET B 196 -45.70 -5.88 9.22
CA MET B 196 -45.50 -4.54 9.77
C MET B 196 -46.61 -4.24 10.78
N ASP B 197 -46.21 -3.82 11.98
CA ASP B 197 -47.13 -3.61 13.09
C ASP B 197 -47.11 -2.14 13.51
N PRO B 198 -48.26 -1.46 13.51
CA PRO B 198 -48.26 -0.05 13.95
C PRO B 198 -47.76 0.15 15.37
N MET B 199 -48.02 -0.81 16.27
CA MET B 199 -47.50 -0.70 17.64
C MET B 199 -45.97 -0.65 17.63
N ASP B 200 -45.34 -1.45 16.77
CA ASP B 200 -43.90 -1.36 16.62
C ASP B 200 -43.47 0.02 16.12
N LYS B 201 -44.27 0.64 15.25
CA LYS B 201 -43.94 1.99 14.79
C LYS B 201 -44.01 2.99 15.93
N LYS B 202 -45.04 2.88 16.78
CA LYS B 202 -45.14 3.78 17.93
C LYS B 202 -43.96 3.59 18.88
N ILE B 203 -43.60 2.32 19.14
CA ILE B 203 -42.46 2.04 20.00
C ILE B 203 -41.17 2.61 19.39
N THR B 204 -41.02 2.45 18.08
CA THR B 204 -39.83 2.96 17.40
C THR B 204 -39.73 4.48 17.50
N TRP B 205 -40.85 5.18 17.30
CA TRP B 205 -40.84 6.63 17.40
C TRP B 205 -40.50 7.07 18.82
N VAL B 206 -41.13 6.45 19.81
CA VAL B 206 -40.88 6.81 21.20
C VAL B 206 -39.41 6.58 21.56
N LEU B 207 -38.88 5.42 21.15
CA LEU B 207 -37.50 5.09 21.49
C LEU B 207 -36.50 5.96 20.76
N ALA B 208 -36.78 6.35 19.52
CA ALA B 208 -35.89 7.26 18.81
C ALA B 208 -35.86 8.62 19.47
N ILE B 209 -37.03 9.15 19.84
CA ILE B 209 -37.08 10.43 20.54
C ILE B 209 -36.34 10.34 21.86
N LEU B 210 -36.54 9.23 22.59
CA LEU B 210 -35.87 9.04 23.87
C LEU B 210 -34.35 8.97 23.69
N THR B 211 -33.89 8.27 22.66
CA THR B 211 -32.46 8.13 22.43
C THR B 211 -31.81 9.47 22.11
N LEU B 212 -32.43 10.23 21.20
CA LEU B 212 -31.86 11.54 20.87
C LEU B 212 -31.88 12.47 22.08
N ALA B 213 -32.99 12.48 22.82
CA ALA B 213 -33.08 13.32 24.01
C ALA B 213 -32.04 12.92 25.05
N LEU B 214 -31.82 11.61 25.23
CA LEU B 214 -30.84 11.15 26.21
C LEU B 214 -29.43 11.53 25.80
N VAL B 215 -29.10 11.40 24.51
CA VAL B 215 -27.78 11.80 24.05
C VAL B 215 -27.55 13.28 24.34
N TRP B 216 -28.51 14.13 23.93
CA TRP B 216 -28.36 15.56 24.13
C TRP B 216 -28.29 15.90 25.62
N GLY B 217 -29.15 15.29 26.42
CA GLY B 217 -29.17 15.58 27.85
C GLY B 217 -27.92 15.16 28.57
N GLY B 218 -27.40 13.97 28.25
CA GLY B 218 -26.15 13.53 28.85
C GLY B 218 -24.99 14.43 28.47
N TYR B 219 -24.91 14.82 27.19
CA TYR B 219 -23.85 15.73 26.77
C TYR B 219 -23.93 17.05 27.51
N ARG B 220 -25.13 17.63 27.59
CA ARG B 220 -25.28 18.92 28.27
C ARG B 220 -25.01 18.81 29.76
N TYR B 221 -25.46 17.73 30.39
CA TYR B 221 -25.19 17.54 31.82
C TYR B 221 -23.71 17.42 32.09
N THR B 222 -22.99 16.65 31.26
CA THR B 222 -21.56 16.51 31.45
C THR B 222 -20.82 17.82 31.21
N GLU B 223 -21.22 18.57 30.17
CA GLU B 223 -20.57 19.84 29.89
C GLU B 223 -20.92 20.93 30.89
N ASN B 224 -22.03 20.79 31.62
CA ASN B 224 -22.36 21.70 32.70
C ASN B 224 -21.70 21.32 34.01
N LYS B 225 -21.48 20.03 34.27
CA LYS B 225 -20.81 19.58 35.48
C LYS B 225 -19.30 19.80 35.44
N HIS B 226 -18.68 19.70 34.27
CA HIS B 226 -17.24 19.87 34.09
C HIS B 226 -17.00 20.87 32.96
N PRO B 227 -17.08 22.17 33.24
CA PRO B 227 -16.85 23.15 32.18
C PRO B 227 -15.44 23.15 31.64
N TYR B 228 -14.45 22.84 32.47
CA TYR B 228 -13.05 22.90 32.08
C TYR B 228 -12.48 21.49 32.01
N THR B 229 -12.01 21.10 30.83
CA THR B 229 -11.38 19.80 30.61
C THR B 229 -10.23 19.99 29.64
N VAL B 230 -9.16 19.21 29.82
CA VAL B 230 -8.02 19.25 28.91
C VAL B 230 -8.03 17.99 28.06
N PRO B 231 -7.52 18.04 26.83
CA PRO B 231 -7.50 16.83 25.98
C PRO B 231 -6.43 15.84 26.43
N ILE B 232 -6.32 14.73 25.70
CA ILE B 232 -5.31 13.73 26.01
C ILE B 232 -3.94 14.30 25.64
N GLN B 233 -3.04 14.37 26.62
CA GLN B 233 -1.75 15.02 26.40
C GLN B 233 -0.84 14.15 25.55
N ALA B 234 -0.01 14.80 24.75
CA ALA B 234 0.92 14.12 23.84
C ALA B 234 2.17 14.99 23.70
N GLY B 235 2.99 14.69 22.71
CA GLY B 235 4.22 15.42 22.49
C GLY B 235 5.46 14.58 22.70
N GLN B 236 6.49 15.18 23.31
CA GLN B 236 7.72 14.40 23.62
C GLN B 236 8.44 15.02 24.83
N SER B 237 9.20 14.22 25.59
CA SER B 237 9.99 14.76 26.72
C SER B 237 11.43 15.00 26.25
N LYS B 238 12.12 15.97 26.85
CA LYS B 238 13.50 16.31 26.39
C LYS B 238 14.38 16.62 27.60
N VAL B 239 15.50 15.91 27.75
CA VAL B 239 16.45 16.21 28.86
C VAL B 239 17.88 16.12 28.32
N ALA B 240 18.77 17.01 28.77
CA ALA B 240 20.19 16.96 28.35
C ALA B 240 20.87 15.78 29.05
N ALA B 241 21.69 15.02 28.32
CA ALA B 241 22.36 13.88 28.90
C ALA B 241 23.39 14.34 29.93
N LEU B 242 23.80 13.40 30.79
CA LEU B 242 24.82 13.70 31.78
C LEU B 242 26.11 14.11 31.08
N PRO B 243 26.82 15.11 31.62
CA PRO B 243 28.06 15.56 30.98
C PRO B 243 29.08 14.45 30.88
N VAL B 244 29.81 14.42 29.76
CA VAL B 244 30.80 13.39 29.53
C VAL B 244 31.93 13.53 30.54
N ALA B 245 32.15 12.48 31.33
CA ALA B 245 33.22 12.52 32.31
C ALA B 245 34.56 12.23 31.65
N PRO B 246 35.62 12.96 32.04
CA PRO B 246 36.94 12.70 31.47
C PRO B 246 37.45 11.32 31.90
N ASN B 247 37.84 10.53 30.91
CA ASN B 247 38.33 9.17 31.14
C ASN B 247 39.82 9.09 30.86
N PRO B 248 40.67 8.85 31.87
CA PRO B 248 42.10 8.67 31.60
C PRO B 248 42.43 7.31 31.00
N VAL B 249 41.45 6.43 30.80
CA VAL B 249 41.67 5.08 30.30
C VAL B 249 41.11 4.98 28.88
N SER B 250 41.94 4.54 27.94
CA SER B 250 41.53 4.27 26.57
C SER B 250 41.78 2.81 26.27
N ILE B 251 40.74 2.12 25.78
CA ILE B 251 40.80 0.68 25.58
C ILE B 251 40.50 0.35 24.12
N VAL B 252 41.35 -0.47 23.51
CA VAL B 252 41.16 -0.96 22.15
C VAL B 252 41.09 -2.48 22.19
N ILE B 253 39.98 -3.04 21.72
CA ILE B 253 39.77 -4.48 21.77
C ILE B 253 40.46 -5.10 20.55
N THR B 254 41.32 -6.09 20.78
CA THR B 254 42.04 -6.75 19.70
C THR B 254 41.48 -8.13 19.38
N ASP B 255 41.05 -8.87 20.40
CA ASP B 255 40.53 -10.22 20.20
C ASP B 255 39.50 -10.51 21.28
N ALA B 256 38.58 -11.41 20.97
CA ALA B 256 37.55 -11.83 21.90
C ALA B 256 36.99 -13.16 21.45
N ASN B 257 36.86 -14.10 22.38
CA ASN B 257 36.32 -15.42 22.07
C ASN B 257 35.47 -15.92 23.21
N TYR B 258 34.49 -16.76 22.91
CA TYR B 258 33.63 -17.37 23.90
C TYR B 258 33.52 -18.87 23.65
N ASP B 259 33.51 -19.66 24.73
CA ASP B 259 33.43 -21.11 24.61
C ASP B 259 32.01 -21.52 24.23
N VAL B 260 31.88 -22.32 23.18
CA VAL B 260 30.56 -22.82 22.82
C VAL B 260 30.19 -23.99 23.74
N PRO B 261 31.04 -25.01 23.92
CA PRO B 261 30.72 -26.03 24.95
C PRO B 261 31.29 -25.67 26.31
N GLY B 262 30.86 -24.54 26.85
CA GLY B 262 31.37 -24.09 28.13
C GLY B 262 30.77 -22.77 28.53
N ARG B 263 31.41 -22.12 29.50
CA ARG B 263 30.98 -20.81 29.97
C ARG B 263 32.24 -19.99 30.30
N ALA B 264 32.52 -19.01 29.44
CA ALA B 264 33.67 -18.14 29.58
C ALA B 264 33.59 -17.05 28.53
N LEU B 265 34.12 -15.88 28.88
CA LEU B 265 34.28 -14.78 27.93
C LEU B 265 35.71 -14.26 28.07
N ARG B 266 36.51 -14.44 27.02
CA ARG B 266 37.91 -14.04 27.01
C ARG B 266 38.06 -12.88 26.04
N VAL B 267 38.54 -11.74 26.55
CA VAL B 267 38.68 -10.52 25.77
C VAL B 267 40.11 -10.03 25.88
N THR B 268 40.75 -9.81 24.73
CA THR B 268 42.10 -9.25 24.69
C THR B 268 42.01 -7.76 24.37
N MET B 269 42.65 -6.94 25.19
CA MET B 269 42.52 -5.49 25.08
C MET B 269 43.88 -4.84 25.23
N GLU B 270 43.99 -3.63 24.68
CA GLU B 270 45.15 -2.76 24.86
C GLU B 270 44.64 -1.53 25.61
N VAL B 271 45.12 -1.34 26.83
CA VAL B 271 44.67 -0.27 27.70
C VAL B 271 45.77 0.77 27.83
N THR B 272 45.37 2.04 27.86
CA THR B 272 46.31 3.15 27.95
C THR B 272 45.81 4.10 29.04
N ASN B 273 46.66 4.32 30.05
CA ASN B 273 46.35 5.23 31.16
C ASN B 273 47.11 6.53 30.89
N ASN B 274 46.49 7.42 30.13
CA ASN B 274 47.07 8.71 29.81
C ASN B 274 46.80 9.76 30.88
N GLY B 275 46.44 9.33 32.09
CA GLY B 275 46.22 10.25 33.19
C GLY B 275 47.46 10.47 34.02
N ASP B 276 47.29 10.73 35.32
CA ASP B 276 48.42 10.98 36.20
C ASP B 276 48.36 10.21 37.51
N ILE B 277 47.61 9.11 37.57
CA ILE B 277 47.45 8.35 38.80
C ILE B 277 47.19 6.88 38.45
N PRO B 278 47.76 5.92 39.17
CA PRO B 278 47.56 4.51 38.83
C PRO B 278 46.08 4.11 38.85
N VAL B 279 45.72 3.21 37.95
CA VAL B 279 44.34 2.82 37.70
C VAL B 279 44.27 1.30 37.63
N THR B 280 43.31 0.71 38.35
CA THR B 280 43.17 -0.74 38.41
C THR B 280 41.74 -1.16 38.09
N PHE B 281 41.61 -2.12 37.18
CA PHE B 281 40.31 -2.59 36.74
C PHE B 281 39.68 -3.50 37.79
N GLY B 282 38.37 -3.36 37.97
CA GLY B 282 37.72 -4.14 39.01
C GLY B 282 36.38 -4.76 38.70
N GLU B 283 35.77 -4.42 37.56
CA GLU B 283 34.42 -4.91 37.30
C GLU B 283 34.10 -4.85 35.81
N PHE B 284 33.45 -5.91 35.33
CA PHE B 284 32.91 -5.96 33.97
C PHE B 284 31.40 -6.17 34.08
N THR B 285 30.63 -5.25 33.52
CA THR B 285 29.18 -5.27 33.62
C THR B 285 28.55 -5.39 32.23
N THR B 286 27.60 -6.31 32.09
CA THR B 286 26.83 -6.43 30.86
C THR B 286 25.51 -7.12 31.16
N ALA B 287 24.43 -6.55 30.62
CA ALA B 287 23.06 -7.07 30.80
C ALA B 287 22.71 -7.20 32.29
N GLY B 288 23.19 -6.25 33.09
CA GLY B 288 22.95 -6.29 34.52
C GLY B 288 23.88 -7.21 35.27
N ILE B 289 24.40 -8.23 34.56
CA ILE B 289 25.36 -9.15 35.16
C ILE B 289 26.66 -8.43 35.46
N ARG B 290 27.22 -8.71 36.63
CA ARG B 290 28.44 -8.06 37.08
C ARG B 290 29.48 -9.11 37.44
N PHE B 291 30.67 -8.98 36.87
CA PHE B 291 31.82 -9.81 37.23
C PHE B 291 32.82 -8.92 37.94
N ILE B 292 33.17 -9.30 39.18
CA ILE B 292 33.96 -8.45 40.05
C ILE B 292 35.16 -9.22 40.56
N ASN B 293 36.17 -8.47 40.99
CA ASN B 293 37.35 -9.01 41.67
C ASN B 293 37.50 -8.24 42.98
N SER B 294 38.64 -8.40 43.63
CA SER B 294 38.87 -7.74 44.92
C SER B 294 38.68 -6.22 44.80
N THR B 295 39.22 -5.62 43.74
CA THR B 295 39.04 -4.18 43.54
C THR B 295 37.56 -3.83 43.36
N GLY B 296 36.86 -4.61 42.55
CA GLY B 296 35.43 -4.38 42.38
C GLY B 296 34.64 -4.67 43.64
N ARG B 297 35.08 -5.68 44.40
CA ARG B 297 34.40 -6.03 45.65
C ARG B 297 34.58 -4.92 46.69
N LYS B 298 35.69 -4.19 46.61
CA LYS B 298 35.94 -3.10 47.56
C LYS B 298 34.87 -2.02 47.45
N TYR B 299 34.49 -1.65 46.23
CA TYR B 299 33.43 -0.68 45.98
C TYR B 299 32.24 -1.45 45.38
N LEU B 300 31.41 -1.99 46.26
CA LEU B 300 30.25 -2.78 45.84
C LEU B 300 29.07 -2.45 46.75
N ASP B 301 27.90 -2.27 46.15
CA ASP B 301 26.69 -2.01 46.91
C ASP B 301 26.29 -3.27 47.67
N PRO B 302 26.25 -3.23 49.01
CA PRO B 302 25.91 -4.45 49.77
C PRO B 302 24.48 -4.90 49.58
N GLN B 303 23.62 -4.02 49.05
CA GLN B 303 22.22 -4.36 48.84
C GLN B 303 21.87 -4.71 47.41
N TYR B 304 22.82 -4.72 46.50
CA TYR B 304 22.55 -5.17 45.14
C TYR B 304 22.23 -6.67 45.15
N PRO B 305 21.26 -7.13 44.35
CA PRO B 305 20.95 -8.56 44.31
C PRO B 305 22.16 -9.42 44.01
N ARG B 306 22.36 -10.47 44.81
CA ARG B 306 23.54 -11.31 44.70
C ARG B 306 23.42 -12.37 43.60
N GLU B 307 22.24 -12.54 43.01
CA GLU B 307 22.05 -13.49 41.93
C GLU B 307 22.57 -12.99 40.60
N LEU B 308 22.96 -11.72 40.51
CA LEU B 308 23.58 -11.17 39.32
C LEU B 308 25.02 -10.72 39.56
N ILE B 309 25.64 -11.17 40.65
CA ILE B 309 27.02 -10.84 40.97
C ILE B 309 27.85 -12.11 40.95
N ALA B 310 28.96 -12.08 40.22
CA ALA B 310 29.83 -13.25 40.09
C ALA B 310 31.26 -12.79 40.30
N VAL B 311 31.95 -13.40 41.28
CA VAL B 311 33.36 -13.11 41.48
C VAL B 311 34.13 -14.04 40.57
N GLY B 312 34.31 -13.62 39.31
CA GLY B 312 34.99 -14.44 38.32
C GLY B 312 35.82 -13.64 37.35
N LEU B 313 36.13 -12.39 37.70
CA LEU B 313 36.88 -11.50 36.81
C LEU B 313 38.37 -11.70 37.06
N ASN B 314 39.08 -12.18 36.05
CA ASN B 314 40.50 -12.50 36.16
C ASN B 314 41.27 -11.81 35.05
N PHE B 315 42.43 -11.25 35.40
CA PHE B 315 43.35 -10.66 34.44
C PHE B 315 44.67 -11.43 34.48
N ASP B 316 45.36 -11.44 33.34
CA ASP B 316 46.70 -12.03 33.30
C ASP B 316 47.65 -11.28 34.22
N ASP B 317 47.56 -9.95 34.20
CA ASP B 317 48.33 -9.08 35.08
C ASP B 317 47.34 -8.22 35.88
N GLU B 318 47.11 -8.58 37.13
CA GLU B 318 46.19 -7.85 37.98
C GLU B 318 46.94 -6.76 38.76
N SER B 319 47.63 -5.92 37.99
CA SER B 319 48.38 -4.80 38.52
C SER B 319 47.77 -3.50 38.00
N ALA B 320 47.97 -2.43 38.76
CA ALA B 320 47.42 -1.11 38.41
C ALA B 320 48.22 -0.55 37.24
N ILE B 321 47.50 -0.11 36.20
CA ILE B 321 48.15 0.47 35.03
C ILE B 321 48.71 1.83 35.40
N GLN B 322 50.04 1.94 35.40
CA GLN B 322 50.71 3.17 35.78
C GLN B 322 50.39 4.28 34.77
N PRO B 323 50.37 5.53 35.20
CA PRO B 323 50.09 6.64 34.28
C PRO B 323 51.10 6.68 33.14
N GLY B 324 50.60 6.97 31.94
CA GLY B 324 51.44 7.00 30.76
C GLY B 324 52.04 5.65 30.41
N GLN B 325 51.22 4.60 30.47
CA GLN B 325 51.68 3.25 30.15
C GLN B 325 50.61 2.54 29.35
N THR B 326 51.01 1.89 28.26
CA THR B 326 50.11 1.08 27.45
C THR B 326 50.41 -0.39 27.71
N LYS B 327 49.37 -1.16 28.05
CA LYS B 327 49.53 -2.54 28.46
C LYS B 327 48.55 -3.43 27.71
N GLU B 328 48.97 -4.66 27.44
CA GLU B 328 48.12 -5.66 26.81
C GLU B 328 47.55 -6.55 27.91
N LEU B 329 46.24 -6.52 28.07
CA LEU B 329 45.55 -7.31 29.08
C LEU B 329 44.64 -8.35 28.44
N LYS B 330 44.40 -9.42 29.18
CA LYS B 330 43.47 -10.47 28.76
C LYS B 330 42.51 -10.73 29.92
N MET B 331 41.27 -10.27 29.75
CA MET B 331 40.25 -10.42 30.79
C MET B 331 39.43 -11.69 30.55
N GLU B 332 39.12 -12.39 31.64
CA GLU B 332 38.45 -13.70 31.59
C GLU B 332 37.26 -13.65 32.56
N ALA B 333 36.06 -13.50 32.00
CA ALA B 333 34.83 -13.52 32.80
C ALA B 333 34.25 -14.93 32.70
N LYS B 334 34.42 -15.72 33.76
CA LYS B 334 33.99 -17.11 33.78
C LYS B 334 33.22 -17.40 35.06
N ASP B 335 31.96 -17.82 34.91
CA ASP B 335 31.14 -18.29 36.00
C ASP B 335 29.89 -18.92 35.41
N ALA B 336 29.18 -19.67 36.24
CA ALA B 336 27.94 -20.30 35.81
C ALA B 336 26.88 -19.28 35.42
N LEU B 337 27.01 -18.03 35.86
CA LEU B 337 26.07 -16.98 35.50
C LEU B 337 26.01 -16.74 33.99
N TRP B 338 27.07 -17.09 33.26
CA TRP B 338 27.02 -17.03 31.80
C TRP B 338 26.03 -18.02 31.21
N GLU B 339 25.90 -19.21 31.82
CA GLU B 339 24.93 -20.21 31.38
C GLU B 339 23.50 -19.82 31.73
N ILE B 340 23.30 -19.14 32.85
CA ILE B 340 21.95 -18.72 33.24
C ILE B 340 21.42 -17.65 32.29
N GLN B 341 22.28 -16.71 31.90
CA GLN B 341 21.90 -15.62 31.03
C GLN B 341 22.16 -15.92 29.56
N ARG B 342 22.63 -17.13 29.26
CA ARG B 342 22.79 -17.62 27.88
C ARG B 342 23.74 -16.73 27.07
N LEU B 343 25.00 -16.71 27.53
CA LEU B 343 26.07 -16.31 26.64
C LEU B 343 26.28 -17.38 25.56
N MET B 344 25.83 -18.59 25.84
CA MET B 344 25.85 -19.76 24.96
C MET B 344 25.13 -19.54 23.64
N ALA B 345 24.17 -18.61 23.59
CA ALA B 345 23.31 -18.45 22.43
C ALA B 345 23.89 -17.52 21.37
N LEU B 346 25.18 -17.20 21.43
CA LEU B 346 25.79 -16.34 20.42
C LEU B 346 26.09 -17.08 19.13
N LEU B 347 26.01 -18.41 19.13
CA LEU B 347 26.29 -19.21 17.94
C LEU B 347 25.16 -19.17 16.92
N GLY B 348 23.94 -18.85 17.34
CA GLY B 348 22.82 -18.79 16.42
C GLY B 348 22.43 -17.37 16.07
N ASP B 349 23.24 -16.40 16.52
CA ASP B 349 22.99 -14.99 16.31
C ASP B 349 23.46 -14.58 14.91
N PRO B 350 22.73 -13.71 14.20
CA PRO B 350 23.21 -13.25 12.89
C PRO B 350 24.31 -12.21 13.03
N GLU B 351 24.69 -11.89 14.26
CA GLU B 351 25.77 -10.94 14.51
C GLU B 351 26.47 -11.38 15.80
N SER B 352 27.63 -12.01 15.65
CA SER B 352 28.39 -12.49 16.79
C SER B 352 29.25 -11.35 17.32
N ARG B 353 28.70 -10.60 18.28
CA ARG B 353 29.40 -9.45 18.83
C ARG B 353 29.07 -9.34 20.31
N PHE B 354 30.05 -8.91 21.09
CA PHE B 354 29.94 -8.71 22.53
C PHE B 354 30.09 -7.22 22.85
N GLY B 355 29.51 -6.84 23.99
CA GLY B 355 29.66 -5.49 24.51
C GLY B 355 29.40 -5.50 25.99
N GLY B 356 29.89 -4.45 26.65
CA GLY B 356 29.72 -4.34 28.08
C GLY B 356 30.43 -3.11 28.61
N LEU B 357 30.40 -2.98 29.94
CA LEU B 357 31.01 -1.88 30.66
C LEU B 357 32.15 -2.42 31.51
N LEU B 358 33.35 -1.90 31.29
CA LEU B 358 34.51 -2.24 32.10
C LEU B 358 34.78 -1.07 33.05
N MET B 359 34.83 -1.37 34.35
CA MET B 359 34.96 -0.34 35.37
C MET B 359 36.32 -0.44 36.05
N SER B 360 36.91 0.73 36.32
CA SER B 360 38.24 0.82 36.90
C SER B 360 38.23 1.86 38.01
N TRP B 361 39.17 1.74 38.93
CA TRP B 361 39.22 2.62 40.09
C TRP B 361 40.63 3.16 40.30
N ASP B 362 40.70 4.37 40.83
CA ASP B 362 41.93 5.03 41.21
C ASP B 362 42.38 4.55 42.59
N ALA B 363 43.59 4.97 42.98
CA ALA B 363 44.05 4.72 44.34
C ALA B 363 43.23 5.47 45.38
N GLU B 364 42.63 6.60 45.01
CA GLU B 364 41.81 7.39 45.92
C GLU B 364 40.34 6.99 45.90
N GLY B 365 39.94 6.13 44.97
CA GLY B 365 38.57 5.66 44.91
C GLY B 365 37.71 6.24 43.80
N ASN B 366 38.27 6.99 42.86
CA ASN B 366 37.51 7.53 41.74
C ASN B 366 37.32 6.46 40.68
N ARG B 367 36.11 6.45 40.10
CA ARG B 367 35.70 5.38 39.19
C ARG B 367 35.64 5.89 37.75
N HIS B 368 36.18 5.08 36.84
CA HIS B 368 36.14 5.32 35.41
C HIS B 368 35.39 4.17 34.74
N ILE B 369 34.57 4.50 33.75
CA ILE B 369 33.73 3.52 33.06
C ILE B 369 34.06 3.58 31.58
N ASN B 370 34.30 2.42 30.98
CA ASN B 370 34.59 2.32 29.55
C ASN B 370 33.61 1.35 28.90
N SER B 371 32.94 1.79 27.84
CA SER B 371 32.06 0.91 27.08
C SER B 371 32.87 0.20 26.01
N ILE B 372 33.01 -1.12 26.15
CA ILE B 372 33.84 -1.92 25.27
C ILE B 372 32.95 -2.84 24.46
N ALA B 373 33.30 -3.03 23.19
CA ALA B 373 32.57 -3.90 22.30
C ALA B 373 33.51 -4.46 21.24
N GLY B 374 33.09 -5.56 20.63
CA GLY B 374 33.88 -6.19 19.60
C GLY B 374 33.25 -7.46 19.06
N PRO B 375 33.95 -8.11 18.12
CA PRO B 375 33.47 -9.42 17.64
C PRO B 375 34.05 -10.57 18.46
N VAL B 376 33.17 -11.50 18.83
CA VAL B 376 33.54 -12.69 19.59
C VAL B 376 33.60 -13.87 18.65
N ILE B 377 34.59 -14.73 18.84
CA ILE B 377 34.80 -15.92 18.01
C ILE B 377 34.39 -17.13 18.85
N PRO B 378 33.65 -18.09 18.27
CA PRO B 378 33.31 -19.30 19.02
C PRO B 378 34.52 -20.22 19.15
N VAL B 379 34.65 -20.81 20.34
CA VAL B 379 35.71 -21.78 20.63
C VAL B 379 35.04 -23.10 20.96
N PHE B 380 35.24 -24.10 20.10
CA PHE B 380 34.61 -25.40 20.25
C PHE B 380 35.53 -26.30 21.07
N THR B 381 35.25 -26.42 22.37
CA THR B 381 36.08 -27.25 23.24
C THR B 381 35.90 -28.72 22.94
N LYS B 382 34.69 -29.13 22.54
CA LYS B 382 34.47 -30.53 22.16
C LYS B 382 35.29 -30.90 20.93
N LEU B 383 35.43 -29.95 20.00
CA LEU B 383 36.21 -30.13 18.78
C LEU B 383 35.71 -31.31 17.95
N ILE C 1 -51.13 -8.60 21.74
CA ILE C 1 -51.28 -7.15 21.74
C ILE C 1 -50.59 -6.54 20.53
N PHE C 2 -49.96 -7.39 19.70
CA PHE C 2 -49.20 -6.91 18.56
C PHE C 2 -49.90 -7.26 17.25
N ARG C 3 -50.13 -8.54 16.97
CA ARG C 3 -50.82 -9.11 15.80
C ARG C 3 -50.27 -10.51 15.53
N THR C 4 -49.83 -11.20 16.58
CA THR C 4 -49.18 -12.50 16.42
C THR C 4 -50.12 -13.59 15.96
N GLU C 5 -51.38 -13.59 16.44
CA GLU C 5 -52.32 -14.62 16.02
C GLU C 5 -52.63 -14.52 14.53
N GLU C 6 -52.75 -13.29 14.01
CA GLU C 6 -52.95 -13.11 12.58
C GLU C 6 -51.77 -13.64 11.77
N ILE C 7 -50.55 -13.39 12.26
CA ILE C 7 -49.35 -13.88 11.57
C ILE C 7 -49.34 -15.40 11.56
N LEU C 8 -49.65 -16.02 12.70
CA LEU C 8 -49.67 -17.48 12.77
C LEU C 8 -50.77 -18.07 11.89
N LYS C 9 -51.93 -17.42 11.82
CA LYS C 9 -53.00 -17.91 10.94
C LYS C 9 -52.62 -17.78 9.49
N ALA C 10 -51.92 -16.69 9.12
CA ALA C 10 -51.47 -16.54 7.75
C ALA C 10 -50.41 -17.57 7.37
N ALA C 11 -49.63 -18.04 8.36
CA ALA C 11 -48.61 -19.05 8.12
C ALA C 11 -49.18 -20.47 8.08
N LYS C 12 -50.44 -20.65 8.47
CA LYS C 12 -51.10 -21.96 8.46
C LYS C 12 -50.31 -22.98 9.28
N MET C 13 -50.14 -22.70 10.57
CA MET C 13 -49.40 -23.56 11.47
C MET C 13 -50.34 -24.23 12.47
N PRO C 14 -50.41 -25.56 12.48
CA PRO C 14 -51.14 -26.25 13.56
C PRO C 14 -50.45 -26.04 14.89
N PRO C 15 -51.15 -26.26 16.01
CA PRO C 15 -50.54 -25.96 17.32
C PRO C 15 -49.23 -26.69 17.56
N GLU C 16 -49.11 -27.95 17.13
CA GLU C 16 -47.82 -28.63 17.26
C GLU C 16 -46.75 -27.96 16.41
N ALA C 17 -47.12 -27.49 15.21
CA ALA C 17 -46.17 -26.74 14.40
C ALA C 17 -45.77 -25.43 15.07
N VAL C 18 -46.72 -24.77 15.74
CA VAL C 18 -46.39 -23.53 16.46
C VAL C 18 -45.41 -23.82 17.59
N HIS C 19 -45.64 -24.91 18.33
CA HIS C 19 -44.74 -25.27 19.42
C HIS C 19 -43.35 -25.63 18.88
N MET C 20 -43.30 -26.36 17.76
CA MET C 20 -42.04 -26.68 17.12
C MET C 20 -41.31 -25.42 16.64
N SER C 21 -42.05 -24.45 16.11
CA SER C 21 -41.44 -23.17 15.72
C SER C 21 -40.90 -22.43 16.94
N ARG C 22 -41.64 -22.45 18.04
CA ARG C 22 -41.16 -21.79 19.26
C ARG C 22 -39.89 -22.45 19.77
N LEU C 23 -39.82 -23.78 19.71
CA LEU C 23 -38.59 -24.48 20.07
C LEU C 23 -37.44 -24.14 19.14
N ILE C 24 -37.71 -24.01 17.84
CA ILE C 24 -36.67 -23.58 16.90
C ILE C 24 -36.13 -22.22 17.30
N ASP C 25 -37.02 -21.28 17.62
CA ASP C 25 -36.57 -19.96 18.02
C ASP C 25 -35.73 -20.03 19.30
N ALA C 26 -36.23 -20.75 20.30
CA ALA C 26 -35.53 -20.84 21.58
C ALA C 26 -34.18 -21.54 21.46
N VAL C 27 -34.01 -22.38 20.45
CA VAL C 27 -32.71 -23.03 20.26
C VAL C 27 -31.77 -22.16 19.44
N TYR C 28 -32.28 -21.58 18.34
CA TYR C 28 -31.41 -20.88 17.41
C TYR C 28 -31.00 -19.50 17.90
N PHE C 29 -31.90 -18.75 18.54
CA PHE C 29 -31.58 -17.38 18.91
C PHE C 29 -30.40 -17.28 19.87
N PRO C 30 -30.32 -18.08 20.94
CA PRO C 30 -29.09 -18.05 21.75
C PRO C 30 -27.83 -18.42 20.98
N ILE C 31 -27.95 -19.32 20.01
CA ILE C 31 -26.80 -19.68 19.18
C ILE C 31 -26.32 -18.46 18.38
N LEU C 32 -27.26 -17.72 17.79
CA LEU C 32 -26.91 -16.51 17.06
C LEU C 32 -26.32 -15.46 18.00
N ILE C 33 -26.85 -15.34 19.21
CA ILE C 33 -26.32 -14.39 20.18
C ILE C 33 -24.86 -14.72 20.51
N ILE C 34 -24.59 -16.00 20.78
CA ILE C 34 -23.23 -16.40 21.16
C ILE C 34 -22.27 -16.22 19.99
N LEU C 35 -22.73 -16.55 18.77
CA LEU C 35 -21.89 -16.36 17.60
C LEU C 35 -21.57 -14.90 17.38
N LEU C 36 -22.57 -14.02 17.55
CA LEU C 36 -22.31 -12.60 17.44
C LEU C 36 -21.32 -12.14 18.49
N VAL C 37 -21.51 -12.58 19.75
CA VAL C 37 -20.55 -12.25 20.80
C VAL C 37 -19.14 -12.60 20.36
N GLY C 38 -18.90 -13.88 20.09
CA GLY C 38 -17.57 -14.32 19.70
C GLY C 38 -16.97 -13.62 18.50
N THR C 39 -17.65 -13.68 17.36
CA THR C 39 -17.04 -13.20 16.12
C THR C 39 -16.96 -11.68 16.11
N TYR C 40 -18.03 -10.99 16.51
CA TYR C 40 -18.01 -9.53 16.54
C TYR C 40 -16.98 -9.03 17.55
N HIS C 41 -16.85 -9.69 18.70
CA HIS C 41 -15.85 -9.31 19.67
C HIS C 41 -14.45 -9.46 19.10
N MET C 42 -14.16 -10.59 18.45
CA MET C 42 -12.86 -10.78 17.84
C MET C 42 -12.56 -9.70 16.81
N HIS C 43 -13.51 -9.45 15.91
CA HIS C 43 -13.32 -8.46 14.86
C HIS C 43 -13.07 -7.07 15.45
N PHE C 44 -13.89 -6.67 16.43
CA PHE C 44 -13.75 -5.34 17.02
C PHE C 44 -12.42 -5.20 17.76
N MET C 45 -12.04 -6.21 18.55
CA MET C 45 -10.82 -6.08 19.34
C MET C 45 -9.58 -6.10 18.47
N LEU C 46 -9.60 -6.87 17.37
CA LEU C 46 -8.42 -6.95 16.53
C LEU C 46 -8.38 -5.87 15.47
N LEU C 47 -9.45 -5.09 15.31
CA LEU C 47 -9.38 -3.90 14.48
C LEU C 47 -9.37 -2.59 15.27
N ALA C 48 -10.14 -2.51 16.36
CA ALA C 48 -10.22 -1.28 17.14
C ALA C 48 -10.15 -1.49 18.64
N GLY C 49 -9.59 -2.60 19.11
CA GLY C 49 -9.60 -2.90 20.54
C GLY C 49 -8.60 -2.09 21.35
N ASP C 50 -7.56 -1.55 20.72
CA ASP C 50 -6.54 -0.84 21.47
C ASP C 50 -7.08 0.46 22.06
N TRP C 51 -7.82 1.24 21.26
CA TRP C 51 -8.50 2.40 21.81
C TRP C 51 -9.58 2.00 22.79
N ASP C 52 -10.10 0.78 22.64
CA ASP C 52 -11.16 0.29 23.51
C ASP C 52 -10.67 -0.05 24.91
N PHE C 53 -9.44 -0.58 25.01
CA PHE C 53 -8.95 -1.10 26.29
C PHE C 53 -8.66 -0.02 27.32
N TRP C 54 -8.03 1.09 26.90
CA TRP C 54 -7.42 2.01 27.84
C TRP C 54 -8.09 3.37 27.78
N MET C 55 -8.12 4.04 28.94
CA MET C 55 -8.76 5.36 29.04
C MET C 55 -7.98 6.44 28.30
N ASP C 56 -6.66 6.35 28.27
CA ASP C 56 -5.85 7.40 27.67
C ASP C 56 -5.72 7.27 26.16
N TRP C 57 -6.28 6.23 25.55
CA TRP C 57 -6.32 6.10 24.10
C TRP C 57 -7.54 6.73 23.47
N LYS C 58 -8.49 7.19 24.28
CA LYS C 58 -9.74 7.76 23.78
C LYS C 58 -9.50 9.23 23.46
N ASP C 59 -9.16 9.51 22.21
CA ASP C 59 -8.73 10.84 21.79
C ASP C 59 -9.74 11.43 20.81
N ARG C 60 -9.38 12.58 20.25
CA ARG C 60 -10.28 13.32 19.37
C ARG C 60 -10.09 13.00 17.89
N GLN C 61 -9.06 12.25 17.52
CA GLN C 61 -8.77 12.00 16.11
C GLN C 61 -9.05 10.56 15.69
N TRP C 62 -8.45 9.59 16.37
CA TRP C 62 -8.48 8.20 15.93
C TRP C 62 -9.58 7.37 16.57
N TRP C 63 -9.83 7.54 17.87
CA TRP C 63 -10.89 6.78 18.52
C TRP C 63 -12.26 7.01 17.89
N PRO C 64 -12.76 8.26 17.76
CA PRO C 64 -14.11 8.44 17.23
C PRO C 64 -14.21 8.22 15.73
N VAL C 65 -13.09 8.00 15.05
CA VAL C 65 -13.11 7.66 13.64
C VAL C 65 -13.01 6.15 13.44
N VAL C 66 -12.03 5.52 14.08
CA VAL C 66 -11.82 4.08 13.89
C VAL C 66 -12.98 3.29 14.49
N THR C 67 -13.48 3.70 15.67
CA THR C 67 -14.46 2.87 16.35
C THR C 67 -15.75 2.70 15.55
N PRO C 68 -16.43 3.75 15.07
CA PRO C 68 -17.69 3.53 14.33
C PRO C 68 -17.50 2.81 13.01
N ILE C 69 -16.41 3.05 12.30
CA ILE C 69 -16.17 2.37 11.03
C ILE C 69 -16.05 0.87 11.24
N VAL C 70 -15.32 0.47 12.28
CA VAL C 70 -15.21 -0.95 12.61
C VAL C 70 -16.54 -1.51 13.10
N GLY C 71 -17.29 -0.71 13.87
CA GLY C 71 -18.53 -1.23 14.45
C GLY C 71 -19.65 -1.40 13.47
N ILE C 72 -19.72 -0.57 12.43
CA ILE C 72 -20.83 -0.62 11.48
C ILE C 72 -20.84 -1.88 10.63
N THR C 73 -19.70 -2.57 10.53
CA THR C 73 -19.56 -3.67 9.56
C THR C 73 -20.48 -4.83 9.90
N TYR C 74 -20.31 -5.44 11.08
CA TYR C 74 -21.16 -6.55 11.47
C TYR C 74 -22.61 -6.12 11.61
N CYS C 75 -22.86 -4.89 12.06
CA CYS C 75 -24.22 -4.39 12.22
C CYS C 75 -24.96 -4.38 10.89
N SER C 76 -24.32 -3.90 9.83
CA SER C 76 -24.98 -3.84 8.53
C SER C 76 -25.34 -5.23 8.03
N ALA C 77 -24.41 -6.18 8.16
CA ALA C 77 -24.65 -7.53 7.66
C ALA C 77 -25.76 -8.23 8.45
N ILE C 78 -25.73 -8.11 9.77
CA ILE C 78 -26.75 -8.77 10.58
C ILE C 78 -28.11 -8.12 10.37
N MET C 79 -28.14 -6.80 10.21
CA MET C 79 -29.39 -6.12 9.89
C MET C 79 -29.92 -6.58 8.54
N TYR C 80 -29.05 -6.73 7.54
CA TYR C 80 -29.48 -7.28 6.26
C TYR C 80 -30.12 -8.65 6.46
N TYR C 81 -29.40 -9.54 7.16
CA TYR C 81 -29.92 -10.90 7.35
C TYR C 81 -31.29 -10.87 8.00
N LEU C 82 -31.41 -10.19 9.14
CA LEU C 82 -32.67 -10.20 9.88
C LEU C 82 -33.79 -9.55 9.09
N TRP C 83 -33.55 -8.37 8.52
CA TRP C 83 -34.61 -7.63 7.84
C TRP C 83 -35.05 -8.35 6.57
N VAL C 84 -34.09 -8.82 5.75
CA VAL C 84 -34.44 -9.45 4.49
C VAL C 84 -35.12 -10.79 4.72
N ASN C 85 -34.66 -11.57 5.72
CA ASN C 85 -35.20 -12.91 5.86
C ASN C 85 -36.46 -12.97 6.71
N TYR C 86 -36.54 -12.16 7.77
CA TYR C 86 -37.62 -12.27 8.73
C TYR C 86 -38.30 -10.96 9.07
N ARG C 87 -37.86 -9.84 8.48
CA ARG C 87 -38.41 -8.51 8.78
C ARG C 87 -38.26 -8.17 10.26
N GLN C 88 -37.03 -8.31 10.76
CA GLN C 88 -36.73 -8.02 12.15
C GLN C 88 -35.77 -6.84 12.23
N PRO C 89 -36.12 -5.77 12.95
CA PRO C 89 -35.35 -4.52 12.87
C PRO C 89 -34.27 -4.35 13.95
N PHE C 90 -33.96 -5.39 14.72
CA PHE C 90 -33.08 -5.25 15.87
C PHE C 90 -31.66 -5.79 15.61
N GLY C 91 -31.14 -5.61 14.40
CA GLY C 91 -29.85 -6.20 14.08
C GLY C 91 -28.67 -5.48 14.72
N ALA C 92 -28.55 -4.16 14.47
CA ALA C 92 -27.40 -3.42 14.97
C ALA C 92 -27.38 -3.36 16.49
N THR C 93 -28.54 -3.18 17.11
CA THR C 93 -28.62 -3.17 18.57
C THR C 93 -28.19 -4.51 19.14
N LEU C 94 -28.62 -5.61 18.52
CA LEU C 94 -28.20 -6.94 18.96
C LEU C 94 -26.70 -7.11 18.83
N CYS C 95 -26.12 -6.66 17.72
CA CYS C 95 -24.67 -6.76 17.54
C CYS C 95 -23.92 -5.99 18.63
N VAL C 96 -24.33 -4.76 18.89
CA VAL C 96 -23.60 -3.94 19.87
C VAL C 96 -23.80 -4.49 21.28
N VAL C 97 -25.00 -5.00 21.58
CA VAL C 97 -25.25 -5.61 22.89
C VAL C 97 -24.37 -6.83 23.09
N CYS C 98 -24.26 -7.68 22.05
CA CYS C 98 -23.39 -8.84 22.16
C CYS C 98 -21.93 -8.43 22.35
N LEU C 99 -21.48 -7.41 21.59
CA LEU C 99 -20.13 -6.92 21.74
C LEU C 99 -19.86 -6.41 23.15
N LEU C 100 -20.82 -5.66 23.72
CA LEU C 100 -20.64 -5.12 25.06
C LEU C 100 -20.68 -6.21 26.12
N ILE C 101 -21.52 -7.23 25.94
CA ILE C 101 -21.54 -8.36 26.88
C ILE C 101 -20.18 -9.05 26.89
N GLY C 102 -19.65 -9.38 25.72
CA GLY C 102 -18.34 -9.99 25.65
C GLY C 102 -17.26 -9.11 26.24
N GLU C 103 -17.31 -7.81 25.91
CA GLU C 103 -16.30 -6.89 26.41
C GLU C 103 -16.31 -6.81 27.93
N TRP C 104 -17.50 -6.69 28.53
CA TRP C 104 -17.58 -6.62 29.98
C TRP C 104 -17.11 -7.90 30.63
N LEU C 105 -17.47 -9.05 30.07
CA LEU C 105 -17.01 -10.32 30.62
C LEU C 105 -15.49 -10.40 30.62
N THR C 106 -14.86 -10.06 29.49
CA THR C 106 -13.40 -10.14 29.43
C THR C 106 -12.73 -9.07 30.30
N ARG C 107 -13.29 -7.87 30.38
CA ARG C 107 -12.68 -6.86 31.24
C ARG C 107 -12.74 -7.26 32.70
N TYR C 108 -13.87 -7.83 33.14
CA TYR C 108 -13.95 -8.21 34.54
C TYR C 108 -13.07 -9.42 34.84
N TRP C 109 -13.09 -10.42 33.98
CA TRP C 109 -12.34 -11.64 34.28
C TRP C 109 -10.89 -11.59 33.80
N GLY C 110 -10.62 -10.97 32.66
CA GLY C 110 -9.27 -10.93 32.15
C GLY C 110 -8.44 -9.75 32.65
N PHE C 111 -8.92 -8.53 32.43
CA PHE C 111 -8.14 -7.35 32.78
C PHE C 111 -8.09 -7.11 34.29
N TYR C 112 -9.23 -7.27 34.97
CA TYR C 112 -9.32 -6.90 36.37
C TYR C 112 -8.92 -8.06 37.30
N TRP C 113 -9.61 -9.19 37.18
CA TRP C 113 -9.47 -10.23 38.19
C TRP C 113 -8.24 -11.10 37.94
N TRP C 114 -7.64 -10.98 36.76
CA TRP C 114 -6.39 -11.67 36.46
C TRP C 114 -5.19 -10.73 36.36
N SER C 115 -5.32 -9.60 35.66
CA SER C 115 -4.21 -8.69 35.44
C SER C 115 -4.17 -7.55 36.44
N HIS C 116 -5.11 -7.48 37.38
CA HIS C 116 -5.13 -6.51 38.48
C HIS C 116 -5.23 -5.07 38.00
N TYR C 117 -5.86 -4.83 36.85
CA TYR C 117 -6.12 -3.45 36.46
C TYR C 117 -7.47 -3.01 37.01
N PRO C 118 -7.63 -1.72 37.35
CA PRO C 118 -8.93 -1.25 37.86
C PRO C 118 -9.99 -1.27 36.77
N ILE C 119 -11.23 -1.45 37.20
CA ILE C 119 -12.35 -1.56 36.26
C ILE C 119 -12.60 -0.23 35.55
N ASN C 120 -12.49 0.88 36.27
CA ASN C 120 -12.77 2.19 35.68
C ASN C 120 -11.76 2.54 34.60
N PHE C 121 -10.57 1.94 34.65
CA PHE C 121 -9.54 2.22 33.65
C PHE C 121 -9.79 1.48 32.34
N VAL C 122 -10.71 0.53 32.33
CA VAL C 122 -10.95 -0.30 31.15
C VAL C 122 -12.40 -0.24 30.69
N THR C 123 -13.09 0.87 30.93
CA THR C 123 -14.43 1.04 30.38
C THR C 123 -14.34 1.15 28.87
N PRO C 124 -15.21 0.46 28.12
CA PRO C 124 -14.90 0.26 26.68
C PRO C 124 -15.05 1.50 25.80
N GLY C 125 -16.10 2.33 25.92
CA GLY C 125 -17.36 2.07 26.58
C GLY C 125 -18.44 1.66 25.60
N ILE C 126 -19.51 2.46 25.50
CA ILE C 126 -20.70 2.12 24.73
C ILE C 126 -20.57 2.60 23.29
N MET C 127 -21.30 1.90 22.40
CA MET C 127 -21.56 2.35 21.04
C MET C 127 -23.03 2.18 20.66
N LEU C 128 -23.93 2.14 21.64
CA LEU C 128 -25.32 1.70 21.49
C LEU C 128 -26.28 2.72 20.88
N PRO C 129 -26.23 4.01 21.26
CA PRO C 129 -27.19 4.97 20.66
C PRO C 129 -27.15 5.00 19.15
N GLY C 130 -25.97 4.93 18.54
CA GLY C 130 -25.88 4.94 17.10
C GLY C 130 -26.53 3.71 16.47
N ALA C 131 -26.32 2.55 17.07
CA ALA C 131 -26.96 1.33 16.58
C ALA C 131 -28.47 1.41 16.72
N LEU C 132 -28.96 1.93 17.85
CA LEU C 132 -30.40 2.08 18.04
C LEU C 132 -31.00 3.01 17.00
N MET C 133 -30.34 4.16 16.76
CA MET C 133 -30.87 5.09 15.77
C MET C 133 -30.79 4.51 14.36
N LEU C 134 -29.76 3.73 14.07
CA LEU C 134 -29.68 3.04 12.78
C LEU C 134 -30.83 2.04 12.60
N ASP C 135 -31.13 1.28 13.66
CA ASP C 135 -32.27 0.37 13.60
C ASP C 135 -33.59 1.12 13.39
N PHE C 136 -33.76 2.23 14.11
CA PHE C 136 -34.98 3.02 13.96
C PHE C 136 -35.10 3.58 12.55
N THR C 137 -33.98 4.05 11.99
CA THR C 137 -33.99 4.56 10.62
C THR C 137 -34.36 3.47 9.62
N LEU C 138 -33.79 2.28 9.79
CA LEU C 138 -34.11 1.17 8.89
C LEU C 138 -35.58 0.80 8.98
N TYR C 139 -36.13 0.77 10.19
CA TYR C 139 -37.54 0.41 10.34
C TYR C 139 -38.46 1.49 9.77
N LEU C 140 -38.16 2.77 10.05
CA LEU C 140 -39.08 3.83 9.65
C LEU C 140 -39.01 4.14 8.16
N THR C 141 -37.81 4.07 7.56
CA THR C 141 -37.68 4.39 6.15
C THR C 141 -38.02 3.21 5.24
N ARG C 142 -37.73 1.98 5.70
CA ARG C 142 -37.89 0.73 4.95
C ARG C 142 -37.01 0.66 3.71
N ASN C 143 -36.21 1.68 3.44
CA ASN C 143 -35.29 1.69 2.31
C ASN C 143 -33.87 1.60 2.84
N TRP C 144 -33.08 0.67 2.32
CA TRP C 144 -31.74 0.43 2.84
C TRP C 144 -30.71 1.42 2.31
N LEU C 145 -31.02 2.16 1.24
CA LEU C 145 -30.09 3.20 0.78
C LEU C 145 -30.27 4.49 1.56
N VAL C 146 -31.52 4.91 1.77
CA VAL C 146 -31.80 6.01 2.68
C VAL C 146 -31.34 5.65 4.09
N THR C 147 -31.53 4.38 4.46
CA THR C 147 -30.97 3.90 5.72
C THR C 147 -29.46 4.02 5.73
N ALA C 148 -28.79 3.62 4.65
CA ALA C 148 -27.34 3.76 4.59
C ALA C 148 -26.94 5.20 4.87
N LEU C 149 -27.50 6.14 4.11
CA LEU C 149 -27.13 7.54 4.28
C LEU C 149 -27.40 8.04 5.70
N VAL C 150 -28.68 8.04 6.10
CA VAL C 150 -29.06 8.69 7.35
C VAL C 150 -28.50 7.94 8.55
N GLY C 151 -28.65 6.60 8.56
CA GLY C 151 -28.17 5.83 9.68
C GLY C 151 -26.65 5.82 9.81
N GLY C 152 -25.92 5.83 8.69
CA GLY C 152 -24.48 5.96 8.79
C GLY C 152 -24.06 7.32 9.31
N GLY C 153 -24.77 8.37 8.89
CA GLY C 153 -24.52 9.67 9.48
C GLY C 153 -24.75 9.68 10.98
N PHE C 154 -25.87 9.10 11.42
CA PHE C 154 -26.15 9.02 12.85
C PHE C 154 -25.09 8.21 13.58
N PHE C 155 -24.70 7.06 13.01
CA PHE C 155 -23.74 6.18 13.66
C PHE C 155 -22.39 6.86 13.81
N GLY C 156 -21.96 7.59 12.79
CA GLY C 156 -20.69 8.28 12.87
C GLY C 156 -20.72 9.56 13.69
N LEU C 157 -21.91 10.16 13.84
CA LEU C 157 -21.98 11.45 14.54
C LEU C 157 -22.26 11.29 16.02
N LEU C 158 -23.08 10.32 16.41
CA LEU C 158 -23.50 10.19 17.81
C LEU C 158 -22.50 9.45 18.68
N PHE C 159 -21.38 8.99 18.12
CA PHE C 159 -20.44 8.20 18.90
C PHE C 159 -19.82 9.03 20.02
N TYR C 160 -19.27 10.20 19.69
CA TYR C 160 -18.56 11.00 20.67
C TYR C 160 -19.49 11.64 21.70
N PRO C 161 -20.61 12.27 21.30
CA PRO C 161 -21.54 12.79 22.32
C PRO C 161 -22.11 11.71 23.22
N GLY C 162 -22.30 10.49 22.71
CA GLY C 162 -22.83 9.42 23.54
C GLY C 162 -21.82 8.87 24.53
N ASN C 163 -20.54 8.95 24.20
CA ASN C 163 -19.47 8.51 25.10
C ASN C 163 -18.96 9.61 26.02
N TRP C 164 -19.27 10.87 25.70
CA TRP C 164 -18.79 11.98 26.52
C TRP C 164 -19.21 11.90 27.98
N PRO C 165 -20.44 11.50 28.34
CA PRO C 165 -20.75 11.36 29.77
C PRO C 165 -19.88 10.36 30.50
N ILE C 166 -19.31 9.38 29.79
CA ILE C 166 -18.49 8.37 30.45
C ILE C 166 -17.05 8.84 30.60
N PHE C 167 -16.48 9.41 29.54
CA PHE C 167 -15.07 9.76 29.52
C PHE C 167 -14.81 11.25 29.60
N GLY C 168 -15.85 12.07 29.71
CA GLY C 168 -15.69 13.49 29.93
C GLY C 168 -15.06 13.85 31.27
N PRO C 169 -15.54 13.24 32.36
CA PRO C 169 -14.90 13.49 33.67
C PRO C 169 -13.44 13.05 33.72
N THR C 170 -13.00 12.15 32.86
CA THR C 170 -11.61 11.71 32.85
C THR C 170 -10.66 12.72 32.22
N HIS C 171 -11.18 13.81 31.68
CA HIS C 171 -10.37 14.84 31.04
C HIS C 171 -10.06 16.00 31.96
N LEU C 172 -10.39 15.90 33.25
CA LEU C 172 -10.08 16.96 34.19
C LEU C 172 -8.56 17.09 34.35
N PRO C 173 -8.04 18.31 34.42
CA PRO C 173 -6.58 18.49 34.44
C PRO C 173 -6.00 18.20 35.82
N ILE C 174 -4.78 17.65 35.81
CA ILE C 174 -4.00 17.42 37.02
C ILE C 174 -2.58 17.93 36.76
N VAL C 175 -1.89 18.32 37.82
CA VAL C 175 -0.52 18.79 37.72
C VAL C 175 0.37 17.85 38.53
N VAL C 176 1.26 17.15 37.83
CA VAL C 176 2.18 16.20 38.45
C VAL C 176 3.60 16.62 38.10
N GLU C 177 4.43 16.85 39.12
CA GLU C 177 5.82 17.27 38.95
C GLU C 177 5.93 18.48 38.05
N GLY C 178 5.00 19.41 38.22
CA GLY C 178 5.01 20.63 37.44
C GLY C 178 4.62 20.45 35.99
N THR C 179 4.01 19.32 35.64
CA THR C 179 3.58 19.06 34.27
C THR C 179 2.08 18.82 34.25
N LEU C 180 1.42 19.41 33.26
CA LEU C 180 -0.03 19.28 33.12
C LEU C 180 -0.35 17.98 32.39
N LEU C 181 -1.31 17.24 32.93
CA LEU C 181 -1.79 16.00 32.32
C LEU C 181 -3.32 15.94 32.40
N SER C 182 -3.91 15.22 31.47
CA SER C 182 -5.29 14.80 31.65
C SER C 182 -5.32 13.65 32.66
N MET C 183 -6.44 13.55 33.38
CA MET C 183 -6.53 12.52 34.40
C MET C 183 -6.46 11.13 33.80
N ALA C 184 -6.93 10.96 32.56
CA ALA C 184 -6.75 9.69 31.87
C ALA C 184 -5.27 9.40 31.63
N ASP C 185 -4.50 10.43 31.27
CA ASP C 185 -3.06 10.25 31.07
C ASP C 185 -2.37 9.83 32.35
N TYR C 186 -2.73 10.46 33.47
CA TYR C 186 -2.10 10.07 34.74
C TYR C 186 -2.56 8.70 35.20
N MET C 187 -3.81 8.32 34.89
CA MET C 187 -4.24 6.94 35.15
C MET C 187 -3.42 5.95 34.32
N GLY C 188 -3.16 6.29 33.06
CA GLY C 188 -2.33 5.42 32.22
C GLY C 188 -0.90 5.29 32.72
N HIS C 189 -0.32 6.39 33.19
CA HIS C 189 1.03 6.33 33.73
C HIS C 189 1.08 5.62 35.08
N LEU C 190 0.04 5.79 35.90
CA LEU C 190 0.03 5.24 37.25
C LEU C 190 0.06 3.72 37.24
N TYR C 191 -0.76 3.11 36.38
CA TYR C 191 -0.91 1.66 36.33
C TYR C 191 -0.03 1.13 35.21
N VAL C 192 1.07 0.48 35.59
CA VAL C 192 2.14 0.16 34.65
C VAL C 192 1.63 -0.88 33.64
N ARG C 193 1.88 -0.61 32.36
CA ARG C 193 1.62 -1.56 31.28
C ARG C 193 2.98 -1.95 30.71
N THR C 194 3.48 -3.12 31.11
CA THR C 194 4.81 -3.55 30.67
C THR C 194 4.89 -3.71 29.15
N GLY C 195 3.80 -4.09 28.51
CA GLY C 195 3.80 -4.29 27.08
C GLY C 195 3.37 -3.10 26.26
N THR C 196 2.81 -2.07 26.92
CA THR C 196 2.29 -0.89 26.24
C THR C 196 2.99 0.34 26.77
N PRO C 197 4.03 0.83 26.09
CA PRO C 197 4.64 2.12 26.44
C PRO C 197 3.82 3.27 25.87
N GLU C 198 4.25 4.48 26.23
CA GLU C 198 3.53 5.69 25.85
C GLU C 198 3.52 5.91 24.34
N TYR C 199 4.66 5.67 23.67
CA TYR C 199 4.79 6.10 22.29
C TYR C 199 3.93 5.30 21.32
N VAL C 200 3.31 4.20 21.76
CA VAL C 200 2.48 3.40 20.86
C VAL C 200 1.06 3.93 20.75
N ARG C 201 0.70 4.95 21.54
CA ARG C 201 -0.64 5.50 21.49
C ARG C 201 -0.90 6.15 20.13
N HIS C 202 -1.85 5.66 19.35
CA HIS C 202 -2.20 6.37 18.09
C HIS C 202 -3.25 7.45 18.41
N ILE C 203 -2.83 8.54 19.03
CA ILE C 203 -3.79 9.60 19.47
C ILE C 203 -3.45 10.93 18.76
N GLU C 204 -4.33 11.92 18.82
CA GLU C 204 -4.05 13.26 18.26
C GLU C 204 -2.66 13.77 18.71
N GLN C 205 -2.03 14.64 17.91
CA GLN C 205 -0.70 15.20 18.26
C GLN C 205 -0.65 16.68 17.87
N GLY C 206 -1.69 17.21 17.23
CA GLY C 206 -1.72 18.59 16.76
C GLY C 206 -0.94 18.75 15.46
N SER C 207 -1.30 19.76 14.67
CA SER C 207 -0.59 20.04 13.44
C SER C 207 -0.70 21.53 13.14
N LEU C 208 0.18 22.03 12.28
CA LEU C 208 0.12 23.41 11.85
C LEU C 208 -1.02 23.67 10.87
N ARG C 209 -1.66 22.62 10.36
CA ARG C 209 -2.83 22.73 9.51
C ARG C 209 -4.12 22.42 10.26
N THR C 210 -4.06 22.34 11.58
CA THR C 210 -5.15 21.79 12.39
C THR C 210 -5.88 22.91 13.12
N PHE C 211 -7.20 22.86 13.09
CA PHE C 211 -8.04 23.75 13.90
C PHE C 211 -8.50 23.02 15.17
N GLY C 212 -7.78 23.27 16.26
CA GLY C 212 -8.00 22.57 17.51
C GLY C 212 -9.42 22.62 18.04
N GLY C 213 -10.14 23.70 17.73
CA GLY C 213 -11.51 23.82 18.17
C GLY C 213 -12.51 23.02 17.38
N HIS C 214 -12.10 22.49 16.22
CA HIS C 214 -13.00 21.76 15.33
C HIS C 214 -12.64 20.28 15.21
N THR C 215 -11.56 19.84 15.84
CA THR C 215 -11.01 18.50 15.60
C THR C 215 -12.09 17.44 15.69
N THR C 216 -12.70 17.28 16.88
CA THR C 216 -13.72 16.26 17.06
C THR C 216 -14.82 16.39 16.02
N VAL C 217 -15.27 17.62 15.76
CA VAL C 217 -16.32 17.83 14.78
C VAL C 217 -15.94 17.23 13.44
N ILE C 218 -14.71 17.52 12.98
CA ILE C 218 -14.25 16.93 11.73
C ILE C 218 -14.20 15.41 11.87
N ALA C 219 -13.66 14.91 12.98
CA ALA C 219 -13.65 13.47 13.22
C ALA C 219 -15.07 12.92 13.30
N ALA C 220 -16.04 13.75 13.71
CA ALA C 220 -17.42 13.29 13.75
C ALA C 220 -18.01 13.14 12.35
N PHE C 221 -17.51 13.90 11.38
CA PHE C 221 -18.10 13.84 10.05
C PHE C 221 -17.42 12.81 9.17
N PHE C 222 -16.09 12.79 9.19
CA PHE C 222 -15.35 11.78 8.42
C PHE C 222 -15.79 10.38 8.79
N SER C 223 -15.79 10.07 10.08
CA SER C 223 -16.28 8.77 10.55
C SER C 223 -17.71 8.51 10.08
N ALA C 224 -18.53 9.57 9.98
CA ALA C 224 -19.85 9.41 9.41
C ALA C 224 -19.78 9.04 7.94
N PHE C 225 -19.00 9.80 7.16
CA PHE C 225 -18.97 9.61 5.71
C PHE C 225 -18.58 8.19 5.35
N VAL C 226 -17.46 7.71 5.90
CA VAL C 226 -17.02 6.35 5.62
C VAL C 226 -18.09 5.36 6.03
N SER C 227 -18.77 5.62 7.15
CA SER C 227 -19.84 4.73 7.59
C SER C 227 -20.89 4.58 6.50
N MET C 228 -21.29 5.70 5.87
CA MET C 228 -22.27 5.63 4.80
C MET C 228 -21.80 4.72 3.68
N LEU C 229 -20.50 4.73 3.39
CA LEU C 229 -19.96 3.76 2.44
C LEU C 229 -19.98 2.36 3.04
N MET C 230 -19.44 2.21 4.25
CA MET C 230 -19.19 0.88 4.79
C MET C 230 -20.47 0.08 4.90
N PHE C 231 -21.49 0.65 5.54
CA PHE C 231 -22.82 0.05 5.55
C PHE C 231 -23.17 -0.53 4.20
N THR C 232 -23.19 0.33 3.16
CA THR C 232 -23.59 -0.11 1.84
C THR C 232 -22.80 -1.34 1.42
N VAL C 233 -21.47 -1.25 1.51
CA VAL C 233 -20.63 -2.36 1.09
C VAL C 233 -21.02 -3.62 1.86
N TRP C 234 -21.10 -3.51 3.18
CA TRP C 234 -21.37 -4.70 3.97
C TRP C 234 -22.80 -5.17 3.77
N TRP C 235 -23.71 -4.28 3.38
CA TRP C 235 -25.05 -4.71 3.02
C TRP C 235 -24.98 -5.71 1.87
N TYR C 236 -24.18 -5.40 0.86
CA TYR C 236 -23.98 -6.37 -0.22
C TYR C 236 -23.28 -7.62 0.29
N LEU C 237 -22.36 -7.46 1.24
CA LEU C 237 -21.74 -8.63 1.86
C LEU C 237 -22.79 -9.49 2.53
N GLY C 238 -23.85 -8.89 3.07
CA GLY C 238 -24.93 -9.67 3.62
C GLY C 238 -25.51 -10.63 2.61
N LYS C 239 -25.72 -10.16 1.37
CA LYS C 239 -26.20 -11.04 0.31
C LYS C 239 -25.21 -12.18 0.05
N VAL C 240 -23.92 -11.91 0.22
CA VAL C 240 -22.94 -12.98 0.12
C VAL C 240 -23.06 -13.94 1.29
N TYR C 241 -23.34 -13.42 2.48
CA TYR C 241 -23.41 -14.26 3.67
C TYR C 241 -24.68 -15.10 3.72
N CYS C 242 -25.71 -14.74 2.96
CA CYS C 242 -26.95 -15.49 2.92
C CYS C 242 -27.01 -16.47 1.75
N THR C 243 -25.90 -16.64 1.03
CA THR C 243 -25.83 -17.56 -0.10
C THR C 243 -25.90 -18.98 0.44
N ALA C 244 -26.97 -19.70 0.08
CA ALA C 244 -27.26 -21.02 0.63
C ALA C 244 -27.58 -21.98 -0.53
N PHE C 245 -26.54 -22.67 -1.02
CA PHE C 245 -26.74 -23.62 -2.11
C PHE C 245 -25.93 -24.88 -1.81
N PHE C 246 -26.20 -25.93 -2.59
CA PHE C 246 -25.54 -27.22 -2.47
C PHE C 246 -24.84 -27.58 -3.76
N TYR C 247 -23.69 -28.24 -3.63
CA TYR C 247 -22.98 -28.80 -4.79
C TYR C 247 -23.45 -30.23 -5.02
N VAL C 248 -24.40 -30.37 -5.92
CA VAL C 248 -24.99 -31.70 -6.15
C VAL C 248 -24.22 -32.20 -7.36
N LYS C 249 -24.16 -33.50 -7.59
CA LYS C 249 -23.47 -34.09 -8.76
C LYS C 249 -24.25 -35.28 -9.32
N GLY C 250 -24.16 -35.56 -10.62
CA GLY C 250 -24.75 -36.79 -11.17
C GLY C 250 -24.15 -37.23 -12.49
N LYS C 251 -24.07 -38.55 -12.80
CA LYS C 251 -23.64 -39.10 -14.13
C LYS C 251 -22.16 -38.87 -14.53
N ARG C 252 -21.90 -38.01 -15.50
CA ARG C 252 -20.49 -37.70 -15.86
C ARG C 252 -19.71 -37.31 -14.59
N GLY C 253 -20.40 -36.95 -13.52
CA GLY C 253 -19.78 -36.52 -12.28
C GLY C 253 -19.78 -35.04 -12.26
N ARG C 254 -20.71 -34.43 -12.94
CA ARG C 254 -20.73 -32.95 -13.05
C ARG C 254 -21.34 -32.34 -11.80
N ILE C 255 -20.83 -31.18 -11.33
CA ILE C 255 -21.34 -30.53 -10.08
C ILE C 255 -22.19 -29.34 -10.49
N VAL C 256 -23.38 -29.28 -9.96
CA VAL C 256 -24.26 -28.14 -10.24
C VAL C 256 -24.71 -27.49 -8.95
N HIS C 257 -24.75 -26.18 -8.88
CA HIS C 257 -25.36 -25.46 -7.78
C HIS C 257 -26.86 -25.73 -7.75
N ARG C 258 -27.37 -26.14 -6.59
CA ARG C 258 -28.79 -26.39 -6.41
C ARG C 258 -29.29 -25.66 -5.17
N ASN C 259 -30.48 -25.07 -5.27
CA ASN C 259 -31.09 -24.33 -4.19
C ASN C 259 -32.31 -25.06 -3.68
N ASP C 260 -32.39 -25.24 -2.36
CA ASP C 260 -33.60 -25.78 -1.74
C ASP C 260 -34.58 -24.63 -1.53
N VAL C 261 -35.80 -24.80 -2.02
CA VAL C 261 -36.79 -23.73 -2.02
C VAL C 261 -37.86 -24.03 -0.99
N THR C 262 -38.48 -22.96 -0.49
CA THR C 262 -39.60 -23.08 0.45
C THR C 262 -40.88 -23.36 -0.33
N ALA C 263 -41.51 -24.50 -0.03
CA ALA C 263 -42.74 -24.85 -0.73
C ALA C 263 -43.88 -23.90 -0.42
N PHE C 264 -43.94 -23.40 0.82
CA PHE C 264 -45.01 -22.48 1.20
C PHE C 264 -44.95 -21.19 0.39
N GLY C 265 -43.76 -20.82 -0.09
CA GLY C 265 -43.61 -19.57 -0.82
C GLY C 265 -43.98 -19.65 -2.29
N GLU C 266 -44.47 -20.80 -2.75
CA GLU C 266 -44.81 -20.95 -4.16
C GLU C 266 -46.15 -20.28 -4.45
N GLU C 267 -46.54 -20.33 -5.73
CA GLU C 267 -47.69 -19.58 -6.20
C GLU C 267 -49.00 -20.07 -5.59
N GLY C 268 -49.26 -21.37 -5.66
CA GLY C 268 -50.56 -21.89 -5.25
C GLY C 268 -50.52 -22.83 -4.07
N PHE C 269 -49.35 -23.00 -3.46
CA PHE C 269 -49.19 -23.93 -2.35
C PHE C 269 -50.06 -23.60 -1.15
N PRO C 270 -50.11 -22.35 -0.67
CA PRO C 270 -50.95 -22.06 0.51
C PRO C 270 -52.41 -22.39 0.31
N GLU C 271 -52.96 -22.17 -0.90
CA GLU C 271 -54.37 -22.46 -1.13
C GLU C 271 -54.67 -23.95 -1.15
N GLY C 272 -53.72 -24.77 -1.58
CA GLY C 272 -53.93 -26.21 -1.61
C GLY C 272 -53.68 -26.93 -0.31
N ILE C 273 -53.23 -26.21 0.73
CA ILE C 273 -52.98 -26.81 2.03
C ILE C 273 -54.27 -27.32 2.63
N LYS C 274 -55.33 -26.52 2.54
CA LYS C 274 -56.63 -26.91 3.07
C LYS C 274 -57.27 -27.98 2.20
N ASP D 1 -57.60 12.46 -23.70
CA ASP D 1 -58.91 12.66 -23.02
C ASP D 1 -59.15 14.14 -22.80
N ALA D 2 -59.69 14.51 -21.64
CA ALA D 2 -59.89 15.93 -21.32
C ALA D 2 -59.20 16.19 -19.99
N ALA D 3 -59.35 15.28 -19.04
CA ALA D 3 -58.66 15.44 -17.75
C ALA D 3 -57.15 15.50 -17.98
N THR D 4 -56.62 14.87 -19.04
CA THR D 4 -55.19 15.03 -19.34
C THR D 4 -54.98 16.48 -19.69
N THR D 5 -55.71 17.00 -20.67
CA THR D 5 -55.45 18.38 -21.12
C THR D 5 -55.65 19.30 -19.97
N GLN D 6 -56.56 18.99 -19.05
CA GLN D 6 -56.85 19.92 -17.94
C GLN D 6 -55.95 19.66 -16.74
N ARG D 7 -55.70 18.41 -16.37
CA ARG D 7 -54.78 18.23 -15.23
C ARG D 7 -53.42 18.83 -15.60
N GLU D 8 -53.06 18.87 -16.88
CA GLU D 8 -51.72 19.31 -17.30
C GLU D 8 -51.72 20.81 -17.57
N ILE D 9 -52.87 21.41 -17.85
CA ILE D 9 -52.97 22.87 -18.04
C ILE D 9 -52.98 23.48 -16.63
N GLU D 10 -53.35 22.68 -15.64
CA GLU D 10 -53.38 23.15 -14.24
C GLU D 10 -51.99 23.01 -13.61
N LYS D 11 -51.19 22.03 -13.98
CA LYS D 11 -49.82 21.99 -13.43
C LYS D 11 -48.89 22.93 -14.22
N ASN D 12 -49.25 23.43 -15.39
CA ASN D 12 -48.36 24.43 -16.01
C ASN D 12 -48.47 25.69 -15.21
N SER D 13 -49.68 26.22 -15.02
CA SER D 13 -49.91 27.44 -14.23
C SER D 13 -49.62 27.23 -12.75
N GLY D 14 -49.69 26.02 -12.27
CA GLY D 14 -49.34 25.76 -10.89
C GLY D 14 -47.86 25.78 -10.68
N ALA D 15 -47.08 25.25 -11.62
CA ALA D 15 -45.61 25.12 -11.50
C ALA D 15 -44.94 26.44 -11.73
N TRP D 16 -45.51 27.27 -12.58
CA TRP D 16 -44.94 28.58 -12.89
C TRP D 16 -45.21 29.54 -11.77
N LYS D 17 -45.97 29.18 -10.75
CA LYS D 17 -46.14 30.11 -9.62
C LYS D 17 -45.41 29.57 -8.41
N VAL D 18 -45.19 28.28 -8.28
CA VAL D 18 -44.37 27.83 -7.15
C VAL D 18 -42.94 28.19 -7.49
N ILE D 19 -42.71 28.74 -8.67
CA ILE D 19 -41.35 29.11 -9.16
C ILE D 19 -41.22 30.58 -8.83
N LEU D 20 -42.31 31.35 -8.97
CA LEU D 20 -42.24 32.83 -8.83
C LEU D 20 -42.52 33.26 -7.41
N VAL D 21 -43.09 32.41 -6.59
CA VAL D 21 -43.29 32.74 -5.16
C VAL D 21 -42.10 32.17 -4.40
N SER D 22 -41.34 31.24 -4.96
CA SER D 22 -40.11 30.77 -4.29
C SER D 22 -38.95 31.69 -4.70
N THR D 23 -38.96 32.20 -5.93
CA THR D 23 -37.90 33.13 -6.38
C THR D 23 -37.94 34.28 -5.44
N ALA D 24 -39.06 34.98 -5.39
CA ALA D 24 -39.20 36.14 -4.50
C ALA D 24 -38.84 35.79 -3.07
N ALA D 25 -39.56 34.91 -2.43
CA ALA D 25 -39.28 34.64 -1.01
C ALA D 25 -37.82 34.33 -0.81
N PHE D 26 -37.28 33.30 -1.43
CA PHE D 26 -35.89 32.87 -1.17
C PHE D 26 -34.92 34.02 -1.19
N ILE D 27 -35.14 35.03 -2.02
CA ILE D 27 -34.29 36.26 -2.10
C ILE D 27 -34.60 37.19 -0.92
N VAL D 28 -35.81 37.18 -0.39
CA VAL D 28 -36.25 38.05 0.72
C VAL D 28 -35.91 37.37 2.03
N ILE D 29 -35.90 36.05 2.07
CA ILE D 29 -35.65 35.35 3.36
C ILE D 29 -34.15 35.34 3.61
N GLY D 30 -33.34 35.32 2.56
CA GLY D 30 -31.87 35.27 2.67
C GLY D 30 -31.32 36.63 2.87
N ALA D 31 -32.00 37.69 2.44
CA ALA D 31 -31.56 39.05 2.78
C ALA D 31 -31.87 39.30 4.25
N ILE D 32 -33.11 39.17 4.63
CA ILE D 32 -33.51 39.28 6.05
C ILE D 32 -32.47 38.50 6.83
N ILE D 33 -31.90 37.48 6.24
CA ILE D 33 -30.87 36.83 7.03
C ILE D 33 -29.53 37.56 6.87
N TRP D 34 -29.20 37.98 5.66
CA TRP D 34 -27.93 38.68 5.43
C TRP D 34 -27.89 40.02 6.13
N PHE D 35 -28.94 40.84 5.99
CA PHE D 35 -28.92 42.17 6.57
C PHE D 35 -29.24 42.19 8.06
N GLY D 36 -29.82 41.11 8.59
CA GLY D 36 -30.10 41.05 10.01
C GLY D 36 -29.01 40.44 10.86
N GLY D 37 -28.08 39.72 10.26
CA GLY D 37 -27.00 39.09 11.00
C GLY D 37 -27.49 38.09 12.02
N ILE D 38 -28.42 37.22 11.63
CA ILE D 38 -28.99 36.24 12.54
C ILE D 38 -27.94 35.15 12.79
N GLY D 39 -27.41 35.10 14.00
CA GLY D 39 -26.38 34.14 14.34
C GLY D 39 -25.04 34.77 14.61
N ASP E 1 -12.01 -33.84 -52.37
CA ASP E 1 -12.24 -33.41 -53.77
C ASP E 1 -10.94 -33.49 -54.55
N ALA E 2 -10.69 -32.50 -55.40
CA ALA E 2 -9.41 -32.45 -56.13
C ALA E 2 -8.78 -31.09 -55.86
N ALA E 3 -9.58 -30.04 -55.88
CA ALA E 3 -9.05 -28.69 -55.55
C ALA E 3 -8.45 -28.72 -54.13
N THR E 4 -8.95 -29.56 -53.23
CA THR E 4 -8.30 -29.66 -51.91
C THR E 4 -6.92 -30.22 -52.14
N THR E 5 -6.81 -31.37 -52.81
CA THR E 5 -5.49 -31.99 -52.95
C THR E 5 -4.59 -31.05 -53.68
N GLN E 6 -5.13 -30.25 -54.59
CA GLN E 6 -4.25 -29.36 -55.40
C GLN E 6 -4.05 -28.01 -54.72
N ARG E 7 -5.07 -27.41 -54.14
CA ARG E 7 -4.78 -26.14 -53.45
C ARG E 7 -3.76 -26.39 -52.33
N GLU E 8 -3.73 -27.58 -51.77
CA GLU E 8 -2.86 -27.88 -50.60
C GLU E 8 -1.50 -28.38 -51.07
N ILE E 9 -1.40 -28.91 -52.26
CA ILE E 9 -0.10 -29.37 -52.83
C ILE E 9 0.59 -28.11 -53.33
N GLU E 10 -0.17 -27.06 -53.59
CA GLU E 10 0.38 -25.78 -54.05
C GLU E 10 0.83 -24.93 -52.87
N LYS E 11 0.18 -25.01 -51.72
CA LYS E 11 0.71 -24.26 -50.55
C LYS E 11 1.84 -25.05 -49.86
N ASN E 12 2.06 -26.32 -50.14
CA ASN E 12 3.24 -26.97 -49.54
C ASN E 12 4.45 -26.41 -50.25
N SER E 13 4.49 -26.50 -51.56
CA SER E 13 5.62 -25.97 -52.36
C SER E 13 5.69 -24.44 -52.31
N GLY E 14 4.59 -23.78 -52.06
CA GLY E 14 4.63 -22.33 -51.92
C GLY E 14 5.20 -21.92 -50.60
N ALA E 15 4.92 -22.63 -49.51
CA ALA E 15 5.34 -22.26 -48.16
C ALA E 15 6.78 -22.62 -47.94
N TRP E 16 7.25 -23.66 -48.58
CA TRP E 16 8.65 -24.10 -48.45
C TRP E 16 9.55 -23.21 -49.25
N LYS E 17 9.04 -22.27 -50.03
CA LYS E 17 9.94 -21.35 -50.74
C LYS E 17 9.84 -19.97 -50.13
N VAL E 18 8.75 -19.60 -49.50
CA VAL E 18 8.75 -18.29 -48.82
C VAL E 18 9.58 -18.48 -47.56
N ILE E 19 10.05 -19.68 -47.30
CA ILE E 19 10.84 -20.01 -46.08
C ILE E 19 12.28 -19.92 -46.54
N LEU E 20 12.57 -20.34 -47.77
CA LEU E 20 13.98 -20.44 -48.24
C LEU E 20 14.42 -19.18 -48.94
N VAL E 21 13.51 -18.32 -49.32
CA VAL E 21 13.88 -17.01 -49.91
C VAL E 21 13.88 -15.99 -48.77
N SER E 22 13.23 -16.28 -47.64
CA SER E 22 13.33 -15.36 -46.49
C SER E 22 14.56 -15.74 -45.66
N THR E 23 14.91 -17.02 -45.60
CA THR E 23 16.10 -17.46 -44.86
C THR E 23 17.24 -16.74 -45.48
N ALA E 24 17.49 -16.97 -46.76
CA ALA E 24 18.60 -16.33 -47.46
C ALA E 24 18.56 -14.82 -47.29
N ALA E 25 17.54 -14.16 -47.78
CA ALA E 25 17.54 -12.68 -47.71
C ALA E 25 17.81 -12.22 -46.30
N PHE E 26 16.99 -12.58 -45.32
CA PHE E 26 17.13 -12.03 -43.96
C PHE E 26 18.55 -12.11 -43.47
N ILE E 27 19.32 -13.12 -43.84
CA ILE E 27 20.76 -13.27 -43.47
C ILE E 27 21.63 -12.33 -44.31
N VAL E 28 21.23 -11.99 -45.53
CA VAL E 28 21.97 -11.11 -46.46
C VAL E 28 21.61 -9.67 -46.16
N ILE E 29 20.40 -9.41 -45.70
CA ILE E 29 19.97 -8.00 -45.49
C ILE E 29 20.54 -7.53 -44.16
N GLY E 30 20.72 -8.43 -43.20
CA GLY E 30 21.22 -8.10 -41.87
C GLY E 30 22.70 -8.05 -41.87
N ALA E 31 23.38 -8.74 -42.77
CA ALA E 31 24.84 -8.57 -42.90
C ALA E 31 25.12 -7.23 -43.57
N ILE E 32 24.57 -7.01 -44.74
CA ILE E 32 24.66 -5.71 -45.42
C ILE E 32 24.41 -4.67 -44.35
N ILE E 33 23.62 -5.00 -43.37
CA ILE E 33 23.48 -3.96 -42.34
C ILE E 33 24.62 -4.03 -41.35
N TRP E 34 25.01 -5.24 -40.93
CA TRP E 34 26.09 -5.39 -39.98
C TRP E 34 27.43 -4.92 -40.54
N PHE E 35 27.78 -5.35 -41.75
CA PHE E 35 29.09 -5.01 -42.32
C PHE E 35 29.13 -3.60 -42.91
N GLY E 36 27.97 -2.98 -43.17
CA GLY E 36 27.96 -1.63 -43.69
C GLY E 36 27.89 -0.54 -42.66
N GLY E 37 27.50 -0.88 -41.42
CA GLY E 37 27.39 0.11 -40.36
C GLY E 37 26.39 1.21 -40.67
N ILE E 38 25.21 0.83 -41.16
CA ILE E 38 24.17 1.80 -41.52
C ILE E 38 23.58 2.36 -40.23
N GLY E 39 23.86 3.64 -39.97
CA GLY E 39 23.38 4.28 -38.76
C GLY E 39 24.49 4.65 -37.80
N ASP F 1 -40.93 -47.22 11.12
CA ASP F 1 -40.76 -48.69 11.04
C ASP F 1 -40.43 -49.24 12.43
N ALA F 2 -39.51 -50.19 12.49
CA ALA F 2 -39.08 -50.72 13.80
C ALA F 2 -37.57 -50.58 13.86
N ALA F 3 -36.88 -50.90 12.77
CA ALA F 3 -35.42 -50.73 12.73
C ALA F 3 -35.07 -49.26 13.01
N THR F 4 -35.94 -48.31 12.65
CA THR F 4 -35.66 -46.91 12.99
C THR F 4 -35.70 -46.83 14.50
N THR F 5 -36.79 -47.26 15.13
CA THR F 5 -36.90 -47.09 16.58
C THR F 5 -35.78 -47.82 17.24
N GLN F 6 -35.31 -48.92 16.66
CA GLN F 6 -34.26 -49.73 17.33
C GLN F 6 -32.86 -49.27 16.92
N ARG F 7 -32.62 -48.96 15.67
CA ARG F 7 -31.27 -48.46 15.35
C ARG F 7 -31.02 -47.19 16.14
N GLU F 8 -32.05 -46.42 16.46
CA GLU F 8 -31.88 -45.11 17.12
C GLU F 8 -31.90 -45.25 18.63
N ILE F 9 -32.48 -46.31 19.15
CA ILE F 9 -32.49 -46.59 20.62
C ILE F 9 -31.12 -47.18 20.92
N GLU F 10 -30.46 -47.74 19.92
CA GLU F 10 -29.11 -48.32 20.10
C GLU F 10 -28.04 -47.24 19.96
N LYS F 11 -28.23 -46.20 19.16
CA LYS F 11 -27.23 -45.12 19.16
C LYS F 11 -27.47 -44.14 20.32
N ASN F 12 -28.60 -44.15 21.01
CA ASN F 12 -28.70 -43.28 22.19
C ASN F 12 -27.82 -43.87 23.25
N SER F 13 -28.02 -45.13 23.59
CA SER F 13 -27.20 -45.82 24.62
C SER F 13 -25.76 -46.01 24.15
N GLY F 14 -25.52 -46.06 22.86
CA GLY F 14 -24.15 -46.16 22.38
C GLY F 14 -23.43 -44.87 22.50
N ALA F 15 -24.07 -43.74 22.25
CA ALA F 15 -23.44 -42.41 22.24
C ALA F 15 -23.22 -41.92 23.63
N TRP F 16 -24.08 -42.29 24.56
CA TRP F 16 -23.97 -41.87 25.96
C TRP F 16 -22.90 -42.67 26.64
N LYS F 17 -22.30 -43.66 26.02
CA LYS F 17 -21.18 -44.37 26.68
C LYS F 17 -19.88 -44.02 26.00
N VAL F 18 -19.87 -43.64 24.74
CA VAL F 18 -18.59 -43.20 24.15
C VAL F 18 -18.33 -41.82 24.72
N ILE F 19 -19.24 -41.29 25.51
CA ILE F 19 -19.13 -39.93 26.10
C ILE F 19 -18.56 -40.16 27.47
N LEU F 20 -18.98 -41.24 28.15
CA LEU F 20 -18.61 -41.47 29.56
C LEU F 20 -17.35 -42.29 29.68
N VAL F 21 -16.93 -42.95 28.64
CA VAL F 21 -15.65 -43.69 28.65
C VAL F 21 -14.59 -42.76 28.07
N SER F 22 -14.97 -41.71 27.34
CA SER F 22 -13.96 -40.72 26.88
C SER F 22 -13.77 -39.66 27.97
N THR F 23 -14.83 -39.33 28.72
CA THR F 23 -14.72 -38.35 29.81
C THR F 23 -13.71 -38.90 30.74
N ALA F 24 -13.96 -40.07 31.31
CA ALA F 24 -13.03 -40.70 32.25
C ALA F 24 -11.63 -40.79 31.66
N ALA F 25 -11.44 -41.53 30.60
CA ALA F 25 -10.07 -41.73 30.10
C ALA F 25 -9.40 -40.39 29.90
N PHE F 26 -9.93 -39.51 29.06
CA PHE F 26 -9.23 -38.24 28.72
C PHE F 26 -8.73 -37.53 29.95
N ILE F 27 -9.43 -37.61 31.08
CA ILE F 27 -9.00 -36.99 32.37
C ILE F 27 -7.89 -37.85 33.03
N VAL F 28 -7.86 -39.15 32.79
CA VAL F 28 -6.87 -40.08 33.37
C VAL F 28 -5.64 -40.10 32.48
N ILE F 29 -5.79 -39.88 31.20
CA ILE F 29 -4.63 -39.99 30.27
C ILE F 29 -3.84 -38.69 30.37
N GLY F 30 -4.50 -37.57 30.64
CA GLY F 30 -3.87 -36.25 30.72
C GLY F 30 -3.28 -36.03 32.06
N ALA F 31 -3.78 -36.68 33.10
CA ALA F 31 -3.11 -36.61 34.41
C ALA F 31 -1.83 -37.45 34.34
N ILE F 32 -1.96 -38.71 34.01
CA ILE F 32 -0.79 -39.59 33.80
C ILE F 32 0.20 -38.76 32.99
N ILE F 33 -0.28 -37.86 32.16
CA ILE F 33 0.72 -37.07 31.47
C ILE F 33 1.18 -35.91 32.35
N TRP F 34 0.25 -35.25 33.03
CA TRP F 34 0.62 -34.11 33.87
C TRP F 34 1.47 -34.54 35.06
N PHE F 35 1.08 -35.59 35.77
CA PHE F 35 1.81 -35.99 36.97
C PHE F 35 3.06 -36.80 36.67
N GLY F 36 3.18 -37.34 35.45
CA GLY F 36 4.37 -38.08 35.09
C GLY F 36 5.47 -37.27 34.43
N GLY F 37 5.14 -36.08 33.94
CA GLY F 37 6.12 -35.24 33.28
C GLY F 37 6.75 -35.88 32.05
N ILE F 38 5.91 -36.46 31.19
CA ILE F 38 6.40 -37.14 29.99
C ILE F 38 6.83 -36.08 28.99
N GLY F 39 8.14 -36.00 28.76
CA GLY F 39 8.69 -35.01 27.86
C GLY F 39 9.52 -33.96 28.55
N ILE G 1 -24.50 14.75 -48.37
CA ILE G 1 -23.21 14.49 -49.01
C ILE G 1 -22.52 13.32 -48.33
N PHE G 2 -23.15 12.75 -47.30
CA PHE G 2 -22.56 11.68 -46.52
C PHE G 2 -23.26 10.35 -46.79
N ARG G 3 -24.57 10.26 -46.51
CA ARG G 3 -25.46 9.11 -46.71
C ARG G 3 -26.58 9.16 -45.68
N THR G 4 -26.95 10.37 -45.24
CA THR G 4 -27.92 10.54 -44.17
C THR G 4 -29.33 10.12 -44.58
N GLU G 5 -29.74 10.40 -45.82
CA GLU G 5 -31.08 10.02 -46.26
C GLU G 5 -31.25 8.50 -46.27
N GLU G 6 -30.21 7.77 -46.69
CA GLU G 6 -30.27 6.31 -46.64
C GLU G 6 -30.41 5.80 -45.22
N ILE G 7 -29.67 6.41 -44.28
CA ILE G 7 -29.76 6.01 -42.87
C ILE G 7 -31.16 6.26 -42.33
N LEU G 8 -31.74 7.43 -42.65
CA LEU G 8 -33.09 7.73 -42.19
C LEU G 8 -34.13 6.81 -42.81
N LYS G 9 -33.96 6.45 -44.08
CA LYS G 9 -34.89 5.51 -44.72
C LYS G 9 -34.77 4.13 -44.12
N ALA G 10 -33.55 3.70 -43.77
CA ALA G 10 -33.39 2.41 -43.13
C ALA G 10 -33.99 2.38 -41.73
N ALA G 11 -34.04 3.54 -41.06
CA ALA G 11 -34.63 3.63 -39.73
C ALA G 11 -36.14 3.75 -39.76
N LYS G 12 -36.74 3.96 -40.94
CA LYS G 12 -38.19 4.07 -41.09
C LYS G 12 -38.77 5.15 -40.19
N MET G 13 -38.30 6.39 -40.39
CA MET G 13 -38.74 7.53 -39.59
C MET G 13 -39.61 8.47 -40.43
N PRO G 14 -40.86 8.69 -40.06
CA PRO G 14 -41.66 9.74 -40.69
C PRO G 14 -41.07 11.11 -40.41
N PRO G 15 -41.43 12.13 -41.21
CA PRO G 15 -40.80 13.44 -41.02
C PRO G 15 -40.96 14.01 -39.62
N GLU G 16 -42.13 13.82 -38.99
CA GLU G 16 -42.27 14.25 -37.60
C GLU G 16 -41.35 13.48 -36.67
N ALA G 17 -41.17 12.18 -36.93
CA ALA G 17 -40.21 11.41 -36.15
C ALA G 17 -38.78 11.90 -36.37
N VAL G 18 -38.44 12.30 -37.60
CA VAL G 18 -37.12 12.84 -37.87
C VAL G 18 -36.91 14.15 -37.09
N HIS G 19 -37.93 15.01 -37.09
CA HIS G 19 -37.82 16.27 -36.36
C HIS G 19 -37.70 16.02 -34.85
N MET G 20 -38.46 15.05 -34.33
CA MET G 20 -38.37 14.67 -32.93
C MET G 20 -36.99 14.12 -32.58
N SER G 21 -36.41 13.32 -33.49
CA SER G 21 -35.05 12.83 -33.29
C SER G 21 -34.04 13.97 -33.29
N ARG G 22 -34.21 14.94 -34.20
CA ARG G 22 -33.31 16.09 -34.22
C ARG G 22 -33.40 16.89 -32.94
N LEU G 23 -34.62 17.06 -32.41
CA LEU G 23 -34.77 17.72 -31.12
C LEU G 23 -34.13 16.93 -29.98
N ILE G 24 -34.24 15.60 -30.02
CA ILE G 24 -33.57 14.79 -29.01
C ILE G 24 -32.07 15.02 -29.06
N ASP G 25 -31.49 15.03 -30.26
CA ASP G 25 -30.06 15.28 -30.38
C ASP G 25 -29.70 16.66 -29.85
N ALA G 26 -30.45 17.69 -30.27
CA ALA G 26 -30.13 19.05 -29.85
C ALA G 26 -30.30 19.26 -28.36
N VAL G 27 -31.12 18.45 -27.70
CA VAL G 27 -31.26 18.57 -26.25
C VAL G 27 -30.20 17.77 -25.53
N TYR G 28 -29.95 16.53 -25.96
CA TYR G 28 -29.09 15.63 -25.21
C TYR G 28 -27.61 15.94 -25.40
N PHE G 29 -27.19 16.32 -26.62
CA PHE G 29 -25.76 16.48 -26.87
C PHE G 29 -25.14 17.58 -26.02
N PRO G 30 -25.74 18.77 -25.88
CA PRO G 30 -25.18 19.76 -24.93
C PRO G 30 -25.14 19.25 -23.50
N ILE G 31 -26.12 18.45 -23.09
CA ILE G 31 -26.10 17.87 -21.75
C ILE G 31 -24.89 16.96 -21.56
N LEU G 32 -24.62 16.11 -22.55
CA LEU G 32 -23.44 15.26 -22.49
C LEU G 32 -22.16 16.09 -22.50
N ILE G 33 -22.12 17.17 -23.28
CA ILE G 33 -20.94 18.03 -23.31
C ILE G 33 -20.69 18.63 -21.94
N ILE G 34 -21.73 19.16 -21.30
CA ILE G 34 -21.57 19.80 -19.99
C ILE G 34 -21.18 18.77 -18.93
N LEU G 35 -21.77 17.57 -19.00
CA LEU G 35 -21.41 16.53 -18.04
C LEU G 35 -19.96 16.12 -18.21
N LEU G 36 -19.50 15.99 -19.46
CA LEU G 36 -18.09 15.68 -19.68
C LEU G 36 -17.20 16.79 -19.13
N VAL G 37 -17.55 18.05 -19.42
CA VAL G 37 -16.79 19.17 -18.88
C VAL G 37 -16.63 19.01 -17.37
N GLY G 38 -17.76 19.00 -16.65
CA GLY G 38 -17.72 18.90 -15.21
C GLY G 38 -16.97 17.71 -14.65
N THR G 39 -17.40 16.50 -15.02
CA THR G 39 -16.86 15.31 -14.38
C THR G 39 -15.41 15.05 -14.82
N TYR G 40 -15.13 15.16 -16.11
CA TYR G 40 -13.78 14.96 -16.60
C TYR G 40 -12.83 16.01 -16.02
N HIS G 41 -13.29 17.26 -15.92
CA HIS G 41 -12.46 18.30 -15.32
C HIS G 41 -12.14 17.99 -13.88
N MET G 42 -13.15 17.59 -13.09
CA MET G 42 -12.91 17.22 -11.70
C MET G 42 -11.91 16.08 -11.59
N HIS G 43 -12.12 15.02 -12.37
CA HIS G 43 -11.23 13.86 -12.32
C HIS G 43 -9.80 14.24 -12.68
N PHE G 44 -9.62 15.00 -13.76
CA PHE G 44 -8.29 15.38 -14.21
C PHE G 44 -7.60 16.29 -13.19
N MET G 45 -8.32 17.28 -12.66
CA MET G 45 -7.66 18.22 -11.75
C MET G 45 -7.32 17.56 -10.42
N LEU G 46 -8.16 16.62 -9.95
CA LEU G 46 -7.88 16.00 -8.67
C LEU G 46 -6.97 14.78 -8.78
N LEU G 47 -6.65 14.34 -10.00
CA LEU G 47 -5.61 13.34 -10.18
C LEU G 47 -4.32 13.90 -10.77
N ALA G 48 -4.41 14.82 -11.74
CA ALA G 48 -3.22 15.36 -12.38
C ALA G 48 -3.25 16.87 -12.55
N GLY G 49 -4.02 17.61 -11.76
CA GLY G 49 -4.15 19.03 -11.96
C GLY G 49 -2.96 19.84 -11.48
N ASP G 50 -2.15 19.30 -10.58
CA ASP G 50 -1.04 20.07 -10.03
C ASP G 50 0.02 20.35 -11.09
N TRP G 51 0.40 19.33 -11.86
CA TRP G 51 1.29 19.57 -13.00
C TRP G 51 0.61 20.42 -14.06
N ASP G 52 -0.73 20.39 -14.10
CA ASP G 52 -1.49 21.17 -15.08
C ASP G 52 -1.47 22.65 -14.78
N PHE G 53 -1.50 23.03 -13.51
CA PHE G 53 -1.69 24.44 -13.14
C PHE G 53 -0.47 25.30 -13.44
N TRP G 54 0.74 24.82 -13.17
CA TRP G 54 1.93 25.67 -13.11
C TRP G 54 2.92 25.29 -14.18
N MET G 55 3.65 26.29 -14.67
CA MET G 55 4.64 26.08 -15.73
C MET G 55 5.85 25.29 -15.23
N ASP G 56 6.25 25.48 -13.98
CA ASP G 56 7.47 24.83 -13.47
C ASP G 56 7.24 23.40 -13.00
N TRP G 57 6.00 22.90 -13.04
CA TRP G 57 5.72 21.51 -12.72
C TRP G 57 5.80 20.61 -13.94
N LYS G 58 5.97 21.17 -15.14
CA LYS G 58 5.97 20.39 -16.36
C LYS G 58 7.39 19.88 -16.58
N ASP G 59 7.65 18.66 -16.12
CA ASP G 59 8.99 18.10 -16.08
C ASP G 59 9.07 16.89 -17.02
N ARG G 60 10.21 16.20 -16.97
CA ARG G 60 10.48 15.09 -17.87
C ARG G 60 10.12 13.73 -17.28
N GLN G 61 9.75 13.66 -16.00
CA GLN G 61 9.49 12.36 -15.37
C GLN G 61 8.00 12.16 -15.05
N TRP G 62 7.40 13.08 -14.30
CA TRP G 62 6.06 12.87 -13.76
C TRP G 62 4.95 13.46 -14.62
N TRP G 63 5.16 14.66 -15.18
CA TRP G 63 4.12 15.26 -16.02
C TRP G 63 3.78 14.39 -17.23
N PRO G 64 4.73 13.99 -18.09
CA PRO G 64 4.35 13.23 -19.28
C PRO G 64 3.97 11.79 -18.99
N VAL G 65 4.10 11.34 -17.75
CA VAL G 65 3.62 10.01 -17.37
C VAL G 65 2.25 10.09 -16.72
N VAL G 66 2.09 10.97 -15.73
CA VAL G 66 0.82 11.07 -15.02
C VAL G 66 -0.27 11.60 -15.93
N THR G 67 0.04 12.60 -16.76
CA THR G 67 -1.03 13.25 -17.54
C THR G 67 -1.73 12.30 -18.49
N PRO G 68 -1.05 11.55 -19.37
CA PRO G 68 -1.79 10.68 -20.31
C PRO G 68 -2.53 9.54 -19.62
N ILE G 69 -1.97 8.97 -18.55
CA ILE G 69 -2.65 7.89 -17.85
C ILE G 69 -3.97 8.36 -17.26
N VAL G 70 -3.97 9.56 -16.67
CA VAL G 70 -5.21 10.13 -16.14
C VAL G 70 -6.16 10.49 -17.29
N GLY G 71 -5.63 10.99 -18.40
CA GLY G 71 -6.49 11.46 -19.47
C GLY G 71 -7.17 10.35 -20.26
N ILE G 72 -6.52 9.19 -20.38
CA ILE G 72 -7.07 8.11 -21.19
C ILE G 72 -8.32 7.49 -20.59
N THR G 73 -8.56 7.68 -19.29
CA THR G 73 -9.62 6.94 -18.60
C THR G 73 -11.00 7.32 -19.11
N TYR G 74 -11.37 8.60 -19.00
CA TYR G 74 -12.68 9.04 -19.48
C TYR G 74 -12.80 8.88 -20.98
N CYS G 75 -11.70 9.07 -21.71
CA CYS G 75 -11.73 8.93 -23.16
C CYS G 75 -12.12 7.53 -23.58
N SER G 76 -11.55 6.51 -22.93
CA SER G 76 -11.86 5.13 -23.31
C SER G 76 -13.33 4.81 -23.06
N ALA G 77 -13.86 5.25 -21.90
CA ALA G 77 -15.25 4.94 -21.57
C ALA G 77 -16.22 5.66 -22.50
N ILE G 78 -15.97 6.94 -22.79
CA ILE G 78 -16.86 7.68 -23.67
C ILE G 78 -16.79 7.16 -25.09
N MET G 79 -15.58 6.78 -25.54
CA MET G 79 -15.45 6.15 -26.85
C MET G 79 -16.20 4.83 -26.91
N TYR G 80 -16.12 4.02 -25.85
CA TYR G 80 -16.92 2.80 -25.80
C TYR G 80 -18.40 3.13 -25.96
N TYR G 81 -18.89 4.07 -25.15
CA TYR G 81 -20.32 4.39 -25.19
C TYR G 81 -20.74 4.82 -26.59
N LEU G 82 -20.03 5.80 -27.16
CA LEU G 82 -20.43 6.33 -28.46
C LEU G 82 -20.32 5.27 -29.55
N TRP G 83 -19.19 4.55 -29.62
CA TRP G 83 -18.97 3.61 -30.71
C TRP G 83 -19.93 2.43 -30.61
N VAL G 84 -20.08 1.86 -29.41
CA VAL G 84 -20.92 0.68 -29.25
C VAL G 84 -22.39 1.03 -29.46
N ASN G 85 -22.84 2.19 -28.98
CA ASN G 85 -24.26 2.47 -29.05
C ASN G 85 -24.69 3.11 -30.36
N TYR G 86 -23.87 4.00 -30.92
CA TYR G 86 -24.27 4.79 -32.07
C TYR G 86 -23.27 4.80 -33.22
N ARG G 87 -22.13 4.10 -33.07
CA ARG G 87 -21.08 4.09 -34.09
C ARG G 87 -20.55 5.49 -34.37
N GLN G 88 -20.18 6.20 -33.30
CA GLN G 88 -19.66 7.55 -33.40
C GLN G 88 -18.21 7.57 -32.94
N PRO G 89 -17.28 8.04 -33.77
CA PRO G 89 -15.85 7.88 -33.47
C PRO G 89 -15.19 9.07 -32.76
N PHE G 90 -15.96 10.03 -32.28
CA PHE G 90 -15.39 11.27 -31.75
C PHE G 90 -15.39 11.32 -30.21
N GLY G 91 -15.16 10.20 -29.55
CA GLY G 91 -15.26 10.18 -28.10
C GLY G 91 -14.11 10.88 -27.40
N ALA G 92 -12.88 10.42 -27.67
CA ALA G 92 -11.71 10.96 -26.98
C ALA G 92 -11.50 12.44 -27.29
N THR G 93 -11.69 12.83 -28.55
CA THR G 93 -11.57 14.23 -28.92
C THR G 93 -12.60 15.09 -28.18
N LEU G 94 -13.83 14.59 -28.07
CA LEU G 94 -14.85 15.31 -27.33
C LEU G 94 -14.48 15.45 -25.85
N CYS G 95 -13.95 14.38 -25.26
CA CYS G 95 -13.53 14.44 -23.86
C CYS G 95 -12.46 15.50 -23.65
N VAL G 96 -11.42 15.48 -24.50
CA VAL G 96 -10.32 16.41 -24.31
C VAL G 96 -10.75 17.83 -24.60
N VAL G 97 -11.63 18.02 -25.58
CA VAL G 97 -12.15 19.36 -25.87
C VAL G 97 -12.94 19.90 -24.69
N CYS G 98 -13.78 19.06 -24.09
CA CYS G 98 -14.54 19.48 -22.91
C CYS G 98 -13.60 19.82 -21.76
N LEU G 99 -12.58 18.99 -21.54
CA LEU G 99 -11.61 19.27 -20.48
C LEU G 99 -10.90 20.59 -20.71
N LEU G 100 -10.50 20.86 -21.96
CA LEU G 100 -9.80 22.11 -22.25
C LEU G 100 -10.72 23.32 -22.13
N ILE G 101 -11.99 23.19 -22.52
CA ILE G 101 -12.93 24.29 -22.34
C ILE G 101 -13.07 24.63 -20.87
N GLY G 102 -13.31 23.61 -20.03
CA GLY G 102 -13.41 23.86 -18.60
C GLY G 102 -12.13 24.44 -18.03
N GLU G 103 -10.98 23.91 -18.44
CA GLU G 103 -9.71 24.38 -17.94
C GLU G 103 -9.49 25.85 -18.29
N TRP G 104 -9.76 26.23 -19.54
CA TRP G 104 -9.56 27.62 -19.94
C TRP G 104 -10.52 28.55 -19.20
N LEU G 105 -11.78 28.13 -19.02
CA LEU G 105 -12.72 28.96 -18.28
C LEU G 105 -12.23 29.20 -16.86
N THR G 106 -11.81 28.14 -16.17
CA THR G 106 -11.34 28.31 -14.79
C THR G 106 -10.03 29.10 -14.71
N ARG G 107 -9.11 28.89 -15.65
CA ARG G 107 -7.86 29.65 -15.61
C ARG G 107 -8.11 31.13 -15.83
N TYR G 108 -9.01 31.47 -16.75
CA TYR G 108 -9.27 32.89 -16.99
C TYR G 108 -10.02 33.52 -15.84
N TRP G 109 -11.05 32.85 -15.32
CA TRP G 109 -11.86 33.46 -14.29
C TRP G 109 -11.34 33.21 -12.88
N GLY G 110 -10.78 32.04 -12.61
CA GLY G 110 -10.29 31.73 -11.28
C GLY G 110 -8.86 32.16 -11.02
N PHE G 111 -7.92 31.67 -11.84
CA PHE G 111 -6.50 31.93 -11.59
C PHE G 111 -6.11 33.36 -11.94
N TYR G 112 -6.61 33.89 -13.06
CA TYR G 112 -6.17 35.18 -13.55
C TYR G 112 -6.99 36.33 -12.98
N TRP G 113 -8.30 36.30 -13.20
CA TRP G 113 -9.12 37.47 -12.93
C TRP G 113 -9.49 37.56 -11.46
N TRP G 114 -9.28 36.49 -10.70
CA TRP G 114 -9.49 36.50 -9.26
C TRP G 114 -8.20 36.43 -8.46
N SER G 115 -7.27 35.54 -8.82
CA SER G 115 -6.04 35.36 -8.07
C SER G 115 -4.87 36.14 -8.62
N HIS G 116 -5.06 36.89 -9.70
CA HIS G 116 -4.06 37.79 -10.27
C HIS G 116 -2.81 37.08 -10.75
N TYR G 117 -2.93 35.82 -11.18
CA TYR G 117 -1.79 35.17 -11.81
C TYR G 117 -1.82 35.43 -13.32
N PRO G 118 -0.66 35.52 -13.97
CA PRO G 118 -0.65 35.73 -15.42
C PRO G 118 -1.16 34.52 -16.16
N ILE G 119 -1.74 34.77 -17.34
CA ILE G 119 -2.34 33.71 -18.14
C ILE G 119 -1.28 32.75 -18.68
N ASN G 120 -0.13 33.29 -19.11
CA ASN G 120 0.91 32.45 -19.68
C ASN G 120 1.50 31.49 -18.65
N PHE G 121 1.39 31.81 -17.36
CA PHE G 121 1.93 30.96 -16.32
C PHE G 121 1.03 29.77 -16.02
N VAL G 122 -0.20 29.77 -16.54
CA VAL G 122 -1.17 28.73 -16.23
C VAL G 122 -1.71 28.05 -17.50
N THR G 123 -0.91 27.99 -18.56
CA THR G 123 -1.29 27.22 -19.73
C THR G 123 -1.31 25.74 -19.38
N PRO G 124 -2.34 24.99 -19.78
CA PRO G 124 -2.55 23.67 -19.15
C PRO G 124 -1.55 22.59 -19.53
N GLY G 125 -1.16 22.41 -20.79
CA GLY G 125 -1.78 22.90 -22.00
C GLY G 125 -2.66 21.84 -22.65
N ILE G 126 -2.33 21.45 -23.88
CA ILE G 126 -3.15 20.57 -24.71
C ILE G 126 -2.81 19.10 -24.45
N MET G 127 -3.81 18.25 -24.71
CA MET G 127 -3.62 16.81 -24.83
C MET G 127 -4.36 16.24 -26.04
N LEU G 128 -4.63 17.07 -27.04
CA LEU G 128 -5.56 16.78 -28.14
C LEU G 128 -5.03 15.87 -29.24
N PRO G 129 -3.77 16.02 -29.71
CA PRO G 129 -3.30 15.14 -30.80
C PRO G 129 -3.41 13.66 -30.47
N GLY G 130 -3.10 13.26 -29.24
CA GLY G 130 -3.21 11.87 -28.86
C GLY G 130 -4.64 11.37 -28.92
N ALA G 131 -5.58 12.18 -28.44
CA ALA G 131 -6.99 11.80 -28.52
C ALA G 131 -7.47 11.70 -29.97
N LEU G 132 -7.04 12.64 -30.82
CA LEU G 132 -7.41 12.58 -32.23
C LEU G 132 -6.87 11.31 -32.88
N MET G 133 -5.59 10.98 -32.63
CA MET G 133 -5.03 9.78 -33.22
C MET G 133 -5.68 8.52 -32.68
N LEU G 134 -6.06 8.52 -31.40
CA LEU G 134 -6.79 7.39 -30.82
C LEU G 134 -8.15 7.22 -31.50
N ASP G 135 -8.86 8.32 -31.75
CA ASP G 135 -10.13 8.24 -32.46
C ASP G 135 -9.93 7.72 -33.88
N PHE G 136 -8.90 8.20 -34.57
CA PHE G 136 -8.63 7.73 -35.93
C PHE G 136 -8.29 6.25 -35.94
N THR G 137 -7.50 5.79 -34.96
CA THR G 137 -7.17 4.37 -34.86
C THR G 137 -8.42 3.54 -34.62
N LEU G 138 -9.29 3.99 -33.73
CA LEU G 138 -10.52 3.24 -33.47
C LEU G 138 -11.40 3.16 -34.71
N TYR G 139 -11.51 4.26 -35.45
CA TYR G 139 -12.34 4.25 -36.65
C TYR G 139 -11.74 3.37 -37.74
N LEU G 140 -10.42 3.47 -37.97
CA LEU G 140 -9.80 2.77 -39.08
C LEU G 140 -9.65 1.28 -38.81
N THR G 141 -9.33 0.89 -37.58
CA THR G 141 -9.13 -0.52 -37.28
C THR G 141 -10.45 -1.25 -37.01
N ARG G 142 -11.42 -0.57 -36.42
CA ARG G 142 -12.72 -1.10 -35.98
C ARG G 142 -12.59 -2.17 -34.90
N ASN G 143 -11.37 -2.48 -34.45
CA ASN G 143 -11.15 -3.44 -33.38
C ASN G 143 -10.65 -2.69 -32.15
N TRP G 144 -11.29 -2.92 -31.01
CA TRP G 144 -10.96 -2.17 -29.81
C TRP G 144 -9.72 -2.68 -29.08
N LEU G 145 -9.25 -3.90 -29.40
CA LEU G 145 -8.00 -4.38 -28.81
C LEU G 145 -6.79 -3.85 -29.58
N VAL G 146 -6.84 -3.92 -30.91
CA VAL G 146 -5.83 -3.26 -31.72
C VAL G 146 -5.86 -1.76 -31.46
N THR G 147 -7.07 -1.20 -31.28
CA THR G 147 -7.18 0.19 -30.86
C THR G 147 -6.52 0.41 -29.52
N ALA G 148 -6.75 -0.48 -28.55
CA ALA G 148 -6.09 -0.34 -27.26
C ALA G 148 -4.59 -0.24 -27.44
N LEU G 149 -4.00 -1.22 -28.11
CA LEU G 149 -2.54 -1.24 -28.28
C LEU G 149 -2.05 0.02 -29.00
N VAL G 150 -2.46 0.21 -30.25
CA VAL G 150 -1.88 1.26 -31.08
C VAL G 150 -2.26 2.65 -30.55
N GLY G 151 -3.53 2.86 -30.24
CA GLY G 151 -3.97 4.15 -29.75
C GLY G 151 -3.41 4.51 -28.39
N GLY G 152 -3.25 3.53 -27.49
CA GLY G 152 -2.59 3.83 -26.23
C GLY G 152 -1.13 4.17 -26.42
N GLY G 153 -0.45 3.48 -27.34
CA GLY G 153 0.91 3.87 -27.68
C GLY G 153 0.98 5.30 -28.19
N PHE G 154 0.08 5.65 -29.11
CA PHE G 154 0.03 7.01 -29.64
C PHE G 154 -0.26 8.02 -28.54
N PHE G 155 -1.22 7.72 -27.68
CA PHE G 155 -1.62 8.64 -26.62
C PHE G 155 -0.48 8.89 -25.64
N GLY G 156 0.25 7.84 -25.28
CA GLY G 156 1.37 8.00 -24.37
C GLY G 156 2.61 8.57 -25.02
N LEU G 157 2.75 8.44 -26.33
CA LEU G 157 3.98 8.89 -26.99
C LEU G 157 3.89 10.33 -27.49
N LEU G 158 2.72 10.74 -27.99
CA LEU G 158 2.60 12.05 -28.62
C LEU G 158 2.37 13.18 -27.62
N PHE G 159 2.29 12.88 -26.32
CA PHE G 159 1.99 13.92 -25.35
C PHE G 159 3.09 14.97 -25.29
N TYR G 160 4.34 14.54 -25.13
CA TYR G 160 5.44 15.47 -24.94
C TYR G 160 5.79 16.22 -26.23
N PRO G 161 5.92 15.55 -27.38
CA PRO G 161 6.16 16.32 -28.61
C PRO G 161 5.04 17.29 -28.96
N GLY G 162 3.80 16.96 -28.61
CA GLY G 162 2.70 17.87 -28.91
C GLY G 162 2.67 19.08 -28.00
N ASN G 163 3.18 18.94 -26.78
CA ASN G 163 3.25 20.06 -25.84
C ASN G 163 4.55 20.84 -25.92
N TRP G 164 5.56 20.28 -26.58
CA TRP G 164 6.85 20.96 -26.68
C TRP G 164 6.77 22.34 -27.33
N PRO G 165 5.98 22.56 -28.40
CA PRO G 165 5.88 23.93 -28.94
C PRO G 165 5.35 24.94 -27.93
N ILE G 166 4.59 24.50 -26.93
CA ILE G 166 4.02 25.44 -25.97
C ILE G 166 4.99 25.73 -24.83
N PHE G 167 5.62 24.70 -24.30
CA PHE G 167 6.46 24.82 -23.11
C PHE G 167 7.95 24.70 -23.41
N GLY G 168 8.33 24.51 -24.66
CA GLY G 168 9.72 24.51 -25.04
C GLY G 168 10.42 25.85 -24.85
N PRO G 169 9.79 26.94 -25.31
CA PRO G 169 10.39 28.27 -25.07
C PRO G 169 10.52 28.63 -23.60
N THR G 170 9.76 28.00 -22.71
CA THR G 170 9.86 28.27 -21.27
C THR G 170 11.08 27.64 -20.63
N HIS G 171 11.85 26.86 -21.37
CA HIS G 171 13.03 26.18 -20.84
C HIS G 171 14.32 26.94 -21.14
N LEU G 172 14.23 28.16 -21.68
CA LEU G 172 15.42 28.94 -21.93
C LEU G 172 16.10 29.31 -20.62
N PRO G 173 17.43 29.26 -20.57
CA PRO G 173 18.13 29.48 -19.30
C PRO G 173 18.22 30.96 -18.94
N ILE G 174 18.16 31.22 -17.65
CA ILE G 174 18.35 32.55 -17.09
C ILE G 174 19.32 32.44 -15.91
N VAL G 175 20.03 33.51 -15.63
CA VAL G 175 20.97 33.55 -14.51
C VAL G 175 20.49 34.63 -13.54
N VAL G 176 20.10 34.21 -12.33
CA VAL G 176 19.63 35.11 -11.29
C VAL G 176 20.50 34.91 -10.06
N GLU G 177 21.12 36.00 -9.59
CA GLU G 177 21.99 35.99 -8.42
C GLU G 177 23.07 34.92 -8.54
N GLY G 178 23.61 34.79 -9.76
CA GLY G 178 24.66 33.82 -10.00
C GLY G 178 24.20 32.38 -10.01
N THR G 179 22.90 32.13 -10.10
CA THR G 179 22.36 30.79 -10.13
C THR G 179 21.59 30.56 -11.43
N LEU G 180 21.80 29.40 -12.03
CA LEU G 180 21.13 29.06 -13.28
C LEU G 180 19.74 28.52 -12.99
N LEU G 181 18.75 29.01 -13.73
CA LEU G 181 17.38 28.56 -13.63
C LEU G 181 16.77 28.40 -15.02
N SER G 182 15.79 27.53 -15.12
CA SER G 182 14.92 27.57 -16.29
C SER G 182 13.95 28.74 -16.14
N MET G 183 13.52 29.28 -17.28
CA MET G 183 12.63 30.44 -17.22
C MET G 183 11.30 30.10 -16.55
N ALA G 184 10.85 28.85 -16.67
CA ALA G 184 9.68 28.41 -15.93
C ALA G 184 9.92 28.45 -14.43
N ASP G 185 11.13 28.05 -13.99
CA ASP G 185 11.46 28.10 -12.56
C ASP G 185 11.46 29.54 -12.05
N TYR G 186 12.02 30.47 -12.82
CA TYR G 186 12.02 31.86 -12.39
C TYR G 186 10.63 32.46 -12.43
N MET G 187 9.79 32.03 -13.37
CA MET G 187 8.38 32.46 -13.35
C MET G 187 7.68 31.93 -12.11
N GLY G 188 7.96 30.70 -11.71
CA GLY G 188 7.38 30.15 -10.50
C GLY G 188 7.83 30.88 -9.25
N HIS G 189 9.10 31.23 -9.17
CA HIS G 189 9.60 31.99 -8.03
C HIS G 189 9.10 33.42 -8.02
N LEU G 190 8.96 34.04 -9.19
CA LEU G 190 8.59 35.44 -9.28
C LEU G 190 7.18 35.69 -8.74
N TYR G 191 6.23 34.83 -9.10
CA TYR G 191 4.83 35.00 -8.74
C TYR G 191 4.55 34.14 -7.53
N VAL G 192 4.38 34.78 -6.37
CA VAL G 192 4.38 34.08 -5.10
C VAL G 192 3.14 33.19 -4.99
N ARG G 193 3.34 31.94 -4.61
CA ARG G 193 2.27 31.01 -4.29
C ARG G 193 2.35 30.72 -2.79
N THR G 194 1.48 31.38 -2.01
CA THR G 194 1.53 31.23 -0.57
C THR G 194 1.26 29.79 -0.13
N GLY G 195 0.45 29.06 -0.88
CA GLY G 195 0.11 27.70 -0.50
C GLY G 195 0.98 26.64 -1.15
N THR G 196 1.78 27.02 -2.14
CA THR G 196 2.63 26.09 -2.88
C THR G 196 4.08 26.51 -2.76
N PRO G 197 4.84 25.91 -1.85
CA PRO G 197 6.28 26.14 -1.79
C PRO G 197 7.00 25.27 -2.81
N GLU G 198 8.31 25.48 -2.91
CA GLU G 198 9.12 24.80 -3.91
C GLU G 198 9.17 23.29 -3.68
N TYR G 199 9.30 22.85 -2.42
CA TYR G 199 9.61 21.46 -2.16
C TYR G 199 8.45 20.51 -2.49
N VAL G 200 7.26 21.03 -2.77
CA VAL G 200 6.12 20.17 -3.08
C VAL G 200 6.08 19.75 -4.54
N ARG G 201 6.97 20.29 -5.37
CA ARG G 201 6.98 19.94 -6.80
C ARG G 201 7.36 18.47 -6.97
N HIS G 202 6.48 17.64 -7.52
CA HIS G 202 6.88 16.25 -7.82
C HIS G 202 7.52 16.21 -9.21
N ILE G 203 8.75 16.71 -9.33
CA ILE G 203 9.42 16.80 -10.67
C ILE G 203 10.70 15.95 -10.64
N GLU G 204 11.30 15.71 -11.83
CA GLU G 204 12.59 14.98 -11.91
C GLU G 204 13.62 15.54 -10.89
N GLN G 205 14.57 14.72 -10.43
CA GLN G 205 15.62 15.17 -9.49
C GLN G 205 16.96 14.55 -9.86
N GLY G 206 17.00 13.67 -10.87
CA GLY G 206 18.22 12.98 -11.27
C GLY G 206 18.54 11.82 -10.35
N SER G 207 19.25 10.83 -10.85
CA SER G 207 19.64 9.68 -10.05
C SER G 207 20.95 9.13 -10.61
N LEU G 208 21.65 8.34 -9.79
CA LEU G 208 22.87 7.68 -10.23
C LEU G 208 22.59 6.52 -11.17
N ARG G 209 21.33 6.09 -11.29
CA ARG G 209 20.92 5.06 -12.22
C ARG G 209 20.23 5.64 -13.45
N THR G 210 20.31 6.95 -13.64
CA THR G 210 19.50 7.66 -14.62
C THR G 210 20.33 8.08 -15.81
N PHE G 211 19.81 7.86 -17.01
CA PHE G 211 20.40 8.37 -18.25
C PHE G 211 19.68 9.65 -18.68
N GLY G 212 20.28 10.78 -18.32
CA GLY G 212 19.68 12.08 -18.55
C GLY G 212 19.27 12.38 -19.97
N GLY G 213 19.98 11.77 -20.94
CA GLY G 213 19.63 11.98 -22.33
C GLY G 213 18.43 11.19 -22.81
N HIS G 214 17.98 10.21 -22.03
CA HIS G 214 16.89 9.33 -22.42
C HIS G 214 15.64 9.51 -21.56
N THR G 215 15.70 10.37 -20.54
CA THR G 215 14.64 10.44 -19.54
C THR G 215 13.25 10.55 -20.18
N THR G 216 13.02 11.63 -20.92
CA THR G 216 11.71 11.82 -21.56
C THR G 216 11.33 10.62 -22.40
N VAL G 217 12.27 10.08 -23.17
CA VAL G 217 11.99 8.93 -24.01
C VAL G 217 11.43 7.78 -23.18
N ILE G 218 12.10 7.49 -22.06
CA ILE G 218 11.59 6.44 -21.18
C ILE G 218 10.23 6.83 -20.65
N ALA G 219 10.07 8.08 -20.21
CA ALA G 219 8.77 8.54 -19.76
C ALA G 219 7.74 8.51 -20.88
N ALA G 220 8.20 8.61 -22.14
CA ALA G 220 7.28 8.52 -23.26
C ALA G 220 6.78 7.10 -23.47
N PHE G 221 7.56 6.09 -23.07
CA PHE G 221 7.17 4.71 -23.33
C PHE G 221 6.37 4.13 -22.17
N PHE G 222 6.84 4.36 -20.94
CA PHE G 222 6.10 3.89 -19.77
C PHE G 222 4.68 4.42 -19.77
N SER G 223 4.52 5.74 -19.93
CA SER G 223 3.19 6.33 -20.03
C SER G 223 2.38 5.70 -21.15
N ALA G 224 3.05 5.30 -22.24
CA ALA G 224 2.36 4.57 -23.29
C ALA G 224 1.90 3.20 -22.80
N PHE G 225 2.81 2.45 -22.18
CA PHE G 225 2.49 1.07 -21.80
C PHE G 225 1.29 1.01 -20.88
N VAL G 226 1.31 1.80 -19.79
CA VAL G 226 0.19 1.83 -18.87
C VAL G 226 -1.09 2.24 -19.60
N SER G 227 -0.98 3.17 -20.55
CA SER G 227 -2.15 3.58 -21.32
C SER G 227 -2.77 2.38 -22.01
N MET G 228 -1.95 1.52 -22.62
CA MET G 228 -2.49 0.34 -23.29
C MET G 228 -3.27 -0.53 -22.31
N LEU G 229 -2.81 -0.62 -21.07
CA LEU G 229 -3.60 -1.28 -20.05
C LEU G 229 -4.84 -0.48 -19.71
N MET G 230 -4.67 0.81 -19.41
CA MET G 230 -5.75 1.59 -18.83
C MET G 230 -6.96 1.63 -19.75
N PHE G 231 -6.74 2.01 -21.01
CA PHE G 231 -7.77 1.91 -22.04
C PHE G 231 -8.58 0.64 -21.89
N THR G 232 -7.90 -0.51 -21.98
CA THR G 232 -8.59 -1.79 -21.94
C THR G 232 -9.47 -1.87 -20.71
N VAL G 233 -8.89 -1.59 -19.53
CA VAL G 233 -9.66 -1.69 -18.30
C VAL G 233 -10.88 -0.79 -18.38
N TRP G 234 -10.68 0.47 -18.76
CA TRP G 234 -11.81 1.39 -18.77
C TRP G 234 -12.78 1.05 -19.88
N TRP G 235 -12.31 0.38 -20.94
CA TRP G 235 -13.25 -0.10 -21.95
C TRP G 235 -14.26 -1.04 -21.31
N TYR G 236 -13.79 -1.96 -20.46
CA TYR G 236 -14.72 -2.81 -19.75
C TYR G 236 -15.57 -2.00 -18.79
N LEU G 237 -14.98 -0.96 -18.18
CA LEU G 237 -15.78 -0.07 -17.34
C LEU G 237 -16.90 0.58 -18.14
N GLY G 238 -16.67 0.83 -19.43
CA GLY G 238 -17.74 1.33 -20.27
C GLY G 238 -18.94 0.41 -20.28
N LYS G 239 -18.70 -0.90 -20.37
CA LYS G 239 -19.80 -1.85 -20.30
C LYS G 239 -20.52 -1.77 -18.95
N VAL G 240 -19.78 -1.45 -17.89
CA VAL G 240 -20.42 -1.22 -16.59
C VAL G 240 -21.24 0.06 -16.62
N TYR G 241 -20.73 1.10 -17.31
CA TYR G 241 -21.42 2.38 -17.32
C TYR G 241 -22.66 2.38 -18.21
N CYS G 242 -22.77 1.42 -19.13
CA CYS G 242 -23.93 1.31 -20.00
C CYS G 242 -24.97 0.32 -19.48
N THR G 243 -24.79 -0.17 -18.26
CA THR G 243 -25.74 -1.11 -17.65
C THR G 243 -27.03 -0.36 -17.34
N ALA G 244 -28.11 -0.75 -18.01
CA ALA G 244 -29.39 -0.05 -17.93
C ALA G 244 -30.51 -1.06 -17.66
N PHE G 245 -30.82 -1.26 -16.38
CA PHE G 245 -31.88 -2.19 -16.01
C PHE G 245 -32.72 -1.57 -14.90
N PHE G 246 -33.87 -2.20 -14.63
CA PHE G 246 -34.81 -1.76 -13.62
C PHE G 246 -35.01 -2.85 -12.58
N TYR G 247 -35.20 -2.44 -11.32
CA TYR G 247 -35.57 -3.36 -10.26
C TYR G 247 -37.09 -3.43 -10.16
N VAL G 248 -37.65 -4.43 -10.79
CA VAL G 248 -39.13 -4.52 -10.83
C VAL G 248 -39.43 -5.49 -9.71
N LYS G 249 -40.63 -5.49 -9.16
CA LYS G 249 -41.04 -6.42 -8.09
C LYS G 249 -42.48 -6.89 -8.30
N GLY G 250 -42.84 -8.09 -7.84
CA GLY G 250 -44.26 -8.51 -7.86
C GLY G 250 -44.58 -9.64 -6.88
N LYS G 251 -45.79 -9.70 -6.30
CA LYS G 251 -46.28 -10.84 -5.44
C LYS G 251 -45.57 -11.04 -4.09
N ARG G 252 -44.78 -12.09 -3.94
CA ARG G 252 -44.00 -12.28 -2.69
C ARG G 252 -43.24 -10.99 -2.35
N GLY G 253 -43.05 -10.11 -3.33
CA GLY G 253 -42.29 -8.88 -3.15
C GLY G 253 -40.92 -9.10 -3.66
N ARG G 254 -40.76 -10.02 -4.59
CA ARG G 254 -39.42 -10.37 -5.09
C ARG G 254 -38.95 -9.34 -6.12
N ILE G 255 -37.65 -9.00 -6.14
CA ILE G 255 -37.11 -7.97 -7.08
C ILE G 255 -36.35 -8.71 -8.19
N VAL G 256 -36.69 -8.37 -9.41
CA VAL G 256 -35.98 -8.98 -10.53
C VAL G 256 -35.41 -7.90 -11.44
N HIS G 257 -34.20 -8.07 -11.93
CA HIS G 257 -33.65 -7.20 -12.96
C HIS G 257 -34.44 -7.36 -14.26
N ARG G 258 -34.88 -6.24 -14.82
CA ARG G 258 -35.62 -6.23 -16.07
C ARG G 258 -35.02 -5.22 -17.03
N ASN G 259 -34.91 -5.61 -18.31
CA ASN G 259 -34.33 -4.76 -19.34
C ASN G 259 -35.42 -4.34 -20.31
N ASP G 260 -35.48 -3.04 -20.60
CA ASP G 260 -36.34 -2.53 -21.65
C ASP G 260 -35.63 -2.66 -22.99
N VAL G 261 -36.28 -3.32 -23.95
CA VAL G 261 -35.65 -3.64 -25.22
C VAL G 261 -36.21 -2.75 -26.32
N THR G 262 -35.39 -2.54 -27.35
CA THR G 262 -35.83 -1.78 -28.52
C THR G 262 -36.63 -2.68 -29.44
N ALA G 263 -37.88 -2.30 -29.70
CA ALA G 263 -38.74 -3.12 -30.55
C ALA G 263 -38.24 -3.15 -31.99
N PHE G 264 -37.68 -2.03 -32.47
CA PHE G 264 -37.18 -1.99 -33.84
C PHE G 264 -36.04 -2.98 -34.07
N GLY G 265 -35.32 -3.32 -33.00
CA GLY G 265 -34.18 -4.21 -33.14
C GLY G 265 -34.53 -5.69 -33.15
N GLU G 266 -35.82 -6.02 -33.11
CA GLU G 266 -36.23 -7.41 -33.10
C GLU G 266 -36.12 -8.03 -34.49
N GLU G 267 -36.45 -9.32 -34.56
CA GLU G 267 -36.21 -10.08 -35.79
C GLU G 267 -37.09 -9.62 -36.94
N GLY G 268 -38.40 -9.49 -36.73
CA GLY G 268 -39.31 -9.22 -37.82
C GLY G 268 -40.04 -7.90 -37.72
N PHE G 269 -39.72 -7.09 -36.71
CA PHE G 269 -40.40 -5.84 -36.45
C PHE G 269 -40.30 -4.85 -37.62
N PRO G 270 -39.10 -4.61 -38.19
CA PRO G 270 -39.03 -3.64 -39.30
C PRO G 270 -39.89 -4.01 -40.49
N GLU G 271 -40.01 -5.29 -40.82
CA GLU G 271 -40.81 -5.70 -41.97
C GLU G 271 -42.31 -5.50 -41.74
N GLY G 272 -42.76 -5.65 -40.49
CA GLY G 272 -44.16 -5.47 -40.18
C GLY G 272 -44.61 -4.05 -39.98
N ILE G 273 -43.68 -3.09 -40.03
CA ILE G 273 -44.01 -1.67 -39.85
C ILE G 273 -44.90 -1.21 -40.99
N LYS G 274 -44.54 -1.58 -42.22
CA LYS G 274 -45.33 -1.21 -43.38
C LYS G 274 -46.65 -1.98 -43.43
N ILE H 1 -0.10 -53.32 -17.78
CA ILE H 1 0.06 -53.71 -16.39
C ILE H 1 -0.70 -52.74 -15.48
N PHE H 2 -1.36 -51.74 -16.09
CA PHE H 2 -2.05 -50.72 -15.32
C PHE H 2 -3.56 -50.86 -15.46
N ARG H 3 -4.09 -50.78 -16.69
CA ARG H 3 -5.51 -50.91 -17.07
C ARG H 3 -5.77 -50.09 -18.32
N THR H 4 -4.75 -49.92 -19.16
CA THR H 4 -4.85 -49.06 -20.34
C THR H 4 -5.79 -49.60 -21.40
N GLU H 5 -5.81 -50.92 -21.62
CA GLU H 5 -6.69 -51.48 -22.63
C GLU H 5 -8.15 -51.27 -22.27
N GLU H 6 -8.49 -51.40 -20.98
CA GLU H 6 -9.86 -51.14 -20.54
C GLU H 6 -10.24 -49.68 -20.77
N ILE H 7 -9.31 -48.75 -20.50
CA ILE H 7 -9.58 -47.34 -20.73
C ILE H 7 -9.81 -47.06 -22.21
N LEU H 8 -8.97 -47.65 -23.07
CA LEU H 8 -9.14 -47.45 -24.51
C LEU H 8 -10.43 -48.07 -25.02
N LYS H 9 -10.83 -49.22 -24.48
CA LYS H 9 -12.09 -49.84 -24.89
C LYS H 9 -13.28 -48.99 -24.43
N ALA H 10 -13.20 -48.40 -23.24
CA ALA H 10 -14.26 -47.54 -22.77
C ALA H 10 -14.37 -46.26 -23.60
N ALA H 11 -13.26 -45.81 -24.17
CA ALA H 11 -13.25 -44.62 -25.01
C ALA H 11 -13.71 -44.90 -26.44
N LYS H 12 -13.85 -46.17 -26.82
CA LYS H 12 -14.29 -46.55 -28.16
C LYS H 12 -13.41 -45.94 -29.24
N MET H 13 -12.12 -46.27 -29.20
CA MET H 13 -11.14 -45.75 -30.16
C MET H 13 -10.69 -46.86 -31.09
N PRO H 14 -10.89 -46.71 -32.39
CA PRO H 14 -10.29 -47.64 -33.37
C PRO H 14 -8.77 -47.49 -33.36
N PRO H 15 -8.04 -48.49 -33.87
CA PRO H 15 -6.57 -48.42 -33.78
C PRO H 15 -5.97 -47.18 -34.40
N GLU H 16 -6.50 -46.71 -35.53
CA GLU H 16 -6.02 -45.45 -36.10
C GLU H 16 -6.31 -44.28 -35.17
N ALA H 17 -7.48 -44.28 -34.51
CA ALA H 17 -7.76 -43.26 -33.51
C ALA H 17 -6.80 -43.33 -32.33
N VAL H 18 -6.43 -44.55 -31.92
CA VAL H 18 -5.46 -44.69 -30.83
C VAL H 18 -4.11 -44.12 -31.24
N HIS H 19 -3.68 -44.41 -32.47
CA HIS H 19 -2.40 -43.88 -32.95
C HIS H 19 -2.45 -42.37 -33.06
N MET H 20 -3.56 -41.82 -33.53
CA MET H 20 -3.74 -40.37 -33.59
C MET H 20 -3.72 -39.73 -32.21
N SER H 21 -4.32 -40.40 -31.23
CA SER H 21 -4.26 -39.91 -29.85
C SER H 21 -2.84 -39.94 -29.31
N ARG H 22 -2.10 -41.01 -29.62
CA ARG H 22 -0.71 -41.09 -29.18
C ARG H 22 0.13 -39.98 -29.80
N LEU H 23 -0.11 -39.68 -31.07
CA LEU H 23 0.58 -38.56 -31.70
C LEU H 23 0.19 -37.22 -31.08
N ILE H 24 -1.09 -37.06 -30.71
CA ILE H 24 -1.50 -35.85 -30.01
C ILE H 24 -0.73 -35.69 -28.71
N ASP H 25 -0.62 -36.78 -27.94
CA ASP H 25 0.12 -36.72 -26.69
C ASP H 25 1.58 -36.38 -26.94
N ALA H 26 2.21 -37.06 -27.90
CA ALA H 26 3.64 -36.84 -28.16
C ALA H 26 3.92 -35.44 -28.68
N VAL H 27 2.92 -34.79 -29.29
CA VAL H 27 3.12 -33.42 -29.76
C VAL H 27 2.84 -32.42 -28.65
N TYR H 28 1.75 -32.61 -27.91
CA TYR H 28 1.31 -31.59 -26.96
C TYR H 28 2.11 -31.60 -25.67
N PHE H 29 2.49 -32.79 -25.17
CA PHE H 29 3.15 -32.83 -23.86
C PHE H 29 4.48 -32.10 -23.84
N PRO H 30 5.38 -32.25 -24.82
CA PRO H 30 6.58 -31.40 -24.84
C PRO H 30 6.27 -29.91 -24.92
N ILE H 31 5.21 -29.53 -25.62
CA ILE H 31 4.82 -28.13 -25.68
C ILE H 31 4.44 -27.62 -24.29
N LEU H 32 3.66 -28.40 -23.55
CA LEU H 32 3.31 -28.02 -22.19
C LEU H 32 4.54 -27.96 -21.30
N ILE H 33 5.48 -28.90 -21.48
CA ILE H 33 6.70 -28.89 -20.68
C ILE H 33 7.49 -27.61 -20.94
N ILE H 34 7.66 -27.23 -22.21
CA ILE H 34 8.43 -26.04 -22.54
C ILE H 34 7.73 -24.79 -22.04
N LEU H 35 6.41 -24.74 -22.16
CA LEU H 35 5.67 -23.58 -21.66
C LEU H 35 5.80 -23.46 -20.15
N LEU H 36 5.72 -24.57 -19.43
CA LEU H 36 5.94 -24.53 -17.99
C LEU H 36 7.34 -24.06 -17.66
N VAL H 37 8.35 -24.59 -18.36
CA VAL H 37 9.72 -24.13 -18.16
C VAL H 37 9.78 -22.61 -18.26
N GLY H 38 9.43 -22.08 -19.43
CA GLY H 38 9.50 -20.65 -19.67
C GLY H 38 8.72 -19.80 -18.68
N THR H 39 7.41 -20.02 -18.58
CA THR H 39 6.56 -19.12 -17.79
C THR H 39 6.81 -19.28 -16.30
N TYR H 40 6.89 -20.53 -15.81
CA TYR H 40 7.15 -20.75 -14.41
C TYR H 40 8.53 -20.22 -14.02
N HIS H 41 9.53 -20.40 -14.88
CA HIS H 41 10.85 -19.86 -14.60
C HIS H 41 10.83 -18.35 -14.49
N MET H 42 10.16 -17.68 -15.44
CA MET H 42 10.04 -16.22 -15.38
C MET H 42 9.37 -15.78 -14.09
N HIS H 43 8.23 -16.39 -13.76
CA HIS H 43 7.49 -16.02 -12.55
C HIS H 43 8.34 -16.21 -11.30
N PHE H 44 8.99 -17.37 -11.19
CA PHE H 44 9.79 -17.66 -10.00
C PHE H 44 10.99 -16.72 -9.88
N MET H 45 11.69 -16.47 -10.98
CA MET H 45 12.89 -15.63 -10.89
C MET H 45 12.54 -14.18 -10.62
N LEU H 46 11.41 -13.69 -11.16
CA LEU H 46 11.05 -12.30 -10.95
C LEU H 46 10.25 -12.07 -9.67
N LEU H 47 9.84 -13.14 -8.98
CA LEU H 47 9.28 -12.99 -7.65
C LEU H 47 10.21 -13.46 -6.54
N ALA H 48 10.94 -14.56 -6.74
CA ALA H 48 11.81 -15.10 -5.71
C ALA H 48 13.19 -15.53 -6.21
N GLY H 49 13.66 -14.99 -7.34
CA GLY H 49 14.91 -15.43 -7.91
C GLY H 49 16.15 -14.92 -7.19
N ASP H 50 16.03 -13.83 -6.43
CA ASP H 50 17.20 -13.26 -5.80
C ASP H 50 17.75 -14.17 -4.70
N TRP H 51 16.86 -14.71 -3.85
CA TRP H 51 17.29 -15.72 -2.89
C TRP H 51 17.73 -16.99 -3.59
N ASP H 52 17.21 -17.22 -4.79
CA ASP H 52 17.55 -18.42 -5.56
C ASP H 52 18.97 -18.38 -6.11
N PHE H 53 19.43 -17.20 -6.54
CA PHE H 53 20.69 -17.09 -7.25
C PHE H 53 21.92 -17.35 -6.37
N TRP H 54 21.93 -16.82 -5.15
CA TRP H 54 23.16 -16.72 -4.38
C TRP H 54 23.07 -17.55 -3.10
N MET H 55 24.21 -18.08 -2.68
CA MET H 55 24.28 -18.92 -1.49
C MET H 55 24.04 -18.13 -0.21
N ASP H 56 24.49 -16.88 -0.15
CA ASP H 56 24.39 -16.10 1.07
C ASP H 56 23.03 -15.44 1.26
N TRP H 57 22.10 -15.58 0.31
CA TRP H 57 20.75 -15.09 0.47
C TRP H 57 19.82 -16.11 1.09
N LYS H 58 20.27 -17.35 1.29
CA LYS H 58 19.44 -18.42 1.81
C LYS H 58 19.47 -18.33 3.33
N ASP H 59 18.48 -17.64 3.89
CA ASP H 59 18.46 -17.31 5.31
C ASP H 59 17.28 -18.01 5.98
N ARG H 60 17.07 -17.67 7.25
CA ARG H 60 16.05 -18.32 8.07
C ARG H 60 14.71 -17.59 8.07
N GLN H 61 14.64 -16.38 7.52
CA GLN H 61 13.41 -15.59 7.58
C GLN H 61 12.70 -15.48 6.23
N TRP H 62 13.41 -14.98 5.21
CA TRP H 62 12.78 -14.63 3.94
C TRP H 62 12.84 -15.73 2.89
N TRP H 63 13.95 -16.45 2.79
CA TRP H 63 14.05 -17.52 1.80
C TRP H 63 13.01 -18.61 2.03
N PRO H 64 12.89 -19.23 3.20
CA PRO H 64 11.93 -20.33 3.36
C PRO H 64 10.50 -19.86 3.45
N VAL H 65 10.25 -18.57 3.46
CA VAL H 65 8.89 -18.04 3.40
C VAL H 65 8.52 -17.64 1.99
N VAL H 66 9.37 -16.83 1.35
CA VAL H 66 9.07 -16.35 0.00
C VAL H 66 9.06 -17.49 -1.00
N THR H 67 10.03 -18.43 -0.88
CA THR H 67 10.16 -19.45 -1.93
C THR H 67 8.92 -20.33 -2.06
N PRO H 68 8.40 -20.96 -1.00
CA PRO H 68 7.23 -21.84 -1.20
C PRO H 68 5.96 -21.10 -1.62
N ILE H 69 5.75 -19.87 -1.13
CA ILE H 69 4.56 -19.12 -1.52
C ILE H 69 4.59 -18.82 -3.02
N VAL H 70 5.75 -18.44 -3.54
CA VAL H 70 5.87 -18.21 -4.98
C VAL H 70 5.74 -19.53 -5.74
N GLY H 71 6.29 -20.62 -5.20
CA GLY H 71 6.31 -21.87 -5.94
C GLY H 71 4.96 -22.56 -6.03
N ILE H 72 4.11 -22.39 -5.02
CA ILE H 72 2.82 -23.08 -4.98
C ILE H 72 1.86 -22.60 -6.04
N THR H 73 2.07 -21.39 -6.58
CA THR H 73 1.07 -20.76 -7.44
C THR H 73 0.86 -21.54 -8.74
N TYR H 74 1.91 -21.68 -9.54
CA TYR H 74 1.79 -22.42 -10.79
C TYR H 74 1.44 -23.89 -10.55
N CYS H 75 1.96 -24.46 -9.45
CA CYS H 75 1.69 -25.85 -9.14
C CYS H 75 0.19 -26.08 -8.94
N SER H 76 -0.47 -25.21 -8.19
CA SER H 76 -1.90 -25.39 -7.94
C SER H 76 -2.70 -25.31 -9.23
N ALA H 77 -2.39 -24.34 -10.09
CA ALA H 77 -3.15 -24.19 -11.33
C ALA H 77 -2.93 -25.35 -12.28
N ILE H 78 -1.68 -25.81 -12.42
CA ILE H 78 -1.41 -26.92 -13.33
C ILE H 78 -2.00 -28.21 -12.78
N MET H 79 -1.96 -28.40 -11.46
CA MET H 79 -2.62 -29.55 -10.86
C MET H 79 -4.13 -29.51 -11.10
N TYR H 80 -4.74 -28.33 -10.95
CA TYR H 80 -6.15 -28.21 -11.28
C TYR H 80 -6.41 -28.64 -12.71
N TYR H 81 -5.65 -28.08 -13.66
CA TYR H 81 -5.86 -28.39 -15.07
C TYR H 81 -5.77 -29.90 -15.31
N LEU H 82 -4.65 -30.50 -14.89
CA LEU H 82 -4.44 -31.92 -15.17
C LEU H 82 -5.48 -32.79 -14.48
N TRP H 83 -5.74 -32.56 -13.19
CA TRP H 83 -6.64 -33.44 -12.45
C TRP H 83 -8.08 -33.28 -12.95
N VAL H 84 -8.54 -32.05 -13.13
CA VAL H 84 -9.93 -31.83 -13.53
C VAL H 84 -10.16 -32.32 -14.94
N ASN H 85 -9.21 -32.11 -15.85
CA ASN H 85 -9.48 -32.43 -17.25
C ASN H 85 -9.16 -33.89 -17.59
N TYR H 86 -8.09 -34.46 -17.03
CA TYR H 86 -7.64 -35.77 -17.45
C TYR H 86 -7.36 -36.73 -16.30
N ARG H 87 -7.57 -36.30 -15.05
CA ARG H 87 -7.30 -37.13 -13.86
C ARG H 87 -5.85 -37.56 -13.81
N GLN H 88 -4.95 -36.57 -13.93
CA GLN H 88 -3.51 -36.81 -13.89
C GLN H 88 -2.92 -36.14 -12.66
N PRO H 89 -2.22 -36.90 -11.80
CA PRO H 89 -1.82 -36.35 -10.49
C PRO H 89 -0.42 -35.76 -10.44
N PHE H 90 0.25 -35.56 -11.58
CA PHE H 90 1.65 -35.16 -11.57
C PHE H 90 1.86 -33.67 -11.91
N GLY H 91 0.96 -32.80 -11.44
CA GLY H 91 1.05 -31.40 -11.83
C GLY H 91 2.19 -30.66 -11.13
N ALA H 92 2.20 -30.67 -9.80
CA ALA H 92 3.19 -29.90 -9.06
C ALA H 92 4.60 -30.41 -9.30
N THR H 93 4.76 -31.74 -9.36
CA THR H 93 6.08 -32.30 -9.65
C THR H 93 6.56 -31.88 -11.03
N LEU H 94 5.67 -31.89 -12.02
CA LEU H 94 6.03 -31.44 -13.37
C LEU H 94 6.43 -29.97 -13.36
N CYS H 95 5.70 -29.13 -12.64
CA CYS H 95 6.04 -27.72 -12.56
C CYS H 95 7.43 -27.52 -11.95
N VAL H 96 7.71 -28.19 -10.83
CA VAL H 96 9.00 -27.98 -10.18
C VAL H 96 10.14 -28.56 -11.01
N VAL H 97 9.89 -29.69 -11.68
CA VAL H 97 10.91 -30.27 -12.56
C VAL H 97 11.23 -29.32 -13.71
N CYS H 98 10.21 -28.73 -14.32
CA CYS H 98 10.44 -27.77 -15.39
C CYS H 98 11.21 -26.55 -14.87
N LEU H 99 10.83 -26.05 -13.70
CA LEU H 99 11.54 -24.92 -13.11
C LEU H 99 13.01 -25.25 -12.87
N LEU H 100 13.29 -26.45 -12.35
CA LEU H 100 14.67 -26.83 -12.07
C LEU H 100 15.46 -27.05 -13.35
N ILE H 101 14.84 -27.60 -14.39
CA ILE H 101 15.52 -27.76 -15.67
C ILE H 101 15.94 -26.40 -16.22
N GLY H 102 14.99 -25.46 -16.25
CA GLY H 102 15.32 -24.11 -16.71
C GLY H 102 16.38 -23.45 -15.86
N GLU H 103 16.27 -23.60 -14.53
CA GLU H 103 17.23 -22.98 -13.64
C GLU H 103 18.64 -23.54 -13.87
N TRP H 104 18.77 -24.86 -13.99
CA TRP H 104 20.09 -25.44 -14.21
C TRP H 104 20.66 -25.02 -15.55
N LEU H 105 19.83 -24.98 -16.60
CA LEU H 105 20.33 -24.53 -17.89
C LEU H 105 20.87 -23.11 -17.82
N THR H 106 20.11 -22.20 -17.20
CA THR H 106 20.59 -20.81 -17.12
C THR H 106 21.78 -20.66 -16.20
N ARG H 107 21.84 -21.41 -15.09
CA ARG H 107 23.00 -21.31 -14.21
C ARG H 107 24.26 -21.80 -14.90
N TYR H 108 24.17 -22.89 -15.66
CA TYR H 108 25.36 -23.40 -16.32
C TYR H 108 25.78 -22.48 -17.47
N TRP H 109 24.82 -22.03 -18.29
CA TRP H 109 25.20 -21.25 -19.46
C TRP H 109 25.30 -19.76 -19.17
N GLY H 110 24.45 -19.21 -18.31
CA GLY H 110 24.47 -17.79 -18.03
C GLY H 110 25.42 -17.39 -16.90
N PHE H 111 25.23 -17.97 -15.71
CA PHE H 111 26.01 -17.56 -14.55
C PHE H 111 27.44 -18.06 -14.62
N TYR H 112 27.63 -19.32 -15.02
CA TYR H 112 28.95 -19.95 -14.96
C TYR H 112 29.77 -19.71 -16.23
N TRP H 113 29.23 -20.11 -17.38
CA TRP H 113 30.05 -20.17 -18.58
C TRP H 113 30.14 -18.80 -19.26
N TRP H 114 29.30 -17.86 -18.85
CA TRP H 114 29.38 -16.48 -19.34
C TRP H 114 29.87 -15.49 -18.28
N SER H 115 29.34 -15.57 -17.06
CA SER H 115 29.69 -14.61 -16.01
C SER H 115 30.80 -15.10 -15.09
N HIS H 116 31.32 -16.30 -15.31
CA HIS H 116 32.46 -16.86 -14.58
C HIS H 116 32.22 -17.02 -13.09
N TYR H 117 30.96 -17.24 -12.69
CA TYR H 117 30.72 -17.59 -11.29
C TYR H 117 30.80 -19.10 -11.10
N PRO H 118 31.24 -19.57 -9.94
CA PRO H 118 31.30 -21.02 -9.71
C PRO H 118 29.91 -21.63 -9.61
N ILE H 119 29.82 -22.90 -10.00
CA ILE H 119 28.54 -23.59 -10.02
C ILE H 119 27.99 -23.80 -8.61
N ASN H 120 28.87 -24.13 -7.65
CA ASN H 120 28.41 -24.39 -6.29
C ASN H 120 27.85 -23.14 -5.64
N PHE H 121 28.24 -21.96 -6.11
CA PHE H 121 27.74 -20.72 -5.53
C PHE H 121 26.34 -20.37 -6.02
N VAL H 122 25.84 -21.06 -7.04
CA VAL H 122 24.55 -20.74 -7.63
C VAL H 122 23.60 -21.95 -7.63
N THR H 123 23.74 -22.85 -6.67
CA THR H 123 22.78 -23.93 -6.52
C THR H 123 21.43 -23.34 -6.10
N PRO H 124 20.31 -23.77 -6.70
CA PRO H 124 19.08 -22.96 -6.58
C PRO H 124 18.41 -23.00 -5.21
N GLY H 125 18.26 -24.15 -4.52
CA GLY H 125 18.36 -25.50 -5.04
C GLY H 125 16.99 -26.09 -5.35
N ILE H 126 16.64 -27.18 -4.65
CA ILE H 126 15.44 -27.96 -4.95
C ILE H 126 14.23 -27.43 -4.19
N MET H 127 13.05 -27.68 -4.75
CA MET H 127 11.78 -27.53 -4.07
C MET H 127 10.87 -28.73 -4.31
N LEU H 128 11.43 -29.89 -4.63
CA LEU H 128 10.71 -31.05 -5.16
C LEU H 128 9.96 -31.91 -4.14
N PRO H 129 10.52 -32.19 -2.95
CA PRO H 129 9.76 -33.04 -2.01
C PRO H 129 8.39 -32.48 -1.66
N GLY H 130 8.26 -31.17 -1.48
CA GLY H 130 6.96 -30.60 -1.19
C GLY H 130 5.97 -30.78 -2.31
N ALA H 131 6.42 -30.60 -3.56
CA ALA H 131 5.55 -30.83 -4.71
C ALA H 131 5.13 -32.29 -4.81
N LEU H 132 6.07 -33.20 -4.57
CA LEU H 132 5.74 -34.62 -4.60
C LEU H 132 4.71 -34.97 -3.54
N MET H 133 4.89 -34.48 -2.32
CA MET H 133 3.93 -34.78 -1.26
C MET H 133 2.58 -34.13 -1.54
N LEU H 134 2.57 -32.95 -2.14
CA LEU H 134 1.31 -32.32 -2.55
C LEU H 134 0.59 -33.16 -3.58
N ASP H 135 1.32 -33.69 -4.57
CA ASP H 135 0.72 -34.56 -5.57
C ASP H 135 0.16 -35.82 -4.93
N PHE H 136 0.91 -36.42 -4.00
CA PHE H 136 0.45 -37.62 -3.33
C PHE H 136 -0.80 -37.35 -2.50
N THR H 137 -0.84 -36.19 -1.82
CA THR H 137 -2.02 -35.82 -1.05
C THR H 137 -3.22 -35.63 -1.95
N LEU H 138 -3.04 -34.97 -3.10
CA LEU H 138 -4.16 -34.77 -4.01
C LEU H 138 -4.67 -36.10 -4.55
N TYR H 139 -3.76 -37.03 -4.87
CA TYR H 139 -4.20 -38.32 -5.39
C TYR H 139 -4.90 -39.15 -4.31
N LEU H 140 -4.34 -39.18 -3.10
CA LEU H 140 -4.88 -40.07 -2.06
C LEU H 140 -6.17 -39.54 -1.46
N THR H 141 -6.30 -38.22 -1.30
CA THR H 141 -7.51 -37.66 -0.69
C THR H 141 -8.63 -37.48 -1.70
N ARG H 142 -8.30 -37.16 -2.94
CA ARG H 142 -9.22 -36.85 -4.04
C ARG H 142 -10.06 -35.60 -3.76
N ASN H 143 -9.86 -34.93 -2.64
CA ASN H 143 -10.56 -33.69 -2.32
C ASN H 143 -9.55 -32.54 -2.36
N TRP H 144 -9.89 -31.49 -3.09
CA TRP H 144 -8.96 -30.39 -3.30
C TRP H 144 -8.91 -29.41 -2.13
N LEU H 145 -9.89 -29.45 -1.22
CA LEU H 145 -9.82 -28.62 -0.03
C LEU H 145 -8.97 -29.25 1.06
N VAL H 146 -9.18 -30.55 1.30
CA VAL H 146 -8.27 -31.29 2.17
C VAL H 146 -6.87 -31.29 1.57
N THR H 147 -6.79 -31.40 0.24
CA THR H 147 -5.50 -31.24 -0.42
C THR H 147 -4.92 -29.86 -0.16
N ALA H 148 -5.73 -28.80 -0.27
CA ALA H 148 -5.23 -27.47 0.03
C ALA H 148 -4.61 -27.42 1.41
N LEU H 149 -5.36 -27.84 2.42
CA LEU H 149 -4.86 -27.78 3.80
C LEU H 149 -3.59 -28.60 3.97
N VAL H 150 -3.69 -29.92 3.77
CA VAL H 150 -2.57 -30.81 4.11
C VAL H 150 -1.38 -30.58 3.19
N GLY H 151 -1.63 -30.50 1.88
CA GLY H 151 -0.55 -30.31 0.94
C GLY H 151 0.12 -28.96 1.05
N GLY H 152 -0.63 -27.89 1.36
CA GLY H 152 0.01 -26.61 1.61
C GLY H 152 0.85 -26.63 2.87
N GLY H 153 0.36 -27.32 3.91
CA GLY H 153 1.19 -27.50 5.09
C GLY H 153 2.48 -28.22 4.78
N PHE H 154 2.40 -29.31 4.01
CA PHE H 154 3.58 -30.07 3.62
C PHE H 154 4.52 -29.20 2.78
N PHE H 155 3.97 -28.45 1.82
CA PHE H 155 4.78 -27.64 0.92
C PHE H 155 5.52 -26.55 1.69
N GLY H 156 4.85 -25.92 2.66
CA GLY H 156 5.51 -24.89 3.44
C GLY H 156 6.43 -25.41 4.52
N LEU H 157 6.23 -26.66 4.96
CA LEU H 157 7.03 -27.18 6.05
C LEU H 157 8.27 -27.92 5.57
N LEU H 158 8.18 -28.65 4.48
CA LEU H 158 9.28 -29.50 4.03
C LEU H 158 10.33 -28.75 3.23
N PHE H 159 10.16 -27.45 3.00
CA PHE H 159 11.12 -26.70 2.17
C PHE H 159 12.50 -26.66 2.82
N TYR H 160 12.57 -26.23 4.08
CA TYR H 160 13.86 -26.04 4.73
C TYR H 160 14.55 -27.37 5.06
N PRO H 161 13.87 -28.36 5.64
CA PRO H 161 14.55 -29.66 5.85
C PRO H 161 14.99 -30.32 4.56
N GLY H 162 14.27 -30.12 3.45
CA GLY H 162 14.68 -30.71 2.19
C GLY H 162 15.88 -30.03 1.56
N ASN H 163 16.06 -28.75 1.84
CA ASN H 163 17.20 -28.01 1.32
C ASN H 163 18.39 -28.01 2.27
N TRP H 164 18.19 -28.41 3.52
CA TRP H 164 19.28 -28.42 4.50
C TRP H 164 20.45 -29.30 4.07
N PRO H 165 20.27 -30.49 3.49
CA PRO H 165 21.45 -31.25 3.05
C PRO H 165 22.29 -30.53 2.00
N ILE H 166 21.71 -29.60 1.25
CA ILE H 166 22.45 -28.90 0.21
C ILE H 166 23.18 -27.69 0.77
N PHE H 167 22.51 -26.90 1.61
CA PHE H 167 23.07 -25.64 2.09
C PHE H 167 23.47 -25.68 3.56
N GLY H 168 23.30 -26.81 4.23
CA GLY H 168 23.78 -26.97 5.59
C GLY H 168 25.29 -26.90 5.73
N PRO H 169 26.03 -27.62 4.87
CA PRO H 169 27.49 -27.51 4.91
C PRO H 169 28.02 -26.12 4.63
N THR H 170 27.25 -25.26 3.96
CA THR H 170 27.68 -23.91 3.66
C THR H 170 27.61 -22.98 4.87
N HIS H 171 27.08 -23.46 6.00
CA HIS H 171 26.95 -22.65 7.20
C HIS H 171 28.09 -22.87 8.19
N LEU H 172 29.13 -23.61 7.79
CA LEU H 172 30.27 -23.81 8.67
C LEU H 172 31.00 -22.48 8.91
N PRO H 173 31.43 -22.23 10.14
CA PRO H 173 32.02 -20.92 10.45
C PRO H 173 33.45 -20.79 9.95
N ILE H 174 33.81 -19.58 9.54
CA ILE H 174 35.17 -19.24 9.15
C ILE H 174 35.52 -17.92 9.84
N VAL H 175 36.82 -17.71 10.07
CA VAL H 175 37.31 -16.48 10.69
C VAL H 175 38.22 -15.79 9.68
N VAL H 176 37.81 -14.59 9.23
CA VAL H 176 38.57 -13.81 8.29
C VAL H 176 38.82 -12.44 8.89
N GLU H 177 40.11 -12.07 9.00
CA GLU H 177 40.53 -10.78 9.57
C GLU H 177 39.93 -10.57 10.95
N GLY H 178 39.88 -11.65 11.73
CA GLY H 178 39.35 -11.58 13.08
C GLY H 178 37.85 -11.41 13.16
N THR H 179 37.13 -11.66 12.07
CA THR H 179 35.69 -11.54 12.04
C THR H 179 35.07 -12.88 11.66
N LEU H 180 34.01 -13.26 12.38
CA LEU H 180 33.32 -14.52 12.14
C LEU H 180 32.35 -14.36 10.98
N LEU H 181 32.37 -15.32 10.05
CA LEU H 181 31.46 -15.35 8.93
C LEU H 181 30.96 -16.77 8.71
N SER H 182 29.77 -16.88 8.12
CA SER H 182 29.38 -18.15 7.54
C SER H 182 30.11 -18.35 6.21
N MET H 183 30.35 -19.61 5.87
CA MET H 183 31.10 -19.88 4.64
C MET H 183 30.36 -19.38 3.41
N ALA H 184 29.03 -19.36 3.46
CA ALA H 184 28.26 -18.74 2.38
C ALA H 184 28.54 -17.24 2.29
N ASP H 185 28.65 -16.57 3.44
CA ASP H 185 28.97 -15.14 3.44
C ASP H 185 30.34 -14.88 2.84
N TYR H 186 31.33 -15.70 3.19
CA TYR H 186 32.67 -15.50 2.63
C TYR H 186 32.71 -15.85 1.15
N MET H 187 31.90 -16.83 0.72
CA MET H 187 31.79 -17.09 -0.71
C MET H 187 31.17 -15.90 -1.44
N GLY H 188 30.17 -15.27 -0.83
CA GLY H 188 29.57 -14.08 -1.42
C GLY H 188 30.53 -12.91 -1.51
N HIS H 189 31.33 -12.71 -0.48
CA HIS H 189 32.32 -11.63 -0.51
C HIS H 189 33.47 -11.95 -1.47
N LEU H 190 33.87 -13.21 -1.56
CA LEU H 190 35.03 -13.58 -2.38
C LEU H 190 34.78 -13.31 -3.86
N TYR H 191 33.62 -13.67 -4.36
CA TYR H 191 33.30 -13.56 -5.78
C TYR H 191 32.51 -12.27 -5.98
N VAL H 192 33.15 -11.28 -6.58
CA VAL H 192 32.62 -9.92 -6.60
C VAL H 192 31.37 -9.86 -7.47
N ARG H 193 30.32 -9.25 -6.93
CA ARG H 193 29.10 -8.95 -7.65
C ARG H 193 29.01 -7.43 -7.78
N THR H 194 29.37 -6.92 -8.96
CA THR H 194 29.39 -5.47 -9.16
C THR H 194 28.02 -4.85 -9.01
N GLY H 195 26.96 -5.59 -9.34
CA GLY H 195 25.62 -5.05 -9.26
C GLY H 195 24.89 -5.37 -7.98
N THR H 196 25.45 -6.28 -7.17
CA THR H 196 24.81 -6.72 -5.93
C THR H 196 25.75 -6.45 -4.75
N PRO H 197 25.57 -5.35 -4.05
CA PRO H 197 26.31 -5.11 -2.81
C PRO H 197 25.67 -5.85 -1.64
N GLU H 198 26.33 -5.78 -0.50
CA GLU H 198 25.90 -6.52 0.69
C GLU H 198 24.55 -6.03 1.20
N TYR H 199 24.32 -4.72 1.21
CA TYR H 199 23.16 -4.19 1.92
C TYR H 199 21.83 -4.53 1.26
N VAL H 200 21.85 -5.08 0.03
CA VAL H 200 20.61 -5.41 -0.65
C VAL H 200 20.06 -6.77 -0.25
N ARG H 201 20.80 -7.54 0.55
CA ARG H 201 20.34 -8.85 0.96
C ARG H 201 19.11 -8.72 1.85
N HIS H 202 17.97 -9.26 1.43
CA HIS H 202 16.78 -9.26 2.35
C HIS H 202 16.85 -10.52 3.22
N ILE H 203 17.76 -10.53 4.21
CA ILE H 203 17.95 -11.74 5.06
C ILE H 203 17.64 -11.39 6.52
N GLU H 204 17.51 -12.40 7.39
CA GLU H 204 17.31 -12.18 8.84
C GLU H 204 18.31 -11.12 9.39
N GLN H 205 17.93 -10.39 10.45
CA GLN H 205 18.83 -9.38 11.07
C GLN H 205 18.72 -9.45 12.59
N GLY H 206 17.82 -10.27 13.14
CA GLY H 206 17.59 -10.36 14.57
C GLY H 206 16.71 -9.23 15.06
N SER H 207 16.01 -9.45 16.16
CA SER H 207 15.17 -8.41 16.75
C SER H 207 15.09 -8.66 18.25
N LEU H 208 14.70 -7.63 19.00
CA LEU H 208 14.48 -7.78 20.44
C LEU H 208 13.21 -8.54 20.77
N ARG H 209 12.36 -8.78 19.78
CA ARG H 209 11.15 -9.59 19.94
C ARG H 209 11.32 -10.98 19.36
N THR H 210 12.54 -11.37 19.03
CA THR H 210 12.80 -12.57 18.22
C THR H 210 13.38 -13.68 19.10
N PHE H 211 12.85 -14.89 18.93
CA PHE H 211 13.43 -16.08 19.55
C PHE H 211 14.30 -16.82 18.54
N GLY H 212 15.61 -16.57 18.63
CA GLY H 212 16.58 -17.08 17.67
C GLY H 212 16.55 -18.59 17.48
N GLY H 213 16.16 -19.32 18.54
CA GLY H 213 16.08 -20.76 18.42
C GLY H 213 14.86 -21.29 17.70
N HIS H 214 13.88 -20.43 17.45
CA HIS H 214 12.62 -20.83 16.83
C HIS H 214 12.41 -20.22 15.45
N THR H 215 13.33 -19.35 15.00
CA THR H 215 13.11 -18.55 13.80
C THR H 215 12.64 -19.41 12.63
N THR H 216 13.47 -20.34 12.19
CA THR H 216 13.11 -21.19 11.05
C THR H 216 11.76 -21.87 11.28
N VAL H 217 11.55 -22.39 12.49
CA VAL H 217 10.30 -23.07 12.79
C VAL H 217 9.12 -22.15 12.50
N ILE H 218 9.19 -20.91 12.99
CA ILE H 218 8.13 -19.95 12.71
C ILE H 218 8.03 -19.72 11.22
N ALA H 219 9.18 -19.52 10.56
CA ALA H 219 9.18 -19.35 9.11
C ALA H 219 8.66 -20.60 8.42
N ALA H 220 8.80 -21.77 9.05
CA ALA H 220 8.26 -22.98 8.46
C ALA H 220 6.75 -23.03 8.53
N PHE H 221 6.15 -22.36 9.52
CA PHE H 221 4.70 -22.45 9.68
C PHE H 221 3.98 -21.34 8.91
N PHE H 222 4.49 -20.11 9.02
CA PHE H 222 3.89 -19.00 8.26
C PHE H 222 3.87 -19.31 6.77
N SER H 223 5.01 -19.71 6.21
CA SER H 223 5.05 -20.09 4.81
C SER H 223 4.07 -21.21 4.51
N ALA H 224 3.83 -22.11 5.47
CA ALA H 224 2.80 -23.12 5.30
C ALA H 224 1.42 -22.48 5.25
N PHE H 225 1.11 -21.61 6.22
CA PHE H 225 -0.24 -21.07 6.33
C PHE H 225 -0.65 -20.35 5.05
N VAL H 226 0.20 -19.41 4.60
CA VAL H 226 -0.10 -18.69 3.36
C VAL H 226 -0.25 -19.66 2.20
N SER H 227 0.55 -20.72 2.17
CA SER H 227 0.43 -21.71 1.11
C SER H 227 -0.99 -22.29 1.08
N MET H 228 -1.53 -22.63 2.26
CA MET H 228 -2.89 -23.16 2.30
C MET H 228 -3.88 -22.18 1.69
N LEU H 229 -3.67 -20.88 1.89
CA LEU H 229 -4.49 -19.90 1.19
C LEU H 229 -4.16 -19.90 -0.30
N MET H 230 -2.87 -19.79 -0.63
CA MET H 230 -2.49 -19.52 -2.02
C MET H 230 -2.99 -20.60 -2.95
N PHE H 231 -2.67 -21.86 -2.62
CA PHE H 231 -3.24 -23.01 -3.33
C PHE H 231 -4.71 -22.77 -3.66
N THR H 232 -5.53 -22.57 -2.63
CA THR H 232 -6.96 -22.43 -2.83
C THR H 232 -7.25 -21.34 -3.86
N VAL H 233 -6.65 -20.16 -3.66
CA VAL H 233 -6.90 -19.06 -4.58
C VAL H 233 -6.53 -19.46 -6.00
N TRP H 234 -5.33 -20.01 -6.16
CA TRP H 234 -4.89 -20.35 -7.51
C TRP H 234 -5.67 -21.52 -8.07
N TRP H 235 -6.22 -22.37 -7.20
CA TRP H 235 -7.11 -23.42 -7.69
C TRP H 235 -8.29 -22.79 -8.43
N TYR H 236 -8.88 -21.76 -7.85
CA TYR H 236 -9.94 -21.04 -8.55
C TYR H 236 -9.41 -20.38 -9.81
N LEU H 237 -8.17 -19.87 -9.74
CA LEU H 237 -7.56 -19.31 -10.95
C LEU H 237 -7.44 -20.38 -12.03
N GLY H 238 -7.26 -21.64 -11.65
CA GLY H 238 -7.27 -22.70 -12.64
C GLY H 238 -8.56 -22.74 -13.42
N LYS H 239 -9.69 -22.57 -12.74
CA LYS H 239 -10.97 -22.52 -13.44
C LYS H 239 -11.03 -21.33 -14.39
N VAL H 240 -10.36 -20.23 -14.04
CA VAL H 240 -10.25 -19.11 -14.96
C VAL H 240 -9.37 -19.48 -16.15
N TYR H 241 -8.29 -20.23 -15.90
CA TYR H 241 -7.36 -20.56 -16.97
C TYR H 241 -7.90 -21.62 -17.92
N CYS H 242 -8.93 -22.36 -17.52
CA CYS H 242 -9.53 -23.38 -18.37
C CYS H 242 -10.78 -22.86 -19.09
N THR H 243 -11.06 -21.57 -19.01
CA THR H 243 -12.21 -20.96 -19.67
C THR H 243 -11.95 -20.99 -21.17
N ALA H 244 -12.78 -21.74 -21.90
CA ALA H 244 -12.59 -21.97 -23.33
C ALA H 244 -13.91 -21.71 -24.06
N PHE H 245 -14.09 -20.48 -24.53
CA PHE H 245 -15.30 -20.12 -25.27
C PHE H 245 -14.92 -19.27 -26.48
N PHE H 246 -15.90 -19.09 -27.36
CA PHE H 246 -15.74 -18.30 -28.58
C PHE H 246 -16.72 -17.15 -28.60
N TYR H 247 -16.28 -16.03 -29.17
CA TYR H 247 -17.16 -14.88 -29.40
C TYR H 247 -17.77 -15.00 -30.79
N VAL H 248 -18.98 -15.55 -30.85
CA VAL H 248 -19.59 -15.80 -32.15
C VAL H 248 -20.50 -14.59 -32.33
N LYS H 249 -20.89 -14.25 -33.55
CA LYS H 249 -21.79 -13.10 -33.82
C LYS H 249 -22.78 -13.45 -34.94
N GLY H 250 -23.96 -12.86 -34.95
CA GLY H 250 -24.88 -13.03 -36.10
C GLY H 250 -25.95 -11.93 -36.21
N LYS H 251 -26.39 -11.54 -37.42
CA LYS H 251 -27.54 -10.60 -37.64
C LYS H 251 -27.33 -9.14 -37.20
N ARG H 252 -28.00 -8.71 -36.14
CA ARG H 252 -27.76 -7.32 -35.61
C ARG H 252 -26.26 -7.10 -35.41
N GLY H 253 -25.47 -8.17 -35.36
CA GLY H 253 -24.03 -8.08 -35.12
C GLY H 253 -23.79 -8.34 -33.68
N ARG H 254 -24.67 -9.06 -33.03
CA ARG H 254 -24.56 -9.28 -31.59
C ARG H 254 -23.53 -10.38 -31.29
N ILE H 255 -22.74 -10.26 -30.21
CA ILE H 255 -21.69 -11.26 -29.88
C ILE H 255 -22.19 -12.11 -28.71
N VAL H 256 -22.13 -13.41 -28.88
CA VAL H 256 -22.54 -14.30 -27.79
C VAL H 256 -21.42 -15.27 -27.46
N HIS H 257 -21.18 -15.54 -26.20
CA HIS H 257 -20.28 -16.60 -25.79
C HIS H 257 -20.84 -17.96 -26.19
N ARG H 258 -20.02 -18.75 -26.88
CA ARG H 258 -20.41 -20.09 -27.30
C ARG H 258 -19.35 -21.11 -26.90
N ASN H 259 -19.80 -22.26 -26.41
CA ASN H 259 -18.90 -23.31 -25.97
C ASN H 259 -19.01 -24.51 -26.90
N ASP H 260 -17.85 -25.00 -27.35
CA ASP H 260 -17.80 -26.24 -28.10
C ASP H 260 -17.80 -27.42 -27.14
N VAL H 261 -18.73 -28.35 -27.32
CA VAL H 261 -18.93 -29.43 -26.37
C VAL H 261 -18.42 -30.73 -26.98
N THR H 262 -18.02 -31.65 -26.10
CA THR H 262 -17.60 -32.98 -26.51
C THR H 262 -18.82 -33.85 -26.75
N ALA H 263 -18.95 -34.36 -27.98
CA ALA H 263 -20.10 -35.19 -28.32
C ALA H 263 -20.08 -36.51 -27.56
N PHE H 264 -18.90 -37.07 -27.33
CA PHE H 264 -18.81 -38.34 -26.61
C PHE H 264 -19.33 -38.22 -25.18
N GLY H 265 -19.27 -37.02 -24.61
CA GLY H 265 -19.70 -36.84 -23.23
C GLY H 265 -21.19 -36.66 -23.05
N GLU H 266 -21.97 -36.77 -24.13
CA GLU H 266 -23.41 -36.58 -24.03
C GLU H 266 -24.08 -37.83 -23.45
N GLU H 267 -25.40 -37.74 -23.28
CA GLU H 267 -26.13 -38.76 -22.56
C GLU H 267 -26.14 -40.11 -23.29
N GLY H 268 -26.49 -40.11 -24.57
CA GLY H 268 -26.66 -41.37 -25.29
C GLY H 268 -25.71 -41.59 -26.45
N PHE H 269 -24.76 -40.69 -26.61
CA PHE H 269 -23.81 -40.75 -27.73
C PHE H 269 -22.98 -42.03 -27.72
N PRO H 270 -22.36 -42.45 -26.60
CA PRO H 270 -21.55 -43.67 -26.65
C PRO H 270 -22.33 -44.91 -27.07
N GLU H 271 -23.60 -45.03 -26.68
CA GLU H 271 -24.37 -46.21 -27.04
C GLU H 271 -24.72 -46.24 -28.52
N GLY H 272 -24.90 -45.07 -29.14
CA GLY H 272 -25.22 -45.02 -30.56
C GLY H 272 -24.04 -45.13 -31.49
N ILE H 273 -22.82 -45.18 -30.96
CA ILE H 273 -21.61 -45.29 -31.78
C ILE H 273 -21.63 -46.61 -32.53
N LYS H 274 -21.97 -47.70 -31.83
CA LYS H 274 -22.02 -49.01 -32.45
C LYS H 274 -23.22 -49.13 -33.38
N TYR I 1 -47.07 19.97 -38.78
CA TYR I 1 -47.42 19.17 -37.61
C TYR I 1 -47.36 20.00 -36.34
N ASP I 2 -47.83 19.43 -35.23
CA ASP I 2 -47.95 20.16 -33.96
C ASP I 2 -46.74 19.83 -33.10
N MET I 3 -45.85 20.80 -32.93
CA MET I 3 -44.69 20.63 -32.06
C MET I 3 -45.09 20.54 -30.59
N SER I 4 -46.05 21.36 -30.18
CA SER I 4 -46.35 21.56 -28.76
C SER I 4 -46.91 20.32 -28.08
N LEU I 5 -47.41 19.35 -28.84
CA LEU I 5 -48.01 18.16 -28.23
C LEU I 5 -46.98 17.23 -27.62
N TRP I 6 -45.72 17.27 -28.06
CA TRP I 6 -44.68 16.40 -27.54
C TRP I 6 -43.39 17.11 -27.18
N TYR I 7 -43.41 18.44 -27.05
CA TYR I 7 -42.19 19.18 -26.73
C TYR I 7 -42.53 20.48 -26.03
N ASP I 8 -41.80 20.77 -24.95
CA ASP I 8 -41.87 22.04 -24.26
C ASP I 8 -40.54 22.27 -23.54
N SER I 9 -40.06 23.51 -23.54
CA SER I 9 -38.74 23.82 -23.03
C SER I 9 -38.67 25.06 -22.14
N LYS I 10 -39.81 25.61 -21.71
CA LYS I 10 -39.79 26.83 -20.91
C LYS I 10 -39.12 26.60 -19.55
N PHE I 11 -39.49 25.50 -18.88
CA PHE I 11 -38.92 25.21 -17.57
C PHE I 11 -37.42 24.97 -17.66
N TYR I 12 -36.97 24.26 -18.70
CA TYR I 12 -35.55 24.01 -18.89
C TYR I 12 -34.78 25.32 -19.06
N LYS I 13 -35.28 26.22 -19.89
CA LYS I 13 -34.61 27.50 -20.10
C LYS I 13 -34.59 28.32 -18.82
N PHE I 14 -35.71 28.36 -18.10
CA PHE I 14 -35.74 29.11 -16.85
C PHE I 14 -34.73 28.57 -15.85
N GLY I 15 -34.68 27.25 -15.69
CA GLY I 15 -33.72 26.65 -14.77
C GLY I 15 -32.29 26.94 -15.17
N MET I 16 -32.00 26.87 -16.48
CA MET I 16 -30.65 27.14 -16.96
C MET I 16 -30.23 28.58 -16.65
N ILE I 17 -31.08 29.54 -16.99
CA ILE I 17 -30.74 30.94 -16.78
C ILE I 17 -30.65 31.25 -15.29
N THR I 18 -31.54 30.65 -14.48
CA THR I 18 -31.49 30.88 -13.04
C THR I 18 -30.20 30.34 -12.44
N MET I 19 -29.79 29.14 -12.84
CA MET I 19 -28.55 28.58 -12.33
C MET I 19 -27.35 29.42 -12.76
N LEU I 20 -27.35 29.89 -14.02
CA LEU I 20 -26.27 30.75 -14.48
C LEU I 20 -26.21 32.04 -13.69
N LEU I 21 -27.37 32.65 -13.42
CA LEU I 21 -27.40 33.89 -12.64
C LEU I 21 -26.93 33.66 -11.22
N VAL I 22 -27.31 32.54 -10.62
CA VAL I 22 -26.86 32.23 -9.26
C VAL I 22 -25.34 32.06 -9.23
N ALA I 23 -24.78 31.37 -10.23
CA ALA I 23 -23.34 31.21 -10.30
C ALA I 23 -22.63 32.55 -10.51
N ILE I 24 -23.21 33.43 -11.33
CA ILE I 24 -22.63 34.75 -11.55
C ILE I 24 -22.65 35.56 -10.26
N PHE I 25 -23.76 35.47 -9.51
CA PHE I 25 -23.84 36.15 -8.22
C PHE I 25 -22.80 35.62 -7.25
N TRP I 26 -22.60 34.30 -7.22
CA TRP I 26 -21.57 33.73 -6.37
C TRP I 26 -20.19 34.25 -6.76
N VAL I 27 -19.92 34.34 -8.07
CA VAL I 27 -18.63 34.84 -8.54
C VAL I 27 -18.43 36.29 -8.11
N TRP I 28 -19.48 37.11 -8.25
CA TRP I 28 -19.37 38.51 -7.85
C TRP I 28 -19.16 38.65 -6.34
N TYR I 29 -19.87 37.85 -5.55
CA TYR I 29 -19.68 37.87 -4.11
C TYR I 29 -18.26 37.49 -3.73
N GLN I 30 -17.71 36.46 -4.38
CA GLN I 30 -16.33 36.06 -4.11
C GLN I 30 -15.37 37.18 -4.48
N ARG I 31 -15.54 37.80 -5.64
CA ARG I 31 -14.63 38.84 -6.08
C ARG I 31 -14.79 40.15 -5.31
N TYR I 32 -15.90 40.33 -4.60
CA TYR I 32 -16.12 41.55 -3.82
C TYR I 32 -15.84 41.40 -2.33
N PHE I 33 -15.93 40.19 -1.75
CA PHE I 33 -15.85 40.03 -0.31
C PHE I 33 -14.72 39.09 0.16
N ALA I 34 -13.84 38.65 -0.74
CA ALA I 34 -12.84 37.66 -0.31
C ALA I 34 -11.55 38.30 0.18
N TYR I 35 -11.02 39.28 -0.55
CA TYR I 35 -9.77 39.90 -0.14
C TYR I 35 -9.95 40.87 1.01
N SER I 36 -11.13 41.46 1.16
CA SER I 36 -11.34 42.47 2.18
C SER I 36 -11.89 41.88 3.48
N HIS I 37 -12.69 40.82 3.39
CA HIS I 37 -13.31 40.24 4.58
C HIS I 37 -13.10 38.74 4.70
N GLY I 38 -12.37 38.11 3.78
CA GLY I 38 -12.22 36.67 3.84
C GLY I 38 -10.81 36.19 4.15
N MET I 39 -9.88 37.13 4.38
CA MET I 39 -8.50 36.76 4.63
C MET I 39 -8.32 36.15 6.02
N ASP I 40 -8.91 36.77 7.04
CA ASP I 40 -8.80 36.30 8.42
C ASP I 40 -10.12 35.69 8.85
N SER I 41 -10.07 34.47 9.39
CA SER I 41 -11.27 33.77 9.83
C SER I 41 -11.72 34.18 11.22
N MET I 42 -10.89 34.89 11.98
CA MET I 42 -11.24 35.30 13.33
C MET I 42 -11.79 36.71 13.42
N GLU I 43 -11.83 37.44 12.31
CA GLU I 43 -12.32 38.81 12.35
C GLU I 43 -13.85 38.82 12.39
N PRO I 44 -14.45 39.79 13.09
CA PRO I 44 -15.92 39.88 13.09
C PRO I 44 -16.51 40.12 11.72
N GLU I 45 -15.82 40.88 10.86
CA GLU I 45 -16.33 41.12 9.51
C GLU I 45 -16.36 39.82 8.70
N PHE I 46 -15.39 38.94 8.93
CA PHE I 46 -15.41 37.63 8.29
C PHE I 46 -16.68 36.88 8.65
N ASP I 47 -17.02 36.87 9.94
CA ASP I 47 -18.30 36.31 10.36
C ASP I 47 -19.44 36.96 9.59
N ARG I 48 -19.62 38.27 9.78
CA ARG I 48 -20.77 38.99 9.26
C ARG I 48 -20.96 38.79 7.77
N VAL I 49 -19.87 38.62 7.01
CA VAL I 49 -19.94 38.46 5.57
C VAL I 49 -20.04 36.99 5.17
N TRP I 50 -18.98 36.23 5.41
CA TRP I 50 -18.92 34.87 4.88
C TRP I 50 -19.73 33.88 5.68
N MET I 51 -19.74 33.97 7.02
CA MET I 51 -20.62 33.08 7.77
C MET I 51 -22.08 33.50 7.60
N GLY I 52 -22.34 34.77 7.33
CA GLY I 52 -23.68 35.18 6.95
C GLY I 52 -24.13 34.55 5.64
N LEU I 53 -23.24 34.53 4.65
CA LEU I 53 -23.55 33.84 3.40
C LEU I 53 -23.74 32.35 3.63
N TRP I 54 -22.91 31.76 4.49
CA TRP I 54 -23.05 30.35 4.82
C TRP I 54 -24.41 30.06 5.46
N ARG I 55 -24.84 30.93 6.37
CA ARG I 55 -26.15 30.78 7.00
C ARG I 55 -27.27 30.94 5.97
N VAL I 56 -27.10 31.88 5.04
CA VAL I 56 -28.09 32.06 3.99
C VAL I 56 -28.21 30.79 3.15
N HIS I 57 -27.08 30.18 2.82
CA HIS I 57 -27.10 28.93 2.08
C HIS I 57 -27.78 27.82 2.88
N MET I 58 -27.41 27.69 4.15
CA MET I 58 -27.96 26.67 5.04
C MET I 58 -29.45 26.84 5.28
N ALA I 59 -29.99 28.05 5.13
CA ALA I 59 -31.42 28.28 5.26
C ALA I 59 -32.17 28.19 3.94
N ILE I 60 -31.53 28.51 2.82
CA ILE I 60 -32.21 28.54 1.52
C ILE I 60 -32.20 27.17 0.86
N MET I 61 -31.07 26.47 0.86
CA MET I 61 -30.99 25.19 0.16
C MET I 61 -31.95 24.15 0.70
N PRO I 62 -32.08 23.96 2.03
CA PRO I 62 -33.17 23.06 2.51
C PRO I 62 -34.55 23.53 2.08
N LEU I 63 -34.79 24.84 2.04
CA LEU I 63 -36.06 25.34 1.53
C LEU I 63 -36.25 25.00 0.06
N PHE I 64 -35.18 25.13 -0.73
CA PHE I 64 -35.23 24.72 -2.13
C PHE I 64 -35.59 23.26 -2.27
N ALA I 65 -34.92 22.40 -1.51
CA ALA I 65 -35.21 20.97 -1.55
C ALA I 65 -36.66 20.69 -1.17
N LEU I 66 -37.11 21.29 -0.07
CA LEU I 66 -38.47 21.09 0.39
C LEU I 66 -39.48 21.48 -0.67
N VAL I 67 -39.34 22.69 -1.22
CA VAL I 67 -40.32 23.18 -2.19
C VAL I 67 -40.32 22.30 -3.44
N THR I 68 -39.14 22.04 -4.00
CA THR I 68 -39.09 21.28 -5.25
C THR I 68 -39.62 19.86 -5.06
N TRP I 69 -39.12 19.16 -4.04
CA TRP I 69 -39.53 17.78 -3.82
C TRP I 69 -41.01 17.68 -3.47
N GLY I 70 -41.51 18.62 -2.65
CA GLY I 70 -42.91 18.59 -2.29
C GLY I 70 -43.82 18.88 -3.47
N TRP I 71 -43.44 19.82 -4.33
CA TRP I 71 -44.24 20.07 -5.52
C TRP I 71 -44.24 18.86 -6.45
N ILE I 72 -43.09 18.23 -6.63
CA ILE I 72 -43.01 17.08 -7.53
C ILE I 72 -43.84 15.93 -6.98
N LEU I 73 -43.73 15.66 -5.68
CA LEU I 73 -44.46 14.54 -5.09
C LEU I 73 -45.95 14.84 -4.91
N LYS I 74 -46.33 16.10 -4.85
CA LYS I 74 -47.73 16.47 -4.60
C LYS I 74 -48.59 16.38 -5.85
N THR I 75 -48.07 16.84 -7.00
CA THR I 75 -48.80 16.74 -8.25
C THR I 75 -48.47 15.43 -8.98
N ARG I 76 -48.64 14.32 -8.27
CA ARG I 76 -48.24 13.02 -8.78
C ARG I 76 -49.34 12.40 -9.64
N ASP I 77 -48.93 11.51 -10.52
CA ASP I 77 -49.85 10.75 -11.34
C ASP I 77 -50.16 9.41 -10.69
N THR I 78 -51.45 9.11 -10.58
CA THR I 78 -51.88 7.84 -10.03
C THR I 78 -51.55 6.70 -10.98
N LYS I 79 -51.57 5.47 -10.46
CA LYS I 79 -51.27 4.31 -11.29
C LYS I 79 -52.24 4.19 -12.46
N GLU I 80 -53.47 4.65 -12.27
CA GLU I 80 -54.44 4.65 -13.37
C GLU I 80 -54.00 5.60 -14.49
N GLN I 81 -53.52 6.79 -14.13
CA GLN I 81 -53.13 7.75 -15.14
C GLN I 81 -51.82 7.36 -15.82
N LEU I 82 -50.97 6.62 -15.11
CA LEU I 82 -49.71 6.16 -15.67
C LEU I 82 -49.86 4.89 -16.51
N ASP I 83 -51.03 4.26 -16.50
CA ASP I 83 -51.29 3.09 -17.33
C ASP I 83 -51.96 3.41 -18.65
N ASN I 84 -52.73 4.51 -18.71
CA ASN I 84 -53.34 4.94 -19.96
C ASN I 84 -52.75 6.27 -20.40
N LEU I 85 -51.44 6.43 -20.22
CA LEU I 85 -50.76 7.66 -20.59
C LEU I 85 -50.72 7.80 -22.11
N ASP I 86 -51.02 9.00 -22.59
CA ASP I 86 -50.92 9.30 -24.01
C ASP I 86 -49.45 9.26 -24.44
N PRO I 87 -49.09 8.44 -25.43
CA PRO I 87 -47.67 8.33 -25.80
C PRO I 87 -47.04 9.64 -26.26
N LYS I 88 -47.82 10.55 -26.86
CA LYS I 88 -47.29 11.87 -27.15
C LYS I 88 -46.94 12.61 -25.87
N LEU I 89 -47.82 12.54 -24.87
CA LEU I 89 -47.52 13.10 -23.56
C LEU I 89 -46.34 12.38 -22.93
N GLU I 90 -46.15 11.09 -23.23
CA GLU I 90 -44.99 10.38 -22.72
C GLU I 90 -43.70 10.89 -23.35
N ILE I 91 -43.73 11.20 -24.65
CA ILE I 91 -42.58 11.81 -25.31
C ILE I 91 -42.27 13.17 -24.68
N LYS I 92 -43.32 13.97 -24.44
CA LYS I 92 -43.11 15.26 -23.79
C LYS I 92 -42.52 15.09 -22.39
N ARG I 93 -43.00 14.11 -21.64
CA ARG I 93 -42.49 13.87 -20.29
C ARG I 93 -41.06 13.36 -20.30
N TYR I 94 -40.68 12.58 -21.31
CA TYR I 94 -39.29 12.15 -21.42
C TYR I 94 -38.39 13.33 -21.79
N PHE I 95 -38.89 14.24 -22.62
CA PHE I 95 -38.16 15.48 -22.86
C PHE I 95 -37.97 16.26 -21.57
N TYR I 96 -39.02 16.35 -20.76
CA TYR I 96 -38.93 17.01 -19.46
C TYR I 96 -37.91 16.34 -18.56
N TYR I 97 -37.88 15.01 -18.57
CA TYR I 97 -36.93 14.25 -17.75
C TYR I 97 -35.50 14.51 -18.21
N MET I 98 -35.28 14.57 -19.53
CA MET I 98 -33.97 14.92 -20.04
C MET I 98 -33.57 16.34 -19.64
N MET I 99 -34.54 17.26 -19.60
CA MET I 99 -34.24 18.63 -19.20
C MET I 99 -33.91 18.72 -17.70
N TRP I 100 -34.61 17.92 -16.88
CA TRP I 100 -34.23 17.83 -15.47
C TRP I 100 -32.82 17.28 -15.32
N LEU I 101 -32.48 16.26 -16.10
CA LEU I 101 -31.11 15.75 -16.11
C LEU I 101 -30.13 16.85 -16.52
N GLY I 102 -30.49 17.67 -17.50
CA GLY I 102 -29.61 18.73 -17.93
C GLY I 102 -29.38 19.77 -16.86
N VAL I 103 -30.43 20.13 -16.12
CA VAL I 103 -30.28 21.06 -15.00
C VAL I 103 -29.38 20.46 -13.92
N TYR I 104 -29.59 19.18 -13.62
CA TYR I 104 -28.76 18.51 -12.62
C TYR I 104 -27.30 18.49 -13.05
N ILE I 105 -27.04 18.21 -14.33
CA ILE I 105 -25.68 18.16 -14.84
C ILE I 105 -25.05 19.56 -14.90
N PHE I 106 -25.85 20.60 -15.16
CA PHE I 106 -25.32 21.95 -15.05
C PHE I 106 -24.90 22.26 -13.62
N GLY I 107 -25.70 21.84 -12.64
CA GLY I 107 -25.30 21.99 -11.25
C GLY I 107 -24.02 21.24 -10.93
N VAL I 108 -23.88 20.02 -11.46
CA VAL I 108 -22.65 19.25 -11.24
C VAL I 108 -21.47 19.95 -11.89
N TYR I 109 -21.65 20.53 -13.07
CA TYR I 109 -20.57 21.27 -13.71
C TYR I 109 -20.14 22.46 -12.85
N TRP I 110 -21.11 23.20 -12.33
CA TRP I 110 -20.79 24.36 -11.49
C TRP I 110 -20.05 23.91 -10.23
N GLY I 111 -20.48 22.80 -9.62
CA GLY I 111 -19.87 22.37 -8.37
C GLY I 111 -18.49 21.77 -8.56
N GLY I 112 -18.34 20.86 -9.52
CA GLY I 112 -17.14 20.04 -9.58
C GLY I 112 -16.05 20.59 -10.46
N SER I 113 -16.42 21.44 -11.43
CA SER I 113 -15.41 21.93 -12.39
C SER I 113 -15.06 23.41 -12.13
N PHE I 114 -16.01 24.32 -12.37
CA PHE I 114 -15.72 25.77 -12.23
C PHE I 114 -15.32 26.12 -10.80
N PHE I 115 -16.21 25.89 -9.83
CA PHE I 115 -15.93 26.31 -8.42
C PHE I 115 -15.01 25.29 -7.73
N THR I 116 -14.09 24.68 -8.47
CA THR I 116 -13.11 23.74 -7.85
C THR I 116 -11.72 24.20 -8.24
N GLU I 117 -11.51 24.55 -9.51
CA GLU I 117 -10.20 25.12 -9.91
C GLU I 117 -10.13 26.53 -9.32
N GLN I 118 -11.28 27.18 -9.17
CA GLN I 118 -11.33 28.51 -8.52
C GLN I 118 -10.89 28.33 -7.06
N ASP I 119 -11.13 27.14 -6.49
CA ASP I 119 -10.69 26.85 -5.10
C ASP I 119 -9.17 26.61 -5.10
N ALA I 120 -8.67 25.78 -6.02
CA ALA I 120 -7.20 25.60 -6.12
C ALA I 120 -6.57 26.99 -6.26
N SER I 121 -7.21 27.84 -7.07
CA SER I 121 -6.72 29.24 -7.25
C SER I 121 -6.69 29.96 -5.90
N TRP I 122 -7.70 29.72 -5.05
CA TRP I 122 -7.75 30.36 -3.71
C TRP I 122 -6.74 29.69 -2.78
N HIS I 123 -6.47 28.40 -3.00
CA HIS I 123 -5.54 27.66 -2.09
C HIS I 123 -4.11 28.18 -2.23
N GLN I 124 -3.84 28.98 -3.27
CA GLN I 124 -2.44 29.41 -3.52
C GLN I 124 -2.23 30.88 -3.12
N VAL I 125 -3.32 31.60 -2.84
CA VAL I 125 -3.19 33.03 -2.41
C VAL I 125 -3.42 33.10 -0.90
N ILE I 126 -3.71 31.97 -0.25
CA ILE I 126 -3.90 31.93 1.23
C ILE I 126 -2.76 31.11 1.86
N ILE I 127 -2.51 31.31 3.16
CA ILE I 127 -1.46 30.53 3.88
C ILE I 127 -1.85 29.05 3.83
N ARG I 128 -3.01 28.71 4.40
CA ARG I 128 -3.47 27.29 4.43
C ARG I 128 -4.99 27.23 4.23
N ASP I 129 -5.51 26.07 3.85
CA ASP I 129 -6.97 25.91 3.65
C ASP I 129 -7.68 26.02 5.00
N THR I 130 -8.83 26.70 5.03
CA THR I 130 -9.61 26.81 6.28
C THR I 130 -10.75 25.82 6.24
N SER I 131 -11.98 26.28 6.49
CA SER I 131 -13.17 25.40 6.43
C SER I 131 -14.35 26.17 5.83
N PHE I 132 -14.40 27.48 6.07
CA PHE I 132 -15.46 28.34 5.49
C PHE I 132 -14.82 29.41 4.64
N THR I 133 -13.74 29.04 3.94
CA THR I 133 -13.03 30.01 3.07
C THR I 133 -13.98 30.50 2.01
N PRO I 134 -13.90 31.77 1.58
CA PRO I 134 -14.73 32.28 0.50
C PRO I 134 -15.15 31.19 -0.48
N SER I 135 -14.18 30.48 -1.06
CA SER I 135 -14.46 29.39 -2.02
C SER I 135 -15.48 28.40 -1.43
N HIS I 136 -15.13 27.75 -0.32
CA HIS I 136 -16.01 26.72 0.31
C HIS I 136 -17.46 27.20 0.32
N VAL I 137 -17.73 28.33 0.99
CA VAL I 137 -19.13 28.85 1.13
C VAL I 137 -19.87 28.70 -0.20
N VAL I 138 -19.32 29.24 -1.28
CA VAL I 138 -20.03 29.23 -2.60
C VAL I 138 -20.27 27.79 -3.10
N MET I 139 -19.30 26.89 -2.94
CA MET I 139 -19.48 25.53 -3.52
C MET I 139 -19.85 24.51 -2.43
N PHE I 140 -18.92 24.19 -1.52
CA PHE I 140 -19.17 23.17 -0.48
C PHE I 140 -20.56 23.35 0.13
N TYR I 141 -20.93 24.60 0.44
CA TYR I 141 -22.23 24.85 1.13
C TYR I 141 -23.27 25.37 0.14
N GLY I 142 -22.85 25.70 -1.09
CA GLY I 142 -23.80 26.26 -2.07
C GLY I 142 -23.95 25.36 -3.28
N SER I 143 -22.92 25.29 -4.14
CA SER I 143 -23.01 24.49 -5.39
C SER I 143 -23.29 23.01 -5.06
N PHE I 144 -22.59 22.46 -4.07
CA PHE I 144 -22.74 21.01 -3.76
C PHE I 144 -24.23 20.70 -3.52
N PRO I 145 -24.90 21.21 -2.45
CA PRO I 145 -26.28 20.86 -2.19
C PRO I 145 -27.17 21.23 -3.37
N MET I 146 -26.85 22.32 -4.07
CA MET I 146 -27.66 22.77 -5.23
C MET I 146 -27.85 21.59 -6.21
N TYR I 147 -26.75 21.04 -6.74
CA TYR I 147 -26.91 19.96 -7.77
C TYR I 147 -27.62 18.77 -7.13
N ILE I 148 -27.33 18.50 -5.86
CA ILE I 148 -27.94 17.33 -5.16
C ILE I 148 -29.47 17.48 -5.22
N VAL I 149 -29.99 18.65 -4.84
CA VAL I 149 -31.46 18.89 -4.92
C VAL I 149 -31.92 18.55 -6.35
N CYS I 150 -31.31 19.18 -7.36
CA CYS I 150 -31.70 18.94 -8.77
C CYS I 150 -31.68 17.44 -9.07
N GLY I 151 -30.61 16.74 -8.66
CA GLY I 151 -30.51 15.28 -8.90
C GLY I 151 -31.72 14.55 -8.34
N VAL I 152 -31.98 14.71 -7.05
CA VAL I 152 -33.18 14.07 -6.44
C VAL I 152 -34.42 14.47 -7.26
N ALA I 153 -34.64 15.79 -7.43
CA ALA I 153 -35.81 16.29 -8.19
C ALA I 153 -35.90 15.58 -9.56
N THR I 154 -34.77 15.46 -10.26
CA THR I 154 -34.75 14.79 -11.57
C THR I 154 -35.34 13.40 -11.42
N TYR I 155 -34.71 12.55 -10.61
CA TYR I 155 -35.23 11.18 -10.38
C TYR I 155 -36.69 11.28 -9.95
N LEU I 156 -36.96 12.07 -8.90
CA LEU I 156 -38.36 12.25 -8.42
C LEU I 156 -39.29 12.39 -9.63
N TYR I 157 -39.10 13.46 -10.42
CA TYR I 157 -39.98 13.69 -11.60
C TYR I 157 -40.13 12.39 -12.38
N ALA I 158 -39.01 11.81 -12.82
CA ALA I 158 -39.06 10.57 -13.64
C ALA I 158 -39.94 9.52 -12.96
N MET I 159 -39.58 9.09 -11.75
CA MET I 159 -40.33 7.99 -11.09
C MET I 159 -41.72 8.47 -10.61
N THR I 160 -42.13 9.66 -11.02
CA THR I 160 -43.48 10.15 -10.65
C THR I 160 -44.28 10.39 -11.92
N ARG I 161 -43.63 10.83 -12.99
CA ARG I 161 -44.37 11.16 -14.25
C ARG I 161 -44.08 10.12 -15.33
N LEU I 162 -42.91 9.46 -15.28
CA LEU I 162 -42.59 8.40 -16.27
C LEU I 162 -43.02 7.04 -15.69
N PRO I 163 -43.98 6.34 -16.34
CA PRO I 163 -44.47 5.07 -15.82
C PRO I 163 -43.31 4.08 -15.64
N LEU I 164 -42.46 3.96 -16.66
CA LEU I 164 -41.31 3.02 -16.59
C LEU I 164 -40.50 3.27 -15.31
N PHE I 165 -40.24 4.52 -14.99
CA PHE I 165 -39.41 4.86 -13.79
C PHE I 165 -40.24 4.61 -12.54
N SER I 166 -41.57 4.75 -12.64
CA SER I 166 -42.45 4.43 -11.50
C SER I 166 -42.55 2.90 -11.38
N ARG I 167 -42.36 2.18 -12.49
CA ARG I 167 -42.41 0.70 -12.47
C ARG I 167 -41.10 0.16 -11.87
N GLY I 168 -40.07 0.02 -12.70
CA GLY I 168 -38.78 -0.50 -12.22
C GLY I 168 -37.88 0.61 -11.73
N ILE I 169 -36.73 0.26 -11.12
CA ILE I 169 -35.79 1.27 -10.57
C ILE I 169 -34.63 1.47 -11.55
N SER I 170 -34.58 2.64 -12.21
CA SER I 170 -33.50 2.91 -13.21
C SER I 170 -32.13 2.81 -12.55
N PHE I 171 -31.55 1.61 -12.54
CA PHE I 171 -30.20 1.40 -11.93
C PHE I 171 -29.23 2.52 -12.36
N PRO I 172 -28.96 2.76 -13.67
CA PRO I 172 -27.97 3.76 -14.04
C PRO I 172 -28.28 5.12 -13.42
N LEU I 173 -29.54 5.56 -13.52
CA LEU I 173 -29.93 6.88 -12.97
C LEU I 173 -29.55 6.94 -11.48
N VAL I 174 -29.89 5.90 -10.71
CA VAL I 174 -29.53 5.84 -9.27
C VAL I 174 -28.07 6.29 -9.12
N MET I 175 -27.14 5.54 -9.71
CA MET I 175 -25.69 5.86 -9.56
C MET I 175 -25.41 7.27 -10.10
N ALA I 176 -25.89 7.57 -11.30
CA ALA I 176 -25.64 8.90 -11.92
C ALA I 176 -25.90 10.02 -10.90
N ILE I 177 -26.95 9.87 -10.08
CA ILE I 177 -27.29 10.93 -9.08
C ILE I 177 -26.52 10.67 -7.77
N ALA I 178 -26.58 9.45 -7.25
CA ALA I 178 -25.93 9.12 -5.95
C ALA I 178 -24.46 9.57 -5.95
N GLY I 179 -23.78 9.51 -7.10
CA GLY I 179 -22.35 9.86 -7.16
C GLY I 179 -22.09 11.28 -6.66
N PRO I 180 -22.38 12.33 -7.45
CA PRO I 180 -22.24 13.69 -6.97
C PRO I 180 -22.93 13.93 -5.64
N LEU I 181 -24.02 13.20 -5.37
CA LEU I 181 -24.68 13.33 -4.05
C LEU I 181 -23.67 12.93 -2.96
N MET I 182 -23.10 11.73 -3.05
CA MET I 182 -22.15 11.23 -2.02
C MET I 182 -20.87 12.09 -2.03
N ILE I 183 -20.67 12.89 -3.07
CA ILE I 183 -19.50 13.77 -3.10
C ILE I 183 -19.55 14.76 -1.95
N LEU I 184 -20.74 15.26 -1.59
CA LEU I 184 -20.84 16.24 -0.51
C LEU I 184 -20.38 15.68 0.83
N PRO I 185 -20.77 14.47 1.26
CA PRO I 185 -20.21 13.94 2.50
C PRO I 185 -18.71 13.73 2.47
N ASN I 186 -18.10 13.68 1.27
CA ASN I 186 -16.66 13.51 1.18
C ASN I 186 -15.91 14.76 1.65
N VAL I 187 -16.63 15.87 1.88
CA VAL I 187 -16.01 17.04 2.48
C VAL I 187 -15.47 16.70 3.87
N GLY I 188 -16.09 15.74 4.55
CA GLY I 188 -15.54 15.27 5.81
C GLY I 188 -14.17 14.66 5.65
N LEU I 189 -14.01 13.79 4.64
CA LEU I 189 -12.71 13.22 4.34
C LEU I 189 -11.71 14.31 3.95
N ASN I 190 -12.16 15.26 3.14
CA ASN I 190 -11.31 16.38 2.73
C ASN I 190 -10.76 17.14 3.94
N GLU I 191 -11.65 17.52 4.85
CA GLU I 191 -11.24 18.27 6.04
C GLU I 191 -10.35 17.43 6.94
N TRP I 192 -10.70 16.16 7.12
CA TRP I 192 -9.91 15.29 8.00
C TRP I 192 -8.51 15.08 7.45
N GLY I 193 -8.39 14.93 6.14
CA GLY I 193 -7.09 14.83 5.51
C GLY I 193 -6.28 16.10 5.59
N HIS I 194 -6.92 17.24 5.34
CA HIS I 194 -6.23 18.52 5.40
C HIS I 194 -5.72 18.82 6.82
N ALA I 195 -6.57 18.58 7.83
CA ALA I 195 -6.21 18.93 9.19
C ALA I 195 -5.19 17.97 9.81
N PHE I 196 -5.03 16.77 9.26
CA PHE I 196 -4.15 15.79 9.87
C PHE I 196 -3.16 15.23 8.86
N TRP I 197 -2.42 14.18 9.23
CA TRP I 197 -1.32 13.69 8.41
C TRP I 197 -1.85 12.96 7.18
N PHE I 198 -2.50 13.72 6.32
CA PHE I 198 -2.69 13.32 4.93
C PHE I 198 -2.18 14.41 4.01
N MET I 199 -1.60 15.48 4.57
CA MET I 199 -0.94 16.57 3.85
C MET I 199 -1.97 17.43 3.11
N GLU I 200 -1.57 18.65 2.72
CA GLU I 200 -2.52 19.64 2.22
C GLU I 200 -1.96 20.40 1.03
N GLU I 201 -0.64 20.28 0.81
CA GLU I 201 0.04 21.13 -0.17
C GLU I 201 -0.49 20.90 -1.59
N LEU I 202 -0.63 19.63 -1.97
CA LEU I 202 -1.08 19.33 -3.33
C LEU I 202 -2.61 19.43 -3.43
N PHE I 203 -3.09 19.88 -4.59
CA PHE I 203 -4.52 19.80 -4.86
C PHE I 203 -4.91 18.44 -5.41
N SER I 204 -4.02 17.81 -6.18
CA SER I 204 -4.21 16.44 -6.64
C SER I 204 -3.61 15.44 -5.65
N ALA I 205 -4.03 15.54 -4.40
CA ALA I 205 -3.57 14.71 -3.30
C ALA I 205 -4.46 13.50 -3.15
N PRO I 206 -3.96 12.42 -2.53
CA PRO I 206 -4.77 11.20 -2.39
C PRO I 206 -6.08 11.41 -1.64
N LEU I 207 -6.15 12.40 -0.73
CA LEU I 207 -7.40 12.67 -0.05
C LEU I 207 -8.43 13.33 -0.97
N HIS I 208 -7.99 13.88 -2.10
CA HIS I 208 -8.89 14.46 -3.09
C HIS I 208 -9.37 13.43 -4.10
N TRP I 209 -9.00 12.15 -3.93
CA TRP I 209 -9.37 11.10 -4.85
C TRP I 209 -10.70 10.44 -4.50
N GLY I 210 -11.34 10.86 -3.42
CA GLY I 210 -12.68 10.41 -3.12
C GLY I 210 -13.67 11.03 -4.08
N PHE I 211 -13.45 12.30 -4.41
CA PHE I 211 -14.30 12.98 -5.37
C PHE I 211 -14.27 12.34 -6.74
N VAL I 212 -13.10 11.92 -7.23
CA VAL I 212 -13.04 11.32 -8.56
C VAL I 212 -13.75 9.97 -8.58
N VAL I 213 -13.60 9.17 -7.53
CA VAL I 213 -14.24 7.86 -7.48
C VAL I 213 -15.75 8.02 -7.38
N LEU I 214 -16.21 9.01 -6.61
CA LEU I 214 -17.64 9.25 -6.49
C LEU I 214 -18.23 9.90 -7.74
N GLY I 215 -17.44 10.68 -8.48
CA GLY I 215 -17.91 11.27 -9.71
C GLY I 215 -17.82 10.38 -10.92
N TRP I 216 -17.07 9.27 -10.81
CA TRP I 216 -17.13 8.24 -11.85
C TRP I 216 -18.54 7.69 -12.02
N ALA I 217 -19.38 7.81 -10.98
CA ALA I 217 -20.78 7.37 -11.10
C ALA I 217 -21.55 8.23 -12.09
N GLY I 218 -21.05 9.42 -12.41
CA GLY I 218 -21.69 10.26 -13.41
C GLY I 218 -21.56 9.70 -14.82
N LEU I 219 -20.76 8.65 -15.01
CA LEU I 219 -20.62 8.03 -16.31
C LEU I 219 -21.69 6.99 -16.59
N PHE I 220 -22.58 6.73 -15.64
CA PHE I 220 -23.76 5.88 -15.88
C PHE I 220 -24.78 6.57 -16.76
N GLN I 221 -24.46 7.75 -17.27
CA GLN I 221 -25.24 8.42 -18.29
C GLN I 221 -25.40 7.53 -19.50
N GLY I 222 -24.45 6.61 -19.71
CA GLY I 222 -24.60 5.65 -20.78
C GLY I 222 -25.85 4.79 -20.61
N GLY I 223 -26.04 4.22 -19.42
CA GLY I 223 -27.24 3.44 -19.17
C GLY I 223 -28.49 4.30 -19.15
N VAL I 224 -28.40 5.50 -18.55
CA VAL I 224 -29.54 6.41 -18.54
C VAL I 224 -29.99 6.71 -19.97
N ALA I 225 -29.05 7.06 -20.83
CA ALA I 225 -29.37 7.41 -22.21
C ALA I 225 -29.81 6.19 -23.01
N ALA I 226 -29.28 5.01 -22.69
CA ALA I 226 -29.74 3.79 -23.34
C ALA I 226 -31.21 3.56 -23.05
N GLN I 227 -31.61 3.70 -21.78
CA GLN I 227 -33.03 3.58 -21.43
C GLN I 227 -33.86 4.63 -22.13
N ILE I 228 -33.38 5.88 -22.14
CA ILE I 228 -34.14 6.96 -22.78
C ILE I 228 -34.31 6.71 -24.27
N ILE I 229 -33.25 6.27 -24.94
CA ILE I 229 -33.31 6.05 -26.39
C ILE I 229 -34.18 4.85 -26.71
N THR I 230 -34.12 3.79 -25.90
CA THR I 230 -34.98 2.63 -26.14
C THR I 230 -36.45 3.02 -26.02
N ARG I 231 -36.79 3.77 -24.96
CA ARG I 231 -38.17 4.22 -24.81
C ARG I 231 -38.57 5.17 -25.93
N TYR I 232 -37.65 6.03 -26.37
CA TYR I 232 -37.97 6.96 -27.45
C TYR I 232 -38.23 6.22 -28.75
N SER I 233 -37.44 5.19 -29.05
CA SER I 233 -37.69 4.37 -30.23
C SER I 233 -39.02 3.64 -30.15
N ASN I 234 -39.34 3.09 -28.97
CA ASN I 234 -40.64 2.44 -28.80
C ASN I 234 -41.79 3.42 -28.99
N LEU I 235 -41.67 4.63 -28.44
CA LEU I 235 -42.72 5.64 -28.60
C LEU I 235 -42.84 6.07 -30.07
N THR I 236 -41.71 6.19 -30.76
CA THR I 236 -41.75 6.52 -32.18
C THR I 236 -42.46 5.44 -32.98
N ASP I 237 -42.17 4.17 -32.67
CA ASP I 237 -42.86 3.07 -33.33
C ASP I 237 -44.35 3.08 -33.05
N VAL I 238 -44.74 3.35 -31.80
CA VAL I 238 -46.15 3.32 -31.44
C VAL I 238 -46.92 4.47 -32.07
N VAL I 239 -46.37 5.69 -31.99
CA VAL I 239 -47.12 6.88 -32.37
C VAL I 239 -47.20 7.03 -33.88
N TRP I 240 -46.06 6.90 -34.56
CA TRP I 240 -46.00 7.28 -35.97
C TRP I 240 -46.04 6.09 -36.91
N ASN I 241 -45.55 4.93 -36.48
CA ASN I 241 -45.52 3.75 -37.32
C ASN I 241 -46.74 2.85 -37.12
N ASN I 242 -47.71 3.31 -36.31
CA ASN I 242 -48.99 2.61 -36.10
C ASN I 242 -48.78 1.20 -35.57
N GLN I 243 -47.74 0.99 -34.76
CA GLN I 243 -47.48 -0.30 -34.17
C GLN I 243 -48.26 -0.46 -32.86
N SER I 244 -48.31 -1.69 -32.36
CA SER I 244 -49.08 -2.00 -31.18
C SER I 244 -48.45 -1.39 -29.93
N LYS I 245 -49.30 -0.98 -29.00
CA LYS I 245 -48.84 -0.42 -27.73
C LYS I 245 -48.22 -1.47 -26.81
N GLU I 246 -48.37 -2.76 -27.14
CA GLU I 246 -47.86 -3.82 -26.27
C GLU I 246 -46.35 -3.77 -26.08
N ILE I 247 -45.62 -3.13 -26.99
CA ILE I 247 -44.17 -3.02 -26.84
C ILE I 247 -43.81 -2.08 -25.70
N LEU I 248 -44.74 -1.24 -25.24
CA LEU I 248 -44.47 -0.32 -24.15
C LEU I 248 -44.68 -0.95 -22.79
N ASN I 249 -45.39 -2.07 -22.70
CA ASN I 249 -45.74 -2.67 -21.42
C ASN I 249 -45.34 -4.13 -21.30
N ASN I 250 -44.38 -4.60 -22.11
CA ASN I 250 -44.09 -6.03 -22.18
C ASN I 250 -42.83 -6.41 -21.40
N ARG I 251 -41.81 -5.56 -21.38
CA ARG I 251 -40.49 -5.98 -20.91
C ARG I 251 -40.17 -5.53 -19.49
N ILE I 252 -41.00 -4.70 -18.87
CA ILE I 252 -40.70 -4.20 -17.53
C ILE I 252 -41.79 -4.70 -16.58
N VAL I 253 -42.30 -5.90 -16.84
CA VAL I 253 -43.27 -6.53 -15.95
C VAL I 253 -42.53 -7.55 -15.08
N ALA I 254 -43.20 -8.02 -14.02
CA ALA I 254 -42.60 -8.96 -13.10
C ALA I 254 -42.29 -10.30 -13.78
N TYR J 1 -2.62 -48.30 -42.11
CA TYR J 1 -3.37 -47.08 -42.40
C TYR J 1 -2.44 -45.96 -42.88
N ASP J 2 -3.03 -44.87 -43.36
CA ASP J 2 -2.29 -43.78 -43.96
C ASP J 2 -2.06 -42.69 -42.93
N MET J 3 -0.81 -42.55 -42.46
CA MET J 3 -0.47 -41.50 -41.52
C MET J 3 -0.55 -40.11 -42.16
N SER J 4 -0.09 -40.00 -43.42
CA SER J 4 0.12 -38.70 -44.04
C SER J 4 -1.17 -37.92 -44.28
N LEU J 5 -2.33 -38.57 -44.24
CA LEU J 5 -3.57 -37.87 -44.52
C LEU J 5 -4.02 -36.96 -43.38
N TRP J 6 -3.54 -37.20 -42.16
CA TRP J 6 -3.93 -36.39 -41.01
C TRP J 6 -2.76 -35.96 -40.14
N TYR J 7 -1.52 -36.05 -40.63
CA TYR J 7 -0.36 -35.67 -39.82
C TYR J 7 0.79 -35.26 -40.72
N ASP J 8 1.43 -34.15 -40.37
CA ASP J 8 2.66 -33.70 -41.01
C ASP J 8 3.42 -32.83 -40.02
N SER J 9 4.75 -32.96 -40.01
CA SER J 9 5.57 -32.30 -39.00
C SER J 9 6.82 -31.63 -39.54
N LYS J 10 6.96 -31.48 -40.86
CA LYS J 10 8.18 -30.90 -41.41
C LYS J 10 8.33 -29.44 -41.01
N PHE J 11 7.26 -28.66 -41.10
CA PHE J 11 7.33 -27.24 -40.75
C PHE J 11 7.64 -27.06 -39.28
N TYR J 12 7.04 -27.89 -38.41
CA TYR J 12 7.33 -27.81 -36.98
C TYR J 12 8.80 -28.07 -36.68
N LYS J 13 9.36 -29.12 -37.28
CA LYS J 13 10.78 -29.43 -37.06
C LYS J 13 11.66 -28.31 -37.58
N PHE J 14 11.36 -27.78 -38.77
CA PHE J 14 12.17 -26.70 -39.31
C PHE J 14 12.13 -25.48 -38.40
N GLY J 15 10.94 -25.10 -37.94
CA GLY J 15 10.85 -23.96 -37.05
C GLY J 15 11.59 -24.17 -35.74
N MET J 16 11.50 -25.38 -35.19
CA MET J 16 12.19 -25.69 -33.94
C MET J 16 13.71 -25.56 -34.11
N ILE J 17 14.25 -26.19 -35.15
CA ILE J 17 15.70 -26.16 -35.36
C ILE J 17 16.16 -24.74 -35.69
N THR J 18 15.37 -23.99 -36.46
CA THR J 18 15.74 -22.63 -36.79
C THR J 18 15.77 -21.75 -35.55
N MET J 19 14.77 -21.88 -34.67
CA MET J 19 14.76 -21.10 -33.44
C MET J 19 15.93 -21.47 -32.55
N LEU J 20 16.23 -22.77 -32.45
CA LEU J 20 17.37 -23.20 -31.66
C LEU J 20 18.68 -22.63 -32.20
N LEU J 21 18.85 -22.64 -33.53
CA LEU J 21 20.06 -22.10 -34.13
C LEU J 21 20.17 -20.60 -33.93
N VAL J 22 19.04 -19.88 -34.02
CA VAL J 22 19.05 -18.45 -33.77
C VAL J 22 19.46 -18.16 -32.33
N ALA J 23 18.92 -18.93 -31.37
CA ALA J 23 19.29 -18.74 -29.98
C ALA J 23 20.77 -19.05 -29.76
N ILE J 24 21.29 -20.10 -30.40
CA ILE J 24 22.71 -20.43 -30.27
C ILE J 24 23.57 -19.32 -30.84
N PHE J 25 23.16 -18.75 -31.98
CA PHE J 25 23.89 -17.61 -32.54
C PHE J 25 23.87 -16.42 -31.61
N TRP J 26 22.73 -16.14 -30.98
CA TRP J 26 22.66 -15.06 -30.01
C TRP J 26 23.60 -15.31 -28.84
N VAL J 27 23.66 -16.55 -28.36
CA VAL J 27 24.55 -16.89 -27.25
C VAL J 27 26.01 -16.69 -27.65
N TRP J 28 26.37 -17.12 -28.86
CA TRP J 28 27.75 -16.95 -29.32
C TRP J 28 28.10 -15.48 -29.48
N TYR J 29 27.17 -14.68 -30.03
CA TYR J 29 27.41 -13.25 -30.16
C TYR J 29 27.62 -12.60 -28.80
N GLN J 30 26.79 -12.97 -27.81
CA GLN J 30 26.96 -12.44 -26.47
C GLN J 30 28.31 -12.83 -25.88
N ARG J 31 28.70 -14.09 -26.02
CA ARG J 31 29.96 -14.54 -25.44
C ARG J 31 31.18 -14.02 -26.19
N TYR J 32 31.02 -13.55 -27.42
CA TYR J 32 32.14 -13.03 -28.19
C TYR J 32 32.25 -11.50 -28.20
N PHE J 33 31.16 -10.76 -27.98
CA PHE J 33 31.19 -9.31 -28.15
C PHE J 33 30.79 -8.54 -26.89
N ALA J 34 30.59 -9.18 -25.75
CA ALA J 34 30.09 -8.46 -24.59
C ALA J 34 31.20 -7.88 -23.71
N TYR J 35 32.23 -8.67 -23.42
CA TYR J 35 33.30 -8.19 -22.56
C TYR J 35 34.25 -7.25 -23.29
N SER J 36 34.37 -7.39 -24.61
CA SER J 36 35.34 -6.59 -25.35
C SER J 36 34.72 -5.32 -25.92
N HIS J 37 33.44 -5.35 -26.28
CA HIS J 37 32.79 -4.19 -26.89
C HIS J 37 31.49 -3.79 -26.22
N GLY J 38 31.09 -4.46 -25.14
CA GLY J 38 29.82 -4.14 -24.52
C GLY J 38 29.92 -3.55 -23.13
N MET J 39 31.15 -3.34 -22.66
CA MET J 39 31.34 -2.81 -21.30
C MET J 39 30.98 -1.33 -21.22
N ASP J 40 31.44 -0.53 -22.18
CA ASP J 40 31.17 0.89 -22.21
C ASP J 40 30.17 1.22 -23.30
N SER J 41 29.12 1.95 -22.94
CA SER J 41 28.07 2.30 -23.90
C SER J 41 28.42 3.53 -24.74
N MET J 42 29.46 4.28 -24.37
CA MET J 42 29.85 5.47 -25.10
C MET J 42 30.96 5.23 -26.11
N GLU J 43 31.51 4.03 -26.17
CA GLU J 43 32.61 3.77 -27.09
C GLU J 43 32.07 3.57 -28.51
N PRO J 44 32.81 4.00 -29.53
CA PRO J 44 32.36 3.76 -30.91
C PRO J 44 32.24 2.28 -31.26
N GLU J 45 33.10 1.43 -30.70
CA GLU J 45 32.99 -0.01 -30.97
C GLU J 45 31.71 -0.59 -30.40
N PHE J 46 31.26 -0.06 -29.25
CA PHE J 46 29.98 -0.48 -28.70
C PHE J 46 28.86 -0.19 -29.68
N ASP J 47 28.85 1.02 -30.25
CA ASP J 47 27.91 1.32 -31.32
C ASP J 47 28.01 0.28 -32.43
N ARG J 48 29.19 0.23 -33.08
CA ARG J 48 29.38 -0.58 -34.28
C ARG J 48 28.97 -2.04 -34.07
N VAL J 49 29.15 -2.58 -32.87
CA VAL J 49 28.83 -3.96 -32.58
C VAL J 49 27.39 -4.12 -32.09
N TRP J 50 27.09 -3.59 -30.91
CA TRP J 50 25.81 -3.88 -30.28
C TRP J 50 24.67 -3.05 -30.85
N MET J 51 24.89 -1.77 -31.16
CA MET J 51 23.82 -1.04 -31.83
C MET J 51 23.66 -1.50 -33.27
N GLY J 52 24.71 -2.02 -33.89
CA GLY J 52 24.56 -2.65 -35.19
C GLY J 52 23.69 -3.90 -35.11
N LEU J 53 23.90 -4.72 -34.09
CA LEU J 53 23.02 -5.87 -33.88
C LEU J 53 21.59 -5.44 -33.59
N TRP J 54 21.43 -4.37 -32.80
CA TRP J 54 20.10 -3.83 -32.52
C TRP J 54 19.40 -3.38 -33.80
N ARG J 55 20.15 -2.70 -34.69
CA ARG J 55 19.59 -2.27 -35.96
C ARG J 55 19.23 -3.46 -36.83
N VAL J 56 20.07 -4.50 -36.81
CA VAL J 56 19.77 -5.71 -37.56
C VAL J 56 18.46 -6.33 -37.07
N HIS J 57 18.28 -6.38 -35.75
CA HIS J 57 17.04 -6.90 -35.19
C HIS J 57 15.85 -6.03 -35.60
N MET J 58 16.00 -4.71 -35.48
CA MET J 58 14.93 -3.77 -35.83
C MET J 58 14.57 -3.79 -37.30
N ALA J 59 15.47 -4.23 -38.17
CA ALA J 59 15.18 -4.36 -39.58
C ALA J 59 14.70 -5.75 -39.98
N ILE J 60 15.11 -6.79 -39.26
CA ILE J 60 14.76 -8.16 -39.63
C ILE J 60 13.43 -8.59 -39.03
N MET J 61 13.20 -8.29 -37.75
CA MET J 61 11.98 -8.75 -37.10
C MET J 61 10.70 -8.19 -37.74
N PRO J 62 10.62 -6.90 -38.07
CA PRO J 62 9.45 -6.44 -38.86
C PRO J 62 9.32 -7.15 -40.20
N LEU J 63 10.44 -7.45 -40.85
CA LEU J 63 10.39 -8.22 -42.09
C LEU J 63 9.86 -9.64 -41.84
N PHE J 64 10.30 -10.25 -40.74
CA PHE J 64 9.77 -11.57 -40.36
C PHE J 64 8.26 -11.51 -40.17
N ALA J 65 7.78 -10.51 -39.41
CA ALA J 65 6.36 -10.35 -39.19
C ALA J 65 5.61 -10.17 -40.50
N LEU J 66 6.11 -9.28 -41.35
CA LEU J 66 5.46 -9.00 -42.62
C LEU J 66 5.36 -10.26 -43.46
N VAL J 67 6.47 -10.98 -43.63
CA VAL J 67 6.48 -12.15 -44.50
C VAL J 67 5.53 -13.21 -43.95
N THR J 68 5.66 -13.55 -42.66
CA THR J 68 4.86 -14.62 -42.09
C THR J 68 3.36 -14.29 -42.14
N TRP J 69 2.99 -13.10 -41.65
CA TRP J 69 1.59 -12.73 -41.60
C TRP J 69 1.00 -12.60 -43.00
N GLY J 70 1.77 -12.03 -43.94
CA GLY J 70 1.26 -11.89 -45.29
C GLY J 70 1.08 -13.23 -45.99
N TRP J 71 2.01 -14.17 -45.78
CA TRP J 71 1.83 -15.50 -46.36
C TRP J 71 0.62 -16.19 -45.75
N ILE J 72 0.44 -16.08 -44.44
CA ILE J 72 -0.70 -16.76 -43.80
C ILE J 72 -2.01 -16.17 -44.29
N LEU J 73 -2.09 -14.84 -44.35
CA LEU J 73 -3.32 -14.17 -44.77
C LEU J 73 -3.59 -14.29 -46.27
N LYS J 74 -2.54 -14.51 -47.07
CA LYS J 74 -2.68 -14.54 -48.52
C LYS J 74 -3.21 -15.88 -49.03
N THR J 75 -2.71 -16.99 -48.48
CA THR J 75 -3.19 -18.32 -48.85
C THR J 75 -4.35 -18.74 -47.95
N ARG J 76 -5.38 -17.89 -47.88
CA ARG J 76 -6.48 -18.12 -46.96
C ARG J 76 -7.54 -19.01 -47.59
N ASP J 77 -8.31 -19.67 -46.73
CA ASP J 77 -9.43 -20.49 -47.14
C ASP J 77 -10.72 -19.68 -47.11
N THR J 78 -11.46 -19.72 -48.21
CA THR J 78 -12.74 -19.03 -48.28
C THR J 78 -13.76 -19.73 -47.40
N LYS J 79 -14.85 -19.02 -47.11
CA LYS J 79 -15.90 -19.58 -46.27
C LYS J 79 -16.48 -20.85 -46.88
N GLU J 80 -16.49 -20.94 -48.21
CA GLU J 80 -16.95 -22.16 -48.87
C GLU J 80 -16.03 -23.33 -48.56
N GLN J 81 -14.71 -23.11 -48.60
CA GLN J 81 -13.77 -24.20 -48.36
C GLN J 81 -13.73 -24.58 -46.88
N LEU J 82 -14.04 -23.63 -45.99
CA LEU J 82 -14.06 -23.91 -44.56
C LEU J 82 -15.37 -24.54 -44.10
N ASP J 83 -16.38 -24.60 -44.96
CA ASP J 83 -17.64 -25.26 -44.63
C ASP J 83 -17.72 -26.70 -45.09
N ASN J 84 -16.99 -27.06 -46.15
CA ASN J 84 -16.94 -28.45 -46.61
C ASN J 84 -15.54 -29.01 -46.43
N LEU J 85 -14.89 -28.66 -45.32
CA LEU J 85 -13.54 -29.12 -45.03
C LEU J 85 -13.55 -30.61 -44.74
N ASP J 86 -12.59 -31.33 -45.32
CA ASP J 86 -12.42 -32.74 -45.05
C ASP J 86 -11.97 -32.93 -43.59
N PRO J 87 -12.69 -33.70 -42.78
CA PRO J 87 -12.31 -33.82 -41.36
C PRO J 87 -10.92 -34.38 -41.14
N LYS J 88 -10.42 -35.24 -42.04
CA LYS J 88 -9.02 -35.67 -41.93
C LYS J 88 -8.09 -34.48 -42.13
N LEU J 89 -8.37 -33.64 -43.12
CA LEU J 89 -7.62 -32.41 -43.29
C LEU J 89 -7.79 -31.49 -42.10
N GLU J 90 -8.95 -31.54 -41.43
CA GLU J 90 -9.13 -30.74 -40.23
C GLU J 90 -8.25 -31.24 -39.08
N ILE J 91 -8.10 -32.57 -38.96
CA ILE J 91 -7.18 -33.13 -37.97
C ILE J 91 -5.76 -32.69 -38.28
N LYS J 92 -5.37 -32.74 -39.55
CA LYS J 92 -4.03 -32.30 -39.94
C LYS J 92 -3.83 -30.82 -39.64
N ARG J 93 -4.85 -30.00 -39.89
CA ARG J 93 -4.74 -28.56 -39.62
C ARG J 93 -4.69 -28.27 -38.13
N TYR J 94 -5.38 -29.07 -37.31
CA TYR J 94 -5.27 -28.89 -35.87
C TYR J 94 -3.91 -29.30 -35.35
N PHE J 95 -3.31 -30.34 -35.97
CA PHE J 95 -1.92 -30.67 -35.66
C PHE J 95 -1.01 -29.51 -36.02
N TYR J 96 -1.23 -28.90 -37.18
CA TYR J 96 -0.45 -27.74 -37.59
C TYR J 96 -0.62 -26.57 -36.61
N TYR J 97 -1.84 -26.37 -36.13
CA TYR J 97 -2.10 -25.29 -35.17
C TYR J 97 -1.38 -25.56 -33.85
N MET J 98 -1.39 -26.82 -33.40
CA MET J 98 -0.63 -27.17 -32.20
C MET J 98 0.86 -26.96 -32.41
N MET J 99 1.37 -27.22 -33.61
CA MET J 99 2.78 -27.00 -33.88
C MET J 99 3.13 -25.52 -33.92
N TRP J 100 2.23 -24.70 -34.46
CA TRP J 100 2.41 -23.25 -34.37
C TRP J 100 2.44 -22.79 -32.92
N LEU J 101 1.54 -23.32 -32.09
CA LEU J 101 1.57 -23.04 -30.66
C LEU J 101 2.90 -23.46 -30.05
N GLY J 102 3.43 -24.61 -30.47
CA GLY J 102 4.70 -25.08 -29.93
C GLY J 102 5.85 -24.15 -30.29
N VAL J 103 5.87 -23.67 -31.52
CA VAL J 103 6.89 -22.71 -31.93
C VAL J 103 6.77 -21.42 -31.13
N TYR J 104 5.54 -20.94 -30.95
CA TYR J 104 5.32 -19.73 -30.17
C TYR J 104 5.80 -19.93 -28.72
N ILE J 105 5.51 -21.08 -28.14
CA ILE J 105 5.92 -21.37 -26.76
C ILE J 105 7.42 -21.55 -26.65
N PHE J 106 8.07 -22.10 -27.68
CA PHE J 106 9.53 -22.13 -27.69
C PHE J 106 10.11 -20.73 -27.70
N GLY J 107 9.53 -19.83 -28.49
CA GLY J 107 9.95 -18.44 -28.45
C GLY J 107 9.76 -17.80 -27.09
N VAL J 108 8.63 -18.09 -26.44
CA VAL J 108 8.38 -17.57 -25.10
C VAL J 108 9.39 -18.12 -24.10
N TYR J 109 9.75 -19.40 -24.24
CA TYR J 109 10.77 -19.98 -23.36
C TYR J 109 12.11 -19.27 -23.55
N TRP J 110 12.50 -19.05 -24.80
CA TRP J 110 13.76 -18.36 -25.06
C TRP J 110 13.74 -16.95 -24.49
N GLY J 111 12.62 -16.24 -24.64
CA GLY J 111 12.57 -14.86 -24.19
C GLY J 111 12.50 -14.72 -22.67
N GLY J 112 11.61 -15.49 -22.03
CA GLY J 112 11.29 -15.21 -20.65
C GLY J 112 12.12 -16.00 -19.65
N SER J 113 12.67 -17.14 -20.08
CA SER J 113 13.40 -18.00 -19.12
C SER J 113 14.91 -17.93 -19.36
N PHE J 114 15.38 -18.47 -20.49
CA PHE J 114 16.85 -18.53 -20.75
C PHE J 114 17.46 -17.13 -20.79
N PHE J 115 17.01 -16.28 -21.73
CA PHE J 115 17.64 -14.94 -21.90
C PHE J 115 17.11 -13.95 -20.85
N THR J 116 16.80 -14.43 -19.64
CA THR J 116 16.36 -13.53 -18.56
C THR J 116 17.24 -13.76 -17.35
N GLU J 117 17.52 -15.02 -17.02
CA GLU J 117 18.49 -15.30 -15.93
C GLU J 117 19.88 -14.96 -16.47
N GLN J 118 20.07 -15.09 -17.78
CA GLN J 118 21.35 -14.68 -18.41
C GLN J 118 21.49 -13.17 -18.23
N ASP J 119 20.36 -12.45 -18.17
CA ASP J 119 20.38 -10.99 -17.95
C ASP J 119 20.72 -10.70 -16.49
N ALA J 120 20.05 -11.38 -15.55
CA ALA J 120 20.41 -11.22 -14.12
C ALA J 120 21.91 -11.49 -13.99
N SER J 121 22.39 -12.53 -14.69
CA SER J 121 23.84 -12.86 -14.68
C SER J 121 24.66 -11.65 -15.18
N TRP J 122 24.15 -10.96 -16.20
CA TRP J 122 24.86 -9.76 -16.73
C TRP J 122 24.69 -8.58 -15.76
N HIS J 123 23.58 -8.53 -15.03
CA HIS J 123 23.32 -7.39 -14.13
C HIS J 123 24.32 -7.38 -12.96
N GLN J 124 25.05 -8.49 -12.77
CA GLN J 124 25.93 -8.58 -11.57
C GLN J 124 27.42 -8.40 -11.97
N VAL J 125 27.71 -8.43 -13.27
CA VAL J 125 29.12 -8.23 -13.72
C VAL J 125 29.25 -6.79 -14.27
N ILE J 126 28.16 -6.03 -14.27
CA ILE J 126 28.21 -4.61 -14.74
C ILE J 126 27.92 -3.67 -13.55
N ILE J 127 28.33 -2.42 -13.65
CA ILE J 127 28.06 -1.42 -12.58
C ILE J 127 26.55 -1.28 -12.42
N ARG J 128 25.87 -0.85 -13.49
CA ARG J 128 24.39 -0.65 -13.43
C ARG J 128 23.76 -1.07 -14.77
N ASP J 129 22.46 -1.34 -14.76
CA ASP J 129 21.75 -1.73 -16.01
C ASP J 129 21.73 -0.55 -16.99
N THR J 130 21.95 -0.81 -18.27
CA THR J 130 21.89 0.28 -19.28
C THR J 130 20.55 0.22 -19.98
N SER J 131 20.55 0.20 -21.32
CA SER J 131 19.28 0.10 -22.10
C SER J 131 19.52 -0.80 -23.32
N PHE J 132 20.74 -0.79 -23.86
CA PHE J 132 21.08 -1.66 -25.02
C PHE J 132 22.23 -2.57 -24.61
N THR J 133 22.21 -3.02 -23.35
CA THR J 133 23.28 -3.91 -22.85
C THR J 133 23.28 -5.18 -23.67
N PRO J 134 24.44 -5.80 -23.94
CA PRO J 134 24.50 -7.07 -24.65
C PRO J 134 23.25 -7.90 -24.47
N SER J 135 22.89 -8.19 -23.22
CA SER J 135 21.67 -8.99 -22.92
C SER J 135 20.45 -8.41 -23.63
N HIS J 136 20.08 -7.17 -23.31
CA HIS J 136 18.87 -6.52 -23.90
C HIS J 136 18.79 -6.82 -25.41
N VAL J 137 19.80 -6.39 -26.16
CA VAL J 137 19.78 -6.56 -27.65
C VAL J 137 19.24 -7.95 -28.02
N VAL J 138 19.83 -9.01 -27.47
CA VAL J 138 19.43 -10.40 -27.85
C VAL J 138 17.97 -10.69 -27.48
N MET J 139 17.50 -10.23 -26.31
CA MET J 139 16.11 -10.59 -25.89
C MET J 139 15.15 -9.42 -26.12
N PHE J 140 15.29 -8.34 -25.34
CA PHE J 140 14.35 -7.19 -25.43
C PHE J 140 14.08 -6.85 -26.89
N TYR J 141 15.12 -6.82 -27.72
CA TYR J 141 14.95 -6.39 -29.14
C TYR J 141 14.95 -7.60 -30.07
N GLY J 142 15.28 -8.77 -29.55
CA GLY J 142 15.36 -9.98 -30.40
C GLY J 142 14.35 -11.03 -29.99
N SER J 143 14.58 -11.69 -28.85
CA SER J 143 13.68 -12.79 -28.41
C SER J 143 12.24 -12.27 -28.22
N PHE J 144 12.08 -11.11 -27.59
CA PHE J 144 10.72 -10.58 -27.30
C PHE J 144 9.91 -10.53 -28.62
N PRO J 145 10.26 -9.68 -29.62
CA PRO J 145 9.45 -9.59 -30.83
C PRO J 145 9.34 -10.93 -31.52
N MET J 146 10.41 -11.74 -31.46
CA MET J 146 10.41 -13.08 -32.11
C MET J 146 9.15 -13.86 -31.69
N TYR J 147 8.99 -14.12 -30.39
CA TYR J 147 7.83 -14.96 -29.95
C TYR J 147 6.53 -14.25 -30.32
N ILE J 148 6.51 -12.92 -30.23
CA ILE J 148 5.28 -12.14 -30.54
C ILE J 148 4.85 -12.46 -31.98
N VAL J 149 5.78 -12.36 -32.94
CA VAL J 149 5.46 -12.73 -34.36
C VAL J 149 4.83 -14.13 -34.36
N CYS J 150 5.54 -15.11 -33.81
CA CYS J 150 5.04 -16.52 -33.79
C CYS J 150 3.62 -16.55 -33.20
N GLY J 151 3.41 -15.87 -32.08
CA GLY J 151 2.07 -15.85 -31.44
C GLY J 151 1.01 -15.37 -32.41
N VAL J 152 1.18 -14.18 -32.98
CA VAL J 152 0.22 -13.66 -33.99
C VAL J 152 0.06 -14.73 -35.08
N ALA J 153 1.18 -15.14 -35.70
CA ALA J 153 1.13 -16.15 -36.79
C ALA J 153 0.32 -17.37 -36.35
N THR J 154 0.55 -17.86 -35.13
CA THR J 154 -0.20 -19.03 -34.61
C THR J 154 -1.68 -18.74 -34.71
N TYR J 155 -2.16 -17.72 -34.01
CA TYR J 155 -3.60 -17.34 -34.07
C TYR J 155 -4.00 -17.17 -35.53
N LEU J 156 -3.26 -16.33 -36.26
CA LEU J 156 -3.55 -16.10 -37.69
C LEU J 156 -3.88 -17.44 -38.36
N TYR J 157 -2.91 -18.36 -38.39
CA TYR J 157 -3.13 -19.69 -39.03
C TYR J 157 -4.47 -20.26 -38.56
N ALA J 158 -4.64 -20.41 -37.26
CA ALA J 158 -5.88 -21.01 -36.71
C ALA J 158 -7.11 -20.32 -37.29
N MET J 159 -7.25 -19.01 -37.07
CA MET J 159 -8.49 -18.29 -37.52
C MET J 159 -8.51 -18.12 -39.06
N THR J 160 -7.59 -18.79 -39.76
CA THR J 160 -7.59 -18.73 -41.24
C THR J 160 -7.79 -20.12 -41.80
N ARG J 161 -7.26 -21.14 -41.12
CA ARG J 161 -7.33 -22.53 -41.66
C ARG J 161 -8.31 -23.36 -40.82
N LEU J 162 -8.49 -23.02 -39.54
CA LEU J 162 -9.45 -23.76 -38.67
C LEU J 162 -10.81 -23.05 -38.73
N PRO J 163 -11.87 -23.70 -39.24
CA PRO J 163 -13.17 -23.05 -39.35
C PRO J 163 -13.64 -22.54 -38.00
N LEU J 164 -13.55 -23.38 -36.96
CA LEU J 164 -13.99 -22.98 -35.60
C LEU J 164 -13.35 -21.65 -35.21
N PHE J 165 -12.04 -21.50 -35.46
CA PHE J 165 -11.32 -20.26 -35.06
C PHE J 165 -11.73 -19.13 -35.99
N SER J 166 -12.09 -19.47 -37.24
CA SER J 166 -12.60 -18.43 -38.17
C SER J 166 -14.04 -18.08 -37.77
N ARG J 167 -14.75 -19.01 -37.13
CA ARG J 167 -16.13 -18.75 -36.67
C ARG J 167 -16.08 -17.88 -35.42
N GLY J 168 -15.92 -18.50 -34.24
CA GLY J 168 -15.89 -17.74 -32.98
C GLY J 168 -14.48 -17.31 -32.63
N ILE J 169 -14.33 -16.49 -31.58
CA ILE J 169 -12.99 -15.97 -31.18
C ILE J 169 -12.48 -16.78 -29.98
N SER J 170 -11.44 -17.60 -30.19
CA SER J 170 -10.90 -18.45 -29.11
C SER J 170 -10.43 -17.59 -27.93
N PHE J 171 -11.33 -17.29 -26.99
CA PHE J 171 -10.97 -16.44 -25.81
C PHE J 171 -9.62 -16.90 -25.22
N PRO J 172 -9.43 -18.16 -24.78
CA PRO J 172 -8.17 -18.55 -24.14
C PRO J 172 -6.97 -18.22 -25.01
N LEU J 173 -7.03 -18.58 -26.29
CA LEU J 173 -5.90 -18.32 -27.22
C LEU J 173 -5.55 -16.82 -27.20
N VAL J 174 -6.57 -15.96 -27.30
CA VAL J 174 -6.34 -14.48 -27.25
C VAL J 174 -5.38 -14.18 -26.10
N MET J 175 -5.79 -14.49 -24.86
CA MET J 175 -4.96 -14.17 -23.68
C MET J 175 -3.60 -14.88 -23.79
N ALA J 176 -3.61 -16.19 -24.08
CA ALA J 176 -2.36 -16.97 -24.18
C ALA J 176 -1.32 -16.20 -25.00
N ILE J 177 -1.75 -15.54 -26.08
CA ILE J 177 -0.80 -14.80 -26.96
C ILE J 177 -0.63 -13.37 -26.44
N ALA J 178 -1.73 -12.66 -26.18
CA ALA J 178 -1.66 -11.25 -25.74
C ALA J 178 -0.71 -11.08 -24.55
N GLY J 179 -0.64 -12.08 -23.66
CA GLY J 179 0.21 -11.98 -22.46
C GLY J 179 1.65 -11.69 -22.80
N PRO J 180 2.45 -12.67 -23.27
CA PRO J 180 3.82 -12.42 -23.70
C PRO J 180 3.92 -11.27 -24.69
N LEU J 181 2.88 -11.06 -25.49
CA LEU J 181 2.86 -9.89 -26.41
C LEU J 181 2.99 -8.61 -25.58
N MET J 182 2.07 -8.41 -24.63
CA MET J 182 2.06 -7.17 -23.80
C MET J 182 3.31 -7.13 -22.91
N ILE J 183 4.03 -8.25 -22.79
CA ILE J 183 5.26 -8.24 -22.01
C ILE J 183 6.29 -7.28 -22.62
N LEU J 184 6.35 -7.21 -23.96
CA LEU J 184 7.32 -6.33 -24.60
C LEU J 184 7.11 -4.87 -24.26
N PRO J 185 5.89 -4.31 -24.31
CA PRO J 185 5.72 -2.91 -23.86
C PRO J 185 6.08 -2.69 -22.40
N ASN J 186 6.13 -3.74 -21.59
CA ASN J 186 6.50 -3.58 -20.18
C ASN J 186 7.97 -3.21 -20.02
N VAL J 187 8.75 -3.29 -21.10
CA VAL J 187 10.12 -2.79 -21.07
C VAL J 187 10.15 -1.31 -20.73
N GLY J 188 9.10 -0.57 -21.11
CA GLY J 188 9.00 0.81 -20.71
C GLY J 188 8.91 0.98 -19.20
N LEU J 189 8.07 0.16 -18.56
CA LEU J 189 7.98 0.15 -17.10
C LEU J 189 9.31 -0.25 -16.48
N ASN J 190 9.95 -1.26 -17.06
CA ASN J 190 11.26 -1.71 -16.57
C ASN J 190 12.28 -0.58 -16.57
N GLU J 191 12.40 0.11 -17.70
CA GLU J 191 13.36 1.20 -17.82
C GLU J 191 12.99 2.36 -16.91
N TRP J 192 11.70 2.69 -16.83
CA TRP J 192 11.29 3.83 -16.00
C TRP J 192 11.54 3.55 -14.53
N GLY J 193 11.32 2.31 -14.09
CA GLY J 193 11.63 1.90 -12.74
C GLY J 193 13.12 1.90 -12.44
N HIS J 194 13.92 1.36 -13.37
CA HIS J 194 15.36 1.33 -13.17
C HIS J 194 15.97 2.73 -13.11
N ALA J 195 15.53 3.62 -14.00
CA ALA J 195 16.12 4.94 -14.08
C ALA J 195 15.66 5.86 -12.95
N PHE J 196 14.55 5.55 -12.28
CA PHE J 196 14.03 6.45 -11.26
C PHE J 196 13.77 5.71 -9.95
N TRP J 197 13.11 6.37 -9.00
CA TRP J 197 12.99 5.82 -7.64
C TRP J 197 11.98 4.66 -7.63
N PHE J 198 12.36 3.59 -8.32
CA PHE J 198 11.79 2.28 -8.07
C PHE J 198 12.90 1.27 -7.79
N MET J 199 14.15 1.73 -7.72
CA MET J 199 15.33 0.95 -7.35
C MET J 199 15.67 -0.07 -8.42
N GLU J 200 16.91 -0.59 -8.41
CA GLU J 200 17.43 -1.39 -9.51
C GLU J 200 18.22 -2.59 -8.99
N GLU J 201 18.57 -2.57 -7.71
CA GLU J 201 19.51 -3.56 -7.17
C GLU J 201 18.96 -4.98 -7.29
N LEU J 202 17.70 -5.18 -6.91
CA LEU J 202 17.12 -6.52 -6.94
C LEU J 202 16.64 -6.86 -8.35
N PHE J 203 16.76 -8.14 -8.71
CA PHE J 203 16.14 -8.61 -9.94
C PHE J 203 14.69 -8.98 -9.72
N SER J 204 14.36 -9.49 -8.53
CA SER J 204 12.97 -9.75 -8.15
C SER J 204 12.36 -8.53 -7.46
N ALA J 205 12.43 -7.39 -8.14
CA ALA J 205 11.94 -6.10 -7.66
C ALA J 205 10.50 -5.89 -8.10
N PRO J 206 9.76 -5.04 -7.40
CA PRO J 206 8.33 -4.82 -7.76
C PRO J 206 8.13 -4.34 -9.19
N LEU J 207 9.10 -3.62 -9.77
CA LEU J 207 8.97 -3.20 -11.16
C LEU J 207 9.11 -4.35 -12.12
N HIS J 208 9.67 -5.49 -11.68
CA HIS J 208 9.78 -6.68 -12.50
C HIS J 208 8.55 -7.57 -12.38
N TRP J 209 7.52 -7.13 -11.65
CA TRP J 209 6.32 -7.91 -11.44
C TRP J 209 5.26 -7.66 -12.50
N GLY J 210 5.53 -6.79 -13.46
CA GLY J 210 4.64 -6.63 -14.59
C GLY J 210 4.75 -7.82 -15.52
N PHE J 211 5.98 -8.32 -15.69
CA PHE J 211 6.22 -9.50 -16.50
C PHE J 211 5.50 -10.73 -15.98
N VAL J 212 5.48 -10.95 -14.66
CA VAL J 212 4.82 -12.14 -14.12
C VAL J 212 3.30 -12.04 -14.31
N VAL J 213 2.72 -10.86 -14.11
CA VAL J 213 1.29 -10.70 -14.27
C VAL J 213 0.89 -10.87 -15.73
N LEU J 214 1.71 -10.34 -16.64
CA LEU J 214 1.43 -10.49 -18.07
C LEU J 214 1.68 -11.90 -18.57
N GLY J 215 2.63 -12.64 -17.96
CA GLY J 215 2.87 -14.00 -18.35
C GLY J 215 1.96 -15.02 -17.70
N TRP J 216 1.21 -14.61 -16.67
CA TRP J 216 0.14 -15.46 -16.17
C TRP J 216 -0.90 -15.76 -17.24
N ALA J 217 -0.99 -14.90 -18.25
CA ALA J 217 -1.92 -15.16 -19.35
C ALA J 217 -1.50 -16.39 -20.16
N GLY J 218 -0.24 -16.81 -20.04
CA GLY J 218 0.19 -18.03 -20.70
C GLY J 218 -0.41 -19.29 -20.11
N LEU J 219 -1.12 -19.17 -18.99
CA LEU J 219 -1.76 -20.32 -18.37
C LEU J 219 -3.16 -20.58 -18.95
N PHE J 220 -3.63 -19.75 -19.88
CA PHE J 220 -4.86 -20.02 -20.61
C PHE J 220 -4.70 -21.16 -21.61
N GLN J 221 -3.52 -21.80 -21.60
CA GLN J 221 -3.29 -23.02 -22.35
C GLN J 221 -4.30 -24.08 -21.94
N GLY J 222 -4.82 -23.98 -20.71
CA GLY J 222 -5.87 -24.89 -20.31
C GLY J 222 -7.11 -24.78 -21.19
N GLY J 223 -7.58 -23.55 -21.41
CA GLY J 223 -8.72 -23.36 -22.31
C GLY J 223 -8.38 -23.69 -23.75
N VAL J 224 -7.18 -23.29 -24.20
CA VAL J 224 -6.75 -23.61 -25.56
C VAL J 224 -6.78 -25.12 -25.79
N ALA J 225 -6.20 -25.88 -24.85
CA ALA J 225 -6.13 -27.32 -24.99
C ALA J 225 -7.49 -27.96 -24.81
N ALA J 226 -8.36 -27.37 -23.99
CA ALA J 226 -9.72 -27.88 -23.87
C ALA J 226 -10.44 -27.78 -25.20
N GLN J 227 -10.33 -26.63 -25.87
CA GLN J 227 -10.93 -26.49 -27.20
C GLN J 227 -10.33 -27.49 -28.19
N ILE J 228 -9.00 -27.64 -28.17
CA ILE J 228 -8.33 -28.54 -29.09
C ILE J 228 -8.78 -29.98 -28.86
N ILE J 229 -8.86 -30.40 -27.60
CA ILE J 229 -9.23 -31.78 -27.29
C ILE J 229 -10.70 -32.03 -27.61
N THR J 230 -11.58 -31.05 -27.35
CA THR J 230 -12.98 -31.23 -27.71
C THR J 230 -13.15 -31.40 -29.22
N ARG J 231 -12.47 -30.55 -30.00
CA ARG J 231 -12.55 -30.69 -31.44
C ARG J 231 -11.93 -32.00 -31.91
N TYR J 232 -10.84 -32.44 -31.27
CA TYR J 232 -10.20 -33.68 -31.65
C TYR J 232 -11.12 -34.87 -31.38
N SER J 233 -11.80 -34.87 -30.24
CA SER J 233 -12.77 -35.92 -29.94
C SER J 233 -13.92 -35.92 -30.94
N ASN J 234 -14.44 -34.74 -31.29
CA ASN J 234 -15.50 -34.67 -32.28
C ASN J 234 -15.03 -35.20 -33.64
N LEU J 235 -13.82 -34.84 -34.05
CA LEU J 235 -13.28 -35.34 -35.32
C LEU J 235 -13.06 -36.84 -35.28
N THR J 236 -12.61 -37.37 -34.14
CA THR J 236 -12.46 -38.81 -34.00
C THR J 236 -13.80 -39.52 -34.12
N ASP J 237 -14.84 -38.95 -33.49
CA ASP J 237 -16.18 -39.52 -33.61
C ASP J 237 -16.68 -39.49 -35.05
N VAL J 238 -16.45 -38.38 -35.75
CA VAL J 238 -16.96 -38.24 -37.11
C VAL J 238 -16.23 -39.16 -38.08
N VAL J 239 -14.90 -39.21 -37.99
CA VAL J 239 -14.11 -39.88 -39.02
C VAL J 239 -14.15 -41.40 -38.83
N TRP J 240 -13.93 -41.86 -37.61
CA TRP J 240 -13.69 -43.28 -37.39
C TRP J 240 -14.89 -44.02 -36.82
N ASN J 241 -15.75 -43.32 -36.08
CA ASN J 241 -16.92 -43.94 -35.47
C ASN J 241 -18.18 -43.79 -36.34
N ASN J 242 -18.03 -43.23 -37.54
CA ASN J 242 -19.11 -43.10 -38.51
C ASN J 242 -20.29 -42.31 -37.95
N GLN J 243 -20.02 -41.34 -37.10
CA GLN J 243 -21.07 -40.50 -36.54
C GLN J 243 -21.37 -39.33 -37.47
N SER J 244 -22.47 -38.65 -37.20
CA SER J 244 -22.93 -37.56 -38.05
C SER J 244 -22.01 -36.35 -37.92
N LYS J 245 -21.85 -35.63 -39.04
CA LYS J 245 -21.03 -34.42 -39.06
C LYS J 245 -21.69 -33.26 -38.32
N GLU J 246 -22.97 -33.38 -37.95
CA GLU J 246 -23.68 -32.28 -37.31
C GLU J 246 -23.06 -31.88 -35.98
N ILE J 247 -22.29 -32.76 -35.34
CA ILE J 247 -21.65 -32.40 -34.09
C ILE J 247 -20.52 -31.39 -34.30
N LEU J 248 -20.05 -31.23 -35.53
CA LEU J 248 -18.99 -30.27 -35.82
C LEU J 248 -19.50 -28.87 -36.08
N ASN J 249 -20.80 -28.71 -36.37
CA ASN J 249 -21.36 -27.42 -36.74
C ASN J 249 -22.55 -27.01 -35.91
N ASN J 250 -22.72 -27.55 -34.70
CA ASN J 250 -23.93 -27.35 -33.93
C ASN J 250 -23.75 -26.33 -32.81
N ARG J 251 -22.58 -26.30 -32.16
CA ARG J 251 -22.45 -25.55 -30.91
C ARG J 251 -21.77 -24.20 -31.06
N ILE J 252 -21.25 -23.86 -32.24
CA ILE J 252 -20.55 -22.59 -32.41
C ILE J 252 -21.31 -21.75 -33.42
N VAL J 253 -22.63 -21.89 -33.43
CA VAL J 253 -23.48 -21.08 -34.29
C VAL J 253 -24.06 -19.94 -33.45
N ALA J 254 -24.64 -18.94 -34.11
CA ALA J 254 -25.21 -17.79 -33.43
C ALA J 254 -26.39 -18.19 -32.56
N HIS K 1 -3.07 36.77 8.85
CA HIS K 1 -4.44 36.35 8.43
C HIS K 1 -4.54 34.82 8.48
N GLY K 2 -4.65 34.26 9.69
CA GLY K 2 -4.74 32.79 9.83
C GLY K 2 -3.71 32.28 10.82
N GLU K 3 -2.70 33.09 11.13
CA GLU K 3 -1.62 32.64 12.05
C GLU K 3 -2.19 32.40 13.45
N ARG K 4 -3.21 33.17 13.84
CA ARG K 4 -3.80 33.04 15.20
C ARG K 4 -4.49 31.67 15.31
N SER K 5 -5.10 31.21 14.21
CA SER K 5 -5.73 29.86 14.20
C SER K 5 -4.66 28.80 14.52
N GLN K 6 -3.47 28.94 13.95
CA GLN K 6 -2.37 27.97 14.20
C GLN K 6 -2.17 27.83 15.72
N GLU K 7 -2.12 26.58 16.22
CA GLU K 7 -1.99 26.35 17.68
C GLU K 7 -0.79 27.11 18.25
N PRO K 8 -0.94 27.83 19.37
CA PRO K 8 0.15 28.62 19.93
C PRO K 8 1.41 27.79 20.17
N PHE K 9 1.31 26.75 21.01
CA PHE K 9 2.50 25.94 21.37
C PHE K 9 3.37 25.69 20.12
N LEU K 10 2.75 25.33 18.99
CA LEU K 10 3.51 25.05 17.75
C LEU K 10 4.31 26.29 17.33
N ARG K 11 3.62 27.34 16.85
CA ARG K 11 4.34 28.55 16.37
C ARG K 11 5.29 29.05 17.46
N MET K 12 4.82 29.17 18.70
CA MET K 12 5.65 29.71 19.81
C MET K 12 7.00 28.99 19.89
N ARG K 13 7.04 27.68 19.59
CA ARG K 13 8.30 26.92 19.78
C ARG K 13 8.90 26.46 18.44
N THR K 14 8.46 27.03 17.32
CA THR K 14 9.10 26.68 16.02
C THR K 14 10.05 27.78 15.59
N VAL K 15 9.60 28.66 14.71
CA VAL K 15 10.48 29.74 14.17
C VAL K 15 10.28 31.01 15.00
N GLN K 16 11.36 31.52 15.61
CA GLN K 16 11.26 32.77 16.42
C GLN K 16 11.83 33.94 15.59
N TRP K 17 10.95 34.65 14.88
CA TRP K 17 11.38 35.78 14.01
C TRP K 17 11.79 36.97 14.87
N TYR K 18 12.70 37.81 14.36
CA TYR K 18 13.14 39.02 15.11
C TYR K 18 13.82 40.01 14.15
N ASP K 19 13.78 41.31 14.48
CA ASP K 19 14.43 42.36 13.63
C ASP K 19 13.87 42.31 12.21
N ILE K 20 12.55 42.47 12.05
CA ILE K 20 11.93 42.37 10.69
C ILE K 20 11.63 43.79 10.15
N LYS K 21 12.21 44.13 9.00
CA LYS K 21 11.99 45.45 8.39
C LYS K 21 11.28 45.33 7.06
N TRP K 22 10.16 46.00 6.86
CA TRP K 22 9.45 46.11 5.59
C TRP K 22 9.65 47.51 5.04
N GLY K 23 9.98 47.61 3.74
CA GLY K 23 10.11 48.93 3.17
C GLY K 23 10.38 48.96 1.68
N PRO K 24 10.02 50.07 1.02
CA PRO K 24 9.38 51.27 1.57
C PRO K 24 7.91 51.05 1.89
N GLU K 25 7.33 51.88 2.76
CA GLU K 25 5.93 51.72 3.14
C GLU K 25 5.02 51.94 1.94
N VAL K 26 5.28 52.97 1.15
CA VAL K 26 4.49 53.29 -0.04
C VAL K 26 5.45 53.28 -1.23
N THR K 27 5.17 52.43 -2.21
CA THR K 27 5.98 52.31 -3.41
C THR K 27 5.09 52.35 -4.65
N LYS K 28 5.62 52.88 -5.74
CA LYS K 28 4.88 52.90 -6.99
C LYS K 28 5.09 51.59 -7.75
N VAL K 29 4.21 51.34 -8.72
CA VAL K 29 4.33 50.15 -9.55
C VAL K 29 5.65 50.21 -10.31
N ASN K 30 6.29 49.04 -10.44
CA ASN K 30 7.59 48.83 -11.11
C ASN K 30 8.75 49.34 -10.27
N GLU K 31 8.56 49.57 -8.97
CA GLU K 31 9.63 49.96 -8.07
C GLU K 31 9.99 48.81 -7.15
N ASN K 32 11.18 48.91 -6.56
CA ASN K 32 11.74 47.83 -5.74
C ASN K 32 11.30 47.97 -4.29
N ALA K 33 11.18 46.81 -3.62
CA ALA K 33 10.83 46.74 -2.22
C ALA K 33 11.62 45.61 -1.57
N LYS K 34 11.68 45.63 -0.24
CA LYS K 34 12.50 44.69 0.50
C LYS K 34 11.85 44.34 1.83
N ILE K 35 11.90 43.06 2.15
CA ILE K 35 11.51 42.55 3.46
C ILE K 35 12.72 41.83 4.03
N THR K 36 13.27 42.34 5.13
CA THR K 36 14.46 41.76 5.73
C THR K 36 14.14 41.32 7.16
N GLY K 37 14.91 40.36 7.66
CA GLY K 37 14.69 39.94 9.04
C GLY K 37 15.64 38.84 9.43
N LYS K 38 15.47 38.36 10.67
CA LYS K 38 16.19 37.19 11.15
C LYS K 38 15.23 36.29 11.89
N PHE K 39 15.58 35.01 11.97
CA PHE K 39 14.76 34.07 12.70
C PHE K 39 15.63 33.02 13.36
N HIS K 40 15.22 32.61 14.56
CA HIS K 40 15.87 31.56 15.32
C HIS K 40 14.97 30.34 15.32
N LEU K 41 15.55 29.17 15.02
CA LEU K 41 14.83 27.92 15.13
C LEU K 41 14.95 27.41 16.56
N ALA K 42 13.82 27.38 17.26
CA ALA K 42 13.84 27.09 18.70
C ALA K 42 14.32 25.67 18.97
N GLU K 43 15.11 25.53 20.03
CA GLU K 43 15.58 24.20 20.43
C GLU K 43 14.42 23.32 20.87
N ASP K 44 13.40 23.92 21.49
CA ASP K 44 12.19 23.20 21.86
C ASP K 44 11.26 23.07 20.68
N TRP K 45 11.74 22.51 19.57
CA TRP K 45 10.94 22.32 18.39
C TRP K 45 9.86 21.29 18.70
N PRO K 46 8.58 21.63 18.52
CA PRO K 46 7.51 20.71 18.90
C PRO K 46 7.54 19.43 18.08
N ARG K 47 7.09 18.34 18.70
CA ARG K 47 7.05 17.05 18.03
C ARG K 47 6.07 17.07 16.87
N ALA K 48 4.99 17.84 16.99
CA ALA K 48 3.98 17.91 15.94
C ALA K 48 4.56 18.49 14.66
N ALA K 49 5.42 19.50 14.78
CA ALA K 49 6.07 20.08 13.62
C ALA K 49 7.32 19.27 13.27
N ALA K 50 7.42 18.85 12.01
CA ALA K 50 8.55 18.07 11.57
C ALA K 50 9.82 18.93 11.53
N GLN K 51 10.96 18.25 11.52
CA GLN K 51 12.24 18.95 11.49
C GLN K 51 12.40 19.70 10.16
N PRO K 52 12.96 20.91 10.20
CA PRO K 52 13.08 21.70 8.97
C PRO K 52 14.18 21.20 8.05
N ASP K 53 14.06 19.96 7.58
CA ASP K 53 15.03 19.40 6.63
C ASP K 53 14.78 19.85 5.20
N PHE K 54 13.61 20.43 4.91
CA PHE K 54 13.31 21.02 3.61
C PHE K 54 12.51 22.28 3.88
N SER K 55 13.20 23.42 3.99
CA SER K 55 12.60 24.69 4.35
C SER K 55 12.66 25.64 3.17
N PHE K 56 11.50 26.22 2.83
CA PHE K 56 11.40 27.23 1.79
C PHE K 56 10.90 28.52 2.42
N PHE K 57 11.60 29.62 2.18
CA PHE K 57 11.16 30.90 2.72
C PHE K 57 10.17 31.52 1.75
N ASN K 58 8.93 31.70 2.20
CA ASN K 58 7.84 32.16 1.36
C ASN K 58 7.35 33.52 1.84
N VAL K 59 6.53 34.15 1.01
CA VAL K 59 5.94 35.46 1.30
C VAL K 59 4.44 35.29 1.41
N GLY K 60 3.87 35.75 2.52
CA GLY K 60 2.44 35.68 2.73
C GLY K 60 1.71 36.90 2.20
N SER K 61 1.62 37.02 0.89
CA SER K 61 0.93 38.13 0.26
C SER K 61 -0.52 37.77 -0.02
N PRO K 62 -1.41 38.77 -0.07
CA PRO K 62 -2.82 38.49 -0.41
C PRO K 62 -2.95 37.83 -1.77
N SER K 63 -2.12 38.28 -2.72
CA SER K 63 -2.02 37.74 -4.06
C SER K 63 -0.65 38.13 -4.58
N PRO K 64 -0.23 37.72 -5.79
CA PRO K 64 1.05 38.21 -6.30
C PRO K 64 1.02 39.70 -6.64
N VAL K 65 0.75 40.53 -5.62
CA VAL K 65 0.84 41.97 -5.78
C VAL K 65 2.29 42.41 -5.85
N PHE K 66 3.21 41.54 -5.44
CA PHE K 66 4.64 41.77 -5.57
C PHE K 66 5.22 40.59 -6.32
N VAL K 67 6.17 40.86 -7.22
CA VAL K 67 6.89 39.79 -7.89
C VAL K 67 8.20 39.58 -7.16
N ARG K 68 8.40 38.35 -6.69
CA ARG K 68 9.56 38.02 -5.84
C ARG K 68 10.79 37.98 -6.72
N LEU K 69 11.51 39.11 -6.78
CA LEU K 69 12.72 39.16 -7.59
C LEU K 69 13.79 38.23 -7.04
N SER K 70 13.93 38.15 -5.72
CA SER K 70 14.92 37.24 -5.14
C SER K 70 14.57 36.99 -3.68
N THR K 71 15.05 35.84 -3.19
CA THR K 71 15.02 35.49 -1.77
C THR K 71 16.37 34.93 -1.39
N LYS K 72 16.96 35.44 -0.31
CA LYS K 72 18.29 35.03 0.12
C LYS K 72 18.26 34.77 1.61
N ILE K 73 18.54 33.53 2.00
CA ILE K 73 18.75 33.19 3.41
C ILE K 73 20.23 33.33 3.71
N ASN K 74 20.54 34.08 4.77
CA ASN K 74 21.92 34.50 5.05
C ASN K 74 22.45 35.28 3.84
N GLY K 75 23.15 34.60 2.95
CA GLY K 75 23.60 35.21 1.71
C GLY K 75 23.46 34.30 0.51
N HIS K 76 22.82 33.15 0.72
CA HIS K 76 22.69 32.13 -0.32
C HIS K 76 21.34 32.28 -1.02
N PRO K 77 21.30 32.41 -2.35
CA PRO K 77 20.01 32.49 -3.06
C PRO K 77 19.12 31.28 -2.78
N TRP K 78 17.99 31.52 -2.13
CA TRP K 78 17.08 30.44 -1.74
C TRP K 78 15.93 30.30 -2.74
N PHE K 79 16.29 29.94 -3.97
CA PHE K 79 15.30 29.55 -4.96
C PHE K 79 14.81 28.11 -4.74
N ILE K 80 15.68 27.24 -4.27
CA ILE K 80 15.35 25.84 -4.00
C ILE K 80 15.36 25.63 -2.49
N SER K 81 14.37 24.89 -2.00
CA SER K 81 14.27 24.64 -0.56
C SER K 81 15.46 23.82 -0.09
N GLY K 82 15.79 23.98 1.19
CA GLY K 82 16.93 23.28 1.77
C GLY K 82 16.80 23.10 3.27
N PRO K 83 17.75 22.41 3.87
CA PRO K 83 17.67 22.11 5.30
C PRO K 83 18.16 23.26 6.16
N LEU K 84 17.54 23.41 7.33
CA LEU K 84 17.94 24.39 8.32
C LEU K 84 18.13 23.69 9.66
N GLN K 85 18.99 24.26 10.50
CA GLN K 85 19.38 23.65 11.75
C GLN K 85 18.61 24.25 12.92
N ILE K 86 18.14 23.39 13.82
CA ILE K 86 17.41 23.81 15.01
C ILE K 86 18.41 24.31 16.05
N GLY K 87 18.06 25.40 16.72
CA GLY K 87 18.96 26.03 17.66
C GLY K 87 19.93 27.01 17.02
N ARG K 88 19.75 27.33 15.75
CA ARG K 88 20.63 28.21 15.02
C ARG K 88 19.84 29.38 14.45
N ASP K 89 20.53 30.50 14.25
CA ASP K 89 19.92 31.73 13.78
C ASP K 89 20.24 31.94 12.30
N TYR K 90 19.29 32.51 11.58
CA TYR K 90 19.43 32.76 10.15
C TYR K 90 18.94 34.16 9.84
N GLU K 91 19.46 34.74 8.76
CA GLU K 91 19.04 36.03 8.27
C GLU K 91 18.43 35.86 6.89
N PHE K 92 17.37 36.61 6.60
CA PHE K 92 16.69 36.54 5.32
C PHE K 92 16.48 37.92 4.75
N GLU K 93 16.52 37.98 3.42
CA GLU K 93 16.24 39.19 2.66
C GLU K 93 15.45 38.82 1.42
N VAL K 94 14.29 39.45 1.24
CA VAL K 94 13.43 39.21 0.09
C VAL K 94 13.33 40.51 -0.70
N ASN K 95 13.74 40.46 -1.96
CA ASN K 95 13.68 41.60 -2.87
C ASN K 95 12.50 41.40 -3.82
N LEU K 96 11.61 42.38 -3.85
CA LEU K 96 10.34 42.29 -4.57
C LEU K 96 10.17 43.52 -5.45
N ARG K 97 9.18 43.46 -6.33
CA ARG K 97 8.86 44.56 -7.24
C ARG K 97 7.34 44.75 -7.28
N ALA K 98 6.90 46.00 -7.23
CA ALA K 98 5.48 46.31 -7.08
C ALA K 98 4.72 45.98 -8.36
N ARG K 99 3.61 45.25 -8.21
CA ARG K 99 2.80 44.83 -9.35
C ARG K 99 1.39 45.38 -9.32
N ILE K 100 0.66 45.20 -8.22
CA ILE K 100 -0.77 45.51 -8.14
C ILE K 100 -0.97 46.58 -7.08
N PRO K 101 -1.61 47.70 -7.41
CA PRO K 101 -1.84 48.75 -6.40
C PRO K 101 -2.82 48.29 -5.32
N GLY K 102 -2.70 48.91 -4.16
CA GLY K 102 -3.59 48.64 -3.06
C GLY K 102 -2.83 48.62 -1.75
N ARG K 103 -3.56 48.30 -0.68
CA ARG K 103 -2.98 48.14 0.65
C ARG K 103 -3.01 46.66 0.99
N HIS K 104 -1.81 46.14 1.39
CA HIS K 104 -1.67 44.70 1.53
C HIS K 104 -0.80 44.36 2.70
N HIS K 105 -1.19 43.36 3.48
CA HIS K 105 -0.46 42.90 4.67
C HIS K 105 0.52 41.87 4.20
N MET K 106 1.78 42.08 4.49
CA MET K 106 2.87 41.34 3.86
C MET K 106 3.69 40.64 4.87
N HIS K 107 3.68 39.33 4.85
CA HIS K 107 4.24 38.50 5.88
C HIS K 107 5.49 37.75 5.50
N ALA K 108 6.12 37.13 6.48
CA ALA K 108 7.30 36.27 6.32
C ALA K 108 6.83 34.88 6.59
N MET K 109 7.14 33.91 5.79
CA MET K 109 6.78 32.58 6.25
C MET K 109 7.92 31.62 5.97
N LEU K 110 7.97 30.54 6.74
CA LEU K 110 8.91 29.44 6.53
C LEU K 110 8.09 28.17 6.36
N ASN K 111 8.00 27.68 5.12
CA ASN K 111 7.30 26.44 4.83
C ASN K 111 8.23 25.27 5.06
N VAL K 112 7.84 24.38 5.97
CA VAL K 112 8.60 23.18 6.29
C VAL K 112 7.93 21.99 5.60
N LYS K 113 8.75 21.04 5.15
CA LYS K 113 8.33 19.91 4.33
C LYS K 113 7.06 19.24 4.85
N ASP K 114 7.09 18.72 6.07
CA ASP K 114 5.95 18.00 6.63
C ASP K 114 5.19 18.79 7.69
N ALA K 115 5.82 19.76 8.33
CA ALA K 115 5.14 20.55 9.35
C ALA K 115 4.06 21.42 8.74
N GLY K 116 4.40 22.13 7.67
CA GLY K 116 3.49 23.05 7.04
C GLY K 116 3.98 24.48 7.09
N PRO K 117 3.07 25.44 6.93
CA PRO K 117 3.48 26.85 6.94
C PRO K 117 3.65 27.36 8.37
N ILE K 118 4.68 28.17 8.58
CA ILE K 118 4.90 28.88 9.84
C ILE K 118 4.91 30.36 9.50
N ALA K 119 3.75 31.00 9.62
CA ALA K 119 3.61 32.40 9.27
C ALA K 119 4.29 33.28 10.32
N GLY K 120 4.64 34.51 9.94
CA GLY K 120 5.32 35.42 10.82
C GLY K 120 4.59 36.74 10.96
N PRO K 121 5.31 37.77 11.40
CA PRO K 121 4.68 39.09 11.58
C PRO K 121 4.24 39.71 10.26
N GLY K 122 3.31 40.65 10.33
CA GLY K 122 2.83 41.32 9.13
C GLY K 122 2.72 42.82 9.26
N ALA K 123 2.96 43.53 8.16
CA ALA K 123 2.83 44.98 8.11
C ALA K 123 2.12 45.38 6.83
N TRP K 124 1.46 46.53 6.87
CA TRP K 124 0.68 47.01 5.74
C TRP K 124 1.57 47.82 4.80
N MET K 125 1.65 47.39 3.54
CA MET K 125 2.40 48.08 2.50
C MET K 125 1.45 48.56 1.42
N ASN K 126 1.73 49.74 0.87
CA ASN K 126 0.86 50.39 -0.10
C ASN K 126 1.55 50.49 -1.45
N ILE K 127 0.82 50.15 -2.51
CA ILE K 127 1.27 50.27 -3.89
C ILE K 127 0.35 51.26 -4.60
N THR K 128 0.96 52.26 -5.24
CA THR K 128 0.22 53.29 -5.96
C THR K 128 0.59 53.25 -7.43
N GLY K 129 -0.41 53.16 -8.30
CA GLY K 129 -0.17 53.13 -9.72
C GLY K 129 -1.26 52.41 -10.48
N SER K 130 -0.88 51.62 -11.48
CA SER K 130 -1.83 50.85 -12.27
C SER K 130 -1.21 49.50 -12.63
N TRP K 131 -2.00 48.44 -12.49
CA TRP K 131 -1.54 47.11 -12.84
C TRP K 131 -1.24 46.97 -14.33
N ASP K 132 -1.84 47.79 -15.18
CA ASP K 132 -1.57 47.77 -16.61
C ASP K 132 -0.30 48.53 -16.98
N ASP K 133 0.34 49.21 -16.04
CA ASP K 133 1.64 49.80 -16.24
C ASP K 133 2.78 48.91 -15.78
N PHE K 134 2.48 47.70 -15.33
CA PHE K 134 3.52 46.82 -14.79
C PHE K 134 4.32 46.18 -15.92
N THR K 135 5.64 46.30 -15.84
CA THR K 135 6.55 45.64 -16.76
C THR K 135 7.69 45.04 -15.96
N ASN K 136 8.07 43.81 -16.30
CA ASN K 136 9.18 43.15 -15.62
C ASN K 136 10.21 42.70 -16.65
N PRO K 137 11.09 43.59 -17.11
CA PRO K 137 12.03 43.23 -18.17
C PRO K 137 13.19 42.37 -17.66
N LEU K 138 13.29 41.16 -18.17
CA LEU K 138 14.35 40.23 -17.84
C LEU K 138 15.21 39.95 -19.07
N LYS K 139 16.43 39.47 -18.82
CA LYS K 139 17.36 39.11 -19.88
C LYS K 139 17.76 37.65 -19.72
N LEU K 140 17.66 36.89 -20.79
CA LEU K 140 17.94 35.46 -20.74
C LEU K 140 19.40 35.18 -21.05
N LEU K 141 19.84 33.97 -20.70
CA LEU K 141 21.23 33.59 -20.94
C LEU K 141 21.53 33.50 -22.43
N THR K 142 20.53 33.17 -23.23
CA THR K 142 20.73 33.07 -24.67
C THR K 142 20.83 34.43 -25.35
N GLY K 143 20.48 35.50 -24.64
CA GLY K 143 20.65 36.84 -25.17
C GLY K 143 19.40 37.49 -25.70
N GLU K 144 18.26 37.25 -25.06
CA GLU K 144 16.99 37.85 -25.46
C GLU K 144 16.37 38.55 -24.28
N THR K 145 15.74 39.71 -24.53
CA THR K 145 15.03 40.44 -23.49
C THR K 145 13.54 40.09 -23.58
N ILE K 146 12.94 39.82 -22.42
CA ILE K 146 11.54 39.42 -22.33
C ILE K 146 10.86 40.19 -21.21
N ASP K 147 9.54 40.05 -21.14
CA ASP K 147 8.74 40.61 -20.05
C ASP K 147 8.04 39.44 -19.39
N SER K 148 8.20 39.32 -18.07
CA SER K 148 7.65 38.17 -17.36
C SER K 148 6.13 38.17 -17.38
N GLU K 149 5.51 39.35 -17.40
CA GLU K 149 4.05 39.41 -17.44
C GLU K 149 3.52 38.90 -18.78
N THR K 150 4.19 39.23 -19.89
CA THR K 150 3.79 38.80 -21.23
C THR K 150 4.97 38.04 -21.83
N PHE K 151 5.03 36.73 -21.54
CA PHE K 151 6.07 35.87 -22.08
C PHE K 151 5.47 34.53 -22.42
N ASN K 152 5.67 34.08 -23.66
CA ASN K 152 5.12 32.82 -24.15
C ASN K 152 3.60 32.80 -24.02
N LEU K 153 2.98 33.96 -24.21
CA LEU K 153 1.54 34.12 -24.11
C LEU K 153 0.86 33.87 -25.45
N SER K 154 1.36 34.51 -26.51
CA SER K 154 0.78 34.31 -27.83
C SER K 154 1.07 32.91 -28.35
N ASN K 155 2.22 32.34 -27.99
CA ASN K 155 2.59 31.01 -28.47
C ASN K 155 1.61 29.95 -27.97
N GLY K 156 1.39 29.92 -26.65
CA GLY K 156 0.51 28.91 -26.08
C GLY K 156 -0.93 29.08 -26.55
N ILE K 157 -1.41 30.32 -26.60
CA ILE K 157 -2.76 30.57 -27.07
C ILE K 157 -2.90 30.18 -28.54
N PHE K 158 -1.88 30.46 -29.33
CA PHE K 158 -1.91 30.11 -30.75
C PHE K 158 -2.00 28.60 -30.95
N TRP K 159 -1.14 27.85 -30.25
CA TRP K 159 -1.16 26.39 -30.42
C TRP K 159 -2.46 25.81 -29.88
N HIS K 160 -2.96 26.35 -28.76
CA HIS K 160 -4.25 25.93 -28.23
C HIS K 160 -5.36 26.17 -29.23
N VAL K 161 -5.38 27.34 -29.87
CA VAL K 161 -6.43 27.67 -30.82
C VAL K 161 -6.36 26.74 -32.03
N VAL K 162 -5.14 26.46 -32.51
CA VAL K 162 -5.00 25.59 -33.68
C VAL K 162 -5.52 24.19 -33.37
N TRP K 163 -5.05 23.61 -32.26
CA TRP K 163 -5.46 22.24 -31.95
C TRP K 163 -6.94 22.17 -31.59
N MET K 164 -7.46 23.20 -30.92
CA MET K 164 -8.87 23.21 -30.57
C MET K 164 -9.74 23.36 -31.81
N SER K 165 -9.29 24.13 -32.80
CA SER K 165 -10.01 24.22 -34.06
C SER K 165 -10.03 22.87 -34.78
N ILE K 166 -8.90 22.18 -34.80
CA ILE K 166 -8.88 20.85 -35.42
C ILE K 166 -9.84 19.91 -34.69
N GLY K 167 -9.81 19.92 -33.37
CA GLY K 167 -10.70 19.06 -32.59
C GLY K 167 -12.17 19.41 -32.80
N ILE K 168 -12.48 20.70 -32.85
CA ILE K 168 -13.86 21.14 -33.06
C ILE K 168 -14.34 20.74 -34.44
N PHE K 169 -13.48 20.84 -35.46
CA PHE K 169 -13.87 20.37 -36.79
C PHE K 169 -14.14 18.87 -36.78
N TRP K 170 -13.27 18.10 -36.12
CA TRP K 170 -13.46 16.66 -36.04
C TRP K 170 -14.76 16.29 -35.34
N ILE K 171 -15.08 17.00 -34.26
CA ILE K 171 -16.32 16.73 -33.53
C ILE K 171 -17.53 17.12 -34.38
N GLY K 172 -17.50 18.32 -34.96
CA GLY K 172 -18.65 18.87 -35.65
C GLY K 172 -18.91 18.30 -37.03
N VAL K 173 -17.95 17.57 -37.60
CA VAL K 173 -18.24 16.90 -38.87
C VAL K 173 -19.28 15.79 -38.67
N PHE K 174 -19.45 15.32 -37.44
CA PHE K 174 -20.45 14.31 -37.13
C PHE K 174 -21.71 14.88 -36.48
N THR K 175 -21.59 16.00 -35.76
CA THR K 175 -22.77 16.65 -35.20
C THR K 175 -23.41 17.58 -36.21
N ALA K 176 -23.68 17.05 -37.42
CA ALA K 176 -24.39 17.79 -38.45
C ALA K 176 -25.43 16.92 -39.13
N ARG K 177 -25.77 15.78 -38.55
CA ARG K 177 -26.66 14.80 -39.16
C ARG K 177 -27.28 13.97 -38.05
N PRO K 178 -28.39 13.25 -38.34
CA PRO K 178 -28.97 12.34 -37.34
C PRO K 178 -27.92 11.47 -36.67
N MET K 179 -27.81 11.60 -35.34
CA MET K 179 -26.63 11.10 -34.64
C MET K 179 -26.91 10.14 -33.48
N PHE K 180 -28.10 10.16 -32.88
CA PHE K 180 -28.35 9.31 -31.71
C PHE K 180 -29.42 8.25 -31.98
N LEU K 181 -30.64 8.64 -32.33
CA LEU K 181 -31.73 7.68 -32.43
C LEU K 181 -31.73 6.90 -33.74
N PRO K 182 -31.68 7.54 -34.92
CA PRO K 182 -31.69 6.74 -36.15
C PRO K 182 -30.50 5.81 -36.25
N ARG K 183 -29.32 6.25 -35.80
CA ARG K 183 -28.15 5.38 -35.79
C ARG K 183 -28.36 4.19 -34.88
N SER K 184 -28.95 4.42 -33.70
CA SER K 184 -29.22 3.32 -32.79
C SER K 184 -30.18 2.31 -33.39
N ARG K 185 -31.26 2.79 -34.02
CA ARG K 185 -32.21 1.88 -34.64
C ARG K 185 -31.59 1.09 -35.78
N VAL K 186 -30.82 1.77 -36.64
CA VAL K 186 -30.20 1.08 -37.78
C VAL K 186 -29.21 0.05 -37.30
N LEU K 187 -28.37 0.40 -36.32
CA LEU K 187 -27.40 -0.54 -35.76
C LEU K 187 -28.06 -1.72 -35.06
N LEU K 188 -29.15 -1.50 -34.32
CA LEU K 188 -29.82 -2.58 -33.61
C LEU K 188 -30.71 -3.42 -34.50
N ALA K 189 -31.04 -2.95 -35.71
CA ALA K 189 -31.89 -3.73 -36.60
C ALA K 189 -31.16 -4.24 -37.83
N TYR K 190 -30.07 -3.59 -38.24
CA TYR K 190 -29.46 -3.91 -39.53
C TYR K 190 -27.94 -4.04 -39.48
N GLY K 191 -27.31 -3.86 -38.33
CA GLY K 191 -25.87 -3.87 -38.23
C GLY K 191 -25.26 -2.52 -38.58
N ASP K 192 -23.94 -2.53 -38.71
CA ASP K 192 -23.17 -1.32 -38.95
C ASP K 192 -22.84 -1.08 -40.42
N ASP K 193 -23.40 -1.91 -41.32
CA ASP K 193 -23.04 -1.79 -42.73
C ASP K 193 -23.43 -0.43 -43.30
N LEU K 194 -24.62 0.06 -42.98
CA LEU K 194 -25.06 1.36 -43.45
C LEU K 194 -24.53 2.50 -42.58
N LEU K 195 -23.89 2.20 -41.46
CA LEU K 195 -23.37 3.21 -40.56
C LEU K 195 -21.94 3.63 -40.86
N MET K 196 -21.27 2.99 -41.81
CA MET K 196 -19.91 3.32 -42.20
C MET K 196 -19.93 4.09 -43.51
N ASP K 197 -19.28 5.25 -43.54
CA ASP K 197 -19.30 6.16 -44.67
C ASP K 197 -17.90 6.33 -45.24
N PRO K 198 -17.70 6.05 -46.52
CA PRO K 198 -16.35 6.25 -47.10
C PRO K 198 -15.84 7.67 -47.01
N MET K 199 -16.73 8.66 -47.09
CA MET K 199 -16.30 10.05 -46.93
C MET K 199 -15.71 10.27 -45.54
N ASP K 200 -16.29 9.66 -44.51
CA ASP K 200 -15.69 9.72 -43.19
C ASP K 200 -14.31 9.07 -43.16
N LYS K 201 -14.12 7.99 -43.93
CA LYS K 201 -12.80 7.38 -44.00
C LYS K 201 -11.78 8.32 -44.65
N LYS K 202 -12.17 9.01 -45.72
CA LYS K 202 -11.27 9.96 -46.36
C LYS K 202 -10.92 11.09 -45.40
N ILE K 203 -11.92 11.61 -44.69
CA ILE K 203 -11.68 12.68 -43.71
C ILE K 203 -10.76 12.18 -42.61
N THR K 204 -10.97 10.95 -42.14
CA THR K 204 -10.13 10.39 -41.08
C THR K 204 -8.68 10.26 -41.54
N TRP K 205 -8.47 9.77 -42.77
CA TRP K 205 -7.10 9.63 -43.28
C TRP K 205 -6.43 10.99 -43.39
N VAL K 206 -7.15 11.97 -43.96
CA VAL K 206 -6.58 13.31 -44.14
C VAL K 206 -6.23 13.91 -42.79
N LEU K 207 -7.14 13.79 -41.82
CA LEU K 207 -6.92 14.39 -40.51
C LEU K 207 -5.80 13.68 -39.74
N ALA K 208 -5.67 12.36 -39.88
CA ALA K 208 -4.58 11.66 -39.23
C ALA K 208 -3.23 12.08 -39.81
N ILE K 209 -3.15 12.18 -41.13
CA ILE K 209 -1.91 12.63 -41.76
C ILE K 209 -1.59 14.06 -41.31
N LEU K 210 -2.61 14.92 -41.26
CA LEU K 210 -2.41 16.30 -40.85
C LEU K 210 -1.95 16.37 -39.40
N THR K 211 -2.52 15.54 -38.52
CA THR K 211 -2.16 15.56 -37.11
C THR K 211 -0.72 15.13 -36.91
N LEU K 212 -0.31 14.03 -37.55
CA LEU K 212 1.07 13.57 -37.42
C LEU K 212 2.04 14.60 -37.99
N ALA K 213 1.72 15.15 -39.16
CA ALA K 213 2.58 16.15 -39.77
C ALA K 213 2.69 17.39 -38.89
N LEU K 214 1.58 17.81 -38.28
CA LEU K 214 1.61 18.99 -37.43
C LEU K 214 2.44 18.75 -36.17
N VAL K 215 2.31 17.56 -35.57
CA VAL K 215 3.13 17.26 -34.39
C VAL K 215 4.60 17.32 -34.75
N TRP K 216 4.99 16.64 -35.83
CA TRP K 216 6.40 16.63 -36.23
C TRP K 216 6.89 18.03 -36.58
N GLY K 217 6.08 18.79 -37.32
CA GLY K 217 6.49 20.12 -37.74
C GLY K 217 6.63 21.08 -36.58
N GLY K 218 5.68 21.04 -35.64
CA GLY K 218 5.79 21.89 -34.46
C GLY K 218 7.01 21.55 -33.62
N TYR K 219 7.27 20.25 -33.44
CA TYR K 219 8.46 19.86 -32.68
C TYR K 219 9.73 20.35 -33.36
N ARG K 220 9.84 20.15 -34.68
CA ARG K 220 11.05 20.57 -35.39
C ARG K 220 11.19 22.08 -35.40
N TYR K 221 10.09 22.81 -35.57
CA TYR K 221 10.14 24.27 -35.55
C TYR K 221 10.61 24.79 -34.20
N THR K 222 10.08 24.21 -33.11
CA THR K 222 10.49 24.64 -31.79
C THR K 222 11.95 24.30 -31.51
N GLU K 223 12.39 23.12 -31.92
CA GLU K 223 13.78 22.73 -31.70
C GLU K 223 14.76 23.46 -32.60
N ASN K 224 14.29 24.02 -33.72
CA ASN K 224 15.12 24.88 -34.55
C ASN K 224 15.14 26.33 -34.08
N LYS K 225 14.06 26.82 -33.48
CA LYS K 225 14.00 28.17 -32.97
C LYS K 225 14.75 28.33 -31.65
N HIS K 226 14.76 27.30 -30.80
CA HIS K 226 15.44 27.33 -29.50
C HIS K 226 16.33 26.10 -29.40
N PRO K 227 17.54 26.14 -29.98
CA PRO K 227 18.43 24.97 -29.89
C PRO K 227 18.89 24.66 -28.48
N TYR K 228 19.05 25.67 -27.63
CA TYR K 228 19.58 25.51 -26.29
C TYR K 228 18.48 25.75 -25.27
N THR K 229 18.17 24.73 -24.47
CA THR K 229 17.18 24.83 -23.40
C THR K 229 17.68 24.03 -22.21
N VAL K 230 17.36 24.50 -21.01
CA VAL K 230 17.73 23.78 -19.78
C VAL K 230 16.48 23.15 -19.19
N PRO K 231 16.60 22.03 -18.49
CA PRO K 231 15.40 21.41 -17.89
C PRO K 231 14.91 22.17 -16.67
N ILE K 232 13.87 21.66 -16.03
CA ILE K 232 13.33 22.29 -14.82
C ILE K 232 14.32 22.04 -13.69
N GLN K 233 14.82 23.11 -13.08
CA GLN K 233 15.86 22.99 -12.08
C GLN K 233 15.31 22.44 -10.77
N ALA K 234 16.13 21.68 -10.07
CA ALA K 234 15.76 21.06 -8.81
C ALA K 234 17.01 20.97 -7.94
N GLY K 235 16.93 20.18 -6.87
CA GLY K 235 18.04 20.03 -5.95
C GLY K 235 17.74 20.57 -4.56
N GLN K 236 18.72 21.21 -3.94
CA GLN K 236 18.49 21.84 -2.62
C GLN K 236 19.45 23.02 -2.41
N SER K 237 19.06 24.00 -1.59
CA SER K 237 19.96 25.13 -1.28
C SER K 237 20.66 24.85 0.06
N LYS K 238 21.88 25.38 0.24
CA LYS K 238 22.64 25.10 1.48
C LYS K 238 23.38 26.36 1.93
N VAL K 239 23.14 26.80 3.18
CA VAL K 239 23.88 27.97 3.72
C VAL K 239 24.26 27.67 5.18
N ALA K 240 25.46 28.10 5.60
CA ALA K 240 25.90 27.92 7.00
C ALA K 240 25.13 28.90 7.88
N ALA K 241 24.64 28.44 9.04
CA ALA K 241 23.89 29.30 9.94
C ALA K 241 24.79 30.39 10.52
N LEU K 242 24.17 31.44 11.04
CA LEU K 242 24.92 32.51 11.67
C LEU K 242 25.70 31.96 12.86
N PRO K 243 26.93 32.42 13.06
CA PRO K 243 27.74 31.91 14.17
C PRO K 243 27.08 32.16 15.52
N VAL K 244 27.21 31.18 16.41
CA VAL K 244 26.59 31.28 17.72
C VAL K 244 27.23 32.41 18.51
N ALA K 245 26.43 33.39 18.91
CA ALA K 245 26.96 34.50 19.68
C ALA K 245 27.12 34.11 21.14
N PRO K 246 28.21 34.54 21.79
CA PRO K 246 28.39 34.22 23.20
C PRO K 246 27.36 34.94 24.06
N ASN K 247 26.67 34.17 24.89
CA ASN K 247 25.61 34.70 25.75
C ASN K 247 26.05 34.66 27.20
N PRO K 248 26.25 35.82 27.86
CA PRO K 248 26.57 35.79 29.29
C PRO K 248 25.37 35.49 30.18
N VAL K 249 24.19 35.29 29.62
CA VAL K 249 22.96 35.05 30.39
C VAL K 249 22.54 33.61 30.19
N SER K 250 22.33 32.90 31.30
CA SER K 250 21.81 31.54 31.28
C SER K 250 20.51 31.52 32.07
N ILE K 251 19.44 31.00 31.46
CA ILE K 251 18.10 31.05 32.04
C ILE K 251 17.55 29.64 32.18
N VAL K 252 17.04 29.32 33.35
CA VAL K 252 16.39 28.03 33.62
C VAL K 252 14.96 28.33 34.07
N ILE K 253 13.99 27.78 33.34
CA ILE K 253 12.58 28.04 33.63
C ILE K 253 12.13 27.05 34.72
N THR K 254 11.56 27.58 35.80
CA THR K 254 11.10 26.74 36.90
C THR K 254 9.59 26.57 36.92
N ASP K 255 8.85 27.63 36.60
CA ASP K 255 7.39 27.57 36.61
C ASP K 255 6.86 28.52 35.55
N ALA K 256 5.65 28.21 35.07
CA ALA K 256 4.98 29.04 34.07
C ALA K 256 3.50 28.72 34.11
N ASN K 257 2.66 29.77 34.12
CA ASN K 257 1.22 29.60 34.14
C ASN K 257 0.56 30.67 33.30
N TYR K 258 -0.61 30.36 32.75
CA TYR K 258 -1.39 31.30 31.97
C TYR K 258 -2.84 31.29 32.44
N ASP K 259 -3.46 32.47 32.48
CA ASP K 259 -4.85 32.58 32.92
C ASP K 259 -5.78 32.06 31.83
N VAL K 260 -6.67 31.14 32.21
CA VAL K 260 -7.66 30.68 31.23
C VAL K 260 -8.79 31.71 31.11
N PRO K 261 -9.40 32.19 32.21
CA PRO K 261 -10.36 33.30 32.04
C PRO K 261 -9.68 34.66 32.18
N GLY K 262 -8.74 34.93 31.28
CA GLY K 262 -8.02 36.18 31.34
C GLY K 262 -6.97 36.26 30.25
N ARG K 263 -6.04 37.20 30.43
CA ARG K 263 -4.93 37.38 29.48
C ARG K 263 -3.69 37.75 30.29
N ALA K 264 -2.75 36.80 30.39
CA ALA K 264 -1.52 36.96 31.14
C ALA K 264 -0.65 35.75 30.89
N LEU K 265 0.67 35.98 30.91
CA LEU K 265 1.65 34.89 30.87
C LEU K 265 2.66 35.16 31.98
N ARG K 266 2.68 34.30 32.98
CA ARG K 266 3.57 34.44 34.13
C ARG K 266 4.61 33.33 34.07
N VAL K 267 5.89 33.71 34.01
CA VAL K 267 6.98 32.76 33.89
C VAL K 267 7.97 33.00 35.01
N THR K 268 8.29 31.95 35.76
CA THR K 268 9.31 32.02 36.80
C THR K 268 10.62 31.45 36.28
N MET K 269 11.70 32.21 36.43
CA MET K 269 12.97 31.84 35.84
C MET K 269 14.11 32.09 36.83
N GLU K 270 15.20 31.37 36.63
CA GLU K 270 16.45 31.58 37.34
C GLU K 270 17.48 32.04 36.32
N VAL K 271 17.95 33.27 36.45
CA VAL K 271 18.87 33.87 35.48
C VAL K 271 20.24 34.00 36.12
N THR K 272 21.27 33.75 35.31
CA THR K 272 22.65 33.80 35.77
C THR K 272 23.45 34.64 34.78
N ASN K 273 24.06 35.71 35.27
CA ASN K 273 24.90 36.59 34.45
C ASN K 273 26.35 36.23 34.76
N ASN K 274 26.87 35.24 34.04
CA ASN K 274 28.25 34.81 34.21
C ASN K 274 29.23 35.64 33.38
N GLY K 275 28.83 36.83 32.94
CA GLY K 275 29.69 37.72 32.21
C GLY K 275 30.45 38.69 33.11
N ASP K 276 30.74 39.89 32.59
CA ASP K 276 31.49 40.87 33.37
C ASP K 276 30.87 42.26 33.31
N ILE K 277 29.58 42.39 32.99
CA ILE K 277 28.95 43.69 32.86
C ILE K 277 27.47 43.54 33.19
N PRO K 278 26.86 44.50 33.89
CA PRO K 278 25.43 44.37 34.26
C PRO K 278 24.54 44.22 33.05
N VAL K 279 23.48 43.44 33.20
CA VAL K 279 22.59 43.06 32.11
C VAL K 279 21.14 43.23 32.58
N THR K 280 20.32 43.88 31.76
CA THR K 280 18.94 44.16 32.12
C THR K 280 18.00 43.70 31.01
N PHE K 281 16.97 42.95 31.40
CA PHE K 281 16.01 42.40 30.46
C PHE K 281 15.04 43.47 29.98
N GLY K 282 14.71 43.43 28.69
CA GLY K 282 13.85 44.47 28.15
C GLY K 282 12.75 44.05 27.19
N GLU K 283 12.73 42.80 26.75
CA GLU K 283 11.76 42.42 25.72
C GLU K 283 11.55 40.92 25.72
N PHE K 284 10.29 40.52 25.58
CA PHE K 284 9.91 39.12 25.38
C PHE K 284 9.17 39.03 24.04
N THR K 285 9.69 38.21 23.14
CA THR K 285 9.14 38.09 21.79
C THR K 285 8.66 36.67 21.54
N THR K 286 7.45 36.53 21.01
CA THR K 286 6.94 35.24 20.59
C THR K 286 5.85 35.44 19.54
N ALA K 287 5.92 34.65 18.46
CA ALA K 287 4.96 34.71 17.36
C ALA K 287 4.85 36.13 16.79
N GLY K 288 5.99 36.83 16.73
CA GLY K 288 6.02 38.18 16.23
C GLY K 288 5.57 39.21 17.25
N ILE K 289 4.75 38.77 18.22
CA ILE K 289 4.30 39.65 19.28
C ILE K 289 5.48 40.01 20.19
N ARG K 290 5.55 41.29 20.57
CA ARG K 290 6.64 41.81 21.36
C ARG K 290 6.09 42.50 22.60
N PHE K 291 6.57 42.11 23.77
CA PHE K 291 6.27 42.76 25.04
C PHE K 291 7.53 43.47 25.50
N ILE K 292 7.43 44.79 25.70
CA ILE K 292 8.59 45.61 25.97
C ILE K 292 8.37 46.42 27.24
N ASN K 293 9.47 46.88 27.81
CA ASN K 293 9.47 47.80 28.94
C ASN K 293 10.37 48.97 28.55
N SER K 294 10.71 49.82 29.53
CA SER K 294 11.53 50.99 29.25
C SER K 294 12.85 50.60 28.59
N THR K 295 13.50 49.55 29.08
CA THR K 295 14.74 49.09 28.47
C THR K 295 14.51 48.63 27.03
N GLY K 296 13.44 47.86 26.80
CA GLY K 296 13.13 47.44 25.45
C GLY K 296 12.69 48.60 24.58
N ARG K 297 12.00 49.57 25.17
CA ARG K 297 11.55 50.74 24.41
C ARG K 297 12.74 51.59 23.98
N LYS K 298 13.82 51.57 24.77
CA LYS K 298 15.01 52.35 24.44
C LYS K 298 15.61 51.90 23.11
N TYR K 299 15.69 50.60 22.88
CA TYR K 299 16.17 50.03 21.63
C TYR K 299 14.97 49.39 20.92
N LEU K 300 14.25 50.21 20.15
CA LEU K 300 13.05 49.76 19.46
C LEU K 300 13.02 50.41 18.07
N ASP K 301 12.69 49.62 17.06
CA ASP K 301 12.58 50.14 15.70
C ASP K 301 11.33 51.02 15.62
N PRO K 302 11.48 52.30 15.29
CA PRO K 302 10.31 53.20 15.25
C PRO K 302 9.34 52.88 14.12
N GLN K 303 9.79 52.08 13.14
CA GLN K 303 8.95 51.71 12.01
C GLN K 303 8.35 50.32 12.11
N TYR K 304 8.59 49.58 13.17
CA TYR K 304 7.95 48.29 13.35
C TYR K 304 6.44 48.50 13.56
N PRO K 305 5.59 47.65 12.99
CA PRO K 305 4.14 47.80 13.20
C PRO K 305 3.76 47.84 14.67
N ARG K 306 2.95 48.82 15.05
CA ARG K 306 2.58 49.03 16.45
C ARG K 306 1.45 48.12 16.91
N GLU K 307 0.81 47.39 16.00
CA GLU K 307 -0.25 46.46 16.38
C GLU K 307 0.27 45.16 16.96
N LEU K 308 1.58 44.92 16.90
CA LEU K 308 2.20 43.76 17.52
C LEU K 308 3.16 44.15 18.63
N ILE K 309 3.09 45.37 19.14
CA ILE K 309 3.93 45.85 20.23
C ILE K 309 3.05 46.16 21.42
N ALA K 310 3.42 45.61 22.59
CA ALA K 310 2.64 45.81 23.80
C ALA K 310 3.61 46.17 24.92
N VAL K 311 3.40 47.32 25.56
CA VAL K 311 4.20 47.69 26.72
C VAL K 311 3.53 47.07 27.93
N GLY K 312 3.86 45.80 28.20
CA GLY K 312 3.26 45.08 29.30
C GLY K 312 4.21 44.12 29.99
N LEU K 313 5.51 44.31 29.78
CA LEU K 313 6.51 43.41 30.34
C LEU K 313 6.91 43.91 31.72
N ASN K 314 6.62 43.11 32.75
CA ASN K 314 6.85 43.48 34.13
C ASN K 314 7.67 42.42 34.83
N PHE K 315 8.63 42.84 35.63
CA PHE K 315 9.43 41.95 36.47
C PHE K 315 9.21 42.32 37.93
N ASP K 316 9.34 41.31 38.81
CA ASP K 316 9.27 41.58 40.25
C ASP K 316 10.42 42.49 40.67
N ASP K 317 11.61 42.25 40.14
CA ASP K 317 12.79 43.08 40.37
C ASP K 317 13.29 43.55 39.02
N GLU K 318 12.98 44.81 38.67
CA GLU K 318 13.43 45.37 37.40
C GLU K 318 14.79 46.06 37.56
N SER K 319 15.74 45.29 38.07
CA SER K 319 17.11 45.72 38.27
C SER K 319 18.03 44.92 37.37
N ALA K 320 19.17 45.51 37.02
CA ALA K 320 20.15 44.87 36.15
C ALA K 320 20.85 43.75 36.91
N ILE K 321 20.89 42.56 36.32
CA ILE K 321 21.55 41.42 36.95
C ILE K 321 23.05 41.65 36.93
N GLN K 322 23.64 41.84 38.11
CA GLN K 322 25.05 42.10 38.22
C GLN K 322 25.85 40.88 37.76
N PRO K 323 27.06 41.10 37.22
CA PRO K 323 27.88 39.97 36.77
C PRO K 323 28.19 39.01 37.91
N GLY K 324 28.15 37.71 37.61
CA GLY K 324 28.37 36.69 38.60
C GLY K 324 27.30 36.66 39.68
N GLN K 325 26.04 36.77 39.28
CA GLN K 325 24.92 36.75 40.23
C GLN K 325 23.79 35.92 39.64
N THR K 326 23.24 35.03 40.46
CA THR K 326 22.08 34.24 40.07
C THR K 326 20.85 34.78 40.80
N LYS K 327 19.80 35.08 40.03
CA LYS K 327 18.62 35.73 40.58
C LYS K 327 17.36 35.00 40.13
N GLU K 328 16.35 34.98 40.99
CA GLU K 328 15.04 34.42 40.68
C GLU K 328 14.12 35.55 40.25
N LEU K 329 13.68 35.49 38.99
CA LEU K 329 12.81 36.51 38.43
C LEU K 329 11.45 35.92 38.07
N LYS K 330 10.43 36.78 38.07
CA LYS K 330 9.09 36.41 37.66
C LYS K 330 8.61 37.42 36.63
N MET K 331 8.56 37.00 35.37
CA MET K 331 8.14 37.88 34.28
C MET K 331 6.66 37.73 34.01
N GLU K 332 6.01 38.86 33.74
CA GLU K 332 4.55 38.92 33.59
C GLU K 332 4.25 39.67 32.29
N ALA K 333 3.89 38.93 31.25
CA ALA K 333 3.50 39.52 29.96
C ALA K 333 1.98 39.57 29.93
N LYS K 334 1.41 40.76 30.14
CA LYS K 334 -0.03 40.94 30.22
C LYS K 334 -0.45 42.12 29.35
N ASP K 335 -1.31 41.84 28.37
CA ASP K 335 -1.95 42.87 27.56
C ASP K 335 -3.04 42.20 26.75
N ALA K 336 -3.92 43.03 26.18
CA ALA K 336 -5.01 42.52 25.34
C ALA K 336 -4.49 41.80 24.09
N LEU K 337 -3.24 42.06 23.70
CA LEU K 337 -2.64 41.38 22.56
C LEU K 337 -2.59 39.87 22.73
N TRP K 338 -2.60 39.36 23.97
CA TRP K 338 -2.71 37.94 24.19
C TRP K 338 -4.05 37.38 23.75
N GLU K 339 -5.13 38.14 23.90
CA GLU K 339 -6.46 37.73 23.44
C GLU K 339 -6.59 37.78 21.93
N ILE K 340 -5.92 38.74 21.28
CA ILE K 340 -5.99 38.84 19.83
C ILE K 340 -5.29 37.66 19.17
N GLN K 341 -4.14 37.25 19.72
CA GLN K 341 -3.35 36.16 19.17
C GLN K 341 -3.68 34.82 19.80
N ARG K 342 -4.66 34.79 20.72
CA ARG K 342 -5.19 33.57 21.31
C ARG K 342 -4.10 32.78 22.03
N LEU K 343 -3.57 33.41 23.09
CA LEU K 343 -2.90 32.64 24.13
C LEU K 343 -3.91 31.79 24.89
N MET K 344 -5.19 32.20 24.84
CA MET K 344 -6.34 31.54 25.43
C MET K 344 -6.53 30.10 24.96
N ALA K 345 -6.03 29.75 23.78
CA ALA K 345 -6.31 28.47 23.16
C ALA K 345 -5.35 27.37 23.59
N LEU K 346 -4.57 27.57 24.65
CA LEU K 346 -3.65 26.55 25.13
C LEU K 346 -4.35 25.45 25.90
N LEU K 347 -5.61 25.65 26.30
CA LEU K 347 -6.37 24.68 27.07
C LEU K 347 -6.85 23.50 26.22
N GLY K 348 -6.96 23.67 24.91
CA GLY K 348 -7.39 22.59 24.04
C GLY K 348 -6.25 21.96 23.26
N ASP K 349 -5.03 22.36 23.59
CA ASP K 349 -3.83 21.88 22.93
C ASP K 349 -3.42 20.53 23.50
N PRO K 350 -2.95 19.59 22.67
CA PRO K 350 -2.48 18.31 23.21
C PRO K 350 -1.10 18.43 23.84
N GLU K 351 -0.54 19.64 23.82
CA GLU K 351 0.75 19.88 24.45
C GLU K 351 0.73 21.32 24.99
N SER K 352 0.56 21.46 26.29
CA SER K 352 0.50 22.77 26.93
C SER K 352 1.93 23.23 27.23
N ARG K 353 2.51 23.95 26.27
CA ARG K 353 3.89 24.40 26.40
C ARG K 353 4.02 25.78 25.76
N PHE K 354 4.86 26.62 26.36
CA PHE K 354 5.15 27.97 25.90
C PHE K 354 6.61 28.07 25.46
N GLY K 355 6.86 29.02 24.58
CA GLY K 355 8.21 29.32 24.14
C GLY K 355 8.26 30.73 23.61
N GLY K 356 9.47 31.27 23.56
CA GLY K 356 9.66 32.63 23.09
C GLY K 356 11.11 33.05 23.20
N LEU K 357 11.34 34.32 22.87
CA LEU K 357 12.67 34.93 22.90
C LEU K 357 12.66 36.02 23.96
N LEU K 358 13.55 35.90 24.94
CA LEU K 358 13.75 36.93 25.95
C LEU K 358 15.03 37.70 25.61
N MET K 359 14.90 39.02 25.50
CA MET K 359 15.99 39.88 25.06
C MET K 359 16.47 40.76 26.20
N SER K 360 17.79 40.92 26.28
CA SER K 360 18.42 41.67 27.36
C SER K 360 19.49 42.57 26.77
N TRP K 361 19.81 43.65 27.49
CA TRP K 361 20.76 44.63 27.01
C TRP K 361 21.80 44.96 28.07
N ASP K 362 23.00 45.29 27.61
CA ASP K 362 24.10 45.74 28.44
C ASP K 362 23.96 47.24 28.74
N ALA K 363 24.83 47.74 29.62
CA ALA K 363 24.90 49.17 29.86
C ALA K 363 25.39 49.93 28.64
N GLU K 364 26.19 49.29 27.78
CA GLU K 364 26.70 49.92 26.57
C GLU K 364 25.80 49.74 25.36
N GLY K 365 24.76 48.92 25.47
CA GLY K 365 23.81 48.72 24.40
C GLY K 365 23.92 47.42 23.63
N ASN K 366 24.73 46.47 24.07
CA ASN K 366 24.85 45.17 23.42
C ASN K 366 23.68 44.29 23.82
N ARG K 367 23.16 43.53 22.85
CA ARG K 367 21.94 42.77 23.01
C ARG K 367 22.24 41.27 23.07
N HIS K 368 21.61 40.60 24.03
CA HIS K 368 21.68 39.15 24.19
C HIS K 368 20.27 38.58 24.04
N ILE K 369 20.17 37.45 23.37
CA ILE K 369 18.89 36.80 23.08
C ILE K 369 18.92 35.40 23.66
N ASN K 370 17.87 35.03 24.39
CA ASN K 370 17.74 33.70 24.97
C ASN K 370 16.42 33.09 24.55
N SER K 371 16.48 31.88 24.00
CA SER K 371 15.27 31.15 23.64
C SER K 371 14.81 30.34 24.84
N ILE K 372 13.65 30.72 25.39
CA ILE K 372 13.12 30.12 26.61
C ILE K 372 11.86 29.34 26.27
N ALA K 373 11.70 28.19 26.92
CA ALA K 373 10.53 27.35 26.71
C ALA K 373 10.25 26.56 27.98
N GLY K 374 9.02 26.09 28.10
CA GLY K 374 8.62 25.30 29.25
C GLY K 374 7.17 24.89 29.22
N PRO K 375 6.72 24.19 30.26
CA PRO K 375 5.29 23.86 30.37
C PRO K 375 4.53 24.94 31.13
N VAL K 376 3.38 25.32 30.57
CA VAL K 376 2.50 26.32 31.16
C VAL K 376 1.31 25.60 31.81
N ILE K 377 0.90 26.08 32.97
CA ILE K 377 -0.19 25.51 33.73
C ILE K 377 -1.39 26.45 33.62
N PRO K 378 -2.60 25.93 33.37
CA PRO K 378 -3.77 26.82 33.32
C PRO K 378 -4.17 27.29 34.72
N VAL K 379 -4.54 28.55 34.80
CA VAL K 379 -5.03 29.16 36.04
C VAL K 379 -6.47 29.59 35.81
N PHE K 380 -7.39 28.95 36.51
CA PHE K 380 -8.82 29.22 36.34
C PHE K 380 -9.23 30.30 37.33
N THR K 381 -9.31 31.55 36.86
CA THR K 381 -9.68 32.66 37.74
C THR K 381 -11.16 32.58 38.13
N LYS K 382 -12.01 32.08 37.25
CA LYS K 382 -13.42 31.91 37.59
C LYS K 382 -13.58 30.89 38.72
N LEU K 383 -12.74 29.85 38.70
CA LEU K 383 -12.74 28.81 39.74
C LEU K 383 -14.10 28.12 39.85
N HIS L 1 33.76 2.10 -17.17
CA HIS L 1 32.83 1.55 -18.20
C HIS L 1 31.39 1.83 -17.79
N GLY L 2 30.95 3.08 -17.94
CA GLY L 2 29.57 3.45 -17.55
C GLY L 2 29.57 4.66 -16.64
N GLU L 3 30.72 4.99 -16.04
CA GLU L 3 30.80 6.12 -15.08
C GLU L 3 30.50 7.44 -15.81
N ARG L 4 30.88 7.54 -17.09
CA ARG L 4 30.67 8.80 -17.85
C ARG L 4 29.17 9.01 -18.05
N SER L 5 28.41 7.93 -18.22
CA SER L 5 26.93 8.05 -18.34
C SER L 5 26.36 8.69 -17.06
N GLN L 6 26.88 8.29 -15.90
CA GLN L 6 26.42 8.88 -14.60
C GLN L 6 26.50 10.41 -14.69
N GLU L 7 25.42 11.11 -14.31
CA GLU L 7 25.39 12.59 -14.41
C GLU L 7 26.59 13.19 -13.67
N PRO L 8 27.32 14.16 -14.29
CA PRO L 8 28.50 14.73 -13.67
C PRO L 8 28.22 15.30 -12.29
N PHE L 9 27.31 16.26 -12.19
CA PHE L 9 27.02 16.93 -10.88
C PHE L 9 27.00 15.89 -9.76
N LEU L 10 26.32 14.76 -9.98
CA LEU L 10 26.22 13.70 -8.93
C LEU L 10 27.61 13.23 -8.54
N ARG L 11 28.29 12.47 -9.43
CA ARG L 11 29.62 11.91 -9.09
C ARG L 11 30.54 13.04 -8.60
N MET L 12 30.60 14.16 -9.33
CA MET L 12 31.52 15.27 -8.97
C MET L 12 31.35 15.68 -7.51
N ARG L 13 30.13 15.61 -6.97
CA ARG L 13 29.90 16.11 -5.59
C ARG L 13 29.56 14.97 -4.61
N THR L 14 29.83 13.72 -4.97
CA THR L 14 29.60 12.61 -4.01
C THR L 14 30.92 12.17 -3.43
N VAL L 15 31.49 11.08 -3.96
CA VAL L 15 32.75 10.51 -3.42
C VAL L 15 33.94 11.08 -4.20
N GLN L 16 34.87 11.76 -3.51
CA GLN L 16 36.06 12.32 -4.18
C GLN L 16 37.27 11.41 -3.90
N TRP L 17 37.53 10.46 -4.80
CA TRP L 17 38.66 9.51 -4.63
C TRP L 17 40.00 10.21 -4.82
N TYR L 18 41.05 9.71 -4.17
CA TYR L 18 42.41 10.31 -4.34
C TYR L 18 43.48 9.30 -3.86
N ASP L 19 44.70 9.41 -4.40
CA ASP L 19 45.83 8.52 -4.00
C ASP L 19 45.43 7.05 -4.21
N ILE L 20 45.08 6.67 -5.44
CA ILE L 20 44.62 5.27 -5.70
C ILE L 20 45.77 4.46 -6.35
N LYS L 21 46.19 3.37 -5.70
CA LYS L 21 47.27 2.52 -6.23
C LYS L 21 46.76 1.14 -6.57
N TRP L 22 46.95 0.66 -7.79
CA TRP L 22 46.67 -0.70 -8.22
C TRP L 22 47.99 -1.45 -8.41
N GLY L 23 48.07 -2.67 -7.88
CA GLY L 23 49.28 -3.42 -8.08
C GLY L 23 49.25 -4.84 -7.55
N PRO L 24 50.09 -5.72 -8.13
CA PRO L 24 51.03 -5.48 -9.24
C PRO L 24 50.31 -5.35 -10.58
N GLU L 25 50.95 -4.73 -11.57
CA GLU L 25 50.32 -4.56 -12.88
C GLU L 25 50.07 -5.90 -13.54
N VAL L 26 51.06 -6.80 -13.50
CA VAL L 26 50.94 -8.13 -14.08
C VAL L 26 51.17 -9.13 -12.97
N THR L 27 50.18 -10.00 -12.74
CA THR L 27 50.24 -11.03 -11.71
C THR L 27 49.83 -12.37 -12.30
N LYS L 28 50.41 -13.45 -11.77
CA LYS L 28 50.03 -14.78 -12.20
C LYS L 28 48.82 -15.27 -11.41
N VAL L 29 48.18 -16.31 -11.93
CA VAL L 29 47.03 -16.90 -11.25
C VAL L 29 47.49 -17.45 -9.90
N ASN L 30 46.64 -17.29 -8.89
CA ASN L 30 46.86 -17.70 -7.49
C ASN L 30 47.84 -16.79 -6.77
N GLU L 31 48.11 -15.60 -7.28
CA GLU L 31 48.95 -14.62 -6.62
C GLU L 31 48.11 -13.48 -6.08
N ASN L 32 48.70 -12.73 -5.13
CA ASN L 32 47.98 -11.68 -4.43
C ASN L 32 48.08 -10.35 -5.16
N ALA L 33 47.04 -9.53 -5.01
CA ALA L 33 46.99 -8.20 -5.60
C ALA L 33 46.30 -7.27 -4.62
N LYS L 34 46.47 -5.97 -4.84
CA LYS L 34 45.98 -4.97 -3.91
C LYS L 34 45.55 -3.71 -4.66
N ILE L 35 44.40 -3.17 -4.24
CA ILE L 35 43.92 -1.87 -4.69
C ILE L 35 43.75 -1.02 -3.44
N THR L 36 44.54 0.05 -3.33
CA THR L 36 44.50 0.92 -2.17
C THR L 36 44.11 2.33 -2.59
N GLY L 37 43.55 3.09 -1.66
CA GLY L 37 43.23 4.48 -2.00
C GLY L 37 42.59 5.19 -0.83
N LYS L 38 42.21 6.45 -1.07
CA LYS L 38 41.45 7.21 -0.10
C LYS L 38 40.32 7.94 -0.83
N PHE L 39 39.28 8.27 -0.08
CA PHE L 39 38.18 9.02 -0.67
C PHE L 39 37.60 9.98 0.36
N HIS L 40 37.18 11.14 -0.13
CA HIS L 40 36.53 12.16 0.68
C HIS L 40 35.06 12.23 0.27
N LEU L 41 34.18 12.22 1.27
CA LEU L 41 32.75 12.41 1.01
C LEU L 41 32.47 13.92 1.00
N ALA L 42 32.09 14.43 -0.17
CA ALA L 42 31.98 15.87 -0.34
C ALA L 42 30.87 16.45 0.53
N GLU L 43 31.13 17.63 1.09
CA GLU L 43 30.12 18.31 1.89
C GLU L 43 28.93 18.72 1.05
N ASP L 44 29.16 19.05 -0.23
CA ASP L 44 28.09 19.35 -1.16
C ASP L 44 27.51 18.07 -1.74
N TRP L 45 27.07 17.17 -0.87
CA TRP L 45 26.47 15.91 -1.31
C TRP L 45 25.16 16.22 -2.02
N PRO L 46 24.98 15.80 -3.26
CA PRO L 46 23.77 16.16 -4.01
C PRO L 46 22.53 15.58 -3.37
N ARG L 47 21.41 16.30 -3.54
CA ARG L 47 20.13 15.85 -3.00
C ARG L 47 19.68 14.55 -3.67
N ALA L 48 20.01 14.39 -4.95
CA ALA L 48 19.61 13.20 -5.70
C ALA L 48 20.22 11.94 -5.10
N ALA L 49 21.48 12.03 -4.69
CA ALA L 49 22.14 10.89 -4.05
C ALA L 49 21.83 10.88 -2.56
N ALA L 50 21.34 9.74 -2.07
CA ALA L 50 21.00 9.62 -0.67
C ALA L 50 22.25 9.62 0.21
N GLN L 51 22.04 9.89 1.49
CA GLN L 51 23.15 9.95 2.43
C GLN L 51 23.76 8.56 2.59
N PRO L 52 25.10 8.48 2.68
CA PRO L 52 25.76 7.17 2.78
C PRO L 52 25.61 6.52 4.14
N ASP L 53 24.36 6.25 4.55
CA ASP L 53 24.11 5.57 5.81
C ASP L 53 24.30 4.07 5.73
N PHE L 54 24.37 3.51 4.51
CA PHE L 54 24.67 2.10 4.30
C PHE L 54 25.58 2.03 3.07
N SER L 55 26.89 2.04 3.31
CA SER L 55 27.89 2.10 2.25
C SER L 55 28.67 0.80 2.20
N PHE L 56 28.75 0.21 1.02
CA PHE L 56 29.54 -1.00 0.79
C PHE L 56 30.62 -0.68 -0.24
N PHE L 57 31.86 -0.97 0.08
CA PHE L 57 32.94 -0.73 -0.88
C PHE L 57 33.06 -1.94 -1.80
N ASN L 58 32.81 -1.71 -3.08
CA ASN L 58 32.76 -2.77 -4.08
C ASN L 58 33.88 -2.60 -5.09
N VAL L 59 34.09 -3.64 -5.89
CA VAL L 59 35.11 -3.66 -6.93
C VAL L 59 34.41 -3.76 -8.28
N GLY L 60 34.74 -2.84 -9.18
CA GLY L 60 34.17 -2.84 -10.51
C GLY L 60 34.99 -3.67 -11.49
N SER L 61 34.93 -4.98 -11.35
CA SER L 61 35.64 -5.88 -12.23
C SER L 61 34.75 -6.32 -13.39
N PRO L 62 35.35 -6.67 -14.54
CA PRO L 62 34.55 -7.17 -15.66
C PRO L 62 33.75 -8.41 -15.29
N SER L 63 34.36 -9.27 -14.50
CA SER L 63 33.77 -10.48 -13.94
C SER L 63 34.59 -10.84 -12.71
N PRO L 64 34.23 -11.88 -11.95
CA PRO L 64 35.11 -12.27 -10.83
C PRO L 64 36.44 -12.84 -11.30
N VAL L 65 37.20 -12.03 -12.04
CA VAL L 65 38.56 -12.42 -12.42
C VAL L 65 39.50 -12.34 -11.23
N PHE L 66 39.07 -11.66 -10.16
CA PHE L 66 39.79 -11.60 -8.90
C PHE L 66 38.84 -12.05 -7.80
N VAL L 67 39.34 -12.82 -6.86
CA VAL L 67 38.55 -13.18 -5.69
C VAL L 67 38.91 -12.24 -4.56
N ARG L 68 37.88 -11.54 -4.05
CA ARG L 68 38.09 -10.49 -3.05
C ARG L 68 38.42 -11.15 -1.73
N LEU L 69 39.72 -11.29 -1.44
CA LEU L 69 40.13 -11.89 -0.18
C LEU L 69 39.71 -11.04 1.01
N SER L 70 39.82 -9.73 0.88
CA SER L 70 39.41 -8.86 1.99
C SER L 70 39.19 -7.45 1.48
N THR L 71 38.35 -6.71 2.21
CA THR L 71 38.16 -5.27 2.00
C THR L 71 38.17 -4.60 3.37
N LYS L 72 38.97 -3.55 3.50
CA LYS L 72 39.12 -2.86 4.79
C LYS L 72 39.01 -1.36 4.54
N ILE L 73 38.01 -0.73 5.15
CA ILE L 73 37.92 0.72 5.16
C ILE L 73 38.60 1.23 6.42
N ASN L 74 39.53 2.18 6.24
CA ASN L 74 40.45 2.59 7.30
C ASN L 74 41.24 1.37 7.77
N GLY L 75 40.78 0.71 8.82
CA GLY L 75 41.39 -0.52 9.27
C GLY L 75 40.37 -1.56 9.70
N HIS L 76 39.10 -1.27 9.46
CA HIS L 76 38.01 -2.13 9.89
C HIS L 76 37.58 -3.04 8.74
N PRO L 77 37.55 -4.37 8.94
CA PRO L 77 37.08 -5.27 7.88
C PRO L 77 35.67 -4.94 7.41
N TRP L 78 35.54 -4.51 6.16
CA TRP L 78 34.25 -4.08 5.62
C TRP L 78 33.59 -5.21 4.82
N PHE L 79 33.26 -6.30 5.52
CA PHE L 79 32.44 -7.35 4.93
C PHE L 79 30.96 -6.98 4.94
N ILE L 80 30.52 -6.24 5.94
CA ILE L 80 29.13 -5.80 6.06
C ILE L 80 29.08 -4.30 5.84
N SER L 81 28.09 -3.84 5.08
CA SER L 81 27.97 -2.42 4.78
C SER L 81 27.69 -1.63 6.06
N GLY L 82 28.08 -0.36 6.05
CA GLY L 82 27.91 0.48 7.21
C GLY L 82 27.85 1.96 6.85
N PRO L 83 27.62 2.80 7.85
CA PRO L 83 27.45 4.23 7.58
C PRO L 83 28.78 4.96 7.47
N LEU L 84 28.81 5.97 6.60
CA LEU L 84 29.95 6.84 6.44
C LEU L 84 29.51 8.29 6.58
N GLN L 85 30.44 9.14 7.01
CA GLN L 85 30.14 10.53 7.33
C GLN L 85 30.53 11.45 6.18
N ILE L 86 29.66 12.39 5.86
CA ILE L 86 29.88 13.38 4.81
C ILE L 86 30.82 14.45 5.35
N GLY L 87 31.77 14.88 4.51
CA GLY L 87 32.78 15.82 4.94
C GLY L 87 33.97 15.19 5.62
N ARG L 88 34.08 13.87 5.59
CA ARG L 88 35.14 13.14 6.26
C ARG L 88 35.88 12.27 5.25
N ASP L 89 37.15 12.01 5.54
CA ASP L 89 38.01 11.25 4.65
C ASP L 89 38.18 9.82 5.18
N TYR L 90 38.29 8.88 4.25
CA TYR L 90 38.43 7.47 4.58
C TYR L 90 39.52 6.86 3.71
N GLU L 91 40.13 5.80 4.22
CA GLU L 91 41.13 5.03 3.48
C GLU L 91 40.61 3.63 3.26
N PHE L 92 40.89 3.06 2.08
CA PHE L 92 40.44 1.72 1.75
C PHE L 92 41.59 0.90 1.20
N GLU L 93 41.52 -0.40 1.48
CA GLU L 93 42.48 -1.38 0.96
C GLU L 93 41.72 -2.64 0.62
N VAL L 94 41.85 -3.11 -0.63
CA VAL L 94 41.20 -4.32 -1.10
C VAL L 94 42.29 -5.31 -1.48
N ASN L 95 42.28 -6.47 -0.83
CA ASN L 95 43.21 -7.56 -1.09
C ASN L 95 42.50 -8.62 -1.91
N LEU L 96 43.08 -8.95 -3.07
CA LEU L 96 42.46 -9.84 -4.05
C LEU L 96 43.45 -10.93 -4.45
N ARG L 97 42.95 -11.93 -5.16
CA ARG L 97 43.75 -13.03 -5.65
C ARG L 97 43.36 -13.34 -7.09
N ALA L 98 44.37 -13.56 -7.93
CA ALA L 98 44.15 -13.69 -9.37
C ALA L 98 43.44 -15.00 -9.70
N ARG L 99 42.37 -14.91 -10.51
CA ARG L 99 41.57 -16.07 -10.86
C ARG L 99 41.56 -16.34 -12.36
N ILE L 100 41.24 -15.36 -13.19
CA ILE L 100 41.00 -15.54 -14.62
C ILE L 100 42.03 -14.72 -15.39
N PRO L 101 42.80 -15.32 -16.30
CA PRO L 101 43.78 -14.54 -17.07
C PRO L 101 43.12 -13.58 -18.03
N GLY L 102 43.85 -12.52 -18.36
CA GLY L 102 43.38 -11.53 -19.32
C GLY L 102 43.77 -10.14 -18.87
N ARG L 103 43.31 -9.16 -19.64
CA ARG L 103 43.50 -7.75 -19.33
C ARG L 103 42.17 -7.18 -18.91
N HIS L 104 42.15 -6.53 -17.72
CA HIS L 104 40.88 -6.13 -17.12
C HIS L 104 41.01 -4.80 -16.45
N HIS L 105 40.01 -3.93 -16.62
CA HIS L 105 39.98 -2.59 -16.04
C HIS L 105 39.34 -2.72 -14.69
N MET L 106 40.03 -2.28 -13.66
CA MET L 106 39.67 -2.61 -12.29
C MET L 106 39.43 -1.38 -11.49
N HIS L 107 38.21 -1.19 -11.05
CA HIS L 107 37.76 0.05 -10.46
C HIS L 107 37.48 -0.02 -8.98
N ALA L 108 37.23 1.14 -8.39
CA ALA L 108 36.85 1.30 -6.99
C ALA L 108 35.42 1.72 -6.98
N MET L 109 34.56 1.15 -6.21
CA MET L 109 33.25 1.77 -6.18
C MET L 109 32.74 1.83 -4.75
N LEU L 110 31.84 2.77 -4.49
CA LEU L 110 31.15 2.88 -3.21
C LEU L 110 29.65 2.80 -3.48
N ASN L 111 29.05 1.66 -3.16
CA ASN L 111 27.62 1.47 -3.32
C ASN L 111 26.88 2.03 -2.11
N VAL L 112 26.02 3.01 -2.35
CA VAL L 112 25.21 3.63 -1.31
C VAL L 112 23.80 3.06 -1.37
N LYS L 113 23.18 2.90 -0.21
CA LYS L 113 21.89 2.22 -0.04
C LYS L 113 20.87 2.64 -1.09
N ASP L 114 20.51 3.93 -1.13
CA ASP L 114 19.48 4.41 -2.04
C ASP L 114 20.04 5.20 -3.22
N ALA L 115 21.23 5.76 -3.09
CA ALA L 115 21.82 6.52 -4.20
C ALA L 115 22.17 5.61 -5.37
N GLY L 116 22.85 4.50 -5.08
CA GLY L 116 23.29 3.59 -6.10
C GLY L 116 24.80 3.50 -6.15
N PRO L 117 25.34 3.03 -7.27
CA PRO L 117 26.80 2.89 -7.39
C PRO L 117 27.48 4.21 -7.70
N ILE L 118 28.62 4.44 -7.06
CA ILE L 118 29.48 5.58 -7.36
C ILE L 118 30.83 5.01 -7.80
N ALA L 119 31.00 4.85 -9.10
CA ALA L 119 32.21 4.25 -9.64
C ALA L 119 33.38 5.24 -9.52
N GLY L 120 34.60 4.72 -9.55
CA GLY L 120 35.78 5.54 -9.42
C GLY L 120 36.75 5.33 -10.57
N PRO L 121 38.01 5.70 -10.35
CA PRO L 121 39.03 5.56 -11.41
C PRO L 121 39.30 4.11 -11.76
N GLY L 122 39.85 3.88 -12.95
CA GLY L 122 40.16 2.53 -13.38
C GLY L 122 41.53 2.38 -14.01
N ALA L 123 42.15 1.23 -13.82
CA ALA L 123 43.45 0.93 -14.42
C ALA L 123 43.43 -0.49 -14.95
N TRP L 124 44.27 -0.75 -15.95
CA TRP L 124 44.31 -2.05 -16.61
C TRP L 124 45.29 -2.96 -15.88
N MET L 125 44.80 -4.11 -15.41
CA MET L 125 45.61 -5.11 -14.75
C MET L 125 45.59 -6.40 -15.56
N ASN L 126 46.73 -7.08 -15.59
CA ASN L 126 46.93 -8.27 -16.42
C ASN L 126 47.13 -9.50 -15.54
N ILE L 127 46.45 -10.58 -15.90
CA ILE L 127 46.59 -11.87 -15.25
C ILE L 127 47.10 -12.86 -16.27
N THR L 128 48.17 -13.58 -15.93
CA THR L 128 48.80 -14.55 -16.82
C THR L 128 48.75 -15.92 -16.16
N GLY L 129 48.21 -16.91 -16.88
CA GLY L 129 48.13 -18.25 -16.36
C GLY L 129 46.98 -19.04 -16.97
N SER L 130 46.29 -19.83 -16.14
CA SER L 130 45.14 -20.61 -16.59
C SER L 130 44.11 -20.64 -15.48
N TRP L 131 42.84 -20.46 -15.87
CA TRP L 131 41.74 -20.51 -14.92
C TRP L 131 41.57 -21.89 -14.30
N ASP L 132 42.03 -22.95 -14.97
CA ASP L 132 41.97 -24.30 -14.42
C ASP L 132 43.10 -24.59 -13.44
N ASP L 133 44.06 -23.68 -13.28
CA ASP L 133 45.07 -23.78 -12.24
C ASP L 133 44.71 -23.01 -10.99
N PHE L 134 43.52 -22.41 -10.94
CA PHE L 134 43.13 -21.59 -9.79
C PHE L 134 42.73 -22.46 -8.62
N THR L 135 43.33 -22.20 -7.46
CA THR L 135 42.97 -22.86 -6.21
C THR L 135 42.90 -21.78 -5.12
N ASN L 136 41.87 -21.86 -4.27
CA ASN L 136 41.74 -20.92 -3.18
C ASN L 136 41.59 -21.70 -1.87
N PRO L 137 42.70 -22.15 -1.28
CA PRO L 137 42.59 -22.97 -0.07
C PRO L 137 42.28 -22.16 1.18
N LEU L 138 41.14 -22.45 1.79
CA LEU L 138 40.70 -21.81 3.02
C LEU L 138 40.64 -22.84 4.15
N LYS L 139 40.67 -22.33 5.38
CA LYS L 139 40.57 -23.15 6.57
C LYS L 139 39.39 -22.69 7.41
N LEU L 140 38.53 -23.63 7.80
CA LEU L 140 37.32 -23.30 8.53
C LEU L 140 37.57 -23.34 10.03
N LEU L 141 36.64 -22.72 10.78
CA LEU L 141 36.78 -22.68 12.23
C LEU L 141 36.66 -24.07 12.83
N THR L 142 35.89 -24.96 12.18
CA THR L 142 35.74 -26.32 12.70
C THR L 142 36.98 -27.17 12.46
N GLY L 143 37.91 -26.72 11.62
CA GLY L 143 39.16 -27.43 11.44
C GLY L 143 39.24 -28.25 10.17
N GLU L 144 38.67 -27.76 9.08
CA GLU L 144 38.71 -28.44 7.79
C GLU L 144 39.26 -27.49 6.73
N THR L 145 40.07 -28.03 5.83
CA THR L 145 40.59 -27.25 4.71
C THR L 145 39.71 -27.50 3.48
N ILE L 146 39.36 -26.42 2.78
CA ILE L 146 38.48 -26.49 1.62
C ILE L 146 39.06 -25.62 0.51
N ASP L 147 38.46 -25.73 -0.67
CA ASP L 147 38.78 -24.89 -1.81
C ASP L 147 37.50 -24.15 -2.21
N SER L 148 37.58 -22.83 -2.27
CA SER L 148 36.39 -22.02 -2.52
C SER L 148 35.82 -22.29 -3.91
N GLU L 149 36.69 -22.59 -4.88
CA GLU L 149 36.22 -22.87 -6.24
C GLU L 149 35.41 -24.16 -6.27
N THR L 150 35.86 -25.20 -5.56
CA THR L 150 35.18 -26.49 -5.50
C THR L 150 34.84 -26.77 -4.04
N PHE L 151 33.69 -26.27 -3.59
CA PHE L 151 33.22 -26.49 -2.23
C PHE L 151 31.72 -26.69 -2.26
N ASN L 152 31.27 -27.80 -1.68
CA ASN L 152 29.84 -28.15 -1.64
C ASN L 152 29.28 -28.25 -3.06
N LEU L 153 30.11 -28.72 -3.99
CA LEU L 153 29.74 -28.87 -5.39
C LEU L 153 29.13 -30.24 -5.66
N SER L 154 29.80 -31.30 -5.20
CA SER L 154 29.27 -32.65 -5.40
C SER L 154 28.02 -32.88 -4.55
N ASN L 155 27.95 -32.26 -3.37
CA ASN L 155 26.81 -32.46 -2.48
C ASN L 155 25.52 -31.93 -3.11
N GLY L 156 25.55 -30.68 -3.57
CA GLY L 156 24.35 -30.10 -4.16
C GLY L 156 23.93 -30.80 -5.43
N ILE L 157 24.89 -31.12 -6.29
CA ILE L 157 24.59 -31.83 -7.53
C ILE L 157 24.03 -33.21 -7.22
N PHE L 158 24.58 -33.88 -6.22
CA PHE L 158 24.10 -35.21 -5.84
C PHE L 158 22.66 -35.17 -5.37
N TRP L 159 22.34 -34.24 -4.47
CA TRP L 159 20.98 -34.16 -3.95
C TRP L 159 20.01 -33.73 -5.05
N HIS L 160 20.44 -32.81 -5.92
CA HIS L 160 19.64 -32.42 -7.07
C HIS L 160 19.35 -33.61 -7.97
N VAL L 161 20.37 -34.42 -8.26
CA VAL L 161 20.19 -35.57 -9.13
C VAL L 161 19.22 -36.58 -8.52
N VAL L 162 19.37 -36.82 -7.21
CA VAL L 162 18.50 -37.80 -6.54
C VAL L 162 17.05 -37.34 -6.60
N TRP L 163 16.79 -36.08 -6.19
CA TRP L 163 15.41 -35.62 -6.16
C TRP L 163 14.84 -35.49 -7.57
N MET L 164 15.66 -35.08 -8.54
CA MET L 164 15.19 -34.96 -9.92
C MET L 164 14.88 -36.33 -10.51
N SER L 165 15.66 -37.35 -10.15
CA SER L 165 15.36 -38.70 -10.60
C SER L 165 14.04 -39.18 -10.01
N ILE L 166 13.80 -38.91 -8.73
CA ILE L 166 12.52 -39.29 -8.13
C ILE L 166 11.36 -38.59 -8.84
N GLY L 167 11.52 -37.28 -9.08
CA GLY L 167 10.48 -36.53 -9.76
C GLY L 167 10.24 -37.01 -11.18
N ILE L 168 11.32 -37.33 -11.90
CA ILE L 168 11.20 -37.81 -13.27
C ILE L 168 10.51 -39.17 -13.30
N PHE L 169 10.82 -40.04 -12.34
CA PHE L 169 10.11 -41.32 -12.26
C PHE L 169 8.63 -41.11 -12.01
N TRP L 170 8.30 -40.19 -11.09
CA TRP L 170 6.90 -39.93 -10.78
C TRP L 170 6.16 -39.37 -11.99
N ILE L 171 6.80 -38.48 -12.74
CA ILE L 171 6.17 -37.92 -13.93
C ILE L 171 6.01 -38.99 -15.01
N GLY L 172 7.07 -39.76 -15.26
CA GLY L 172 7.08 -40.70 -16.37
C GLY L 172 6.33 -41.97 -16.14
N VAL L 173 5.95 -42.27 -14.89
CA VAL L 173 5.10 -43.44 -14.68
C VAL L 173 3.71 -43.23 -15.28
N PHE L 174 3.32 -41.98 -15.54
CA PHE L 174 2.06 -41.66 -16.16
C PHE L 174 2.20 -41.31 -17.64
N THR L 175 3.35 -40.78 -18.06
CA THR L 175 3.57 -40.51 -19.48
C THR L 175 4.09 -41.76 -20.18
N ALA L 176 3.39 -42.88 -20.00
CA ALA L 176 3.71 -44.12 -20.70
C ALA L 176 2.46 -44.80 -21.23
N ARG L 177 1.33 -44.09 -21.26
CA ARG L 177 0.04 -44.66 -21.62
C ARG L 177 -0.84 -43.54 -22.15
N PRO L 178 -1.94 -43.88 -22.85
CA PRO L 178 -2.90 -42.84 -23.28
C PRO L 178 -3.26 -41.87 -22.15
N MET L 179 -2.96 -40.59 -22.35
CA MET L 179 -2.92 -39.64 -21.25
C MET L 179 -3.79 -38.41 -21.41
N PHE L 180 -4.16 -38.00 -22.63
CA PHE L 180 -4.91 -36.77 -22.81
C PHE L 180 -6.31 -37.01 -23.37
N LEU L 181 -6.44 -37.60 -24.55
CA LEU L 181 -7.73 -37.71 -25.21
C LEU L 181 -8.60 -38.84 -24.67
N PRO L 182 -8.11 -40.10 -24.62
CA PRO L 182 -8.96 -41.17 -24.09
C PRO L 182 -9.40 -40.94 -22.66
N ARG L 183 -8.50 -40.39 -21.82
CA ARG L 183 -8.88 -40.06 -20.45
C ARG L 183 -9.97 -39.01 -20.43
N SER L 184 -9.86 -37.98 -21.28
CA SER L 184 -10.89 -36.95 -21.33
C SER L 184 -12.23 -37.53 -21.75
N ARG L 185 -12.24 -38.39 -22.77
CA ARG L 185 -13.50 -38.97 -23.22
C ARG L 185 -14.11 -39.87 -22.14
N VAL L 186 -13.29 -40.70 -21.49
CA VAL L 186 -13.81 -41.60 -20.48
C VAL L 186 -14.36 -40.81 -19.29
N LEU L 187 -13.62 -39.78 -18.85
CA LEU L 187 -14.09 -38.94 -17.76
C LEU L 187 -15.35 -38.16 -18.09
N LEU L 188 -15.47 -37.65 -19.31
CA LEU L 188 -16.64 -36.87 -19.71
C LEU L 188 -17.84 -37.73 -20.05
N ALA L 189 -17.65 -39.04 -20.27
CA ALA L 189 -18.76 -39.91 -20.61
C ALA L 189 -19.10 -40.92 -19.52
N TYR L 190 -18.13 -41.26 -18.65
CA TYR L 190 -18.34 -42.37 -17.72
C TYR L 190 -17.89 -42.06 -16.30
N GLY L 191 -17.38 -40.88 -16.02
CA GLY L 191 -16.85 -40.56 -14.71
C GLY L 191 -15.42 -41.03 -14.54
N ASP L 192 -14.95 -40.95 -13.30
CA ASP L 192 -13.57 -41.27 -12.95
C ASP L 192 -13.38 -42.69 -12.44
N ASP L 193 -14.43 -43.52 -12.48
CA ASP L 193 -14.34 -44.87 -11.91
C ASP L 193 -13.28 -45.70 -12.61
N LEU L 194 -13.23 -45.65 -13.95
CA LEU L 194 -12.23 -46.38 -14.70
C LEU L 194 -10.90 -45.64 -14.77
N LEU L 195 -10.83 -44.40 -14.30
CA LEU L 195 -9.61 -43.61 -14.37
C LEU L 195 -8.73 -43.76 -13.13
N MET L 196 -9.18 -44.48 -12.11
CA MET L 196 -8.40 -44.70 -10.89
C MET L 196 -7.84 -46.12 -10.91
N ASP L 197 -6.53 -46.23 -10.70
CA ASP L 197 -5.81 -47.48 -10.82
C ASP L 197 -5.19 -47.85 -9.46
N PRO L 198 -5.50 -49.03 -8.91
CA PRO L 198 -4.89 -49.42 -7.63
C PRO L 198 -3.37 -49.48 -7.67
N MET L 199 -2.78 -49.86 -8.81
CA MET L 199 -1.33 -49.86 -8.93
C MET L 199 -0.76 -48.46 -8.73
N ASP L 200 -1.45 -47.45 -9.27
CA ASP L 200 -1.04 -46.07 -9.01
C ASP L 200 -1.14 -45.74 -7.53
N LYS L 201 -2.14 -46.28 -6.83
CA LYS L 201 -2.23 -46.05 -5.39
C LYS L 201 -1.05 -46.67 -4.65
N LYS L 202 -0.67 -47.89 -5.02
CA LYS L 202 0.49 -48.53 -4.40
C LYS L 202 1.76 -47.72 -4.65
N ILE L 203 1.95 -47.27 -5.89
CA ILE L 203 3.11 -46.45 -6.23
C ILE L 203 3.11 -45.16 -5.44
N THR L 204 1.93 -44.53 -5.30
CA THR L 204 1.83 -43.29 -4.55
C THR L 204 2.18 -43.49 -3.09
N TRP L 205 1.69 -44.56 -2.48
CA TRP L 205 2.02 -44.83 -1.08
C TRP L 205 3.51 -45.07 -0.90
N VAL L 206 4.09 -45.89 -1.78
CA VAL L 206 5.52 -46.20 -1.67
C VAL L 206 6.35 -44.93 -1.84
N LEU L 207 5.99 -44.10 -2.83
CA LEU L 207 6.76 -42.89 -3.09
C LEU L 207 6.59 -41.86 -1.97
N ALA L 208 5.40 -41.75 -1.38
CA ALA L 208 5.22 -40.83 -0.27
C ALA L 208 6.05 -41.25 0.94
N ILE L 209 6.04 -42.56 1.24
CA ILE L 209 6.85 -43.06 2.36
C ILE L 209 8.33 -42.80 2.07
N LEU L 210 8.75 -43.05 0.84
CA LEU L 210 10.15 -42.84 0.46
C LEU L 210 10.53 -41.37 0.56
N THR L 211 9.63 -40.47 0.15
CA THR L 211 9.93 -39.04 0.19
C THR L 211 10.08 -38.56 1.62
N LEU L 212 9.14 -38.93 2.50
CA LEU L 212 9.23 -38.52 3.90
C LEU L 212 10.49 -39.10 4.55
N ALA L 213 10.76 -40.38 4.30
CA ALA L 213 11.95 -41.01 4.87
C ALA L 213 13.22 -40.35 4.37
N LEU L 214 13.26 -39.99 3.09
CA LEU L 214 14.45 -39.34 2.54
C LEU L 214 14.65 -37.96 3.12
N VAL L 215 13.57 -37.19 3.29
CA VAL L 215 13.70 -35.87 3.92
C VAL L 215 14.26 -36.00 5.32
N TRP L 216 13.67 -36.89 6.12
CA TRP L 216 14.14 -37.06 7.50
C TRP L 216 15.58 -37.55 7.54
N GLY L 217 15.91 -38.52 6.69
CA GLY L 217 17.24 -39.08 6.70
C GLY L 217 18.31 -38.10 6.26
N GLY L 218 18.02 -37.32 5.20
CA GLY L 218 18.95 -36.29 4.79
C GLY L 218 19.17 -35.23 5.85
N TYR L 219 18.09 -34.79 6.49
CA TYR L 219 18.23 -33.81 7.57
C TYR L 219 19.08 -34.36 8.71
N ARG L 220 18.80 -35.59 9.14
CA ARG L 220 19.56 -36.17 10.24
C ARG L 220 21.02 -36.41 9.87
N TYR L 221 21.28 -36.86 8.63
CA TYR L 221 22.65 -37.08 8.19
C TYR L 221 23.43 -35.77 8.16
N THR L 222 22.81 -34.71 7.66
CA THR L 222 23.49 -33.41 7.61
C THR L 222 23.73 -32.87 9.01
N GLU L 223 22.76 -33.01 9.91
CA GLU L 223 22.92 -32.52 11.28
C GLU L 223 23.88 -33.37 12.11
N ASN L 224 24.11 -34.62 11.72
CA ASN L 224 25.13 -35.44 12.35
C ASN L 224 26.53 -35.22 11.78
N LYS L 225 26.64 -34.88 10.50
CA LYS L 225 27.93 -34.62 9.88
C LYS L 225 28.47 -33.24 10.25
N HIS L 226 27.61 -32.25 10.44
CA HIS L 226 28.01 -30.88 10.78
C HIS L 226 27.21 -30.44 12.00
N PRO L 227 27.64 -30.83 13.21
CA PRO L 227 26.89 -30.41 14.41
C PRO L 227 26.91 -28.92 14.65
N TYR L 228 27.99 -28.24 14.28
CA TYR L 228 28.17 -26.81 14.55
C TYR L 228 28.09 -26.03 13.26
N THR L 229 27.11 -25.13 13.16
CA THR L 229 26.95 -24.26 12.01
C THR L 229 26.50 -22.89 12.49
N VAL L 230 26.95 -21.85 11.80
CA VAL L 230 26.54 -20.48 12.14
C VAL L 230 25.56 -19.99 11.08
N PRO L 231 24.62 -19.10 11.42
CA PRO L 231 23.67 -18.60 10.42
C PRO L 231 24.32 -17.60 9.47
N ILE L 232 23.52 -17.06 8.55
CA ILE L 232 24.03 -16.07 7.60
C ILE L 232 24.28 -14.77 8.37
N GLN L 233 25.51 -14.28 8.34
CA GLN L 233 25.88 -13.12 9.14
C GLN L 233 25.30 -11.84 8.54
N ALA L 234 24.96 -10.91 9.43
CA ALA L 234 24.38 -9.64 9.03
C ALA L 234 24.84 -8.57 10.04
N GLY L 235 24.19 -7.42 10.02
CA GLY L 235 24.54 -6.33 10.90
C GLY L 235 25.06 -5.12 10.16
N GLN L 236 26.09 -4.47 10.73
CA GLN L 236 26.72 -3.31 10.03
C GLN L 236 28.18 -3.16 10.47
N SER L 237 29.03 -2.59 9.60
CA SER L 237 30.44 -2.33 9.98
C SER L 237 30.57 -0.87 10.45
N LYS L 238 31.52 -0.60 11.35
CA LYS L 238 31.65 0.77 11.89
C LYS L 238 33.14 1.12 12.05
N VAL L 239 33.58 2.23 11.43
CA VAL L 239 34.99 2.68 11.61
C VAL L 239 35.00 4.20 11.76
N ALA L 240 35.88 4.72 12.63
CA ALA L 240 36.01 6.19 12.80
C ALA L 240 36.72 6.77 11.59
N ALA L 241 36.23 7.90 11.06
CA ALA L 241 36.85 8.52 9.90
C ALA L 241 38.24 9.05 10.24
N LEU L 242 39.03 9.27 9.20
CA LEU L 242 40.36 9.83 9.39
C LEU L 242 40.25 11.20 10.06
N PRO L 243 41.16 11.51 10.99
CA PRO L 243 41.09 12.80 11.69
C PRO L 243 41.21 13.97 10.72
N VAL L 244 40.44 15.02 11.00
CA VAL L 244 40.44 16.19 10.13
C VAL L 244 41.79 16.86 10.17
N ALA L 245 42.44 16.97 9.02
CA ALA L 245 43.74 17.61 8.97
C ALA L 245 43.59 19.13 8.95
N PRO L 246 44.44 19.85 9.68
CA PRO L 246 44.35 21.32 9.67
C PRO L 246 44.73 21.87 8.30
N ASN L 247 43.85 22.70 7.76
CA ASN L 247 44.03 23.29 6.44
C ASN L 247 44.30 24.78 6.56
N PRO L 248 45.51 25.26 6.22
CA PRO L 248 45.75 26.71 6.23
C PRO L 248 45.12 27.44 5.06
N VAL L 249 44.44 26.74 4.15
CA VAL L 249 43.85 27.35 2.95
C VAL L 249 42.34 27.33 3.10
N SER L 250 41.71 28.50 2.92
CA SER L 250 40.26 28.63 2.91
C SER L 250 39.84 29.20 1.56
N ILE L 251 38.92 28.53 0.89
CA ILE L 251 38.53 28.88 -0.47
C ILE L 251 37.04 29.15 -0.52
N VAL L 252 36.66 30.28 -1.12
CA VAL L 252 35.27 30.65 -1.33
C VAL L 252 35.05 30.83 -2.83
N ILE L 253 34.13 30.05 -3.39
CA ILE L 253 33.87 30.09 -4.83
C ILE L 253 32.91 31.23 -5.13
N THR L 254 33.30 32.11 -6.05
CA THR L 254 32.45 33.26 -6.41
C THR L 254 31.76 33.07 -7.74
N ASP L 255 32.42 32.46 -8.72
CA ASP L 255 31.84 32.26 -10.03
C ASP L 255 32.42 30.99 -10.64
N ALA L 256 31.64 30.39 -11.54
CA ALA L 256 32.07 29.19 -12.24
C ALA L 256 31.24 29.04 -13.50
N ASN L 257 31.89 28.75 -14.63
CA ASN L 257 31.21 28.59 -15.89
C ASN L 257 31.88 27.49 -16.70
N TYR L 258 31.11 26.82 -17.56
CA TYR L 258 31.61 25.78 -18.44
C TYR L 258 31.12 26.02 -19.86
N ASP L 259 31.98 25.77 -20.84
CA ASP L 259 31.62 25.97 -22.23
C ASP L 259 30.69 24.86 -22.69
N VAL L 260 29.56 25.23 -23.28
CA VAL L 260 28.67 24.21 -23.83
C VAL L 260 29.19 23.75 -25.19
N PRO L 261 29.52 24.64 -26.15
CA PRO L 261 30.18 24.16 -27.36
C PRO L 261 31.70 24.16 -27.24
N GLY L 262 32.21 23.40 -26.29
CA GLY L 262 33.64 23.36 -26.05
C GLY L 262 33.99 22.45 -24.90
N ARG L 263 35.21 22.60 -24.41
CA ARG L 263 35.69 21.82 -23.27
C ARG L 263 36.58 22.74 -22.40
N ALA L 264 36.04 23.13 -21.25
CA ALA L 264 36.72 24.02 -20.32
C ALA L 264 35.90 24.11 -19.05
N LEU L 265 36.59 24.30 -17.93
CA LEU L 265 35.94 24.59 -16.65
C LEU L 265 36.67 25.78 -16.03
N ARG L 266 35.98 26.91 -15.92
CA ARG L 266 36.55 28.14 -15.38
C ARG L 266 35.89 28.41 -14.04
N VAL L 267 36.71 28.49 -12.99
CA VAL L 267 36.22 28.69 -11.64
C VAL L 267 36.93 29.90 -11.04
N THR L 268 36.14 30.85 -10.53
CA THR L 268 36.69 32.01 -9.84
C THR L 268 36.58 31.80 -8.33
N MET L 269 37.70 31.97 -7.63
CA MET L 269 37.76 31.66 -6.21
C MET L 269 38.50 32.76 -5.47
N GLU L 270 38.22 32.86 -4.18
CA GLU L 270 38.95 33.71 -3.25
C GLU L 270 39.63 32.79 -2.24
N VAL L 271 40.97 32.78 -2.27
CA VAL L 271 41.75 31.89 -1.44
C VAL L 271 42.44 32.70 -0.34
N THR L 272 42.51 32.10 0.84
CA THR L 272 43.11 32.75 2.00
C THR L 272 44.08 31.77 2.65
N ASN L 273 45.34 32.17 2.74
CA ASN L 273 46.39 31.36 3.39
C ASN L 273 46.61 31.93 4.77
N ASN L 274 45.82 31.47 5.74
CA ASN L 274 45.94 31.92 7.12
C ASN L 274 46.98 31.12 7.90
N GLY L 275 47.89 30.45 7.21
CA GLY L 275 48.96 29.71 7.86
C GLY L 275 50.23 30.54 8.03
N ASP L 276 51.39 29.89 7.99
CA ASP L 276 52.65 30.60 8.18
C ASP L 276 53.71 30.23 7.16
N ILE L 277 53.33 29.69 6.00
CA ILE L 277 54.28 29.25 5.00
C ILE L 277 53.63 29.37 3.62
N PRO L 278 54.36 29.81 2.58
CA PRO L 278 53.75 29.97 1.26
C PRO L 278 53.18 28.66 0.73
N VAL L 279 52.08 28.78 -0.01
CA VAL L 279 51.29 27.66 -0.48
C VAL L 279 50.97 27.87 -1.95
N THR L 280 51.19 26.82 -2.77
CA THR L 280 50.98 26.92 -4.21
C THR L 280 50.09 25.77 -4.69
N PHE L 281 49.06 26.12 -5.46
CA PHE L 281 48.10 25.14 -5.96
C PHE L 281 48.69 24.35 -7.11
N GLY L 282 48.40 23.05 -7.14
CA GLY L 282 49.00 22.23 -8.18
C GLY L 282 48.13 21.19 -8.85
N GLU L 283 46.91 20.96 -8.35
CA GLU L 283 46.11 19.88 -8.91
C GLU L 283 44.63 20.09 -8.58
N PHE L 284 43.78 19.83 -9.57
CA PHE L 284 42.34 19.80 -9.41
C PHE L 284 41.84 18.41 -9.78
N THR L 285 41.19 17.73 -8.85
CA THR L 285 40.75 16.35 -9.04
C THR L 285 39.22 16.28 -8.94
N THR L 286 38.61 15.59 -9.90
CA THR L 286 37.18 15.32 -9.84
C THR L 286 36.86 14.10 -10.70
N ALA L 287 36.06 13.19 -10.14
CA ALA L 287 35.65 11.96 -10.83
C ALA L 287 36.86 11.15 -11.28
N GLY L 288 37.92 11.16 -10.47
CA GLY L 288 39.14 10.45 -10.82
C GLY L 288 40.02 11.20 -11.78
N ILE L 289 39.41 12.09 -12.58
CA ILE L 289 40.17 12.92 -13.50
C ILE L 289 41.02 13.91 -12.73
N ARG L 290 42.26 14.09 -13.19
CA ARG L 290 43.23 14.94 -12.52
C ARG L 290 43.79 15.95 -13.51
N PHE L 291 43.71 17.24 -13.17
CA PHE L 291 44.33 18.31 -13.93
C PHE L 291 45.51 18.84 -13.11
N ILE L 292 46.70 18.81 -13.69
CA ILE L 292 47.92 19.11 -12.96
C ILE L 292 48.71 20.17 -13.69
N ASN L 293 49.59 20.84 -12.95
CA ASN L 293 50.56 21.77 -13.50
C ASN L 293 51.94 21.33 -13.00
N SER L 294 52.93 22.20 -13.17
CA SER L 294 54.29 21.87 -12.76
C SER L 294 54.35 21.48 -11.28
N THR L 295 53.66 22.24 -10.43
CA THR L 295 53.63 21.91 -9.00
C THR L 295 52.98 20.55 -8.77
N GLY L 296 51.86 20.29 -9.43
CA GLY L 296 51.22 18.99 -9.32
C GLY L 296 52.05 17.88 -9.93
N ARG L 297 52.74 18.19 -11.02
CA ARG L 297 53.60 17.20 -11.68
C ARG L 297 54.78 16.82 -10.79
N LYS L 298 55.23 17.76 -9.95
CA LYS L 298 56.35 17.48 -9.07
C LYS L 298 56.03 16.36 -8.09
N TYR L 299 54.82 16.36 -7.53
CA TYR L 299 54.35 15.30 -6.64
C TYR L 299 53.25 14.54 -7.37
N LEU L 300 53.66 13.55 -8.16
CA LEU L 300 52.74 12.76 -8.97
C LEU L 300 53.19 11.30 -8.94
N ASP L 301 52.24 10.39 -8.76
CA ASP L 301 52.55 8.97 -8.78
C ASP L 301 52.90 8.55 -10.20
N PRO L 302 54.11 8.04 -10.44
CA PRO L 302 54.50 7.67 -11.80
C PRO L 302 53.73 6.47 -12.35
N GLN L 303 53.06 5.73 -11.48
CA GLN L 303 52.32 4.55 -11.90
C GLN L 303 50.81 4.78 -11.99
N TYR L 304 50.31 5.98 -11.72
CA TYR L 304 48.90 6.27 -11.91
C TYR L 304 48.58 6.21 -13.40
N PRO L 305 47.41 5.67 -13.78
CA PRO L 305 47.04 5.63 -15.21
C PRO L 305 47.09 6.99 -15.86
N ARG L 306 47.73 7.08 -17.02
CA ARG L 306 47.93 8.34 -17.71
C ARG L 306 46.72 8.78 -18.53
N GLU L 307 45.72 7.92 -18.69
CA GLU L 307 44.51 8.27 -19.43
C GLU L 307 43.55 9.12 -18.62
N LEU L 308 43.81 9.30 -17.32
CA LEU L 308 43.03 10.20 -16.48
C LEU L 308 43.85 11.38 -15.95
N ILE L 309 45.00 11.65 -16.55
CA ILE L 309 45.85 12.76 -16.15
C ILE L 309 45.94 13.74 -17.31
N ALA L 310 45.68 15.02 -17.02
CA ALA L 310 45.71 16.05 -18.04
C ALA L 310 46.51 17.24 -17.50
N VAL L 311 47.55 17.63 -18.22
CA VAL L 311 48.31 18.82 -17.85
C VAL L 311 47.60 20.01 -18.50
N GLY L 312 46.58 20.53 -17.81
CA GLY L 312 45.80 21.62 -18.35
C GLY L 312 45.33 22.59 -17.28
N LEU L 313 45.96 22.56 -16.11
CA LEU L 313 45.55 23.41 -14.99
C LEU L 313 46.30 24.73 -15.09
N ASN L 314 45.55 25.82 -15.28
CA ASN L 314 46.12 27.15 -15.47
C ASN L 314 45.50 28.13 -14.51
N PHE L 315 46.33 28.98 -13.91
CA PHE L 315 45.88 30.07 -13.06
C PHE L 315 46.27 31.40 -13.67
N ASP L 316 45.48 32.44 -13.40
CA ASP L 316 45.85 33.78 -13.83
C ASP L 316 47.16 34.23 -13.19
N ASP L 317 47.31 33.93 -11.90
CA ASP L 317 48.53 34.20 -11.15
C ASP L 317 49.02 32.88 -10.57
N GLU L 318 50.04 32.29 -11.21
CA GLU L 318 50.60 31.02 -10.75
C GLU L 318 51.74 31.28 -9.76
N SER L 319 51.43 32.04 -8.73
CA SER L 319 52.36 32.37 -7.66
C SER L 319 51.86 31.78 -6.35
N ALA L 320 52.79 31.51 -5.44
CA ALA L 320 52.47 30.92 -4.15
C ALA L 320 51.77 31.95 -3.28
N ILE L 321 50.62 31.57 -2.72
CA ILE L 321 49.87 32.47 -1.85
C ILE L 321 50.63 32.65 -0.55
N GLN L 322 51.13 33.86 -0.31
CA GLN L 322 51.91 34.14 0.89
C GLN L 322 51.03 34.01 2.13
N PRO L 323 51.62 33.64 3.27
CA PRO L 323 50.83 33.51 4.50
C PRO L 323 50.17 34.83 4.87
N GLY L 324 48.92 34.74 5.35
CA GLY L 324 48.16 35.92 5.69
C GLY L 324 47.85 36.80 4.51
N GLN L 325 47.44 36.21 3.39
CA GLN L 325 47.12 36.96 2.19
C GLN L 325 45.87 36.35 1.55
N THR L 326 44.93 37.20 1.18
CA THR L 326 43.73 36.79 0.46
C THR L 326 43.85 37.22 -1.00
N LYS L 327 43.67 36.27 -1.91
CA LYS L 327 43.89 36.50 -3.33
C LYS L 327 42.71 35.99 -4.14
N GLU L 328 42.42 36.69 -5.23
CA GLU L 328 41.38 36.27 -6.18
C GLU L 328 42.04 35.52 -7.32
N LEU L 329 41.71 34.24 -7.46
CA LEU L 329 42.28 33.39 -8.49
C LEU L 329 41.19 32.93 -9.46
N LYS L 330 41.63 32.64 -10.69
CA LYS L 330 40.74 32.09 -11.71
C LYS L 330 41.41 30.84 -12.29
N MET L 331 40.87 29.68 -11.94
CA MET L 331 41.43 28.41 -12.40
C MET L 331 40.71 27.95 -13.66
N GLU L 332 41.49 27.40 -14.59
CA GLU L 332 41.00 27.01 -15.92
C GLU L 332 41.45 25.57 -16.19
N ALA L 333 40.53 24.63 -16.05
CA ALA L 333 40.80 23.23 -16.36
C ALA L 333 40.29 22.94 -17.76
N LYS L 334 41.20 22.87 -18.72
CA LYS L 334 40.85 22.70 -20.13
C LYS L 334 41.70 21.59 -20.74
N ASP L 335 41.04 20.56 -21.23
CA ASP L 335 41.67 19.49 -22.01
C ASP L 335 40.57 18.64 -22.63
N ALA L 336 40.96 17.82 -23.61
CA ALA L 336 40.01 16.93 -24.24
C ALA L 336 39.42 15.91 -23.28
N LEU L 337 40.07 15.67 -22.14
CA LEU L 337 39.54 14.77 -21.13
C LEU L 337 38.18 15.19 -20.60
N TRP L 338 37.84 16.47 -20.69
CA TRP L 338 36.49 16.92 -20.34
C TRP L 338 35.44 16.37 -21.29
N GLU L 339 35.77 16.23 -22.58
CA GLU L 339 34.85 15.64 -23.56
C GLU L 339 34.71 14.14 -23.40
N ILE L 340 35.77 13.45 -22.97
CA ILE L 340 35.70 12.01 -22.78
C ILE L 340 34.81 11.67 -21.60
N GLN L 341 34.90 12.44 -20.53
CA GLN L 341 34.13 12.21 -19.31
C GLN L 341 32.83 13.01 -19.29
N ARG L 342 32.53 13.74 -20.36
CA ARG L 342 31.26 14.44 -20.55
C ARG L 342 31.00 15.45 -19.43
N LEU L 343 31.88 16.45 -19.37
CA LEU L 343 31.52 17.69 -18.69
C LEU L 343 30.44 18.42 -19.50
N MET L 344 30.35 18.11 -20.79
CA MET L 344 29.37 18.63 -21.75
C MET L 344 27.93 18.37 -21.33
N ALA L 345 27.68 17.35 -20.51
CA ALA L 345 26.32 16.92 -20.20
C ALA L 345 25.70 17.67 -19.03
N LEU L 346 26.28 18.79 -18.60
CA LEU L 346 25.71 19.55 -17.50
C LEU L 346 24.51 20.39 -17.94
N LEU L 347 24.28 20.54 -19.23
CA LEU L 347 23.17 21.34 -19.75
C LEU L 347 21.83 20.64 -19.61
N GLY L 348 21.82 19.31 -19.51
CA GLY L 348 20.57 18.58 -19.37
C GLY L 348 20.33 18.10 -17.96
N ASP L 349 21.18 18.54 -17.04
CA ASP L 349 21.10 18.15 -15.63
C ASP L 349 20.06 19.00 -14.90
N PRO L 350 19.28 18.41 -13.99
CA PRO L 350 18.32 19.23 -13.22
C PRO L 350 19.00 20.04 -12.13
N GLU L 351 20.33 19.90 -12.04
CA GLU L 351 21.10 20.67 -11.05
C GLU L 351 22.46 20.94 -11.67
N SER L 352 22.66 22.17 -12.14
CA SER L 352 23.92 22.58 -12.76
C SER L 352 24.88 23.00 -11.67
N ARG L 353 25.68 22.05 -11.19
CA ARG L 353 26.61 22.30 -10.11
C ARG L 353 27.87 21.48 -10.33
N PHE L 354 29.02 22.05 -9.97
CA PHE L 354 30.32 21.42 -10.07
C PHE L 354 30.91 21.20 -8.68
N GLY L 355 31.79 20.22 -8.59
CA GLY L 355 32.53 19.96 -7.37
C GLY L 355 33.80 19.20 -7.70
N GLY L 356 34.74 19.26 -6.76
CA GLY L 356 36.01 18.60 -6.96
C GLY L 356 36.94 18.87 -5.79
N LEU L 357 38.17 18.36 -5.94
CA LEU L 357 39.22 18.51 -4.95
C LEU L 357 40.33 19.35 -5.54
N LEU L 358 40.65 20.47 -4.88
CA LEU L 358 41.78 21.31 -5.25
C LEU L 358 42.92 21.04 -4.27
N MET L 359 44.09 20.69 -4.82
CA MET L 359 45.23 20.30 -4.02
C MET L 359 46.33 21.34 -4.10
N SER L 360 46.98 21.59 -2.97
CA SER L 360 48.01 22.61 -2.87
C SER L 360 49.18 22.06 -2.08
N TRP L 361 50.36 22.63 -2.29
CA TRP L 361 51.57 22.14 -1.66
C TRP L 361 52.36 23.28 -1.04
N ASP L 362 53.05 22.97 0.05
CA ASP L 362 53.96 23.87 0.73
C ASP L 362 55.32 23.88 0.03
N ALA L 363 56.19 24.80 0.48
CA ALA L 363 57.57 24.80 0.01
C ALA L 363 58.33 23.56 0.45
N GLU L 364 57.95 22.95 1.57
CA GLU L 364 58.60 21.75 2.07
C GLU L 364 57.98 20.47 1.54
N GLY L 365 56.85 20.54 0.85
CA GLY L 365 56.21 19.39 0.27
C GLY L 365 54.97 18.88 0.97
N ASN L 366 54.43 19.60 1.94
CA ASN L 366 53.21 19.18 2.63
C ASN L 366 52.00 19.54 1.77
N ARG L 367 51.02 18.63 1.76
CA ARG L 367 49.88 18.73 0.87
C ARG L 367 48.61 19.09 1.64
N HIS L 368 47.86 20.03 1.10
CA HIS L 368 46.56 20.44 1.62
C HIS L 368 45.50 20.16 0.56
N ILE L 369 44.34 19.69 0.99
CA ILE L 369 43.25 19.32 0.09
C ILE L 369 42.02 20.11 0.48
N ASN L 370 41.37 20.74 -0.50
CA ASN L 370 40.14 21.50 -0.28
C ASN L 370 39.05 20.99 -1.20
N SER L 371 37.90 20.66 -0.63
CA SER L 371 36.75 20.24 -1.41
C SER L 371 35.95 21.47 -1.80
N ILE L 372 35.93 21.78 -3.10
CA ILE L 372 35.31 22.98 -3.63
C ILE L 372 34.09 22.58 -4.45
N ALA L 373 33.03 23.37 -4.34
CA ALA L 373 31.80 23.14 -5.09
C ALA L 373 31.09 24.46 -5.32
N GLY L 374 30.22 24.47 -6.32
CA GLY L 374 29.46 25.66 -6.64
C GLY L 374 28.55 25.47 -7.84
N PRO L 375 27.83 26.53 -8.22
CA PRO L 375 27.02 26.48 -9.43
C PRO L 375 27.81 26.92 -10.66
N VAL L 376 27.68 26.14 -11.73
CA VAL L 376 28.34 26.41 -13.00
C VAL L 376 27.31 26.98 -13.97
N ILE L 377 27.72 27.97 -14.75
CA ILE L 377 26.86 28.65 -15.72
C ILE L 377 27.28 28.19 -17.11
N PRO L 378 26.34 27.86 -17.99
CA PRO L 378 26.72 27.48 -19.35
C PRO L 378 27.15 28.70 -20.17
N VAL L 379 28.19 28.52 -20.96
CA VAL L 379 28.70 29.56 -21.86
C VAL L 379 28.56 29.04 -23.28
N PHE L 380 27.69 29.68 -24.06
CA PHE L 380 27.40 29.26 -25.43
C PHE L 380 28.35 29.98 -26.38
N THR L 381 29.42 29.29 -26.78
CA THR L 381 30.39 29.91 -27.68
C THR L 381 29.83 30.09 -29.08
N LYS L 382 28.96 29.17 -29.51
CA LYS L 382 28.32 29.32 -30.82
C LYS L 382 27.43 30.56 -30.85
N LEU L 383 26.77 30.85 -29.72
CA LEU L 383 25.92 32.03 -29.57
C LEU L 383 24.79 32.04 -30.60
CU CU M . -0.57 -13.23 22.21
CU CU N . 12.14 -10.71 36.65
CU CU O . -10.26 23.73 -0.51
CU CU P . 18.12 -5.93 -17.43
CU CU Q . -1.84 39.34 7.40
CU CU R . 36.45 0.46 -16.64
#